data_4LNK
#
_entry.id   4LNK
#
_cell.length_a   138.500
_cell.length_b   240.860
_cell.length_c   207.850
_cell.angle_alpha   90.00
_cell.angle_beta   90.00
_cell.angle_gamma   90.00
#
_symmetry.space_group_name_H-M   'C 2 2 21'
#
loop_
_entity.id
_entity.type
_entity.pdbx_description
1 polymer 'Glutamine synthetase'
2 non-polymer 'GLUTAMIC ACID'
3 non-polymer "ADENOSINE-5'-DIPHOSPHATE"
4 non-polymer 'MAGNESIUM ION'
5 non-polymer 'SULFATE ION'
6 water water
#
_entity_poly.entity_id   1
_entity_poly.type   'polypeptide(L)'
_entity_poly.pdbx_seq_one_letter_code
;AKYTREDIEKLVKEENVKYIRLQFTDILGTIKNVEIPVSQLGKALDNKVMFDGSSIEGFVRIEESDMYLYPDLNTFVIFP
WTAEKGKVARFICDIYNPDGTPFEGDPRNNLKRILKEMEDLGFSDFNLGPEPEFFLFKLDEKGEPTLELNDKGGYFDLAP
TDLGENCRRDIVLELEEMGFEIEASHHEVAPGQHEIDFKYAGAVRSCDDIQTFKLVVKTIARKHGLHATFMPKPLFGVNG
SGMHCNLSLFKNGVNAFFDENADLQLSETAKHFIAGIVKHATSFTAVTNPTVNSYKRLVPGYEAPCYVAWSAQNRSPLIR
IPASRGISTRVEVRSVDPAANPYLALSVLLAAGLDGIKNKLEAPAPIDRNIYVMSKEERMENGIVDLPATLAEALEEFKS
NEVMVKALGEHLFEHFIEAKEIEWDMFRTQVHPWEREQYMSQY
;
_entity_poly.pdbx_strand_id   A,B,C,D,E,F
#
# COMPACT_ATOMS: atom_id res chain seq x y z
N ALA A 1 34.32 -9.55 39.99
CA ALA A 1 32.93 -9.07 39.90
C ALA A 1 32.65 -8.27 38.63
N LYS A 2 31.49 -7.62 38.56
CA LYS A 2 31.11 -6.93 37.35
C LYS A 2 30.18 -5.75 37.67
N TYR A 3 29.38 -5.92 38.71
CA TYR A 3 28.29 -4.99 39.02
C TYR A 3 27.83 -5.06 40.47
N THR A 4 27.95 -3.94 41.18
CA THR A 4 27.42 -3.84 42.53
C THR A 4 25.97 -3.38 42.41
N ARG A 5 25.14 -3.69 43.40
CA ARG A 5 23.74 -3.26 43.35
C ARG A 5 23.63 -1.74 43.12
N GLU A 6 24.53 -0.99 43.73
CA GLU A 6 24.62 0.45 43.53
C GLU A 6 24.92 0.77 42.06
N ASP A 7 25.87 0.02 41.49
CA ASP A 7 26.25 0.12 40.07
C ASP A 7 25.01 0.07 39.15
N ILE A 8 24.23 -1.02 39.29
CA ILE A 8 23.09 -1.32 38.42
C ILE A 8 21.91 -0.34 38.52
N GLU A 9 21.52 -0.05 39.76
CA GLU A 9 20.51 0.95 40.06
C GLU A 9 20.82 2.26 39.31
N LYS A 10 22.10 2.47 39.00
CA LYS A 10 22.53 3.71 38.34
C LYS A 10 22.07 3.71 36.90
N LEU A 11 22.41 2.61 36.20
CA LEU A 11 22.23 2.45 34.76
C LEU A 11 20.76 2.27 34.34
N VAL A 12 19.92 1.80 35.25
CA VAL A 12 18.49 1.60 35.00
C VAL A 12 17.71 2.93 35.09
N LYS A 13 18.24 3.88 35.87
CA LYS A 13 17.75 5.25 35.82
C LYS A 13 18.26 5.90 34.55
N GLU A 14 19.58 5.98 34.41
CA GLU A 14 20.21 6.65 33.28
C GLU A 14 19.70 6.13 31.93
N GLU A 15 19.55 4.82 31.80
CA GLU A 15 19.24 4.22 30.50
C GLU A 15 17.75 4.02 30.32
N ASN A 16 17.00 4.49 31.32
CA ASN A 16 15.55 4.49 31.28
C ASN A 16 14.97 3.13 31.01
N VAL A 17 15.32 2.17 31.85
CA VAL A 17 14.62 0.91 31.83
C VAL A 17 13.23 1.11 32.45
N LYS A 18 12.24 0.50 31.82
CA LYS A 18 10.87 0.54 32.34
C LYS A 18 10.27 -0.87 32.53
N TYR A 19 11.03 -1.92 32.17
CA TYR A 19 10.58 -3.32 32.27
C TYR A 19 11.80 -4.16 32.67
N ILE A 20 11.58 -5.33 33.26
CA ILE A 20 12.69 -6.19 33.67
C ILE A 20 12.35 -7.68 33.57
N ARG A 21 13.21 -8.46 32.92
CA ARG A 21 12.96 -9.90 32.85
C ARG A 21 13.85 -10.69 33.80
N LEU A 22 13.21 -11.23 34.83
CA LEU A 22 13.86 -12.19 35.70
C LEU A 22 13.89 -13.53 34.96
N GLN A 23 15.00 -13.77 34.26
CA GLN A 23 15.08 -14.82 33.26
C GLN A 23 15.80 -16.06 33.75
N PHE A 24 15.20 -17.22 33.48
CA PHE A 24 15.79 -18.50 33.84
C PHE A 24 15.40 -19.65 32.88
N THR A 25 16.17 -20.72 32.91
CA THR A 25 15.93 -21.90 32.07
C THR A 25 15.12 -23.00 32.78
N ASP A 26 14.15 -23.59 32.07
CA ASP A 26 13.44 -24.74 32.63
C ASP A 26 14.33 -25.95 32.44
N ILE A 27 13.79 -27.13 32.69
CA ILE A 27 14.58 -28.37 32.65
C ILE A 27 15.05 -28.77 31.25
N LEU A 28 14.36 -28.29 30.20
CA LEU A 28 14.65 -28.70 28.82
C LEU A 28 15.39 -27.61 28.07
N GLY A 29 15.92 -26.65 28.82
CA GLY A 29 16.68 -25.58 28.19
C GLY A 29 15.85 -24.44 27.67
N THR A 30 14.54 -24.50 27.86
CA THR A 30 13.67 -23.45 27.36
C THR A 30 13.91 -22.20 28.19
N ILE A 31 13.91 -21.05 27.55
CA ILE A 31 14.13 -19.83 28.30
C ILE A 31 12.81 -19.39 28.88
N LYS A 32 12.71 -19.43 30.21
CA LYS A 32 11.53 -18.95 30.94
C LYS A 32 11.79 -17.55 31.46
N ASN A 33 10.76 -16.87 31.94
CA ASN A 33 10.96 -15.58 32.60
C ASN A 33 9.71 -15.11 33.35
N VAL A 34 9.94 -14.48 34.49
CA VAL A 34 8.88 -13.72 35.12
C VAL A 34 9.27 -12.24 35.00
N GLU A 35 8.43 -11.49 34.30
CA GLU A 35 8.68 -10.08 34.00
C GLU A 35 8.04 -9.17 35.05
N ILE A 36 8.62 -7.98 35.27
CA ILE A 36 8.06 -7.04 36.24
C ILE A 36 8.34 -5.61 35.81
N PRO A 37 7.51 -4.64 36.27
CA PRO A 37 7.79 -3.22 36.03
C PRO A 37 9.09 -2.82 36.72
N VAL A 38 9.81 -1.83 36.21
CA VAL A 38 11.05 -1.40 36.87
C VAL A 38 10.72 -0.88 38.27
N SER A 39 9.48 -0.41 38.46
CA SER A 39 9.01 0.06 39.77
C SER A 39 9.26 -1.01 40.85
N GLN A 40 9.53 -2.23 40.39
CA GLN A 40 9.73 -3.37 41.28
C GLN A 40 11.16 -3.91 41.23
N LEU A 41 12.13 -3.02 41.04
CA LEU A 41 13.53 -3.42 40.95
C LEU A 41 14.13 -3.76 42.31
N GLY A 42 13.74 -3.03 43.34
CA GLY A 42 14.26 -3.26 44.67
C GLY A 42 13.93 -4.65 45.18
N LYS A 43 12.69 -5.07 44.93
CA LYS A 43 12.20 -6.36 45.40
C LYS A 43 12.98 -7.56 44.85
N ALA A 44 13.35 -7.53 43.58
CA ALA A 44 14.10 -8.62 42.96
C ALA A 44 15.53 -8.61 43.47
N LEU A 45 16.12 -7.42 43.55
CA LEU A 45 17.50 -7.24 44.01
C LEU A 45 17.67 -7.71 45.45
N ASP A 46 16.61 -7.58 46.23
CA ASP A 46 16.57 -8.08 47.61
C ASP A 46 16.13 -9.54 47.67
N ASN A 47 16.04 -10.19 46.50
CA ASN A 47 15.73 -11.62 46.39
C ASN A 47 14.39 -12.07 46.96
N LYS A 48 13.37 -11.22 46.91
CA LYS A 48 12.09 -11.54 47.53
C LYS A 48 11.00 -11.94 46.51
N VAL A 49 11.37 -11.97 45.23
CA VAL A 49 10.45 -12.32 44.16
C VAL A 49 10.02 -13.78 44.19
N MET A 50 8.72 -14.02 44.38
CA MET A 50 8.22 -15.40 44.33
C MET A 50 7.54 -15.72 43.01
N PHE A 51 7.84 -16.91 42.50
CA PHE A 51 7.25 -17.42 41.28
C PHE A 51 6.97 -18.91 41.48
N ASP A 52 6.22 -19.52 40.56
CA ASP A 52 5.92 -20.95 40.67
C ASP A 52 7.09 -21.80 40.11
N GLY A 53 7.88 -22.38 41.02
CA GLY A 53 9.04 -23.15 40.64
C GLY A 53 8.75 -24.46 39.92
N SER A 54 7.48 -24.85 39.88
CA SER A 54 7.07 -26.12 39.26
C SER A 54 7.15 -26.01 37.75
N SER A 55 7.23 -24.76 37.29
CA SER A 55 7.32 -24.45 35.88
C SER A 55 8.65 -24.97 35.32
N ILE A 56 9.67 -25.04 36.19
CA ILE A 56 11.00 -25.54 35.82
C ILE A 56 10.94 -26.98 35.29
N GLU A 57 9.88 -27.71 35.64
CA GLU A 57 9.75 -29.12 35.25
C GLU A 57 9.22 -29.21 33.83
N GLY A 58 8.67 -28.07 33.37
CA GLY A 58 8.09 -27.93 32.05
C GLY A 58 6.63 -28.29 32.01
N PHE A 59 6.35 -29.35 31.24
CA PHE A 59 4.99 -29.86 31.08
C PHE A 59 4.68 -30.95 32.12
N VAL A 60 5.74 -31.55 32.66
CA VAL A 60 5.62 -32.61 33.66
C VAL A 60 5.42 -32.05 35.08
N ARG A 61 5.21 -30.75 35.21
CA ARG A 61 4.85 -30.18 36.51
C ARG A 61 3.46 -30.65 36.89
N ILE A 62 3.25 -30.91 38.18
CA ILE A 62 1.90 -31.22 38.66
C ILE A 62 1.47 -30.24 39.73
N GLU A 63 2.05 -30.36 40.93
CA GLU A 63 1.64 -29.52 42.06
C GLU A 63 2.37 -28.20 42.06
N GLU A 64 1.63 -27.12 42.26
CA GLU A 64 2.18 -25.77 42.25
C GLU A 64 3.01 -25.45 43.51
N SER A 65 4.33 -25.25 43.35
CA SER A 65 5.21 -24.95 44.49
C SER A 65 5.93 -23.59 44.45
N ASP A 66 5.67 -22.74 45.43
CA ASP A 66 6.28 -21.41 45.48
C ASP A 66 7.81 -21.47 45.61
N MET A 67 8.50 -20.64 44.81
CA MET A 67 9.97 -20.53 44.85
C MET A 67 10.52 -19.11 44.66
N TYR A 68 11.81 -18.94 44.96
CA TYR A 68 12.47 -17.62 44.94
C TYR A 68 13.49 -17.44 43.81
N LEU A 69 13.66 -16.19 43.40
CA LEU A 69 14.48 -15.83 42.25
C LEU A 69 15.61 -14.90 42.66
N TYR A 70 16.85 -15.39 42.61
CA TYR A 70 18.00 -14.56 42.96
C TYR A 70 18.81 -14.19 41.70
N PRO A 71 18.74 -12.91 41.26
CA PRO A 71 19.47 -12.50 40.05
C PRO A 71 21.00 -12.49 40.18
N ASP A 72 21.73 -12.80 39.11
CA ASP A 72 23.19 -12.62 39.07
C ASP A 72 23.52 -11.27 38.45
N LEU A 73 23.79 -10.29 39.31
CA LEU A 73 24.10 -8.92 38.88
C LEU A 73 25.15 -8.82 37.75
N ASN A 74 26.00 -9.84 37.63
CA ASN A 74 27.01 -9.92 36.58
C ASN A 74 26.41 -10.23 35.21
N THR A 75 25.12 -10.57 35.19
CA THR A 75 24.40 -10.86 33.95
C THR A 75 23.45 -9.74 33.54
N PHE A 76 23.42 -8.64 34.29
CA PHE A 76 22.62 -7.51 33.87
C PHE A 76 22.93 -7.14 32.44
N VAL A 77 21.89 -6.77 31.70
CA VAL A 77 22.05 -6.37 30.32
C VAL A 77 20.82 -5.62 29.89
N ILE A 78 21.00 -4.58 29.07
CA ILE A 78 19.87 -3.93 28.40
C ILE A 78 19.78 -4.49 26.99
N PHE A 79 18.56 -4.65 26.50
CA PHE A 79 18.35 -5.15 25.14
C PHE A 79 18.22 -3.97 24.18
N PRO A 80 19.09 -3.91 23.15
CA PRO A 80 19.09 -2.80 22.19
C PRO A 80 17.79 -2.74 21.34
N TRP A 81 16.66 -3.11 21.97
CA TRP A 81 15.35 -3.06 21.33
C TRP A 81 14.33 -2.42 22.28
N THR A 82 13.96 -1.18 21.95
CA THR A 82 13.05 -0.36 22.77
C THR A 82 11.56 -0.69 22.60
N ALA A 83 10.81 -0.56 23.70
CA ALA A 83 9.34 -0.64 23.69
C ALA A 83 8.74 0.78 23.68
N GLU A 84 7.44 0.91 23.36
CA GLU A 84 6.82 2.23 23.18
C GLU A 84 7.13 3.22 24.32
N LYS A 85 7.19 2.73 25.55
CA LYS A 85 7.48 3.59 26.70
C LYS A 85 8.99 3.77 26.95
N GLY A 86 9.68 2.69 27.35
CA GLY A 86 11.11 2.75 27.63
C GLY A 86 11.87 1.50 27.21
N LYS A 87 13.08 1.32 27.75
CA LYS A 87 13.89 0.15 27.41
C LYS A 87 13.48 -1.04 28.26
N VAL A 88 13.99 -2.23 27.91
CA VAL A 88 13.77 -3.46 28.67
C VAL A 88 15.12 -4.09 29.06
N ALA A 89 15.23 -4.57 30.30
CA ALA A 89 16.47 -5.20 30.83
C ALA A 89 16.22 -6.61 31.39
N ARG A 90 17.25 -7.22 31.99
CA ARG A 90 17.09 -8.58 32.45
C ARG A 90 18.28 -9.08 33.25
N PHE A 91 18.07 -10.19 33.96
CA PHE A 91 19.09 -10.86 34.76
C PHE A 91 18.92 -12.36 34.58
N ILE A 92 19.99 -13.13 34.67
CA ILE A 92 19.80 -14.59 34.74
C ILE A 92 19.71 -14.93 36.22
N CYS A 93 18.55 -15.42 36.65
CA CYS A 93 18.31 -15.75 38.05
C CYS A 93 18.58 -17.20 38.39
N ASP A 94 19.04 -17.41 39.63
CA ASP A 94 19.19 -18.74 40.20
C ASP A 94 17.98 -19.00 41.11
N ILE A 95 17.54 -20.26 41.19
CA ILE A 95 16.28 -20.60 41.89
C ILE A 95 16.52 -21.21 43.28
N TYR A 96 15.85 -20.64 44.29
CA TYR A 96 15.99 -21.10 45.69
C TYR A 96 14.66 -21.49 46.35
N ASN A 97 14.68 -22.59 47.10
CA ASN A 97 13.49 -23.04 47.82
C ASN A 97 13.05 -21.97 48.81
N PRO A 98 11.76 -22.01 49.23
CA PRO A 98 11.23 -20.96 50.12
C PRO A 98 12.14 -20.63 51.32
N ASP A 99 13.09 -21.52 51.62
CA ASP A 99 14.09 -21.28 52.67
C ASP A 99 15.51 -21.19 52.09
N GLY A 100 15.86 -20.00 51.58
CA GLY A 100 17.17 -19.69 51.02
C GLY A 100 18.18 -20.79 50.68
N THR A 101 17.69 -22.00 50.37
CA THR A 101 18.54 -23.08 49.86
C THR A 101 18.41 -23.13 48.35
N PRO A 102 19.49 -23.45 47.65
CA PRO A 102 19.31 -23.60 46.20
C PRO A 102 18.34 -24.72 45.87
N PHE A 103 17.59 -24.57 44.78
CA PHE A 103 16.65 -25.59 44.33
C PHE A 103 17.38 -26.65 43.55
N GLU A 104 17.41 -27.88 44.08
CA GLU A 104 18.12 -28.99 43.42
C GLU A 104 17.64 -29.24 41.98
N GLY A 105 16.58 -28.53 41.58
CA GLY A 105 15.96 -28.72 40.28
C GLY A 105 16.48 -27.79 39.20
N ASP A 106 17.07 -26.67 39.61
CA ASP A 106 17.56 -25.72 38.64
C ASP A 106 18.78 -26.21 37.91
N PRO A 107 18.74 -26.21 36.57
CA PRO A 107 19.90 -26.58 35.78
C PRO A 107 21.12 -25.71 36.07
N ARG A 108 20.93 -24.41 36.30
CA ARG A 108 22.06 -23.53 36.59
C ARG A 108 22.75 -23.91 37.89
N ASN A 109 21.97 -24.30 38.89
CA ASN A 109 22.57 -24.77 40.15
C ASN A 109 23.43 -26.02 39.94
N ASN A 110 22.85 -27.04 39.30
CA ASN A 110 23.53 -28.32 39.09
C ASN A 110 24.84 -28.24 38.31
N LEU A 111 25.06 -27.13 37.63
CA LEU A 111 26.32 -26.88 36.94
C LEU A 111 27.28 -26.27 37.96
N LYS A 112 26.74 -25.47 38.90
CA LYS A 112 27.53 -24.95 40.02
C LYS A 112 27.96 -26.09 40.92
N ARG A 113 26.99 -26.93 41.30
CA ARG A 113 27.23 -28.10 42.13
C ARG A 113 28.26 -29.05 41.51
N ILE A 114 28.28 -29.15 40.18
CA ILE A 114 29.25 -29.99 39.49
C ILE A 114 30.60 -29.28 39.24
N LEU A 115 30.58 -27.97 38.99
CA LEU A 115 31.82 -27.16 38.95
C LEU A 115 32.49 -27.14 40.34
N LYS A 116 31.69 -27.21 41.41
CA LYS A 116 32.22 -27.33 42.77
C LYS A 116 33.12 -28.58 42.83
N GLU A 117 32.61 -29.71 42.35
CA GLU A 117 33.39 -30.95 42.32
C GLU A 117 34.79 -30.74 41.76
N MET A 118 34.89 -29.93 40.70
CA MET A 118 36.19 -29.68 40.08
C MET A 118 37.18 -29.05 41.07
N GLU A 119 36.68 -28.24 42.00
CA GLU A 119 37.55 -27.63 43.01
C GLU A 119 38.04 -28.61 44.10
N ASP A 120 37.16 -29.50 44.54
CA ASP A 120 37.53 -30.62 45.41
C ASP A 120 38.65 -31.51 44.82
N LEU A 121 38.68 -31.61 43.48
CA LEU A 121 39.68 -32.40 42.74
C LEU A 121 40.98 -31.62 42.50
N GLY A 122 40.88 -30.30 42.49
CA GLY A 122 42.05 -29.44 42.37
C GLY A 122 42.22 -28.59 41.12
N PHE A 123 41.12 -28.19 40.46
CA PHE A 123 41.21 -27.30 39.29
C PHE A 123 40.57 -25.89 39.52
N SER A 124 40.70 -24.98 38.55
CA SER A 124 40.31 -23.58 38.74
C SER A 124 39.18 -23.08 37.83
N ASP A 125 39.30 -23.33 36.53
CA ASP A 125 38.26 -22.94 35.58
C ASP A 125 38.07 -24.03 34.50
N PHE A 126 36.83 -24.19 34.05
CA PHE A 126 36.49 -25.15 33.01
C PHE A 126 35.88 -24.38 31.85
N ASN A 127 36.70 -24.07 30.84
CA ASN A 127 36.30 -23.17 29.74
C ASN A 127 35.49 -23.85 28.63
N LEU A 128 34.79 -23.05 27.83
CA LEU A 128 33.86 -23.58 26.85
C LEU A 128 33.77 -22.61 25.67
N GLY A 129 33.89 -23.16 24.47
CA GLY A 129 33.84 -22.34 23.26
C GLY A 129 32.89 -22.90 22.22
N PRO A 130 31.59 -22.74 22.46
CA PRO A 130 30.49 -23.36 21.73
C PRO A 130 30.57 -23.01 20.25
N GLU A 131 30.13 -23.93 19.40
CA GLU A 131 30.03 -23.67 17.96
C GLU A 131 28.62 -24.03 17.49
N PRO A 132 27.60 -23.27 17.96
CA PRO A 132 26.16 -23.47 17.74
C PRO A 132 25.67 -23.11 16.33
N GLU A 133 25.10 -24.08 15.61
CA GLU A 133 24.56 -23.87 14.24
C GLU A 133 23.03 -23.65 14.22
N PHE A 134 22.49 -23.02 13.17
CA PHE A 134 21.04 -22.72 13.09
C PHE A 134 20.49 -22.42 11.69
N PHE A 135 19.19 -22.70 11.48
CA PHE A 135 18.53 -22.49 10.20
C PHE A 135 17.55 -21.31 10.26
N LEU A 136 17.40 -20.61 9.13
CA LEU A 136 16.42 -19.54 9.00
C LEU A 136 15.40 -19.90 7.91
N PHE A 137 14.13 -19.96 8.27
CA PHE A 137 13.07 -20.25 7.31
C PHE A 137 12.24 -19.00 7.03
N LYS A 138 11.55 -18.98 5.89
CA LYS A 138 10.72 -17.83 5.56
C LYS A 138 9.41 -17.85 6.35
N LEU A 139 8.76 -16.69 6.44
CA LEU A 139 7.46 -16.56 7.09
C LEU A 139 6.33 -16.33 6.08
N ASP A 140 5.25 -17.10 6.18
CA ASP A 140 4.12 -16.93 5.29
C ASP A 140 3.26 -15.74 5.72
N GLU A 141 2.11 -15.57 5.08
CA GLU A 141 1.17 -14.46 5.34
C GLU A 141 0.88 -14.31 6.84
N LYS A 142 0.43 -15.42 7.44
CA LYS A 142 -0.03 -15.50 8.82
C LYS A 142 1.02 -15.21 9.89
N GLY A 143 2.28 -15.12 9.47
CA GLY A 143 3.39 -14.97 10.38
C GLY A 143 3.89 -16.33 10.83
N GLU A 144 3.62 -17.35 10.03
CA GLU A 144 3.99 -18.71 10.37
C GLU A 144 5.15 -19.24 9.55
N PRO A 145 6.10 -19.94 10.19
CA PRO A 145 7.24 -20.54 9.48
C PRO A 145 6.76 -21.40 8.33
N THR A 146 7.44 -21.27 7.19
CA THR A 146 7.19 -22.12 6.05
C THR A 146 8.36 -23.09 5.98
N LEU A 147 8.54 -23.75 4.84
CA LEU A 147 9.74 -24.57 4.68
C LEU A 147 10.79 -23.95 3.76
N GLU A 148 10.56 -22.71 3.35
CA GLU A 148 11.51 -21.99 2.50
C GLU A 148 12.69 -21.47 3.32
N LEU A 149 13.90 -21.91 2.96
CA LEU A 149 15.14 -21.45 3.59
C LEU A 149 15.48 -20.00 3.19
N ASN A 150 16.16 -19.25 4.06
CA ASN A 150 16.33 -17.81 3.82
C ASN A 150 17.22 -17.45 2.64
N ASP A 151 18.12 -18.36 2.28
CA ASP A 151 19.02 -18.21 1.13
C ASP A 151 19.37 -19.57 0.44
N LYS A 152 20.43 -19.59 -0.35
CA LYS A 152 20.86 -20.84 -0.97
C LYS A 152 22.35 -21.12 -0.77
N GLY A 153 22.95 -20.41 0.17
CA GLY A 153 24.36 -20.57 0.48
C GLY A 153 24.78 -22.00 0.79
N GLY A 154 26.09 -22.15 1.00
CA GLY A 154 26.75 -23.43 1.22
C GLY A 154 28.00 -23.18 2.02
N TYR A 155 28.74 -24.25 2.32
CA TYR A 155 29.86 -24.15 3.25
C TYR A 155 30.78 -22.92 3.09
N PHE A 156 30.88 -22.12 4.15
CA PHE A 156 31.77 -20.94 4.22
C PHE A 156 31.57 -19.90 3.12
N ASP A 157 30.43 -19.99 2.45
CA ASP A 157 30.09 -19.03 1.43
C ASP A 157 29.93 -17.63 2.00
N LEU A 158 29.92 -16.65 1.11
CA LEU A 158 29.33 -15.38 1.44
C LEU A 158 27.82 -15.60 1.55
N ALA A 159 27.36 -15.70 2.80
CA ALA A 159 25.94 -15.80 3.12
C ALA A 159 25.26 -14.55 2.58
N PRO A 160 23.92 -14.41 2.75
CA PRO A 160 23.30 -13.26 2.09
C PRO A 160 24.28 -12.09 1.94
N THR A 161 24.33 -11.51 0.74
CA THR A 161 25.21 -10.39 0.49
C THR A 161 24.86 -9.24 1.43
N ASP A 162 25.78 -8.30 1.62
CA ASP A 162 25.56 -7.22 2.58
C ASP A 162 24.52 -6.19 2.12
N LEU A 163 23.77 -6.54 1.07
CA LEU A 163 22.73 -5.67 0.55
C LEU A 163 21.37 -6.37 0.52
N GLY A 164 20.59 -6.10 1.56
CA GLY A 164 19.33 -6.77 1.79
C GLY A 164 19.29 -7.29 3.22
N GLU A 165 18.53 -8.38 3.39
CA GLU A 165 18.29 -8.98 4.70
C GLU A 165 19.55 -9.06 5.59
N ASN A 166 20.42 -10.02 5.27
CA ASN A 166 21.51 -10.40 6.17
C ASN A 166 21.12 -10.42 7.64
N CYS A 167 20.53 -11.54 8.04
CA CYS A 167 20.24 -11.85 9.42
C CYS A 167 21.51 -12.20 10.17
N ARG A 168 22.33 -13.05 9.58
CA ARG A 168 23.57 -13.50 10.21
C ARG A 168 24.44 -12.34 10.67
N ARG A 169 24.96 -11.58 9.71
CA ARG A 169 25.73 -10.40 10.03
C ARG A 169 25.03 -9.52 11.09
N ASP A 170 23.75 -9.22 10.86
CA ASP A 170 22.99 -8.40 11.80
C ASP A 170 22.94 -8.98 13.23
N ILE A 171 23.03 -10.29 13.38
CA ILE A 171 23.04 -10.89 14.71
C ILE A 171 24.43 -10.84 15.34
N VAL A 172 25.46 -10.90 14.49
CA VAL A 172 26.81 -10.77 15.02
C VAL A 172 27.01 -9.34 15.52
N LEU A 173 26.69 -8.35 14.69
CA LEU A 173 26.75 -6.95 15.11
C LEU A 173 26.00 -6.70 16.44
N GLU A 174 24.68 -6.85 16.42
CA GLU A 174 23.82 -6.69 17.61
C GLU A 174 24.42 -7.27 18.88
N LEU A 175 24.94 -8.50 18.80
CA LEU A 175 25.49 -9.18 19.98
C LEU A 175 26.82 -8.57 20.45
N GLU A 176 27.47 -7.83 19.55
CA GLU A 176 28.70 -7.13 19.90
C GLU A 176 28.41 -6.00 20.87
N GLU A 177 27.37 -5.23 20.59
CA GLU A 177 26.96 -4.16 21.47
C GLU A 177 26.59 -4.73 22.85
N MET A 178 26.04 -5.93 22.91
CA MET A 178 25.57 -6.49 24.18
C MET A 178 26.70 -7.12 25.00
N GLY A 179 27.90 -6.57 24.79
CA GLY A 179 29.08 -7.01 25.51
C GLY A 179 29.46 -8.43 25.17
N PHE A 180 28.87 -8.94 24.09
CA PHE A 180 29.19 -10.29 23.66
C PHE A 180 30.46 -10.33 22.86
N GLU A 181 31.28 -11.31 23.16
CA GLU A 181 32.55 -11.41 22.48
C GLU A 181 32.50 -12.52 21.47
N ILE A 182 32.21 -12.14 20.24
CA ILE A 182 32.10 -13.10 19.16
C ILE A 182 33.47 -13.33 18.50
N GLU A 183 33.73 -14.58 18.17
CA GLU A 183 34.99 -14.98 17.55
C GLU A 183 34.94 -14.78 16.02
N ALA A 184 34.00 -15.48 15.37
CA ALA A 184 33.77 -15.37 13.92
C ALA A 184 32.33 -15.79 13.56
N SER A 185 32.14 -16.24 12.32
CA SER A 185 30.83 -16.68 11.83
C SER A 185 30.92 -16.89 10.33
N HIS A 186 30.32 -17.98 9.84
CA HIS A 186 30.28 -18.24 8.41
C HIS A 186 28.88 -18.68 7.97
N HIS A 187 28.77 -19.12 6.72
CA HIS A 187 27.55 -19.75 6.26
C HIS A 187 27.76 -21.26 6.33
N GLU A 188 26.76 -22.01 6.82
CA GLU A 188 26.93 -23.47 7.04
C GLU A 188 26.49 -24.42 5.89
N VAL A 189 27.12 -25.59 5.86
CA VAL A 189 26.89 -26.64 4.86
C VAL A 189 25.55 -26.69 4.09
N ALA A 190 24.43 -26.37 4.75
CA ALA A 190 23.15 -26.41 4.05
C ALA A 190 22.60 -25.00 3.86
N PRO A 191 21.77 -24.81 2.82
CA PRO A 191 21.12 -23.54 2.42
C PRO A 191 20.26 -23.00 3.53
N GLY A 192 20.53 -21.80 4.02
CA GLY A 192 19.79 -21.25 5.13
C GLY A 192 20.33 -21.69 6.47
N GLN A 193 21.46 -22.38 6.46
CA GLN A 193 22.04 -22.82 7.72
C GLN A 193 23.26 -21.97 8.09
N HIS A 194 23.33 -21.52 9.35
CA HIS A 194 24.35 -20.56 9.80
C HIS A 194 25.08 -20.91 11.09
N GLU A 195 26.32 -20.43 11.22
CA GLU A 195 27.09 -20.59 12.47
C GLU A 195 27.72 -19.26 12.93
N ILE A 196 27.77 -19.08 14.25
CA ILE A 196 28.41 -17.94 14.89
C ILE A 196 29.14 -18.49 16.09
N ASP A 197 30.46 -18.39 16.08
CA ASP A 197 31.27 -19.09 17.05
C ASP A 197 31.62 -18.19 18.23
N PHE A 198 31.81 -18.80 19.40
CA PHE A 198 32.00 -18.05 20.64
C PHE A 198 33.44 -18.01 21.12
N LYS A 199 33.81 -16.94 21.82
CA LYS A 199 35.10 -16.92 22.52
C LYS A 199 34.92 -17.76 23.77
N TYR A 200 35.91 -18.59 24.08
CA TYR A 200 35.82 -19.44 25.25
C TYR A 200 35.57 -18.62 26.51
N ALA A 201 34.83 -19.20 27.45
CA ALA A 201 34.53 -18.56 28.73
C ALA A 201 34.22 -19.65 29.74
N GLY A 202 34.28 -19.33 31.04
CA GLY A 202 33.90 -20.29 32.06
C GLY A 202 32.64 -21.02 31.65
N ALA A 203 32.33 -22.14 32.29
CA ALA A 203 31.17 -22.91 31.89
C ALA A 203 29.95 -22.01 31.98
N VAL A 204 29.55 -21.66 33.19
CA VAL A 204 28.32 -20.90 33.38
C VAL A 204 28.30 -19.48 32.75
N ARG A 205 29.47 -18.88 32.49
CA ARG A 205 29.48 -17.60 31.78
C ARG A 205 29.07 -17.86 30.35
N SER A 206 29.52 -18.99 29.81
CA SER A 206 29.23 -19.31 28.42
C SER A 206 27.79 -19.79 28.25
N CYS A 207 27.34 -20.67 29.15
CA CYS A 207 25.96 -21.15 29.11
C CYS A 207 24.97 -20.00 29.24
N ASP A 208 25.33 -18.99 30.01
CA ASP A 208 24.50 -17.81 30.10
C ASP A 208 24.53 -17.17 28.70
N ASP A 209 25.70 -17.27 28.06
CA ASP A 209 25.95 -16.68 26.74
C ASP A 209 25.25 -17.47 25.64
N ILE A 210 25.05 -18.77 25.85
CA ILE A 210 24.47 -19.62 24.82
C ILE A 210 22.98 -19.50 24.79
N GLN A 211 22.38 -19.38 25.97
CA GLN A 211 20.95 -19.16 26.04
C GLN A 211 20.64 -17.78 25.41
N THR A 212 21.09 -16.69 26.03
CA THR A 212 20.90 -15.35 25.48
C THR A 212 21.03 -15.29 23.96
N PHE A 213 21.98 -16.05 23.41
CA PHE A 213 22.19 -16.06 21.97
C PHE A 213 20.95 -16.55 21.26
N LYS A 214 20.54 -17.79 21.55
CA LYS A 214 19.30 -18.32 21.01
C LYS A 214 18.19 -17.24 20.99
N LEU A 215 17.99 -16.56 22.11
CA LEU A 215 17.00 -15.46 22.23
C LEU A 215 17.22 -14.30 21.26
N VAL A 216 18.43 -13.79 21.20
CA VAL A 216 18.74 -12.69 20.30
C VAL A 216 18.47 -13.14 18.87
N VAL A 217 19.01 -14.30 18.51
CA VAL A 217 18.81 -14.89 17.18
C VAL A 217 17.34 -14.90 16.76
N LYS A 218 16.50 -15.58 17.54
CA LYS A 218 15.08 -15.76 17.23
C LYS A 218 14.44 -14.39 17.12
N THR A 219 14.91 -13.46 17.96
CA THR A 219 14.37 -12.10 18.04
C THR A 219 14.66 -11.25 16.78
N ILE A 220 15.90 -11.30 16.29
CA ILE A 220 16.26 -10.58 15.07
C ILE A 220 15.68 -11.26 13.82
N ALA A 221 15.60 -12.59 13.85
CA ALA A 221 15.16 -13.40 12.71
C ALA A 221 13.70 -13.14 12.45
N ARG A 222 12.95 -13.06 13.54
CA ARG A 222 11.58 -12.57 13.52
C ARG A 222 11.56 -11.19 12.87
N LYS A 223 12.41 -10.27 13.33
CA LYS A 223 12.47 -8.90 12.78
C LYS A 223 12.68 -8.88 11.27
N HIS A 224 13.36 -9.86 10.71
CA HIS A 224 13.52 -9.84 9.27
C HIS A 224 12.50 -10.72 8.60
N GLY A 225 11.41 -11.03 9.31
CA GLY A 225 10.36 -11.89 8.79
C GLY A 225 10.80 -13.33 8.57
N LEU A 226 11.80 -13.77 9.34
CA LEU A 226 12.32 -15.13 9.21
C LEU A 226 12.00 -15.95 10.46
N HIS A 227 12.31 -17.25 10.37
CA HIS A 227 12.16 -18.15 11.49
C HIS A 227 13.47 -18.86 11.80
N ALA A 228 14.09 -18.48 12.92
CA ALA A 228 15.33 -19.09 13.36
C ALA A 228 15.02 -20.26 14.28
N THR A 229 15.43 -21.46 13.89
CA THR A 229 15.20 -22.64 14.74
C THR A 229 16.49 -23.39 14.98
N PHE A 230 16.58 -24.01 16.16
CA PHE A 230 17.78 -24.74 16.53
C PHE A 230 17.52 -26.27 16.53
N MET A 231 16.77 -26.72 15.54
CA MET A 231 16.38 -28.12 15.45
C MET A 231 17.54 -28.94 14.88
N PRO A 232 17.86 -30.06 15.56
CA PRO A 232 19.00 -30.88 15.16
C PRO A 232 18.95 -31.33 13.71
N LYS A 233 17.77 -31.34 13.10
CA LYS A 233 17.67 -31.85 11.74
C LYS A 233 16.26 -31.66 11.18
N PRO A 234 15.87 -30.39 10.95
CA PRO A 234 14.52 -29.98 10.56
C PRO A 234 14.10 -30.49 9.18
N LEU A 235 15.06 -31.03 8.44
CA LEU A 235 14.84 -31.49 7.08
C LEU A 235 15.63 -32.74 6.88
N PHE A 236 14.92 -33.82 6.57
CA PHE A 236 15.54 -35.06 6.20
C PHE A 236 16.55 -34.74 5.08
N GLY A 237 17.59 -35.56 4.97
CA GLY A 237 18.53 -35.46 3.87
C GLY A 237 19.00 -34.05 3.60
N VAL A 238 19.18 -33.28 4.67
CA VAL A 238 19.83 -31.99 4.59
C VAL A 238 20.69 -31.91 5.84
N ASN A 239 21.96 -31.57 5.69
CA ASN A 239 22.84 -31.43 6.84
C ASN A 239 22.08 -30.88 8.06
N GLY A 240 22.46 -31.35 9.25
CA GLY A 240 21.78 -30.91 10.47
C GLY A 240 22.65 -30.05 11.36
N SER A 241 22.01 -29.12 12.06
CA SER A 241 22.72 -28.23 12.98
C SER A 241 23.22 -28.99 14.22
N GLY A 242 24.49 -28.76 14.56
CA GLY A 242 25.07 -29.29 15.78
C GLY A 242 25.69 -28.19 16.63
N MET A 243 26.34 -28.56 17.73
CA MET A 243 26.97 -27.57 18.56
C MET A 243 28.16 -28.17 19.30
N HIS A 244 29.31 -28.30 18.62
CA HIS A 244 30.55 -28.80 19.20
C HIS A 244 30.81 -27.98 20.45
N CYS A 245 31.47 -28.60 21.42
CA CYS A 245 31.83 -27.95 22.66
C CYS A 245 33.31 -28.07 22.95
N ASN A 246 34.07 -27.02 22.65
CA ASN A 246 35.50 -27.06 22.91
C ASN A 246 35.73 -26.87 24.41
N LEU A 247 36.24 -27.90 25.08
CA LEU A 247 36.44 -27.87 26.52
C LEU A 247 37.92 -27.85 26.88
N SER A 248 38.26 -27.19 27.98
CA SER A 248 39.65 -27.13 28.40
C SER A 248 39.76 -26.91 29.91
N LEU A 249 40.24 -27.94 30.60
CA LEU A 249 40.40 -27.87 32.05
C LEU A 249 41.59 -27.00 32.43
N PHE A 250 41.35 -25.95 33.19
CA PHE A 250 42.44 -25.13 33.73
C PHE A 250 42.71 -25.50 35.20
N LYS A 251 43.92 -25.17 35.67
CA LYS A 251 44.28 -25.27 37.08
C LYS A 251 45.38 -24.26 37.32
N ASN A 252 45.25 -23.45 38.37
CA ASN A 252 46.18 -22.36 38.59
C ASN A 252 46.23 -21.37 37.40
N GLY A 253 45.07 -21.08 36.82
CA GLY A 253 44.97 -20.23 35.64
C GLY A 253 45.74 -20.70 34.40
N VAL A 254 46.08 -21.98 34.33
CA VAL A 254 46.91 -22.51 33.25
C VAL A 254 46.34 -23.76 32.59
N ASN A 255 46.34 -23.83 31.27
CA ASN A 255 45.73 -24.96 30.59
C ASN A 255 46.27 -26.35 30.96
N ALA A 256 45.61 -27.01 31.90
CA ALA A 256 46.04 -28.31 32.40
C ALA A 256 46.03 -29.44 31.36
N PHE A 257 45.83 -29.10 30.10
CA PHE A 257 45.78 -30.10 29.04
C PHE A 257 47.05 -30.12 28.23
N PHE A 258 47.70 -28.96 28.14
CA PHE A 258 48.96 -28.80 27.42
C PHE A 258 50.10 -29.42 28.23
N ASP A 259 51.16 -29.84 27.52
CA ASP A 259 52.38 -30.33 28.15
C ASP A 259 53.29 -30.94 27.09
N GLU A 260 54.29 -30.16 26.66
CA GLU A 260 55.21 -30.59 25.62
C GLU A 260 55.78 -31.96 25.96
N ASN A 261 55.77 -32.27 27.25
CA ASN A 261 56.28 -33.54 27.74
C ASN A 261 55.22 -34.65 27.77
N ALA A 262 54.62 -34.93 26.61
CA ALA A 262 53.67 -36.04 26.49
C ALA A 262 53.26 -36.35 25.07
N ASP A 263 52.49 -37.41 24.91
CA ASP A 263 52.02 -37.82 23.60
C ASP A 263 51.24 -36.70 22.93
N LEU A 264 51.71 -36.28 21.76
CA LEU A 264 51.03 -35.26 20.96
C LEU A 264 51.00 -33.92 21.70
N GLN A 265 51.66 -33.88 22.86
CA GLN A 265 51.69 -32.71 23.75
C GLN A 265 50.46 -32.63 24.66
N LEU A 266 49.97 -33.79 25.07
CA LEU A 266 48.79 -33.87 25.93
C LEU A 266 49.13 -34.33 27.33
N SER A 267 48.98 -33.40 28.29
CA SER A 267 49.23 -33.68 29.70
C SER A 267 48.58 -35.00 30.14
N GLU A 268 49.09 -35.57 31.23
CA GLU A 268 48.57 -36.83 31.72
C GLU A 268 47.13 -36.68 32.18
N THR A 269 46.69 -35.43 32.26
CA THR A 269 45.33 -35.10 32.64
C THR A 269 44.43 -35.13 31.39
N ALA A 270 44.77 -34.34 30.38
CA ALA A 270 44.10 -34.40 29.09
C ALA A 270 43.84 -35.84 28.64
N LYS A 271 44.82 -36.71 28.85
CA LYS A 271 44.69 -38.13 28.50
C LYS A 271 43.57 -38.76 29.33
N HIS A 272 43.65 -38.56 30.65
CA HIS A 272 42.69 -39.12 31.60
C HIS A 272 41.29 -38.58 31.34
N PHE A 273 41.23 -37.30 31.01
CA PHE A 273 39.96 -36.63 30.78
C PHE A 273 39.26 -37.27 29.58
N ILE A 274 40.00 -37.50 28.51
CA ILE A 274 39.48 -38.20 27.33
C ILE A 274 39.06 -39.64 27.67
N ALA A 275 39.77 -40.24 28.61
CA ALA A 275 39.53 -41.61 29.02
C ALA A 275 38.12 -41.76 29.55
N GLY A 276 37.77 -40.86 30.45
CA GLY A 276 36.45 -40.85 31.07
C GLY A 276 35.31 -40.34 30.19
N ILE A 277 35.59 -39.41 29.27
CA ILE A 277 34.56 -38.95 28.34
C ILE A 277 34.09 -40.14 27.51
N VAL A 278 35.05 -40.97 27.08
CA VAL A 278 34.79 -42.18 26.30
C VAL A 278 34.06 -43.28 27.10
N LYS A 279 34.44 -43.44 28.36
CA LYS A 279 33.82 -44.42 29.25
C LYS A 279 32.33 -44.14 29.29
N HIS A 280 31.97 -42.86 29.32
CA HIS A 280 30.59 -42.46 29.57
C HIS A 280 29.78 -42.05 28.35
N ALA A 281 30.44 -42.04 27.19
CA ALA A 281 29.87 -41.46 25.97
C ALA A 281 28.47 -41.96 25.62
N THR A 282 28.28 -43.28 25.55
CA THR A 282 26.95 -43.77 25.18
C THR A 282 25.91 -43.37 26.23
N SER A 283 26.39 -43.15 27.44
CA SER A 283 25.52 -42.84 28.56
C SER A 283 25.00 -41.40 28.57
N PHE A 284 25.87 -40.41 28.38
CA PHE A 284 25.42 -39.00 28.36
C PHE A 284 24.80 -38.48 27.05
N THR A 285 24.62 -39.34 26.06
CA THR A 285 24.02 -38.92 24.78
C THR A 285 22.51 -38.66 24.93
N ALA A 286 21.90 -39.32 25.90
CA ALA A 286 20.51 -39.06 26.20
C ALA A 286 20.30 -37.67 26.83
N VAL A 287 21.34 -36.85 26.94
CA VAL A 287 21.20 -35.51 27.54
C VAL A 287 21.77 -34.41 26.66
N THR A 288 22.85 -34.70 25.98
CA THR A 288 23.44 -33.75 25.04
C THR A 288 22.65 -33.71 23.72
N ASN A 289 21.73 -34.68 23.55
CA ASN A 289 20.87 -34.78 22.36
C ASN A 289 19.50 -35.30 22.75
N PRO A 290 18.73 -34.43 23.40
CA PRO A 290 17.56 -34.67 24.24
C PRO A 290 16.22 -34.67 23.52
N THR A 291 16.21 -34.93 22.21
CA THR A 291 14.96 -34.90 21.46
C THR A 291 14.81 -36.16 20.61
N VAL A 292 13.56 -36.53 20.32
CA VAL A 292 13.24 -37.65 19.42
C VAL A 292 13.85 -37.43 18.04
N ASN A 293 14.12 -36.16 17.72
CA ASN A 293 14.72 -35.72 16.46
C ASN A 293 16.26 -35.69 16.44
N SER A 294 16.90 -35.50 17.59
CA SER A 294 18.37 -35.43 17.66
C SER A 294 19.06 -36.57 16.92
N TYR A 295 18.41 -37.73 16.90
CA TYR A 295 18.98 -38.98 16.42
C TYR A 295 18.72 -39.25 14.93
N LYS A 296 17.85 -38.41 14.33
CA LYS A 296 17.62 -38.43 12.89
C LYS A 296 18.76 -37.63 12.24
N ARG A 297 19.57 -36.99 13.10
CA ARG A 297 20.83 -36.35 12.68
C ARG A 297 22.04 -37.27 12.85
N LEU A 298 21.98 -38.17 13.83
CA LEU A 298 23.08 -39.10 14.07
C LEU A 298 22.99 -40.32 13.14
N VAL A 299 22.51 -40.08 11.93
CA VAL A 299 22.53 -41.08 10.87
C VAL A 299 23.79 -40.78 10.04
N PRO A 300 24.57 -41.81 9.73
CA PRO A 300 25.83 -41.62 8.99
C PRO A 300 25.57 -40.96 7.64
N GLY A 301 26.48 -40.07 7.23
CA GLY A 301 26.42 -39.50 5.89
C GLY A 301 26.60 -38.00 5.77
N TYR A 302 25.64 -37.24 6.27
CA TYR A 302 25.70 -35.80 6.19
C TYR A 302 26.68 -35.28 7.23
N GLU A 303 27.84 -35.93 7.33
CA GLU A 303 28.86 -35.57 8.31
C GLU A 303 28.30 -35.29 9.72
N ALA A 304 28.34 -36.32 10.56
CA ALA A 304 28.04 -36.21 12.00
C ALA A 304 28.70 -37.37 12.78
N PRO A 305 28.99 -37.14 14.07
CA PRO A 305 29.66 -38.13 14.94
C PRO A 305 28.85 -39.37 15.28
N CYS A 306 28.65 -40.30 14.34
CA CYS A 306 27.94 -41.54 14.65
C CYS A 306 28.73 -42.40 15.65
N TYR A 307 30.06 -42.34 15.58
CA TYR A 307 30.93 -43.30 16.30
C TYR A 307 31.81 -42.68 17.41
N VAL A 308 32.31 -43.52 18.32
CA VAL A 308 33.04 -43.05 19.53
C VAL A 308 34.58 -43.21 19.53
N ALA A 309 35.33 -42.11 19.36
CA ALA A 309 36.80 -42.08 19.54
C ALA A 309 37.42 -40.68 19.33
N TRP A 310 38.76 -40.58 19.34
CA TRP A 310 39.44 -39.27 19.24
C TRP A 310 40.73 -39.24 18.40
N SER A 311 40.71 -38.58 17.24
CA SER A 311 41.91 -38.51 16.37
C SER A 311 42.32 -37.10 15.92
N ALA A 312 43.44 -37.05 15.20
CA ALA A 312 44.03 -35.83 14.61
C ALA A 312 43.13 -35.14 13.55
N GLN A 313 42.52 -35.93 12.67
CA GLN A 313 41.64 -35.45 11.60
C GLN A 313 40.91 -36.64 10.97
N ASN A 314 39.58 -36.63 11.00
CA ASN A 314 38.73 -37.72 10.45
C ASN A 314 37.34 -37.22 9.95
N ARG A 315 36.58 -38.08 9.23
CA ARG A 315 35.28 -37.72 8.58
C ARG A 315 34.20 -37.10 9.52
N SER A 316 34.32 -37.41 10.81
CA SER A 316 33.48 -36.87 11.89
C SER A 316 33.73 -37.64 13.19
N PRO A 317 34.93 -37.46 13.81
CA PRO A 317 35.25 -38.14 15.08
C PRO A 317 34.46 -37.57 16.27
N LEU A 318 34.18 -38.40 17.27
CA LEU A 318 33.40 -37.98 18.45
C LEU A 318 34.16 -36.93 19.23
N ILE A 319 35.39 -37.28 19.62
CA ILE A 319 36.28 -36.34 20.27
C ILE A 319 37.28 -35.86 19.24
N ARG A 320 37.63 -34.58 19.30
CA ARG A 320 38.69 -34.07 18.45
C ARG A 320 39.69 -33.27 19.28
N ILE A 321 40.85 -33.01 18.69
CA ILE A 321 41.80 -32.09 19.28
C ILE A 321 42.28 -31.19 18.16
N PRO A 322 41.79 -29.95 18.15
CA PRO A 322 42.11 -29.05 17.05
C PRO A 322 43.62 -28.77 16.98
N ALA A 323 44.05 -28.20 15.86
CA ALA A 323 45.45 -27.88 15.67
C ALA A 323 45.95 -27.13 16.91
N SER A 324 45.44 -25.92 17.07
CA SER A 324 45.74 -25.02 18.17
C SER A 324 46.34 -25.69 19.39
N ARG A 325 47.19 -24.96 20.10
CA ARG A 325 47.88 -25.47 21.27
C ARG A 325 48.36 -24.37 22.23
N GLY A 326 49.07 -24.77 23.28
CA GLY A 326 49.46 -23.84 24.33
C GLY A 326 48.36 -23.75 25.36
N ILE A 327 47.86 -22.54 25.59
CA ILE A 327 46.66 -22.40 26.43
C ILE A 327 45.46 -22.96 25.69
N SER A 328 45.55 -22.97 24.36
CA SER A 328 44.45 -23.42 23.52
C SER A 328 44.43 -24.94 23.35
N THR A 329 44.72 -25.68 24.42
CA THR A 329 44.70 -27.14 24.39
C THR A 329 43.36 -27.65 24.90
N ARG A 330 42.51 -28.10 24.00
CA ARG A 330 41.12 -28.43 24.38
C ARG A 330 40.65 -29.78 23.90
N VAL A 331 39.46 -30.16 24.32
CA VAL A 331 38.87 -31.44 23.94
C VAL A 331 37.52 -31.18 23.24
N GLU A 332 37.53 -30.98 21.92
CA GLU A 332 36.26 -30.73 21.22
C GLU A 332 35.39 -31.98 21.29
N VAL A 333 34.17 -31.82 21.78
CA VAL A 333 33.15 -32.87 21.79
C VAL A 333 32.10 -32.61 20.71
N ARG A 334 32.22 -33.32 19.60
CA ARG A 334 31.52 -32.92 18.40
C ARG A 334 30.06 -33.39 18.30
N SER A 335 29.61 -34.26 19.21
CA SER A 335 28.23 -34.79 19.15
C SER A 335 27.10 -33.90 19.75
N VAL A 336 27.45 -32.96 20.62
CA VAL A 336 26.47 -32.08 21.22
C VAL A 336 25.70 -31.34 20.14
N ASP A 337 24.38 -31.31 20.24
CA ASP A 337 23.58 -30.50 19.32
C ASP A 337 22.99 -29.32 20.08
N PRO A 338 22.48 -28.29 19.35
CA PRO A 338 21.89 -27.10 19.98
C PRO A 338 20.53 -27.38 20.66
N ALA A 339 20.15 -28.66 20.71
CA ALA A 339 18.94 -29.10 21.40
C ALA A 339 19.18 -29.30 22.92
N ALA A 340 20.43 -29.48 23.30
CA ALA A 340 20.79 -29.65 24.70
C ALA A 340 20.61 -28.39 25.57
N ASN A 341 20.24 -28.62 26.82
CA ASN A 341 20.23 -27.60 27.87
C ASN A 341 21.69 -27.37 28.31
N PRO A 342 22.24 -26.16 28.07
CA PRO A 342 23.63 -25.87 28.43
C PRO A 342 24.09 -26.49 29.78
N TYR A 343 23.54 -25.95 30.87
CA TYR A 343 23.86 -26.36 32.23
C TYR A 343 23.89 -27.91 32.43
N LEU A 344 22.93 -28.63 31.84
CA LEU A 344 22.90 -30.10 31.91
C LEU A 344 23.82 -30.78 30.90
N ALA A 345 24.08 -30.13 29.78
CA ALA A 345 25.13 -30.64 28.91
C ALA A 345 26.38 -30.69 29.77
N LEU A 346 26.99 -29.52 30.01
CA LEU A 346 28.24 -29.42 30.81
C LEU A 346 28.24 -30.27 32.10
N SER A 347 27.10 -30.34 32.78
CA SER A 347 26.98 -31.15 33.99
C SER A 347 27.48 -32.56 33.75
N VAL A 348 27.14 -33.13 32.60
CA VAL A 348 27.55 -34.51 32.28
C VAL A 348 28.93 -34.59 31.57
N LEU A 349 29.26 -33.60 30.75
CA LEU A 349 30.57 -33.58 30.11
C LEU A 349 31.65 -33.40 31.19
N LEU A 350 31.42 -32.43 32.09
CA LEU A 350 32.30 -32.19 33.21
C LEU A 350 32.54 -33.44 34.07
N ALA A 351 31.44 -34.02 34.56
CA ALA A 351 31.47 -35.28 35.31
C ALA A 351 32.37 -36.35 34.67
N ALA A 352 32.14 -36.65 33.38
CA ALA A 352 32.92 -37.67 32.67
C ALA A 352 34.42 -37.34 32.69
N GLY A 353 34.75 -36.09 32.35
CA GLY A 353 36.13 -35.64 32.41
C GLY A 353 36.73 -35.78 33.80
N LEU A 354 35.91 -35.60 34.81
CA LEU A 354 36.38 -35.70 36.19
C LEU A 354 36.45 -37.15 36.67
N ASP A 355 35.66 -38.03 36.07
CA ASP A 355 35.68 -39.45 36.41
C ASP A 355 36.95 -40.09 35.83
N GLY A 356 37.39 -39.55 34.71
CA GLY A 356 38.61 -40.01 34.06
C GLY A 356 39.80 -39.51 34.85
N ILE A 357 39.81 -38.23 35.16
CA ILE A 357 40.86 -37.64 35.99
C ILE A 357 40.88 -38.36 37.34
N LYS A 358 39.90 -38.07 38.18
CA LYS A 358 39.81 -38.67 39.53
C LYS A 358 40.18 -40.17 39.58
N ASN A 359 39.68 -40.95 38.62
CA ASN A 359 39.91 -42.39 38.59
C ASN A 359 41.06 -42.89 37.66
N LYS A 360 42.11 -42.10 37.46
CA LYS A 360 43.25 -42.49 36.62
C LYS A 360 42.88 -43.49 35.49
N LEU A 361 41.83 -43.17 34.73
CA LEU A 361 41.45 -43.95 33.56
C LEU A 361 42.47 -43.74 32.45
N GLU A 362 42.67 -44.76 31.62
CA GLU A 362 43.66 -44.70 30.52
C GLU A 362 42.99 -44.53 29.16
N ALA A 363 43.30 -43.42 28.49
CA ALA A 363 42.75 -43.14 27.17
C ALA A 363 43.25 -44.18 26.14
N PRO A 364 42.30 -44.78 25.41
CA PRO A 364 42.53 -45.83 24.39
C PRO A 364 43.21 -45.34 23.11
N ALA A 365 43.42 -46.27 22.18
CA ALA A 365 44.11 -45.98 20.92
C ALA A 365 43.35 -45.00 20.00
N PRO A 366 43.78 -43.72 20.00
CA PRO A 366 43.14 -42.70 19.16
C PRO A 366 43.07 -43.09 17.70
N ILE A 367 41.95 -43.64 17.26
CA ILE A 367 41.86 -44.15 15.89
C ILE A 367 42.14 -43.13 14.79
N ASP A 368 43.41 -43.02 14.41
CA ASP A 368 43.86 -42.00 13.45
C ASP A 368 43.40 -42.30 12.02
N ARG A 369 43.14 -43.57 11.75
CA ARG A 369 42.59 -44.00 10.47
C ARG A 369 41.11 -43.65 10.42
N ASN A 370 40.63 -43.25 9.23
CA ASN A 370 39.22 -42.89 9.06
C ASN A 370 38.33 -44.08 9.46
N ILE A 371 37.33 -43.77 10.30
CA ILE A 371 36.47 -44.77 10.94
C ILE A 371 35.21 -45.03 10.13
N TYR A 372 34.63 -43.96 9.61
CA TYR A 372 33.43 -44.06 8.77
C TYR A 372 33.64 -45.14 7.74
N VAL A 373 34.86 -45.21 7.25
CA VAL A 373 35.27 -46.12 6.18
C VAL A 373 35.64 -47.50 6.72
N MET A 374 34.77 -48.04 7.55
CA MET A 374 34.98 -49.36 8.16
C MET A 374 33.62 -50.08 8.29
N SER A 375 33.64 -51.41 8.15
CA SER A 375 32.42 -52.22 8.23
C SER A 375 32.07 -52.62 9.66
N LYS A 376 30.78 -52.72 9.96
CA LYS A 376 30.30 -53.01 11.31
C LYS A 376 31.19 -54.00 12.10
N GLU A 377 31.72 -55.00 11.41
CA GLU A 377 32.63 -55.96 12.04
C GLU A 377 34.07 -55.57 11.80
N GLU A 378 34.33 -54.95 10.65
CA GLU A 378 35.65 -54.41 10.39
C GLU A 378 35.85 -53.22 11.32
N ARG A 379 34.75 -52.73 11.88
CA ARG A 379 34.79 -51.65 12.86
C ARG A 379 34.84 -52.23 14.27
N MET A 380 34.35 -53.45 14.41
CA MET A 380 34.41 -54.15 15.67
C MET A 380 35.86 -54.55 16.00
N GLU A 381 36.69 -54.63 14.97
CA GLU A 381 38.12 -54.91 15.16
C GLU A 381 38.64 -54.06 16.32
N ASN A 382 38.50 -52.75 16.16
CA ASN A 382 38.88 -51.79 17.18
C ASN A 382 37.73 -51.68 18.17
N GLY A 383 37.91 -50.91 19.24
CA GLY A 383 36.86 -50.79 20.24
C GLY A 383 35.91 -49.67 19.91
N ILE A 384 35.30 -49.73 18.73
CA ILE A 384 34.49 -48.63 18.24
C ILE A 384 32.99 -48.90 18.24
N VAL A 385 32.29 -48.24 19.15
CA VAL A 385 30.85 -48.37 19.22
C VAL A 385 30.21 -47.14 18.61
N ASP A 386 29.12 -47.34 17.89
CA ASP A 386 28.27 -46.22 17.57
C ASP A 386 27.44 -45.85 18.82
N LEU A 387 26.71 -44.75 18.75
CA LEU A 387 25.90 -44.29 19.87
C LEU A 387 24.47 -44.85 19.76
N PRO A 388 23.59 -44.47 20.71
CA PRO A 388 22.19 -44.84 20.59
C PRO A 388 21.64 -44.34 19.26
N ALA A 389 20.71 -45.08 18.64
CA ALA A 389 20.16 -44.67 17.34
C ALA A 389 18.73 -44.09 17.45
N THR A 390 18.10 -44.32 18.60
CA THR A 390 16.79 -43.78 18.92
C THR A 390 16.92 -43.20 20.32
N LEU A 391 16.04 -42.26 20.68
CA LEU A 391 15.98 -41.74 22.05
C LEU A 391 15.65 -42.84 23.06
N ALA A 392 14.95 -43.87 22.61
CA ALA A 392 14.67 -45.00 23.46
C ALA A 392 15.99 -45.52 23.99
N GLU A 393 16.85 -45.94 23.06
CA GLU A 393 18.16 -46.52 23.31
C GLU A 393 18.98 -45.63 24.23
N ALA A 394 19.01 -44.33 23.91
CA ALA A 394 19.89 -43.36 24.58
C ALA A 394 19.57 -43.18 26.03
N LEU A 395 18.30 -43.39 26.36
CA LEU A 395 17.80 -43.19 27.73
C LEU A 395 18.00 -44.38 28.65
N GLU A 396 17.83 -45.59 28.10
CA GLU A 396 18.07 -46.81 28.86
C GLU A 396 19.54 -46.85 29.24
N GLU A 397 20.44 -46.57 28.29
CA GLU A 397 21.86 -46.44 28.61
C GLU A 397 22.05 -45.42 29.72
N PHE A 398 21.61 -44.19 29.48
CA PHE A 398 21.79 -43.11 30.45
C PHE A 398 21.45 -43.53 31.88
N LYS A 399 20.35 -44.27 32.02
CA LYS A 399 19.81 -44.66 33.32
C LYS A 399 20.71 -45.65 34.03
N SER A 400 21.25 -46.58 33.24
CA SER A 400 22.11 -47.65 33.73
C SER A 400 23.51 -47.15 34.11
N ASN A 401 23.69 -45.84 34.10
CA ASN A 401 24.99 -45.25 34.38
C ASN A 401 25.02 -44.52 35.73
N GLU A 402 25.91 -44.99 36.61
CA GLU A 402 26.03 -44.49 37.98
C GLU A 402 26.51 -43.04 38.09
N VAL A 403 27.51 -42.69 37.28
CA VAL A 403 28.14 -41.37 37.32
C VAL A 403 27.27 -40.26 36.73
N MET A 404 26.60 -40.57 35.63
CA MET A 404 25.71 -39.62 34.94
C MET A 404 24.64 -39.16 35.88
N VAL A 405 23.81 -40.09 36.30
CA VAL A 405 22.84 -39.79 37.33
C VAL A 405 23.47 -38.87 38.40
N LYS A 406 24.55 -39.33 39.04
CA LYS A 406 25.16 -38.60 40.14
C LYS A 406 25.73 -37.25 39.67
N ALA A 407 25.59 -37.01 38.37
CA ALA A 407 26.05 -35.77 37.74
C ALA A 407 24.88 -34.79 37.53
N LEU A 408 23.65 -35.32 37.50
CA LEU A 408 22.44 -34.47 37.48
C LEU A 408 21.75 -34.35 38.85
N GLY A 409 21.80 -35.44 39.63
CA GLY A 409 21.20 -35.45 40.96
C GLY A 409 19.77 -35.98 41.00
N GLU A 410 19.31 -36.33 42.19
CA GLU A 410 17.98 -36.90 42.34
C GLU A 410 16.98 -36.17 41.46
N HIS A 411 16.70 -34.91 41.78
CA HIS A 411 15.58 -34.15 41.21
C HIS A 411 15.62 -34.05 39.69
N LEU A 412 16.70 -33.48 39.16
CA LEU A 412 16.86 -33.39 37.73
C LEU A 412 16.65 -34.75 37.06
N PHE A 413 17.56 -35.69 37.34
CA PHE A 413 17.48 -37.03 36.79
C PHE A 413 16.04 -37.54 36.75
N GLU A 414 15.35 -37.41 37.88
CA GLU A 414 14.01 -37.95 38.01
C GLU A 414 13.10 -37.33 36.96
N HIS A 415 12.94 -36.01 37.06
CA HIS A 415 12.03 -35.28 36.17
C HIS A 415 12.46 -35.36 34.73
N PHE A 416 13.75 -35.24 34.49
CA PHE A 416 14.27 -35.30 33.16
C PHE A 416 13.75 -36.56 32.44
N ILE A 417 14.15 -37.74 32.90
CA ILE A 417 13.60 -38.99 32.36
C ILE A 417 12.07 -38.96 32.23
N GLU A 418 11.38 -38.69 33.34
CA GLU A 418 9.94 -38.72 33.31
C GLU A 418 9.50 -38.10 32.00
N ALA A 419 9.92 -36.84 31.80
CA ALA A 419 9.52 -36.04 30.66
C ALA A 419 9.97 -36.66 29.34
N LYS A 420 11.13 -37.31 29.36
CA LYS A 420 11.69 -37.82 28.15
C LYS A 420 11.12 -39.19 27.79
N GLU A 421 10.59 -39.90 28.77
CA GLU A 421 9.96 -41.18 28.48
C GLU A 421 8.57 -40.95 27.92
N ILE A 422 8.09 -39.73 28.12
CA ILE A 422 6.82 -39.28 27.57
C ILE A 422 6.96 -38.90 26.09
N GLU A 423 7.98 -38.11 25.76
CA GLU A 423 8.21 -37.78 24.36
C GLU A 423 8.29 -39.02 23.48
N TRP A 424 9.03 -40.04 23.93
CA TRP A 424 9.19 -41.28 23.17
C TRP A 424 7.82 -41.90 22.96
N ASP A 425 7.09 -42.01 24.05
CA ASP A 425 5.74 -42.55 23.99
C ASP A 425 4.87 -41.80 23.00
N MET A 426 4.81 -40.47 23.14
CA MET A 426 4.08 -39.64 22.19
C MET A 426 4.51 -39.97 20.75
N PHE A 427 5.80 -40.28 20.58
CA PHE A 427 6.38 -40.51 19.26
C PHE A 427 6.31 -41.98 18.76
N ARG A 428 6.17 -42.95 19.65
CA ARG A 428 6.12 -44.32 19.21
C ARG A 428 4.66 -44.74 19.05
N THR A 429 3.78 -43.86 19.54
CA THR A 429 2.33 -44.05 19.52
C THR A 429 1.72 -43.26 18.37
N GLN A 430 2.47 -42.27 17.89
CA GLN A 430 2.11 -41.54 16.68
C GLN A 430 1.99 -42.46 15.47
N VAL A 431 1.26 -41.98 14.46
CA VAL A 431 1.21 -42.68 13.18
C VAL A 431 1.56 -41.66 12.07
N HIS A 432 2.80 -41.69 11.59
CA HIS A 432 3.27 -40.68 10.64
C HIS A 432 2.95 -41.00 9.20
N PRO A 433 2.74 -39.95 8.38
CA PRO A 433 2.54 -40.11 6.94
C PRO A 433 3.46 -41.18 6.32
N TRP A 434 4.72 -41.26 6.75
CA TRP A 434 5.60 -42.29 6.22
C TRP A 434 4.92 -43.65 6.34
N GLU A 435 4.58 -44.03 7.56
CA GLU A 435 3.89 -45.28 7.86
C GLU A 435 2.72 -45.52 6.90
N ARG A 436 1.99 -44.47 6.55
CA ARG A 436 0.90 -44.63 5.60
C ARG A 436 1.48 -44.77 4.22
N GLU A 437 2.44 -43.91 3.90
CA GLU A 437 2.96 -43.88 2.54
C GLU A 437 3.37 -45.25 2.13
N GLN A 438 3.89 -45.99 3.11
CA GLN A 438 4.61 -47.23 2.89
C GLN A 438 3.75 -48.47 2.91
N TYR A 439 2.85 -48.54 3.88
CA TYR A 439 2.11 -49.77 4.16
C TYR A 439 0.63 -49.82 3.67
N MET A 440 -0.03 -48.66 3.55
CA MET A 440 -1.51 -48.61 3.35
C MET A 440 -1.96 -49.24 2.04
N SER A 441 -1.06 -49.20 1.06
CA SER A 441 -1.33 -49.82 -0.24
C SER A 441 -0.47 -51.07 -0.45
N GLN A 442 0.75 -51.06 0.11
CA GLN A 442 1.57 -52.27 0.12
C GLN A 442 0.79 -53.41 0.76
N TYR A 443 0.18 -53.14 1.92
CA TYR A 443 -0.60 -54.14 2.67
C TYR A 443 -2.13 -53.90 2.71
N ALA B 1 52.68 -2.63 -0.80
CA ALA B 1 52.80 -1.22 -1.19
C ALA B 1 51.52 -0.43 -0.90
N LYS B 2 50.47 -0.67 -1.70
CA LYS B 2 49.20 0.12 -1.70
C LYS B 2 48.74 0.68 -0.35
N TYR B 3 48.80 -0.15 0.69
CA TYR B 3 48.41 0.21 2.06
C TYR B 3 49.37 -0.36 3.08
N THR B 4 49.23 0.13 4.31
CA THR B 4 50.02 -0.31 5.46
C THR B 4 49.10 -0.54 6.66
N ARG B 5 49.50 -1.42 7.58
CA ARG B 5 48.64 -1.74 8.71
C ARG B 5 48.25 -0.52 9.58
N GLU B 6 49.00 0.58 9.47
CA GLU B 6 48.68 1.80 10.21
C GLU B 6 47.60 2.59 9.50
N ASP B 7 47.64 2.56 8.17
CA ASP B 7 46.64 3.23 7.35
C ASP B 7 45.26 2.59 7.57
N ILE B 8 45.26 1.28 7.86
CA ILE B 8 44.05 0.46 7.99
C ILE B 8 43.33 0.65 9.31
N GLU B 9 44.02 0.27 10.39
CA GLU B 9 43.51 0.41 11.74
C GLU B 9 43.11 1.84 12.05
N LYS B 10 43.63 2.79 11.26
CA LYS B 10 43.20 4.18 11.30
C LYS B 10 41.91 4.33 10.49
N LEU B 11 41.88 3.73 9.29
CA LEU B 11 40.74 3.84 8.38
C LEU B 11 39.46 3.17 8.89
N VAL B 12 39.62 2.03 9.56
CA VAL B 12 38.49 1.31 10.15
C VAL B 12 37.86 2.09 11.31
N LYS B 13 38.72 2.83 12.02
CA LYS B 13 38.28 3.71 13.10
C LYS B 13 37.56 4.92 12.53
N GLU B 14 38.14 5.49 11.48
CA GLU B 14 37.56 6.60 10.76
C GLU B 14 36.18 6.32 10.14
N GLU B 15 36.09 5.27 9.34
CA GLU B 15 34.92 5.04 8.50
C GLU B 15 33.81 4.44 9.33
N ASN B 16 34.22 3.84 10.44
CA ASN B 16 33.29 3.25 11.41
C ASN B 16 32.98 1.81 11.06
N VAL B 17 33.91 1.15 10.39
CA VAL B 17 33.71 -0.25 10.09
C VAL B 17 33.33 -0.96 11.38
N LYS B 18 32.37 -1.88 11.27
CA LYS B 18 31.90 -2.61 12.43
C LYS B 18 31.82 -4.12 12.11
N TYR B 19 32.24 -4.48 10.90
CA TYR B 19 32.19 -5.87 10.42
C TYR B 19 33.35 -6.09 9.44
N ILE B 20 34.02 -7.23 9.53
CA ILE B 20 35.11 -7.56 8.61
C ILE B 20 34.84 -8.87 7.86
N ARG B 21 34.62 -8.80 6.56
CA ARG B 21 34.33 -10.00 5.78
C ARG B 21 35.59 -10.54 5.12
N LEU B 22 36.32 -11.37 5.84
CA LEU B 22 37.58 -11.90 5.34
C LEU B 22 37.37 -12.89 4.21
N GLN B 23 37.25 -12.40 2.99
CA GLN B 23 36.83 -13.26 1.87
C GLN B 23 37.96 -14.06 1.27
N PHE B 24 37.64 -15.26 0.81
CA PHE B 24 38.51 -15.97 -0.10
C PHE B 24 37.73 -16.60 -1.25
N THR B 25 38.22 -17.70 -1.79
CA THR B 25 37.69 -18.25 -3.02
C THR B 25 37.98 -19.74 -3.15
N ASP B 26 36.94 -20.55 -3.13
CA ASP B 26 37.14 -21.99 -3.24
C ASP B 26 37.52 -22.39 -4.64
N ILE B 27 37.58 -23.70 -4.88
CA ILE B 27 38.14 -24.26 -6.10
C ILE B 27 37.20 -24.11 -7.33
N LEU B 28 35.90 -24.23 -7.11
CA LEU B 28 34.93 -24.03 -8.19
C LEU B 28 34.87 -22.55 -8.57
N GLY B 29 35.56 -21.73 -7.78
CA GLY B 29 35.63 -20.29 -8.01
C GLY B 29 34.60 -19.46 -7.26
N THR B 30 33.93 -20.08 -6.30
CA THR B 30 32.88 -19.42 -5.57
C THR B 30 33.50 -18.51 -4.51
N ILE B 31 32.71 -17.55 -4.03
CA ILE B 31 33.24 -16.52 -3.17
C ILE B 31 33.06 -16.86 -1.68
N LYS B 32 34.04 -17.61 -1.16
CA LYS B 32 34.08 -17.99 0.26
C LYS B 32 34.39 -16.78 1.12
N ASN B 33 34.19 -16.93 2.42
CA ASN B 33 34.22 -15.79 3.31
C ASN B 33 33.91 -16.22 4.73
N VAL B 34 34.82 -15.90 5.63
CA VAL B 34 34.55 -16.03 7.06
C VAL B 34 34.62 -14.64 7.65
N GLU B 35 33.57 -14.29 8.36
CA GLU B 35 33.39 -12.92 8.82
C GLU B 35 33.49 -12.81 10.33
N ILE B 36 34.13 -11.74 10.79
CA ILE B 36 34.38 -11.47 12.21
C ILE B 36 33.93 -10.06 12.54
N PRO B 37 33.56 -9.79 13.81
CA PRO B 37 33.19 -8.41 14.10
C PRO B 37 34.45 -7.56 14.06
N VAL B 38 34.32 -6.25 13.90
CA VAL B 38 35.52 -5.39 13.81
C VAL B 38 36.35 -5.46 15.08
N SER B 39 35.67 -5.72 16.20
CA SER B 39 36.34 -5.89 17.48
C SER B 39 37.50 -6.88 17.36
N GLN B 40 37.47 -7.71 16.32
CA GLN B 40 38.44 -8.79 16.14
C GLN B 40 39.43 -8.57 15.01
N LEU B 41 39.80 -7.31 14.77
CA LEU B 41 40.74 -6.97 13.71
C LEU B 41 42.22 -7.35 14.03
N GLY B 42 42.68 -7.01 15.23
CA GLY B 42 44.01 -7.38 15.67
C GLY B 42 44.34 -8.82 15.31
N LYS B 43 43.66 -9.77 15.94
CA LYS B 43 43.86 -11.20 15.65
C LYS B 43 43.94 -11.49 14.16
N ALA B 44 43.15 -10.73 13.40
CA ALA B 44 43.01 -10.93 11.96
C ALA B 44 44.27 -10.52 11.20
N LEU B 45 44.70 -9.29 11.45
CA LEU B 45 45.89 -8.70 10.83
C LEU B 45 47.18 -9.35 11.34
N ASP B 46 47.07 -10.08 12.44
CA ASP B 46 48.18 -10.87 12.97
C ASP B 46 48.37 -12.14 12.14
N ASN B 47 47.37 -12.46 11.33
CA ASN B 47 47.34 -13.70 10.55
C ASN B 47 47.04 -14.90 11.44
N LYS B 48 46.07 -14.76 12.36
CA LYS B 48 45.81 -15.84 13.32
C LYS B 48 44.47 -16.57 13.11
N VAL B 49 43.50 -15.88 12.52
CA VAL B 49 42.19 -16.46 12.30
C VAL B 49 42.28 -17.84 11.66
N MET B 50 41.68 -18.84 12.30
CA MET B 50 41.63 -20.20 11.74
C MET B 50 40.22 -20.58 11.31
N PHE B 51 40.13 -21.17 10.12
CA PHE B 51 38.86 -21.54 9.53
C PHE B 51 39.09 -22.89 8.92
N ASP B 52 38.02 -23.64 8.70
CA ASP B 52 38.20 -24.96 8.11
C ASP B 52 38.61 -24.86 6.63
N GLY B 53 39.84 -25.28 6.36
CA GLY B 53 40.40 -25.18 5.02
C GLY B 53 39.81 -26.13 3.98
N SER B 54 39.31 -27.28 4.44
CA SER B 54 38.71 -28.25 3.52
C SER B 54 37.61 -27.62 2.68
N SER B 55 37.19 -26.41 3.05
CA SER B 55 36.14 -25.71 2.32
C SER B 55 36.59 -25.36 0.90
N ILE B 56 37.84 -24.92 0.75
CA ILE B 56 38.46 -24.62 -0.54
C ILE B 56 38.20 -25.74 -1.56
N GLU B 57 37.77 -26.90 -1.06
CA GLU B 57 37.57 -28.06 -1.91
C GLU B 57 36.12 -28.13 -2.42
N GLY B 58 35.25 -27.38 -1.76
CA GLY B 58 33.88 -27.28 -2.22
C GLY B 58 33.06 -28.48 -1.81
N PHE B 59 32.15 -28.89 -2.69
CA PHE B 59 31.18 -29.91 -2.31
C PHE B 59 31.83 -31.31 -2.15
N VAL B 60 33.13 -31.39 -2.46
CA VAL B 60 33.87 -32.66 -2.49
C VAL B 60 34.88 -32.85 -1.36
N ARG B 61 34.94 -31.88 -0.46
CA ARG B 61 35.62 -32.05 0.82
C ARG B 61 35.15 -33.30 1.58
N ILE B 62 36.03 -33.82 2.44
CA ILE B 62 35.65 -34.90 3.35
C ILE B 62 35.94 -34.62 4.86
N GLU B 63 37.21 -34.47 5.25
CA GLU B 63 37.56 -34.21 6.64
C GLU B 63 37.95 -32.72 6.87
N GLU B 64 37.86 -32.22 8.11
CA GLU B 64 38.29 -30.82 8.33
C GLU B 64 39.75 -30.61 8.74
N SER B 65 40.46 -29.84 7.93
CA SER B 65 41.83 -29.45 8.24
C SER B 65 41.88 -27.97 8.57
N ASP B 66 42.20 -27.65 9.82
CA ASP B 66 42.32 -26.27 10.23
C ASP B 66 43.35 -25.53 9.40
N MET B 67 42.99 -24.34 8.94
CA MET B 67 43.93 -23.47 8.23
C MET B 67 43.79 -21.98 8.57
N TYR B 68 44.84 -21.23 8.24
CA TYR B 68 44.96 -19.83 8.61
C TYR B 68 44.57 -18.91 7.46
N LEU B 69 44.20 -17.67 7.78
CA LEU B 69 43.87 -16.66 6.79
C LEU B 69 44.86 -15.49 6.84
N TYR B 70 45.71 -15.38 5.82
CA TYR B 70 46.65 -14.27 5.70
C TYR B 70 46.10 -13.22 4.74
N PRO B 71 45.54 -12.12 5.27
CA PRO B 71 44.94 -11.05 4.44
C PRO B 71 45.99 -10.31 3.61
N ASP B 72 45.57 -9.70 2.49
CA ASP B 72 46.46 -8.87 1.68
C ASP B 72 46.01 -7.43 1.84
N LEU B 73 46.74 -6.69 2.67
CA LEU B 73 46.42 -5.30 3.01
C LEU B 73 46.14 -4.35 1.82
N ASN B 74 46.63 -4.72 0.64
CA ASN B 74 46.43 -3.92 -0.56
C ASN B 74 45.14 -4.32 -1.30
N THR B 75 44.21 -4.93 -0.56
CA THR B 75 42.93 -5.40 -1.10
C THR B 75 41.78 -4.91 -0.24
N PHE B 76 42.11 -4.07 0.73
CA PHE B 76 41.14 -3.53 1.66
C PHE B 76 40.12 -2.72 0.92
N VAL B 77 38.85 -2.82 1.34
CA VAL B 77 37.74 -2.09 0.70
C VAL B 77 36.55 -1.85 1.64
N ILE B 78 36.05 -0.62 1.73
CA ILE B 78 34.90 -0.34 2.58
C ILE B 78 33.62 -0.29 1.74
N PHE B 79 32.75 -1.27 1.92
CA PHE B 79 31.52 -1.37 1.13
C PHE B 79 30.63 -0.15 1.34
N PRO B 80 30.20 0.48 0.22
CA PRO B 80 29.18 1.54 0.22
C PRO B 80 27.96 1.18 1.08
N TRP B 81 27.45 -0.03 0.89
CA TRP B 81 26.34 -0.60 1.66
C TRP B 81 26.56 -0.69 3.19
N THR B 82 25.96 0.27 3.90
CA THR B 82 26.03 0.35 5.36
C THR B 82 25.18 -0.73 6.06
N ALA B 83 25.57 -1.08 7.28
CA ALA B 83 24.72 -1.86 8.17
C ALA B 83 24.18 -0.87 9.20
N GLU B 84 23.09 -1.23 9.88
CA GLU B 84 22.44 -0.26 10.76
C GLU B 84 23.32 0.19 11.94
N LYS B 85 24.54 -0.37 12.02
CA LYS B 85 25.48 -0.06 13.11
C LYS B 85 26.94 0.19 12.65
N GLY B 86 27.10 0.85 11.50
CA GLY B 86 28.42 1.08 10.92
C GLY B 86 28.51 0.42 9.56
N LYS B 87 29.70 0.40 8.95
CA LYS B 87 29.87 -0.17 7.62
C LYS B 87 30.67 -1.46 7.65
N VAL B 88 30.77 -2.13 6.50
CA VAL B 88 31.42 -3.45 6.38
C VAL B 88 32.75 -3.40 5.59
N ALA B 89 33.75 -4.16 6.02
CA ALA B 89 35.07 -4.10 5.37
C ALA B 89 35.55 -5.44 4.86
N ARG B 90 36.16 -5.46 3.68
CA ARG B 90 36.59 -6.73 3.09
C ARG B 90 38.12 -6.88 3.07
N PHE B 91 38.58 -8.10 2.84
CA PHE B 91 39.99 -8.44 2.93
C PHE B 91 40.22 -9.73 2.15
N ILE B 92 40.95 -9.68 1.03
CA ILE B 92 41.23 -10.93 0.31
C ILE B 92 42.45 -11.57 0.93
N CYS B 93 42.38 -12.87 1.18
CA CYS B 93 43.38 -13.54 1.99
C CYS B 93 43.85 -14.85 1.37
N ASP B 94 45.13 -15.15 1.57
CA ASP B 94 45.70 -16.43 1.14
C ASP B 94 45.58 -17.47 2.26
N ILE B 95 45.50 -18.74 1.88
CA ILE B 95 45.31 -19.82 2.84
C ILE B 95 46.66 -20.46 3.13
N TYR B 96 46.96 -20.63 4.42
CA TYR B 96 48.21 -21.29 4.82
C TYR B 96 47.95 -22.55 5.64
N ASN B 97 48.73 -23.60 5.39
CA ASN B 97 48.71 -24.85 6.17
C ASN B 97 48.84 -24.49 7.66
N PRO B 98 48.61 -25.47 8.57
CA PRO B 98 48.72 -25.07 9.99
C PRO B 98 50.15 -24.62 10.36
N ASP B 99 51.17 -25.43 10.01
CA ASP B 99 52.60 -25.16 10.26
C ASP B 99 53.14 -23.76 9.82
N GLY B 100 53.41 -23.59 8.53
CA GLY B 100 53.87 -22.31 8.04
C GLY B 100 53.70 -22.16 6.54
N THR B 101 53.87 -23.27 5.83
CA THR B 101 53.78 -23.29 4.38
C THR B 101 52.41 -22.80 3.91
N PRO B 102 52.37 -22.18 2.73
CA PRO B 102 51.10 -21.90 2.05
C PRO B 102 50.44 -23.20 1.59
N PHE B 103 49.12 -23.20 1.71
CA PHE B 103 48.30 -24.30 1.26
C PHE B 103 48.37 -24.38 -0.25
N GLU B 104 48.90 -25.49 -0.74
CA GLU B 104 49.11 -25.68 -2.18
C GLU B 104 47.80 -25.65 -2.99
N GLY B 105 46.69 -25.94 -2.34
CA GLY B 105 45.42 -26.07 -3.02
C GLY B 105 44.68 -24.76 -3.14
N ASP B 106 45.36 -23.66 -2.84
CA ASP B 106 44.69 -22.39 -2.89
C ASP B 106 44.88 -21.71 -4.23
N PRO B 107 43.80 -21.63 -5.04
CA PRO B 107 43.92 -21.05 -6.37
C PRO B 107 44.72 -19.74 -6.41
N ARG B 108 44.72 -18.94 -5.34
CA ARG B 108 45.45 -17.65 -5.33
C ARG B 108 46.96 -17.78 -5.12
N ASN B 109 47.37 -18.67 -4.22
CA ASN B 109 48.79 -18.99 -4.15
C ASN B 109 49.15 -19.58 -5.50
N ASN B 110 48.41 -20.61 -5.93
CA ASN B 110 48.77 -21.33 -7.16
C ASN B 110 49.09 -20.41 -8.34
N LEU B 111 48.50 -19.23 -8.35
CA LEU B 111 48.74 -18.23 -9.39
C LEU B 111 49.94 -17.37 -9.03
N LYS B 112 50.22 -17.22 -7.74
CA LYS B 112 51.48 -16.59 -7.33
C LYS B 112 52.67 -17.44 -7.75
N ARG B 113 52.58 -18.76 -7.56
CA ARG B 113 53.68 -19.68 -7.89
C ARG B 113 53.98 -19.75 -9.37
N ILE B 114 52.95 -19.98 -10.18
CA ILE B 114 53.13 -19.98 -11.61
C ILE B 114 53.67 -18.60 -12.04
N LEU B 115 53.21 -17.55 -11.36
CA LEU B 115 53.69 -16.17 -11.58
C LEU B 115 55.10 -15.96 -11.04
N LYS B 116 55.46 -16.68 -10.00
CA LYS B 116 56.82 -16.64 -9.53
C LYS B 116 57.67 -17.08 -10.68
N GLU B 117 57.19 -18.13 -11.36
CA GLU B 117 57.99 -18.89 -12.34
C GLU B 117 58.06 -18.14 -13.66
N MET B 118 57.12 -17.23 -13.83
CA MET B 118 57.14 -16.26 -14.92
C MET B 118 58.39 -15.40 -14.83
N GLU B 119 58.73 -14.93 -13.62
CA GLU B 119 59.90 -14.09 -13.43
C GLU B 119 61.21 -14.88 -13.46
N ASP B 120 61.08 -16.20 -13.31
CA ASP B 120 62.17 -17.17 -13.53
C ASP B 120 62.60 -17.27 -14.99
N LEU B 121 61.87 -16.60 -15.87
CA LEU B 121 62.34 -16.50 -17.24
C LEU B 121 62.52 -15.03 -17.57
N GLY B 122 62.24 -14.16 -16.60
CA GLY B 122 62.64 -12.76 -16.68
C GLY B 122 61.58 -11.70 -16.95
N PHE B 123 60.32 -12.11 -17.06
CA PHE B 123 59.25 -11.16 -17.34
C PHE B 123 58.72 -10.54 -16.05
N SER B 124 58.33 -9.27 -16.12
CA SER B 124 58.01 -8.46 -14.94
C SER B 124 56.55 -8.57 -14.47
N ASP B 125 55.61 -8.40 -15.39
CA ASP B 125 54.19 -8.49 -15.05
C ASP B 125 53.50 -9.50 -15.97
N PHE B 126 52.25 -9.81 -15.66
CA PHE B 126 51.40 -10.57 -16.56
C PHE B 126 50.00 -9.92 -16.47
N ASN B 127 49.70 -9.01 -17.40
CA ASN B 127 48.55 -8.10 -17.26
C ASN B 127 47.25 -8.62 -17.88
N LEU B 128 46.11 -8.20 -17.35
CA LEU B 128 44.84 -8.79 -17.80
C LEU B 128 43.74 -7.76 -18.02
N GLY B 129 43.15 -7.81 -19.21
CA GLY B 129 41.93 -7.08 -19.47
C GLY B 129 40.83 -8.08 -19.78
N PRO B 130 39.91 -8.28 -18.83
CA PRO B 130 38.77 -9.20 -19.00
C PRO B 130 37.51 -8.48 -19.46
N GLU B 131 36.79 -9.14 -20.36
CA GLU B 131 35.54 -8.65 -20.89
C GLU B 131 34.42 -9.64 -20.51
N PRO B 132 34.03 -9.63 -19.22
CA PRO B 132 33.15 -10.60 -18.58
C PRO B 132 31.68 -10.23 -18.76
N GLU B 133 30.93 -11.07 -19.48
CA GLU B 133 29.52 -10.83 -19.83
C GLU B 133 28.53 -11.50 -18.85
N PHE B 134 27.44 -10.81 -18.52
CA PHE B 134 26.46 -11.32 -17.54
C PHE B 134 25.01 -11.01 -17.99
N PHE B 135 24.01 -11.62 -17.36
CA PHE B 135 22.60 -11.45 -17.75
C PHE B 135 21.82 -10.89 -16.58
N LEU B 136 20.77 -10.11 -16.85
CA LEU B 136 19.86 -9.70 -15.78
C LEU B 136 18.47 -10.30 -15.95
N PHE B 137 18.03 -11.05 -14.95
CA PHE B 137 16.71 -11.67 -14.95
C PHE B 137 15.77 -11.02 -13.93
N LYS B 138 14.48 -11.11 -14.17
CA LYS B 138 13.54 -10.52 -13.23
C LYS B 138 13.36 -11.44 -12.03
N LEU B 139 12.67 -10.94 -11.01
CA LEU B 139 12.36 -11.72 -9.83
C LEU B 139 10.86 -11.69 -9.55
N ASP B 140 10.32 -12.79 -9.05
CA ASP B 140 8.90 -12.78 -8.65
C ASP B 140 8.76 -12.31 -7.20
N GLU B 141 7.52 -12.21 -6.74
CA GLU B 141 7.26 -11.78 -5.38
C GLU B 141 8.20 -12.49 -4.39
N LYS B 142 8.37 -13.80 -4.58
CA LYS B 142 9.04 -14.68 -3.62
C LYS B 142 10.57 -14.61 -3.55
N GLY B 143 11.15 -13.64 -4.24
CA GLY B 143 12.60 -13.53 -4.37
C GLY B 143 13.10 -14.58 -5.34
N GLU B 144 12.17 -15.15 -6.08
CA GLU B 144 12.47 -16.24 -6.97
C GLU B 144 12.79 -15.78 -8.39
N PRO B 145 14.05 -15.99 -8.81
CA PRO B 145 14.48 -15.68 -10.17
C PRO B 145 13.55 -16.34 -11.18
N THR B 146 13.00 -15.51 -12.05
CA THR B 146 12.14 -16.01 -13.09
C THR B 146 13.03 -16.32 -14.28
N LEU B 147 12.45 -16.23 -15.48
CA LEU B 147 13.25 -16.24 -16.70
C LEU B 147 12.88 -15.10 -17.68
N GLU B 148 12.24 -14.04 -17.18
CA GLU B 148 12.07 -12.85 -18.01
C GLU B 148 13.15 -11.83 -17.69
N LEU B 149 13.55 -11.13 -18.75
CA LEU B 149 14.71 -10.29 -18.77
C LEU B 149 14.31 -8.89 -18.41
N ASN B 150 15.27 -8.14 -17.91
CA ASN B 150 14.99 -6.78 -17.48
C ASN B 150 14.71 -5.91 -18.68
N ASP B 151 14.99 -6.43 -19.88
CA ASP B 151 14.73 -5.65 -21.10
C ASP B 151 14.74 -6.47 -22.41
N LYS B 152 14.55 -5.80 -23.53
CA LYS B 152 14.64 -6.44 -24.84
C LYS B 152 15.58 -5.68 -25.80
N GLY B 153 16.79 -5.41 -25.32
CA GLY B 153 17.77 -4.69 -26.10
C GLY B 153 18.70 -5.64 -26.82
N GLY B 154 19.59 -5.08 -27.62
CA GLY B 154 20.53 -5.85 -28.40
C GLY B 154 21.90 -5.20 -28.38
N TYR B 155 22.78 -5.69 -29.26
CA TYR B 155 24.20 -5.35 -29.25
C TYR B 155 24.45 -3.85 -29.27
N PHE B 156 25.19 -3.36 -28.27
CA PHE B 156 25.55 -1.94 -28.10
C PHE B 156 24.36 -0.97 -27.99
N ASP B 157 23.15 -1.49 -27.92
CA ASP B 157 21.98 -0.67 -27.70
C ASP B 157 22.09 0.23 -26.46
N LEU B 158 21.17 1.19 -26.39
CA LEU B 158 20.95 1.97 -25.19
C LEU B 158 20.10 1.12 -24.23
N ALA B 159 20.74 0.46 -23.26
CA ALA B 159 20.05 -0.34 -22.25
C ALA B 159 19.09 0.54 -21.43
N PRO B 160 18.39 -0.04 -20.42
CA PRO B 160 17.31 0.74 -19.83
C PRO B 160 17.71 2.20 -19.56
N THR B 161 17.02 3.15 -20.18
CA THR B 161 17.35 4.57 -20.10
C THR B 161 17.61 5.05 -18.65
N ASP B 162 18.14 6.27 -18.51
CA ASP B 162 18.55 6.81 -17.21
C ASP B 162 17.36 7.24 -16.35
N LEU B 163 16.18 6.85 -16.80
CA LEU B 163 14.97 7.04 -16.01
C LEU B 163 14.39 5.70 -15.63
N GLY B 164 15.06 5.03 -14.69
CA GLY B 164 14.55 3.80 -14.16
C GLY B 164 15.61 2.86 -13.65
N GLU B 165 15.52 1.61 -14.11
CA GLU B 165 16.41 0.55 -13.67
C GLU B 165 17.87 0.94 -13.88
N ASN B 166 18.30 0.90 -15.13
CA ASN B 166 19.70 0.95 -15.45
C ASN B 166 20.56 0.35 -14.34
N CYS B 167 20.41 -0.97 -14.17
CA CYS B 167 21.18 -1.70 -13.19
C CYS B 167 22.65 -1.55 -13.59
N ARG B 168 22.95 -1.76 -14.88
CA ARG B 168 24.31 -1.64 -15.38
C ARG B 168 24.94 -0.25 -15.12
N ARG B 169 24.19 0.82 -15.33
CA ARG B 169 24.70 2.15 -15.03
C ARG B 169 25.10 2.15 -13.58
N ASP B 170 24.09 2.08 -12.71
CA ASP B 170 24.32 2.13 -11.27
C ASP B 170 25.33 1.07 -10.78
N ILE B 171 25.46 -0.05 -11.48
CA ILE B 171 26.44 -1.06 -11.07
C ILE B 171 27.83 -0.49 -11.26
N VAL B 172 28.03 0.19 -12.38
CA VAL B 172 29.33 0.75 -12.73
C VAL B 172 29.65 1.99 -11.89
N LEU B 173 28.62 2.75 -11.49
CA LEU B 173 28.80 3.95 -10.67
C LEU B 173 29.18 3.61 -9.23
N GLU B 174 28.82 2.42 -8.79
CA GLU B 174 29.08 1.99 -7.42
C GLU B 174 30.49 1.42 -7.31
N LEU B 175 31.01 0.91 -8.42
CA LEU B 175 32.35 0.28 -8.48
C LEU B 175 33.46 1.33 -8.52
N GLU B 176 33.12 2.49 -9.08
CA GLU B 176 34.09 3.58 -9.25
C GLU B 176 34.40 4.32 -7.94
N GLU B 177 33.43 4.45 -7.05
CA GLU B 177 33.73 4.88 -5.69
C GLU B 177 34.72 3.87 -5.10
N MET B 178 34.52 2.61 -5.45
CA MET B 178 35.30 1.51 -4.90
C MET B 178 36.73 1.50 -5.45
N GLY B 179 37.09 2.57 -6.15
CA GLY B 179 38.43 2.71 -6.66
C GLY B 179 38.72 1.67 -7.72
N PHE B 180 37.71 1.38 -8.53
CA PHE B 180 37.85 0.47 -9.66
C PHE B 180 38.35 1.21 -10.88
N GLU B 181 38.61 0.47 -11.95
CA GLU B 181 38.92 1.10 -13.24
C GLU B 181 38.26 0.39 -14.42
N ILE B 182 37.01 0.78 -14.67
CA ILE B 182 36.21 0.26 -15.77
C ILE B 182 36.44 1.02 -17.07
N GLU B 183 36.74 0.29 -18.15
CA GLU B 183 36.94 0.88 -19.49
C GLU B 183 35.64 1.43 -20.11
N ALA B 184 34.59 0.61 -20.13
CA ALA B 184 33.32 0.97 -20.74
C ALA B 184 32.35 -0.17 -20.63
N SER B 185 31.08 0.12 -20.85
CA SER B 185 30.07 -0.91 -20.76
C SER B 185 28.93 -0.62 -21.73
N HIS B 186 28.42 -1.69 -22.33
CA HIS B 186 27.40 -1.61 -23.35
C HIS B 186 26.47 -2.77 -23.19
N HIS B 187 25.22 -2.58 -23.58
CA HIS B 187 24.30 -3.69 -23.75
C HIS B 187 24.92 -4.70 -24.71
N GLU B 188 24.86 -6.00 -24.39
CA GLU B 188 25.40 -7.03 -25.29
C GLU B 188 24.36 -7.62 -26.26
N VAL B 189 24.67 -8.75 -26.90
CA VAL B 189 23.86 -9.26 -28.01
C VAL B 189 22.39 -9.65 -27.70
N ALA B 190 22.15 -10.29 -26.56
CA ALA B 190 20.81 -10.79 -26.25
C ALA B 190 20.08 -9.85 -25.30
N PRO B 191 18.74 -9.84 -25.31
CA PRO B 191 17.98 -9.07 -24.32
C PRO B 191 18.44 -9.44 -22.91
N GLY B 192 18.62 -8.44 -22.07
CA GLY B 192 19.00 -8.67 -20.70
C GLY B 192 20.48 -8.91 -20.54
N GLN B 193 21.19 -9.09 -21.65
CA GLN B 193 22.63 -9.30 -21.57
C GLN B 193 23.41 -7.99 -21.56
N HIS B 194 24.36 -7.93 -20.62
CA HIS B 194 25.15 -6.73 -20.37
C HIS B 194 26.64 -7.06 -20.30
N GLU B 195 27.49 -6.05 -20.43
CA GLU B 195 28.94 -6.27 -20.33
C GLU B 195 29.62 -5.04 -19.72
N ILE B 196 30.65 -5.27 -18.92
CA ILE B 196 31.47 -4.21 -18.36
C ILE B 196 32.92 -4.66 -18.51
N ASP B 197 33.64 -4.04 -19.43
CA ASP B 197 35.00 -4.45 -19.71
C ASP B 197 35.91 -3.73 -18.71
N PHE B 198 37.07 -4.33 -18.44
CA PHE B 198 37.97 -3.80 -17.42
C PHE B 198 39.23 -3.19 -17.97
N LYS B 199 39.72 -2.17 -17.30
CA LYS B 199 41.04 -1.66 -17.59
C LYS B 199 42.01 -2.69 -17.05
N TYR B 200 43.01 -3.03 -17.84
CA TYR B 200 43.89 -4.13 -17.50
C TYR B 200 44.76 -3.85 -16.28
N ALA B 201 45.27 -4.92 -15.69
CA ALA B 201 46.09 -4.83 -14.48
C ALA B 201 46.78 -6.16 -14.25
N GLY B 202 47.85 -6.14 -13.45
CA GLY B 202 48.55 -7.38 -13.10
C GLY B 202 47.56 -8.49 -12.80
N ALA B 203 47.92 -9.73 -13.13
CA ALA B 203 47.00 -10.85 -12.96
C ALA B 203 46.33 -10.86 -11.57
N VAL B 204 47.09 -11.10 -10.52
CA VAL B 204 46.47 -11.18 -9.20
C VAL B 204 45.47 -10.05 -8.88
N ARG B 205 45.87 -8.77 -8.97
CA ARG B 205 44.91 -7.69 -8.74
C ARG B 205 43.77 -7.82 -9.74
N SER B 206 44.00 -8.49 -10.88
CA SER B 206 42.95 -8.66 -11.91
C SER B 206 41.94 -9.75 -11.56
N CYS B 207 42.44 -10.91 -11.16
CA CYS B 207 41.60 -12.01 -10.69
C CYS B 207 40.90 -11.69 -9.39
N ASP B 208 41.20 -10.52 -8.82
CA ASP B 208 40.58 -10.12 -7.56
C ASP B 208 39.47 -9.07 -7.82
N ASP B 209 39.65 -8.27 -8.87
CA ASP B 209 38.62 -7.33 -9.32
C ASP B 209 37.58 -8.08 -10.15
N ILE B 210 37.94 -9.30 -10.58
CA ILE B 210 37.05 -10.16 -11.37
C ILE B 210 36.07 -10.88 -10.46
N GLN B 211 36.49 -11.15 -9.23
CA GLN B 211 35.62 -11.69 -8.19
C GLN B 211 34.73 -10.57 -7.63
N THR B 212 35.37 -9.59 -6.98
CA THR B 212 34.71 -8.34 -6.54
C THR B 212 33.61 -7.86 -7.53
N PHE B 213 33.94 -7.74 -8.80
CA PHE B 213 32.95 -7.54 -9.84
C PHE B 213 31.73 -8.41 -9.56
N LYS B 214 31.80 -9.70 -9.92
CA LYS B 214 30.69 -10.62 -9.70
C LYS B 214 29.85 -10.34 -8.44
N LEU B 215 30.49 -9.82 -7.39
CA LEU B 215 29.83 -9.68 -6.11
C LEU B 215 29.01 -8.40 -6.05
N VAL B 216 29.63 -7.29 -6.44
CA VAL B 216 28.96 -6.00 -6.55
C VAL B 216 27.80 -6.06 -7.57
N VAL B 217 27.96 -6.86 -8.61
CA VAL B 217 26.89 -7.11 -9.57
C VAL B 217 25.74 -7.88 -8.96
N LYS B 218 26.02 -9.05 -8.40
CA LYS B 218 24.96 -9.87 -7.80
C LYS B 218 24.34 -9.08 -6.62
N THR B 219 25.12 -8.19 -6.01
CA THR B 219 24.62 -7.30 -4.94
C THR B 219 23.68 -6.21 -5.49
N ILE B 220 24.23 -5.34 -6.33
CA ILE B 220 23.49 -4.21 -6.90
C ILE B 220 22.21 -4.57 -7.68
N ALA B 221 22.25 -5.65 -8.45
CA ALA B 221 21.08 -6.14 -9.19
C ALA B 221 19.94 -6.60 -8.27
N ARG B 222 20.25 -7.50 -7.35
CA ARG B 222 19.34 -7.90 -6.28
C ARG B 222 18.63 -6.63 -5.75
N LYS B 223 19.42 -5.63 -5.37
CA LYS B 223 18.88 -4.39 -4.84
C LYS B 223 17.76 -3.80 -5.72
N HIS B 224 17.86 -3.91 -7.05
CA HIS B 224 16.84 -3.36 -7.93
C HIS B 224 15.75 -4.34 -8.34
N GLY B 225 15.66 -5.47 -7.64
CA GLY B 225 14.63 -6.46 -7.93
C GLY B 225 14.94 -7.32 -9.15
N LEU B 226 16.20 -7.74 -9.23
CA LEU B 226 16.70 -8.53 -10.33
C LEU B 226 17.57 -9.66 -9.79
N HIS B 227 17.84 -10.63 -10.66
CA HIS B 227 18.86 -11.65 -10.41
C HIS B 227 19.93 -11.54 -11.51
N ALA B 228 21.20 -11.55 -11.12
CA ALA B 228 22.32 -11.48 -12.06
C ALA B 228 23.11 -12.80 -12.11
N THR B 229 23.43 -13.29 -13.31
CA THR B 229 24.12 -14.57 -13.44
C THR B 229 25.20 -14.70 -14.55
N PHE B 230 26.31 -15.35 -14.20
CA PHE B 230 27.44 -15.50 -15.09
C PHE B 230 27.44 -16.85 -15.80
N MET B 231 26.37 -17.60 -15.60
CA MET B 231 26.12 -18.86 -16.29
C MET B 231 26.28 -18.72 -17.81
N PRO B 232 27.19 -19.50 -18.39
CA PRO B 232 27.59 -19.36 -19.79
C PRO B 232 26.43 -19.37 -20.79
N LYS B 233 25.46 -20.24 -20.57
CA LYS B 233 24.38 -20.43 -21.51
C LYS B 233 23.07 -20.68 -20.81
N PRO B 234 22.48 -19.60 -20.25
CA PRO B 234 21.22 -19.55 -19.49
C PRO B 234 20.04 -20.05 -20.34
N LEU B 235 19.89 -19.45 -21.50
CA LEU B 235 18.73 -19.70 -22.35
C LEU B 235 19.14 -20.31 -23.68
N PHE B 236 18.61 -21.49 -23.96
CA PHE B 236 18.84 -22.13 -25.25
C PHE B 236 18.36 -21.26 -26.39
N GLY B 237 19.21 -21.01 -27.38
CA GLY B 237 18.80 -20.26 -28.56
C GLY B 237 19.22 -18.81 -28.59
N VAL B 238 19.51 -18.26 -27.42
CA VAL B 238 20.00 -16.89 -27.34
C VAL B 238 21.51 -16.84 -27.16
N ASN B 239 22.08 -15.64 -27.20
CA ASN B 239 23.49 -15.46 -26.94
C ASN B 239 23.91 -16.10 -25.60
N GLY B 240 25.15 -16.54 -25.56
CA GLY B 240 25.75 -17.01 -24.34
C GLY B 240 26.48 -15.85 -23.71
N SER B 241 27.01 -16.06 -22.51
CA SER B 241 27.77 -15.02 -21.84
C SER B 241 29.20 -15.50 -21.73
N GLY B 242 30.07 -14.95 -22.56
CA GLY B 242 31.47 -15.29 -22.50
C GLY B 242 32.31 -14.17 -21.88
N MET B 243 33.36 -14.56 -21.16
CA MET B 243 34.31 -13.61 -20.58
C MET B 243 35.65 -13.68 -21.29
N HIS B 244 35.83 -12.89 -22.34
CA HIS B 244 37.12 -12.81 -23.03
C HIS B 244 38.26 -12.52 -22.03
N CYS B 245 39.50 -12.59 -22.49
CA CYS B 245 40.67 -12.35 -21.64
C CYS B 245 41.84 -11.78 -22.42
N ASN B 246 42.01 -10.47 -22.41
CA ASN B 246 43.13 -9.87 -23.08
C ASN B 246 44.40 -10.01 -22.24
N LEU B 247 45.42 -10.66 -22.82
CA LEU B 247 46.67 -11.05 -22.13
C LEU B 247 47.92 -10.34 -22.70
N SER B 248 48.80 -9.86 -21.85
CA SER B 248 50.07 -9.26 -22.30
C SER B 248 51.20 -9.51 -21.31
N LEU B 249 52.42 -9.70 -21.85
CA LEU B 249 53.61 -9.95 -21.03
C LEU B 249 54.52 -8.73 -21.03
N PHE B 250 54.97 -8.31 -19.86
CA PHE B 250 55.97 -7.25 -19.78
C PHE B 250 57.34 -7.82 -19.41
N LYS B 251 58.38 -7.16 -19.90
CA LYS B 251 59.76 -7.39 -19.43
C LYS B 251 60.41 -6.02 -19.24
N ASN B 252 60.91 -5.77 -18.03
CA ASN B 252 61.56 -4.50 -17.73
C ASN B 252 60.60 -3.30 -17.93
N GLY B 253 59.31 -3.47 -17.58
CA GLY B 253 58.34 -2.40 -17.66
C GLY B 253 57.83 -2.19 -19.07
N VAL B 254 58.22 -3.08 -19.98
CA VAL B 254 57.96 -2.95 -21.41
C VAL B 254 57.25 -4.18 -21.99
N ASN B 255 56.25 -3.97 -22.86
CA ASN B 255 55.50 -5.08 -23.48
C ASN B 255 56.32 -5.96 -24.45
N ALA B 256 56.31 -7.27 -24.22
CA ALA B 256 57.16 -8.19 -24.97
C ALA B 256 56.60 -8.64 -26.33
N PHE B 257 55.29 -8.55 -26.51
CA PHE B 257 54.68 -9.07 -27.72
C PHE B 257 54.99 -8.21 -28.93
N PHE B 258 55.21 -6.93 -28.66
CA PHE B 258 55.46 -5.95 -29.70
C PHE B 258 56.88 -6.07 -30.22
N ASP B 259 57.02 -5.99 -31.54
CA ASP B 259 58.33 -5.95 -32.20
C ASP B 259 58.18 -5.19 -33.52
N GLU B 260 58.73 -3.98 -33.58
CA GLU B 260 58.54 -3.10 -34.73
C GLU B 260 58.77 -3.81 -36.06
N ASN B 261 59.99 -4.34 -36.19
CA ASN B 261 60.46 -4.96 -37.42
C ASN B 261 59.79 -6.29 -37.73
N ALA B 262 59.92 -7.25 -36.82
CA ALA B 262 59.38 -8.60 -37.02
C ALA B 262 57.93 -8.65 -37.56
N ASP B 263 57.55 -9.82 -38.08
CA ASP B 263 56.24 -9.99 -38.74
C ASP B 263 55.09 -9.56 -37.83
N LEU B 264 54.20 -8.73 -38.36
CA LEU B 264 52.97 -8.35 -37.66
C LEU B 264 53.22 -7.46 -36.44
N GLN B 265 54.48 -7.10 -36.21
CA GLN B 265 54.86 -6.36 -35.01
C GLN B 265 54.80 -7.29 -33.78
N LEU B 266 55.23 -8.54 -33.99
CA LEU B 266 55.23 -9.60 -32.96
C LEU B 266 56.60 -10.23 -32.82
N SER B 267 57.24 -10.06 -31.66
CA SER B 267 58.57 -10.60 -31.45
C SER B 267 58.56 -12.13 -31.51
N GLU B 268 59.68 -12.75 -31.19
CA GLU B 268 59.71 -14.22 -31.07
C GLU B 268 59.02 -14.62 -29.77
N THR B 269 59.06 -13.72 -28.80
CA THR B 269 58.27 -13.88 -27.59
C THR B 269 56.79 -14.01 -27.96
N ALA B 270 56.16 -12.91 -28.40
CA ALA B 270 54.74 -12.94 -28.80
C ALA B 270 54.37 -14.11 -29.72
N LYS B 271 55.22 -14.36 -30.69
CA LYS B 271 55.00 -15.43 -31.67
C LYS B 271 55.00 -16.80 -31.01
N HIS B 272 56.00 -17.06 -30.14
CA HIS B 272 56.17 -18.38 -29.51
C HIS B 272 55.03 -18.60 -28.50
N PHE B 273 54.84 -17.63 -27.61
CA PHE B 273 53.72 -17.63 -26.66
C PHE B 273 52.44 -18.20 -27.27
N ILE B 274 51.92 -17.53 -28.30
CA ILE B 274 50.82 -18.01 -29.13
C ILE B 274 50.88 -19.53 -29.36
N ALA B 275 51.94 -20.00 -30.02
CA ALA B 275 52.07 -21.40 -30.43
C ALA B 275 51.66 -22.40 -29.33
N GLY B 276 51.93 -22.02 -28.08
CA GLY B 276 51.67 -22.86 -26.92
C GLY B 276 50.24 -22.82 -26.43
N ILE B 277 49.65 -21.63 -26.42
CA ILE B 277 48.20 -21.51 -26.23
C ILE B 277 47.48 -22.46 -27.21
N VAL B 278 47.93 -22.46 -28.47
CA VAL B 278 47.35 -23.30 -29.51
C VAL B 278 47.60 -24.81 -29.25
N LYS B 279 48.84 -25.17 -28.94
CA LYS B 279 49.16 -26.56 -28.62
C LYS B 279 48.15 -26.99 -27.56
N HIS B 280 48.09 -26.21 -26.49
CA HIS B 280 47.42 -26.61 -25.27
C HIS B 280 45.93 -26.25 -25.15
N ALA B 281 45.36 -25.64 -26.18
CA ALA B 281 44.00 -25.10 -26.10
C ALA B 281 42.98 -26.17 -25.72
N THR B 282 42.69 -27.05 -26.66
CA THR B 282 41.76 -28.16 -26.44
C THR B 282 41.82 -28.72 -25.01
N SER B 283 43.03 -28.91 -24.51
CA SER B 283 43.25 -29.36 -23.13
C SER B 283 42.65 -28.40 -22.11
N PHE B 284 43.36 -27.28 -21.88
CA PHE B 284 43.08 -26.34 -20.78
C PHE B 284 41.69 -25.75 -20.74
N THR B 285 40.90 -26.03 -21.77
CA THR B 285 39.52 -25.55 -21.76
C THR B 285 38.78 -26.03 -20.53
N ALA B 286 38.94 -27.30 -20.16
CA ALA B 286 38.19 -27.86 -19.03
C ALA B 286 38.28 -27.02 -17.75
N VAL B 287 39.05 -25.95 -17.77
CA VAL B 287 39.29 -25.10 -16.60
C VAL B 287 38.72 -23.71 -16.78
N THR B 288 39.13 -23.12 -17.89
CA THR B 288 38.54 -21.89 -18.36
C THR B 288 37.05 -22.12 -18.62
N ASN B 289 36.63 -23.38 -18.63
CA ASN B 289 35.24 -23.76 -18.88
C ASN B 289 34.75 -24.89 -17.94
N PRO B 290 34.59 -24.59 -16.64
CA PRO B 290 34.41 -25.61 -15.60
C PRO B 290 33.12 -26.43 -15.63
N THR B 291 32.06 -25.95 -16.27
CA THR B 291 30.71 -26.46 -16.01
C THR B 291 30.16 -27.37 -17.13
N VAL B 292 29.11 -28.16 -16.83
CA VAL B 292 28.43 -28.98 -17.85
C VAL B 292 28.01 -28.06 -18.98
N ASN B 293 27.52 -26.88 -18.57
CA ASN B 293 26.75 -25.95 -19.39
C ASN B 293 27.51 -25.17 -20.45
N SER B 294 28.71 -24.71 -20.11
CA SER B 294 29.48 -23.85 -21.02
C SER B 294 29.45 -24.36 -22.46
N TYR B 295 29.60 -25.68 -22.60
CA TYR B 295 29.69 -26.35 -23.90
C TYR B 295 28.43 -26.25 -24.75
N LYS B 296 27.34 -25.76 -24.13
CA LYS B 296 26.14 -25.39 -24.86
C LYS B 296 26.40 -24.05 -25.58
N ARG B 297 27.28 -23.23 -25.01
CA ARG B 297 27.66 -21.93 -25.62
C ARG B 297 28.75 -22.12 -26.67
N LEU B 298 29.63 -23.06 -26.42
CA LEU B 298 30.73 -23.31 -27.33
C LEU B 298 30.20 -24.19 -28.45
N VAL B 299 28.94 -23.99 -28.82
CA VAL B 299 28.36 -24.65 -30.00
C VAL B 299 28.34 -23.62 -31.11
N PRO B 300 28.92 -23.98 -32.26
CA PRO B 300 29.02 -23.02 -33.37
C PRO B 300 27.65 -22.42 -33.66
N GLY B 301 27.61 -21.09 -33.78
CA GLY B 301 26.36 -20.41 -34.08
C GLY B 301 26.23 -18.97 -33.59
N TYR B 302 26.57 -18.73 -32.33
CA TYR B 302 26.36 -17.40 -31.75
C TYR B 302 27.65 -16.61 -31.61
N GLU B 303 28.50 -16.65 -32.63
CA GLU B 303 29.78 -15.96 -32.56
C GLU B 303 30.56 -16.41 -31.31
N ALA B 304 30.54 -17.73 -31.04
CA ALA B 304 31.41 -18.30 -30.02
C ALA B 304 32.54 -19.11 -30.66
N PRO B 305 33.71 -19.18 -29.99
CA PRO B 305 34.81 -20.01 -30.50
C PRO B 305 34.43 -21.50 -30.47
N CYS B 306 34.72 -22.21 -31.55
CA CYS B 306 34.49 -23.63 -31.58
C CYS B 306 35.68 -24.29 -32.26
N TYR B 307 36.67 -23.46 -32.62
CA TYR B 307 37.82 -23.90 -33.40
C TYR B 307 39.17 -23.24 -32.97
N VAL B 308 40.22 -24.05 -32.85
CA VAL B 308 41.53 -23.55 -32.44
C VAL B 308 42.26 -22.85 -33.59
N ALA B 309 42.38 -21.51 -33.53
CA ALA B 309 43.17 -20.76 -34.53
C ALA B 309 43.12 -19.23 -34.32
N TRP B 310 44.09 -18.50 -34.90
CA TRP B 310 44.18 -17.04 -34.70
C TRP B 310 44.23 -16.18 -35.97
N SER B 311 43.58 -15.01 -35.91
CA SER B 311 43.34 -14.20 -37.10
C SER B 311 43.85 -12.76 -37.03
N ALA B 312 43.67 -12.05 -38.14
CA ALA B 312 43.81 -10.60 -38.20
C ALA B 312 42.53 -9.96 -37.63
N GLN B 313 41.39 -10.50 -38.06
CA GLN B 313 40.09 -10.09 -37.56
C GLN B 313 39.00 -10.96 -38.18
N ASN B 314 38.91 -12.21 -37.71
CA ASN B 314 37.96 -13.20 -38.24
C ASN B 314 36.60 -13.17 -37.52
N ARG B 315 35.63 -13.95 -38.02
CA ARG B 315 34.27 -14.08 -37.44
C ARG B 315 34.33 -14.24 -35.92
N SER B 316 34.46 -15.49 -35.48
CA SER B 316 34.67 -15.81 -34.06
C SER B 316 35.93 -16.66 -33.94
N PRO B 317 37.11 -16.00 -33.96
CA PRO B 317 38.40 -16.70 -33.84
C PRO B 317 38.69 -16.99 -32.37
N LEU B 318 39.35 -18.13 -32.07
CA LEU B 318 39.62 -18.52 -30.69
C LEU B 318 40.69 -17.67 -30.03
N ILE B 319 41.65 -17.23 -30.84
CA ILE B 319 42.69 -16.30 -30.40
C ILE B 319 42.75 -15.12 -31.35
N ARG B 320 42.24 -13.97 -30.92
CA ARG B 320 42.35 -12.78 -31.75
C ARG B 320 43.64 -12.08 -31.34
N ILE B 321 44.02 -11.07 -32.11
CA ILE B 321 44.98 -10.08 -31.65
C ILE B 321 44.46 -8.72 -32.07
N PRO B 322 44.12 -7.90 -31.07
CA PRO B 322 43.40 -6.66 -31.37
C PRO B 322 44.26 -5.68 -32.16
N ALA B 323 43.59 -4.91 -33.01
CA ALA B 323 44.21 -3.97 -33.92
C ALA B 323 45.48 -3.35 -33.35
N SER B 324 45.39 -2.97 -32.08
CA SER B 324 46.41 -2.15 -31.46
C SER B 324 47.63 -2.94 -31.07
N ARG B 325 48.78 -2.35 -31.34
CA ARG B 325 50.09 -2.92 -31.02
C ARG B 325 50.82 -2.02 -30.04
N GLY B 326 52.15 -2.11 -30.04
CA GLY B 326 52.98 -1.37 -29.11
C GLY B 326 52.84 -1.87 -27.69
N ILE B 327 52.28 -1.04 -26.82
CA ILE B 327 52.12 -1.39 -25.41
C ILE B 327 50.78 -2.10 -25.22
N SER B 328 49.75 -1.59 -25.88
CA SER B 328 48.45 -2.22 -25.83
C SER B 328 48.48 -3.51 -26.65
N THR B 329 49.67 -3.98 -26.99
CA THR B 329 49.77 -5.24 -27.70
C THR B 329 49.18 -6.29 -26.79
N ARG B 330 48.35 -7.16 -27.35
CA ARG B 330 47.60 -8.11 -26.54
C ARG B 330 47.10 -9.29 -27.36
N VAL B 331 46.95 -10.45 -26.73
CA VAL B 331 46.27 -11.58 -27.36
C VAL B 331 44.92 -11.82 -26.68
N GLU B 332 43.83 -11.83 -27.46
CA GLU B 332 42.52 -12.05 -26.87
C GLU B 332 42.23 -13.54 -26.93
N VAL B 333 41.86 -14.09 -25.77
CA VAL B 333 41.33 -15.44 -25.72
C VAL B 333 39.84 -15.32 -25.40
N ARG B 334 38.99 -15.58 -26.41
CA ARG B 334 37.54 -15.29 -26.33
C ARG B 334 36.65 -16.49 -25.95
N SER B 335 37.27 -17.56 -25.45
CA SER B 335 36.54 -18.78 -25.06
C SER B 335 36.27 -18.92 -23.56
N VAL B 336 37.04 -18.24 -22.72
CA VAL B 336 36.80 -18.25 -21.28
C VAL B 336 35.40 -17.72 -21.03
N ASP B 337 34.75 -18.16 -19.96
CA ASP B 337 33.43 -17.62 -19.59
C ASP B 337 33.39 -17.30 -18.10
N PRO B 338 32.54 -16.33 -17.72
CA PRO B 338 32.44 -15.88 -16.33
C PRO B 338 32.22 -16.97 -15.26
N ALA B 339 32.00 -18.22 -15.66
CA ALA B 339 31.96 -19.33 -14.70
C ALA B 339 33.38 -19.83 -14.37
N ALA B 340 34.32 -19.52 -15.26
CA ALA B 340 35.72 -19.90 -15.06
C ALA B 340 36.23 -19.42 -13.71
N ASN B 341 37.18 -20.16 -13.14
CA ASN B 341 37.88 -19.61 -11.98
C ASN B 341 39.02 -18.72 -12.51
N PRO B 342 39.01 -17.41 -12.12
CA PRO B 342 39.99 -16.46 -12.67
C PRO B 342 41.42 -16.82 -12.26
N TYR B 343 41.62 -17.23 -11.01
CA TYR B 343 42.93 -17.71 -10.60
C TYR B 343 43.39 -18.93 -11.44
N LEU B 344 42.50 -19.92 -11.69
CA LEU B 344 42.85 -21.16 -12.43
C LEU B 344 42.75 -21.03 -13.94
N ALA B 345 42.24 -19.90 -14.39
CA ALA B 345 42.20 -19.60 -15.81
C ALA B 345 43.51 -18.91 -16.15
N LEU B 346 43.97 -18.02 -15.26
CA LEU B 346 45.25 -17.32 -15.44
C LEU B 346 46.46 -18.17 -15.09
N SER B 347 46.25 -19.19 -14.26
CA SER B 347 47.32 -20.10 -13.87
C SER B 347 47.65 -20.99 -15.06
N VAL B 348 46.59 -21.40 -15.75
CA VAL B 348 46.68 -22.35 -16.86
C VAL B 348 47.01 -21.64 -18.18
N LEU B 349 46.38 -20.48 -18.41
CA LEU B 349 46.67 -19.70 -19.60
C LEU B 349 48.14 -19.27 -19.55
N LEU B 350 48.55 -18.72 -18.41
CA LEU B 350 49.96 -18.43 -18.17
C LEU B 350 50.86 -19.60 -18.52
N ALA B 351 50.45 -20.79 -18.09
CA ALA B 351 51.16 -22.02 -18.41
C ALA B 351 51.47 -22.16 -19.90
N ALA B 352 50.46 -22.47 -20.70
CA ALA B 352 50.67 -22.68 -22.13
C ALA B 352 51.39 -21.49 -22.79
N GLY B 353 51.47 -20.37 -22.09
CA GLY B 353 52.20 -19.23 -22.61
C GLY B 353 53.68 -19.49 -22.47
N LEU B 354 54.08 -19.89 -21.26
CA LEU B 354 55.47 -20.14 -20.95
C LEU B 354 55.95 -21.49 -21.46
N ASP B 355 55.05 -22.41 -21.77
CA ASP B 355 55.48 -23.72 -22.25
C ASP B 355 55.86 -23.53 -23.71
N GLY B 356 55.43 -22.40 -24.27
CA GLY B 356 55.69 -22.07 -25.67
C GLY B 356 56.92 -21.19 -25.89
N ILE B 357 57.19 -20.30 -24.94
CA ILE B 357 58.43 -19.52 -24.97
C ILE B 357 59.64 -20.36 -24.49
N LYS B 358 59.37 -21.33 -23.61
CA LYS B 358 60.39 -22.24 -23.09
C LYS B 358 61.00 -23.12 -24.18
N ASN B 359 60.17 -24.00 -24.75
CA ASN B 359 60.61 -24.90 -25.82
C ASN B 359 60.52 -24.24 -27.19
N LYS B 360 60.58 -22.91 -27.22
CA LYS B 360 60.58 -22.16 -28.49
C LYS B 360 59.61 -22.78 -29.53
N LEU B 361 58.31 -22.68 -29.25
CA LEU B 361 57.26 -23.30 -30.09
C LEU B 361 56.91 -22.57 -31.41
N GLU B 362 56.72 -23.34 -32.47
CA GLU B 362 56.54 -22.82 -33.83
C GLU B 362 55.09 -22.47 -34.14
N ALA B 363 54.76 -21.20 -33.96
CA ALA B 363 53.42 -20.70 -34.26
C ALA B 363 52.99 -21.08 -35.68
N PRO B 364 51.95 -21.91 -35.78
CA PRO B 364 51.31 -22.31 -37.03
C PRO B 364 50.62 -21.16 -37.78
N ALA B 365 50.38 -21.40 -39.07
CA ALA B 365 49.82 -20.41 -39.98
C ALA B 365 48.44 -19.94 -39.53
N PRO B 366 48.30 -18.62 -39.30
CA PRO B 366 47.05 -18.00 -38.85
C PRO B 366 45.92 -17.97 -39.89
N ILE B 367 44.82 -18.65 -39.62
CA ILE B 367 43.69 -18.69 -40.56
C ILE B 367 42.94 -17.35 -40.67
N ASP B 368 43.15 -16.63 -41.78
CA ASP B 368 42.49 -15.33 -41.99
C ASP B 368 41.12 -15.46 -42.69
N ARG B 369 40.86 -16.62 -43.28
CA ARG B 369 39.62 -16.85 -44.01
C ARG B 369 38.57 -17.43 -43.09
N ASN B 370 37.31 -17.02 -43.29
CA ASN B 370 36.25 -17.40 -42.38
C ASN B 370 36.34 -18.87 -42.00
N ILE B 371 36.53 -19.10 -40.71
CA ILE B 371 36.77 -20.44 -40.19
C ILE B 371 35.48 -21.24 -40.14
N TYR B 372 34.36 -20.57 -39.86
CA TYR B 372 33.07 -21.26 -39.87
C TYR B 372 32.79 -21.85 -41.25
N VAL B 373 32.73 -20.97 -42.25
CA VAL B 373 32.34 -21.33 -43.62
C VAL B 373 32.83 -22.69 -44.12
N MET B 374 34.10 -23.00 -43.87
CA MET B 374 34.71 -24.23 -44.36
C MET B 374 33.83 -25.47 -44.09
N SER B 375 33.78 -26.34 -45.10
CA SER B 375 33.09 -27.61 -45.00
C SER B 375 33.72 -28.39 -43.87
N LYS B 376 33.19 -29.57 -43.58
CA LYS B 376 33.78 -30.42 -42.55
C LYS B 376 34.98 -31.21 -43.10
N GLU B 377 35.50 -30.77 -44.24
CA GLU B 377 36.55 -31.48 -44.99
C GLU B 377 37.88 -30.72 -45.07
N GLU B 378 37.83 -29.52 -45.63
CA GLU B 378 38.98 -28.61 -45.72
C GLU B 378 39.31 -28.11 -44.32
N ARG B 379 38.41 -28.41 -43.40
CA ARG B 379 38.59 -28.12 -41.98
C ARG B 379 39.87 -28.76 -41.49
N MET B 380 40.20 -29.92 -42.06
CA MET B 380 41.40 -30.67 -41.70
C MET B 380 42.61 -30.24 -42.54
N GLU B 381 42.35 -29.86 -43.79
CA GLU B 381 43.41 -29.47 -44.72
C GLU B 381 44.29 -28.35 -44.14
N ASN B 382 43.73 -27.59 -43.19
CA ASN B 382 44.47 -26.51 -42.55
C ASN B 382 44.77 -26.84 -41.09
N GLY B 383 44.53 -28.10 -40.71
CA GLY B 383 44.76 -28.58 -39.36
C GLY B 383 43.98 -27.85 -38.28
N ILE B 384 42.83 -27.31 -38.65
CA ILE B 384 42.01 -26.53 -37.72
C ILE B 384 41.15 -27.45 -36.87
N VAL B 385 41.65 -27.73 -35.66
CA VAL B 385 40.99 -28.68 -34.78
C VAL B 385 39.91 -27.99 -33.95
N ASP B 386 38.74 -28.61 -33.88
CA ASP B 386 37.64 -28.15 -33.04
C ASP B 386 38.02 -28.28 -31.56
N LEU B 387 37.13 -27.84 -30.68
CA LEU B 387 37.35 -28.02 -29.25
C LEU B 387 36.52 -29.18 -28.69
N PRO B 388 36.77 -29.53 -27.42
CA PRO B 388 35.93 -30.51 -26.75
C PRO B 388 34.48 -30.03 -26.64
N ALA B 389 33.51 -30.92 -26.84
CA ALA B 389 32.08 -30.53 -26.94
C ALA B 389 31.23 -30.85 -25.70
N THR B 390 31.79 -31.64 -24.79
CA THR B 390 31.14 -32.00 -23.53
C THR B 390 32.19 -32.03 -22.44
N LEU B 391 31.83 -31.59 -21.23
CA LEU B 391 32.77 -31.49 -20.12
C LEU B 391 33.66 -32.71 -19.98
N ALA B 392 33.13 -33.88 -20.33
CA ALA B 392 33.90 -35.13 -20.33
C ALA B 392 35.08 -35.06 -21.28
N GLU B 393 34.79 -34.77 -22.55
CA GLU B 393 35.82 -34.66 -23.58
C GLU B 393 36.92 -33.75 -23.03
N ALA B 394 36.51 -32.57 -22.58
CA ALA B 394 37.41 -31.53 -22.09
C ALA B 394 38.31 -32.03 -20.99
N LEU B 395 37.79 -32.98 -20.20
CA LEU B 395 38.49 -33.49 -19.03
C LEU B 395 39.46 -34.65 -19.34
N GLU B 396 39.14 -35.46 -20.36
CA GLU B 396 40.07 -36.50 -20.80
C GLU B 396 41.27 -35.80 -21.43
N GLU B 397 40.99 -34.75 -22.20
CA GLU B 397 42.02 -33.93 -22.82
C GLU B 397 43.02 -33.40 -21.82
N PHE B 398 42.52 -32.62 -20.87
CA PHE B 398 43.30 -31.99 -19.82
C PHE B 398 43.89 -33.00 -18.83
N LYS B 399 43.14 -34.08 -18.58
CA LYS B 399 43.55 -35.12 -17.66
C LYS B 399 44.92 -35.62 -18.09
N SER B 400 45.14 -35.68 -19.40
CA SER B 400 46.38 -36.21 -19.97
C SER B 400 47.55 -35.20 -20.01
N ASN B 401 47.26 -33.97 -20.44
CA ASN B 401 48.31 -32.95 -20.65
C ASN B 401 49.31 -32.73 -19.51
N GLU B 402 50.54 -33.19 -19.72
CA GLU B 402 51.62 -33.08 -18.73
C GLU B 402 51.78 -31.68 -18.11
N VAL B 403 51.61 -30.66 -18.95
CA VAL B 403 51.91 -29.28 -18.58
C VAL B 403 50.84 -28.64 -17.71
N MET B 404 49.58 -28.77 -18.15
CA MET B 404 48.43 -28.29 -17.40
C MET B 404 48.43 -28.94 -16.02
N VAL B 405 48.67 -30.24 -16.01
CA VAL B 405 48.61 -31.00 -14.79
C VAL B 405 49.85 -30.75 -13.92
N LYS B 406 50.57 -29.67 -14.21
CA LYS B 406 51.70 -29.24 -13.35
C LYS B 406 51.47 -27.80 -12.87
N ALA B 407 50.67 -27.07 -13.64
CA ALA B 407 50.39 -25.67 -13.36
C ALA B 407 49.29 -25.56 -12.32
N LEU B 408 48.89 -26.72 -11.82
CA LEU B 408 47.91 -26.77 -10.74
C LEU B 408 48.47 -27.50 -9.52
N GLY B 409 49.44 -28.39 -9.71
CA GLY B 409 50.04 -29.09 -8.59
C GLY B 409 49.45 -30.47 -8.40
N GLU B 410 49.77 -31.14 -7.29
CA GLU B 410 49.12 -32.43 -7.06
C GLU B 410 47.81 -32.29 -6.26
N HIS B 411 47.71 -31.27 -5.42
CA HIS B 411 46.47 -31.04 -4.66
C HIS B 411 45.37 -30.44 -5.51
N LEU B 412 45.66 -29.28 -6.10
CA LEU B 412 44.63 -28.55 -6.82
C LEU B 412 44.07 -29.39 -7.95
N PHE B 413 44.96 -30.06 -8.66
CA PHE B 413 44.56 -30.86 -9.82
C PHE B 413 43.73 -32.09 -9.44
N GLU B 414 44.22 -32.86 -8.47
CA GLU B 414 43.60 -34.14 -8.18
C GLU B 414 42.17 -33.96 -7.75
N HIS B 415 41.92 -32.91 -6.99
CA HIS B 415 40.59 -32.60 -6.49
C HIS B 415 39.66 -32.22 -7.63
N PHE B 416 39.98 -31.10 -8.29
CA PHE B 416 39.29 -30.65 -9.50
C PHE B 416 38.72 -31.79 -10.38
N ILE B 417 39.56 -32.72 -10.80
CA ILE B 417 39.09 -33.83 -11.63
C ILE B 417 37.92 -34.58 -10.96
N GLU B 418 37.92 -34.65 -9.64
CA GLU B 418 36.90 -35.42 -8.93
C GLU B 418 35.58 -34.66 -8.95
N ALA B 419 35.62 -33.38 -8.58
CA ALA B 419 34.42 -32.55 -8.54
C ALA B 419 33.79 -32.53 -9.91
N LYS B 420 34.63 -32.41 -10.93
CA LYS B 420 34.10 -32.35 -12.27
C LYS B 420 33.59 -33.72 -12.73
N GLU B 421 34.28 -34.78 -12.31
CA GLU B 421 33.86 -36.13 -12.68
C GLU B 421 32.57 -36.52 -11.96
N ILE B 422 32.30 -35.86 -10.84
CA ILE B 422 31.05 -36.05 -10.11
C ILE B 422 29.95 -35.28 -10.82
N GLU B 423 30.23 -34.00 -11.04
CA GLU B 423 29.39 -33.11 -11.83
C GLU B 423 28.90 -33.81 -13.12
N TRP B 424 29.85 -34.27 -13.94
CA TRP B 424 29.49 -34.93 -15.18
C TRP B 424 28.61 -36.11 -14.88
N ASP B 425 28.99 -36.86 -13.86
CA ASP B 425 28.23 -38.03 -13.49
C ASP B 425 26.75 -37.69 -13.27
N MET B 426 26.48 -36.50 -12.72
CA MET B 426 25.10 -36.07 -12.46
C MET B 426 24.36 -35.71 -13.73
N PHE B 427 25.06 -35.08 -14.67
CA PHE B 427 24.43 -34.68 -15.91
C PHE B 427 24.04 -35.90 -16.75
N ARG B 428 24.85 -36.94 -16.72
CA ARG B 428 24.70 -38.07 -17.63
C ARG B 428 23.82 -39.20 -17.12
N THR B 429 23.47 -39.12 -15.84
CA THR B 429 22.57 -40.12 -15.27
C THR B 429 21.16 -39.57 -15.25
N GLN B 430 21.08 -38.24 -15.18
CA GLN B 430 19.84 -37.49 -15.19
C GLN B 430 18.94 -37.92 -16.33
N VAL B 431 17.64 -37.65 -16.16
CA VAL B 431 16.71 -37.76 -17.29
C VAL B 431 15.96 -36.44 -17.47
N HIS B 432 16.38 -35.62 -18.44
CA HIS B 432 15.79 -34.29 -18.55
C HIS B 432 14.46 -34.35 -19.23
N PRO B 433 13.70 -33.25 -19.17
CA PRO B 433 12.38 -33.16 -19.80
C PRO B 433 12.46 -33.41 -21.32
N TRP B 434 13.65 -33.23 -21.90
CA TRP B 434 13.90 -33.47 -23.34
C TRP B 434 13.74 -34.97 -23.65
N GLU B 435 14.72 -35.76 -23.19
CA GLU B 435 14.71 -37.21 -23.35
C GLU B 435 13.28 -37.72 -23.27
N ARG B 436 12.59 -37.35 -22.22
CA ARG B 436 11.23 -37.82 -22.03
C ARG B 436 10.30 -37.42 -23.18
N GLU B 437 10.39 -36.19 -23.67
CA GLU B 437 9.42 -35.72 -24.70
C GLU B 437 9.83 -36.02 -26.13
N GLN B 438 11.04 -36.56 -26.27
CA GLN B 438 11.58 -36.97 -27.57
C GLN B 438 11.46 -38.48 -27.79
N TYR B 439 11.11 -39.21 -26.72
CA TYR B 439 11.27 -40.68 -26.63
C TYR B 439 10.02 -41.43 -26.14
N MET B 440 9.27 -40.81 -25.22
CA MET B 440 8.13 -41.46 -24.56
C MET B 440 7.07 -41.90 -25.58
N SER B 441 6.88 -41.07 -26.62
CA SER B 441 5.84 -41.29 -27.65
C SER B 441 6.33 -41.85 -28.99
N GLN B 442 7.50 -41.39 -29.45
CA GLN B 442 8.10 -41.94 -30.67
C GLN B 442 8.39 -43.44 -30.49
N TYR B 443 8.90 -43.83 -29.32
CA TYR B 443 9.24 -45.22 -29.04
C TYR B 443 8.36 -45.87 -27.95
N ALA C 1 31.07 26.72 -33.69
CA ALA C 1 31.30 26.17 -32.35
C ALA C 1 30.22 26.64 -31.37
N LYS C 2 30.13 25.97 -30.23
CA LYS C 2 29.13 26.28 -29.18
C LYS C 2 29.65 25.89 -27.80
N TYR C 3 30.51 24.87 -27.80
CA TYR C 3 31.14 24.31 -26.61
C TYR C 3 32.59 23.88 -26.92
N THR C 4 33.55 24.33 -26.12
CA THR C 4 34.97 24.02 -26.38
C THR C 4 35.39 22.81 -25.55
N ARG C 5 36.70 22.56 -25.41
CA ARG C 5 37.13 21.54 -24.45
C ARG C 5 37.27 22.09 -23.02
N GLU C 6 37.78 23.32 -22.88
CA GLU C 6 37.88 23.96 -21.56
C GLU C 6 36.49 24.09 -20.96
N ASP C 7 35.57 24.65 -21.77
CA ASP C 7 34.15 24.83 -21.43
C ASP C 7 33.45 23.54 -20.98
N ILE C 8 33.77 22.41 -21.63
CA ILE C 8 33.17 21.11 -21.31
C ILE C 8 33.62 20.60 -19.94
N GLU C 9 34.92 20.46 -19.73
CA GLU C 9 35.46 20.17 -18.41
C GLU C 9 34.85 21.10 -17.36
N LYS C 10 34.80 22.40 -17.66
CA LYS C 10 34.15 23.32 -16.76
C LYS C 10 32.81 22.74 -16.29
N LEU C 11 31.91 22.47 -17.22
CA LEU C 11 30.53 22.01 -16.96
C LEU C 11 30.34 20.75 -16.08
N VAL C 12 31.17 19.74 -16.31
CA VAL C 12 31.10 18.49 -15.54
C VAL C 12 31.39 18.74 -14.06
N LYS C 13 32.60 19.26 -13.80
CA LYS C 13 33.07 19.54 -12.44
C LYS C 13 32.07 20.31 -11.58
N GLU C 14 31.21 21.09 -12.25
CA GLU C 14 30.25 21.97 -11.60
C GLU C 14 28.83 21.39 -11.59
N GLU C 15 28.43 20.71 -12.67
CA GLU C 15 27.10 20.10 -12.71
C GLU C 15 27.15 18.60 -12.41
N ASN C 16 28.27 18.18 -11.83
CA ASN C 16 28.46 16.83 -11.29
C ASN C 16 27.96 15.71 -12.18
N VAL C 17 28.70 15.44 -13.23
CA VAL C 17 28.35 14.38 -14.15
C VAL C 17 29.21 13.17 -13.80
N LYS C 18 28.67 11.96 -13.91
CA LYS C 18 29.38 10.76 -13.45
C LYS C 18 29.36 9.56 -14.44
N TYR C 19 28.53 9.64 -15.49
CA TYR C 19 28.37 8.54 -16.47
C TYR C 19 28.14 9.09 -17.90
N ILE C 20 29.10 8.90 -18.79
CA ILE C 20 29.06 9.49 -20.13
C ILE C 20 28.41 8.56 -21.17
N ARG C 21 27.56 9.10 -22.03
CA ARG C 21 27.04 8.28 -23.10
C ARG C 21 27.53 8.76 -24.45
N LEU C 22 28.38 7.97 -25.06
CA LEU C 22 28.84 8.27 -26.41
C LEU C 22 27.88 7.56 -27.34
N GLN C 23 26.92 8.31 -27.85
CA GLN C 23 25.83 7.72 -28.63
C GLN C 23 26.05 7.81 -30.14
N PHE C 24 25.81 6.70 -30.83
CA PHE C 24 25.84 6.68 -32.28
C PHE C 24 24.51 6.15 -32.82
N THR C 25 24.52 5.66 -34.06
CA THR C 25 23.27 5.31 -34.71
C THR C 25 23.55 4.30 -35.80
N ASP C 26 22.98 3.11 -35.68
CA ASP C 26 23.23 2.04 -36.65
C ASP C 26 22.48 2.28 -37.96
N ILE C 27 22.57 1.29 -38.86
CA ILE C 27 21.88 1.34 -40.15
C ILE C 27 20.38 1.58 -39.97
N LEU C 28 19.76 0.93 -38.97
CA LEU C 28 18.31 1.00 -38.75
C LEU C 28 17.84 2.29 -38.07
N GLY C 29 18.78 3.06 -37.55
CA GLY C 29 18.46 4.30 -36.88
C GLY C 29 18.22 4.14 -35.40
N THR C 30 18.73 3.06 -34.83
CA THR C 30 18.55 2.74 -33.41
C THR C 30 19.56 3.47 -32.53
N ILE C 31 19.17 3.79 -31.30
CA ILE C 31 20.08 4.51 -30.44
C ILE C 31 21.12 3.55 -29.88
N LYS C 32 22.22 3.39 -30.63
CA LYS C 32 23.33 2.61 -30.12
C LYS C 32 24.12 3.54 -29.20
N ASN C 33 24.94 2.97 -28.32
CA ASN C 33 25.68 3.76 -27.34
C ASN C 33 26.69 2.94 -26.51
N VAL C 34 27.88 3.49 -26.33
CA VAL C 34 28.85 2.94 -25.37
C VAL C 34 29.01 3.88 -24.17
N GLU C 35 28.86 3.32 -22.97
CA GLU C 35 28.77 4.05 -21.72
C GLU C 35 30.04 3.88 -20.89
N ILE C 36 30.58 4.99 -20.37
CA ILE C 36 31.88 4.98 -19.68
C ILE C 36 31.85 5.80 -18.40
N PRO C 37 32.76 5.50 -17.46
CA PRO C 37 32.86 6.33 -16.26
C PRO C 37 33.43 7.70 -16.62
N VAL C 38 33.05 8.75 -15.91
CA VAL C 38 33.54 10.10 -16.24
C VAL C 38 35.02 10.30 -15.92
N SER C 39 35.55 9.47 -15.02
CA SER C 39 36.98 9.42 -14.78
C SER C 39 37.68 8.79 -16.00
N GLN C 40 37.10 9.01 -17.18
CA GLN C 40 37.62 8.48 -18.45
C GLN C 40 37.42 9.52 -19.59
N LEU C 41 37.08 10.76 -19.24
CA LEU C 41 36.78 11.78 -20.24
C LEU C 41 38.00 12.16 -21.12
N GLY C 42 39.17 12.27 -20.51
CA GLY C 42 40.39 12.54 -21.25
C GLY C 42 40.52 11.62 -22.46
N LYS C 43 40.42 10.31 -22.23
CA LYS C 43 40.53 9.32 -23.30
C LYS C 43 39.55 9.57 -24.46
N ALA C 44 38.36 10.06 -24.13
CA ALA C 44 37.26 10.17 -25.09
C ALA C 44 37.42 11.33 -26.06
N LEU C 45 37.60 12.52 -25.48
CA LEU C 45 37.74 13.79 -26.20
C LEU C 45 39.08 13.81 -26.96
N ASP C 46 39.95 12.88 -26.59
CA ASP C 46 41.19 12.63 -27.30
C ASP C 46 40.90 11.71 -28.49
N ASN C 47 39.66 11.24 -28.57
CA ASN C 47 39.15 10.37 -29.64
C ASN C 47 39.76 8.96 -29.66
N LYS C 48 40.00 8.40 -28.47
CA LYS C 48 40.76 7.17 -28.33
C LYS C 48 39.90 5.97 -27.92
N VAL C 49 38.58 6.15 -27.94
CA VAL C 49 37.64 5.13 -27.50
C VAL C 49 37.33 4.13 -28.60
N MET C 50 37.55 2.84 -28.33
CA MET C 50 37.27 1.81 -29.33
C MET C 50 35.95 1.11 -29.05
N PHE C 51 35.28 0.65 -30.10
CA PHE C 51 34.14 -0.24 -29.94
C PHE C 51 34.12 -1.21 -31.10
N ASP C 52 33.32 -2.27 -30.99
CA ASP C 52 33.18 -3.18 -32.13
C ASP C 52 32.32 -2.47 -33.17
N GLY C 53 32.89 -2.23 -34.34
CA GLY C 53 32.28 -1.40 -35.35
C GLY C 53 31.13 -2.04 -36.10
N SER C 54 31.03 -3.37 -36.03
CA SER C 54 29.98 -4.11 -36.75
C SER C 54 28.57 -3.85 -36.21
N SER C 55 28.48 -3.20 -35.05
CA SER C 55 27.20 -2.92 -34.39
C SER C 55 26.30 -1.96 -35.17
N ILE C 56 26.94 -1.10 -35.96
CA ILE C 56 26.26 -0.10 -36.79
C ILE C 56 25.65 -0.80 -37.99
N GLU C 57 26.22 -1.95 -38.34
CA GLU C 57 25.68 -2.79 -39.41
C GLU C 57 24.42 -3.53 -38.93
N GLY C 58 23.82 -3.01 -37.86
CA GLY C 58 22.58 -3.57 -37.35
C GLY C 58 22.77 -5.00 -36.89
N PHE C 59 21.78 -5.83 -37.17
CA PHE C 59 21.82 -7.23 -36.77
C PHE C 59 22.57 -8.09 -37.80
N VAL C 60 22.97 -7.46 -38.89
CA VAL C 60 23.74 -8.13 -39.93
C VAL C 60 25.25 -7.90 -39.75
N ARG C 61 25.70 -7.98 -38.49
CA ARG C 61 27.13 -7.97 -38.20
C ARG C 61 27.65 -9.40 -38.18
N ILE C 62 28.85 -9.62 -38.71
CA ILE C 62 29.43 -10.96 -38.70
C ILE C 62 30.70 -11.04 -37.87
N GLU C 63 31.64 -10.14 -38.15
CA GLU C 63 32.94 -10.18 -37.51
C GLU C 63 33.21 -8.89 -36.75
N GLU C 64 33.49 -9.01 -35.46
CA GLU C 64 33.72 -7.84 -34.61
C GLU C 64 34.94 -7.00 -35.05
N SER C 65 34.65 -5.87 -35.70
CA SER C 65 35.70 -5.01 -36.25
C SER C 65 36.02 -3.81 -35.35
N ASP C 66 37.18 -3.86 -34.69
CA ASP C 66 37.71 -2.73 -33.94
C ASP C 66 37.53 -1.41 -34.70
N MET C 67 36.81 -0.47 -34.10
CA MET C 67 36.67 0.84 -34.73
C MET C 67 36.63 1.94 -33.68
N TYR C 68 36.98 3.16 -34.10
CA TYR C 68 37.07 4.31 -33.19
C TYR C 68 35.78 5.10 -33.11
N LEU C 69 35.79 6.14 -32.29
CA LEU C 69 34.59 6.89 -31.95
C LEU C 69 34.92 8.35 -31.74
N TYR C 70 34.56 9.19 -32.72
CA TYR C 70 34.80 10.63 -32.68
C TYR C 70 33.52 11.43 -32.35
N PRO C 71 33.45 12.02 -31.15
CA PRO C 71 32.30 12.79 -30.63
C PRO C 71 32.19 14.18 -31.26
N ASP C 72 30.99 14.77 -31.25
CA ASP C 72 30.78 16.13 -31.75
C ASP C 72 30.59 17.06 -30.55
N LEU C 73 31.65 17.78 -30.17
CA LEU C 73 31.61 18.69 -29.00
C LEU C 73 30.43 19.72 -29.03
N ASN C 74 29.78 19.86 -30.17
CA ASN C 74 28.62 20.74 -30.27
C ASN C 74 27.35 20.07 -29.76
N THR C 75 27.45 18.81 -29.35
CA THR C 75 26.27 18.02 -28.95
C THR C 75 26.20 17.66 -27.44
N PHE C 76 27.16 18.13 -26.67
CA PHE C 76 27.15 17.92 -25.22
C PHE C 76 25.80 18.27 -24.56
N VAL C 77 25.28 17.36 -23.74
CA VAL C 77 24.03 17.56 -22.99
C VAL C 77 24.14 17.00 -21.59
N ILE C 78 23.26 17.43 -20.68
CA ILE C 78 23.15 16.79 -19.37
C ILE C 78 21.69 16.45 -19.08
N PHE C 79 21.37 15.16 -19.12
CA PHE C 79 20.02 14.69 -18.86
C PHE C 79 19.55 15.15 -17.49
N PRO C 80 18.35 15.78 -17.45
CA PRO C 80 17.66 16.35 -16.27
C PRO C 80 17.25 15.26 -15.27
N TRP C 81 17.43 14.02 -15.68
CA TRP C 81 17.22 12.87 -14.80
C TRP C 81 18.55 12.44 -14.19
N THR C 82 18.79 12.90 -12.97
CA THR C 82 19.94 12.46 -12.17
C THR C 82 19.86 10.95 -11.86
N ALA C 83 20.68 10.16 -12.55
CA ALA C 83 20.83 8.74 -12.22
C ALA C 83 21.08 8.61 -10.72
N GLU C 84 21.33 7.40 -10.23
CA GLU C 84 21.71 7.28 -8.82
C GLU C 84 23.23 7.21 -8.63
N LYS C 85 23.76 8.31 -8.06
CA LYS C 85 25.20 8.59 -7.87
C LYS C 85 25.70 9.76 -8.77
N GLY C 86 24.78 10.61 -9.25
CA GLY C 86 25.15 11.72 -10.11
C GLY C 86 24.39 11.83 -11.41
N LYS C 87 24.61 12.92 -12.14
CA LYS C 87 23.89 13.19 -13.40
C LYS C 87 24.57 12.51 -14.58
N VAL C 88 23.93 12.57 -15.75
CA VAL C 88 24.41 11.91 -16.96
C VAL C 88 24.66 12.93 -18.08
N ALA C 89 25.61 12.64 -18.96
CA ALA C 89 25.89 13.52 -20.11
C ALA C 89 26.09 12.69 -21.38
N ARG C 90 26.12 13.34 -22.55
CA ARG C 90 26.35 12.57 -23.79
C ARG C 90 27.03 13.34 -24.93
N PHE C 91 27.35 12.60 -26.01
CA PHE C 91 27.91 13.14 -27.24
C PHE C 91 27.45 12.26 -28.41
N ILE C 92 26.87 12.87 -29.44
CA ILE C 92 26.56 12.12 -30.65
C ILE C 92 27.83 12.12 -31.47
N CYS C 93 28.53 10.99 -31.53
CA CYS C 93 29.82 10.87 -32.24
C CYS C 93 29.70 10.34 -33.65
N ASP C 94 30.85 10.32 -34.32
CA ASP C 94 30.97 9.79 -35.67
C ASP C 94 31.75 8.50 -35.48
N ILE C 95 31.95 7.75 -36.56
CA ILE C 95 32.65 6.48 -36.48
C ILE C 95 33.82 6.49 -37.45
N TYR C 96 35.03 6.37 -36.93
CA TYR C 96 36.21 6.29 -37.78
C TYR C 96 36.84 4.90 -37.75
N ASN C 97 37.29 4.44 -38.91
CA ASN C 97 38.12 3.25 -38.97
C ASN C 97 39.25 3.38 -37.97
N PRO C 98 40.00 2.30 -37.74
CA PRO C 98 41.16 2.42 -36.85
C PRO C 98 42.17 3.39 -37.47
N ASP C 99 42.30 3.33 -38.80
CA ASP C 99 43.25 4.17 -39.55
C ASP C 99 42.85 5.65 -39.74
N GLY C 100 42.20 6.23 -38.73
CA GLY C 100 41.88 7.66 -38.74
C GLY C 100 40.90 8.19 -39.78
N THR C 101 40.52 7.33 -40.74
CA THR C 101 39.53 7.69 -41.77
C THR C 101 38.10 7.45 -41.29
N PRO C 102 37.19 8.36 -41.62
CA PRO C 102 35.80 8.15 -41.21
C PRO C 102 35.21 6.88 -41.84
N PHE C 103 34.67 6.02 -40.99
CA PHE C 103 34.06 4.78 -41.45
C PHE C 103 33.00 5.11 -42.46
N GLU C 104 33.16 4.61 -43.68
CA GLU C 104 32.29 4.93 -44.82
C GLU C 104 30.83 4.46 -44.68
N GLY C 105 30.53 3.80 -43.57
CA GLY C 105 29.23 3.15 -43.40
C GLY C 105 28.47 3.60 -42.17
N ASP C 106 28.97 4.67 -41.56
CA ASP C 106 28.22 5.39 -40.57
C ASP C 106 27.22 6.26 -41.30
N PRO C 107 25.95 6.25 -40.86
CA PRO C 107 24.88 7.13 -41.35
C PRO C 107 25.18 8.63 -41.19
N ARG C 108 25.55 9.08 -39.99
CA ARG C 108 25.84 10.51 -39.74
C ARG C 108 26.96 11.08 -40.61
N ASN C 109 27.96 10.26 -40.91
CA ASN C 109 28.98 10.65 -41.89
C ASN C 109 28.36 10.68 -43.29
N ASN C 110 27.70 9.59 -43.68
CA ASN C 110 27.09 9.48 -45.01
C ASN C 110 26.17 10.65 -45.38
N LEU C 111 25.75 11.42 -44.38
CA LEU C 111 24.95 12.60 -44.63
C LEU C 111 25.90 13.73 -44.98
N LYS C 112 26.79 14.07 -44.03
CA LYS C 112 27.76 15.17 -44.19
C LYS C 112 28.37 15.10 -45.58
N ARG C 113 28.63 13.86 -46.02
CA ARG C 113 29.23 13.52 -47.31
C ARG C 113 28.43 14.09 -48.49
N ILE C 114 27.10 14.06 -48.34
CA ILE C 114 26.17 14.59 -49.31
C ILE C 114 26.03 16.11 -49.15
N LEU C 115 25.96 16.58 -47.90
CA LEU C 115 25.99 18.01 -47.59
C LEU C 115 27.25 18.66 -48.20
N LYS C 116 28.29 17.86 -48.41
CA LYS C 116 29.48 18.34 -49.08
C LYS C 116 29.13 18.71 -50.51
N GLU C 117 28.61 17.73 -51.25
CA GLU C 117 28.19 17.94 -52.62
C GLU C 117 27.25 19.14 -52.75
N MET C 118 26.49 19.40 -51.69
CA MET C 118 25.55 20.53 -51.62
C MET C 118 26.27 21.88 -51.68
N GLU C 119 27.37 22.03 -50.94
CA GLU C 119 28.13 23.29 -50.93
C GLU C 119 29.11 23.38 -52.11
N ASP C 120 29.35 22.24 -52.75
CA ASP C 120 30.07 22.16 -54.02
C ASP C 120 29.11 22.20 -55.22
N LEU C 121 27.86 22.56 -54.95
CA LEU C 121 26.86 22.83 -55.99
C LEU C 121 26.41 24.29 -55.88
N GLY C 122 26.77 24.92 -54.76
CA GLY C 122 26.54 26.35 -54.57
C GLY C 122 25.75 26.79 -53.35
N PHE C 123 25.30 25.84 -52.53
CA PHE C 123 24.46 26.16 -51.37
C PHE C 123 25.22 26.09 -50.04
N SER C 124 24.79 26.87 -49.04
CA SER C 124 25.50 26.94 -47.76
C SER C 124 24.80 26.19 -46.63
N ASP C 125 23.55 25.82 -46.86
CA ASP C 125 22.68 25.30 -45.82
C ASP C 125 21.52 24.51 -46.43
N PHE C 126 20.96 23.59 -45.66
CA PHE C 126 19.83 22.77 -46.11
C PHE C 126 19.15 22.27 -44.86
N ASN C 127 18.08 22.95 -44.46
CA ASN C 127 17.51 22.76 -43.13
C ASN C 127 16.31 21.84 -43.08
N LEU C 128 15.90 21.50 -41.87
CA LEU C 128 14.82 20.54 -41.68
C LEU C 128 13.85 20.99 -40.59
N GLY C 129 12.62 21.19 -41.00
CA GLY C 129 11.54 21.33 -40.05
C GLY C 129 10.69 20.07 -40.10
N PRO C 130 11.01 19.10 -39.23
CA PRO C 130 10.28 17.84 -39.20
C PRO C 130 9.07 17.93 -38.27
N GLU C 131 8.10 17.06 -38.53
CA GLU C 131 6.90 16.97 -37.72
C GLU C 131 6.70 15.52 -37.30
N PRO C 132 7.49 15.04 -36.33
CA PRO C 132 7.47 13.68 -35.82
C PRO C 132 6.26 13.38 -34.95
N GLU C 133 5.34 12.55 -35.45
CA GLU C 133 4.19 12.04 -34.70
C GLU C 133 4.54 10.74 -33.95
N PHE C 134 3.78 10.42 -32.90
CA PHE C 134 4.00 9.19 -32.13
C PHE C 134 2.73 8.80 -31.40
N PHE C 135 2.64 7.56 -30.93
CA PHE C 135 1.46 7.12 -30.19
C PHE C 135 1.87 6.89 -28.73
N LEU C 136 0.89 6.66 -27.84
CA LEU C 136 1.16 6.34 -26.43
C LEU C 136 0.16 5.27 -25.91
N PHE C 137 0.69 4.17 -25.39
CA PHE C 137 -0.17 3.09 -24.85
C PHE C 137 -0.03 2.92 -23.33
N LYS C 138 -1.11 2.55 -22.64
CA LYS C 138 -1.01 2.26 -21.21
C LYS C 138 -0.18 0.99 -21.06
N LEU C 139 0.43 0.81 -19.88
CA LEU C 139 1.17 -0.41 -19.56
C LEU C 139 0.36 -1.33 -18.65
N ASP C 140 0.73 -2.61 -18.60
CA ASP C 140 0.14 -3.53 -17.62
C ASP C 140 1.05 -3.66 -16.39
N GLU C 141 0.52 -4.32 -15.36
CA GLU C 141 1.21 -4.48 -14.09
C GLU C 141 2.67 -4.92 -14.28
N LYS C 142 2.91 -5.75 -15.31
CA LYS C 142 4.22 -6.34 -15.56
C LYS C 142 5.18 -5.46 -16.39
N GLY C 143 4.99 -4.14 -16.30
CA GLY C 143 5.79 -3.18 -17.04
C GLY C 143 5.69 -3.43 -18.53
N GLU C 144 4.54 -3.91 -18.99
CA GLU C 144 4.38 -4.32 -20.37
C GLU C 144 3.37 -3.50 -21.18
N PRO C 145 3.76 -3.10 -22.42
CA PRO C 145 2.87 -2.28 -23.24
C PRO C 145 1.61 -3.05 -23.63
N THR C 146 0.46 -2.44 -23.37
CA THR C 146 -0.82 -3.02 -23.70
C THR C 146 -1.28 -2.35 -24.98
N LEU C 147 -2.48 -2.68 -25.46
CA LEU C 147 -3.05 -1.96 -26.62
C LEU C 147 -4.11 -0.89 -26.23
N GLU C 148 -4.08 -0.45 -24.97
CA GLU C 148 -5.01 0.59 -24.48
C GLU C 148 -4.42 1.99 -24.71
N LEU C 149 -5.18 2.91 -25.26
CA LEU C 149 -4.62 4.21 -25.62
C LEU C 149 -4.56 5.17 -24.42
N ASN C 150 -3.45 5.91 -24.30
CA ASN C 150 -3.24 6.81 -23.17
C ASN C 150 -4.39 7.80 -22.98
N ASP C 151 -5.17 8.01 -24.04
CA ASP C 151 -6.30 8.93 -24.02
C ASP C 151 -7.23 8.74 -25.21
N LYS C 152 -8.35 9.44 -25.21
CA LYS C 152 -9.29 9.36 -26.32
C LYS C 152 -9.53 10.72 -27.00
N GLY C 153 -8.45 11.48 -27.14
CA GLY C 153 -8.48 12.71 -27.90
C GLY C 153 -8.71 12.42 -29.36
N GLY C 154 -8.50 13.46 -30.16
CA GLY C 154 -8.71 13.44 -31.60
C GLY C 154 -8.05 14.70 -32.11
N TYR C 155 -8.17 14.94 -33.40
CA TYR C 155 -7.43 16.02 -34.04
C TYR C 155 -7.39 17.35 -33.24
N PHE C 156 -6.20 17.76 -32.81
CA PHE C 156 -5.98 19.09 -32.16
C PHE C 156 -6.66 19.35 -30.81
N ASP C 157 -7.50 18.42 -30.36
CA ASP C 157 -8.17 18.52 -29.05
C ASP C 157 -7.27 19.02 -27.92
N LEU C 158 -7.90 19.56 -26.89
CA LEU C 158 -7.25 19.69 -25.60
C LEU C 158 -6.82 18.27 -25.17
N ALA C 159 -5.64 17.85 -25.62
CA ALA C 159 -5.07 16.57 -25.21
C ALA C 159 -4.90 16.63 -23.71
N PRO C 160 -4.65 15.45 -23.07
CA PRO C 160 -4.66 15.35 -21.61
C PRO C 160 -4.67 16.72 -20.92
N THR C 161 -5.72 16.98 -20.15
CA THR C 161 -5.78 18.20 -19.37
C THR C 161 -4.53 18.36 -18.50
N ASP C 162 -4.34 19.54 -17.88
CA ASP C 162 -3.13 19.83 -17.09
C ASP C 162 -3.03 19.02 -15.81
N LEU C 163 -4.17 18.75 -15.20
CA LEU C 163 -4.19 17.97 -13.97
C LEU C 163 -3.86 16.50 -14.19
N GLY C 164 -2.65 16.11 -13.79
CA GLY C 164 -2.27 14.71 -13.78
C GLY C 164 -1.30 14.36 -14.87
N GLU C 165 -1.72 13.39 -15.70
CA GLU C 165 -0.85 12.83 -16.73
C GLU C 165 -0.19 13.94 -17.56
N ASN C 166 -0.92 14.45 -18.56
CA ASN C 166 -0.35 15.27 -19.62
C ASN C 166 1.12 14.98 -19.97
N CYS C 167 1.32 13.93 -20.75
CA CYS C 167 2.63 13.50 -21.11
C CYS C 167 3.22 14.52 -22.06
N ARG C 168 2.59 14.65 -23.22
CA ARG C 168 3.04 15.58 -24.23
C ARG C 168 3.50 16.92 -23.63
N ARG C 169 2.69 17.49 -22.75
CA ARG C 169 3.11 18.69 -22.01
C ARG C 169 4.45 18.47 -21.32
N ASP C 170 4.46 17.80 -20.17
CA ASP C 170 5.70 17.60 -19.45
C ASP C 170 6.87 17.30 -20.41
N ILE C 171 6.64 16.45 -21.41
CA ILE C 171 7.68 16.17 -22.41
C ILE C 171 8.21 17.49 -23.00
N VAL C 172 7.33 18.23 -23.66
CA VAL C 172 7.73 19.44 -24.34
C VAL C 172 8.50 20.37 -23.40
N LEU C 173 8.22 20.26 -22.09
CA LEU C 173 8.89 21.09 -21.10
C LEU C 173 10.32 20.62 -20.91
N GLU C 174 10.48 19.31 -20.73
CA GLU C 174 11.79 18.68 -20.55
C GLU C 174 12.71 18.92 -21.76
N LEU C 175 12.09 19.15 -22.92
CA LEU C 175 12.81 19.43 -24.16
C LEU C 175 13.28 20.88 -24.25
N GLU C 176 12.55 21.79 -23.62
CA GLU C 176 12.84 23.22 -23.66
C GLU C 176 13.94 23.59 -22.66
N GLU C 177 13.77 23.18 -21.40
CA GLU C 177 14.80 23.41 -20.38
C GLU C 177 15.88 22.35 -20.59
N MET C 178 16.03 21.91 -21.84
CA MET C 178 17.11 20.99 -22.21
C MET C 178 17.89 21.56 -23.39
N GLY C 179 17.20 22.24 -24.30
CA GLY C 179 17.87 22.90 -25.40
C GLY C 179 17.24 22.77 -26.77
N PHE C 180 16.01 22.29 -26.82
CA PHE C 180 15.32 22.15 -28.10
C PHE C 180 14.69 23.43 -28.55
N GLU C 181 14.71 23.66 -29.86
CA GLU C 181 13.95 24.78 -30.39
C GLU C 181 12.63 24.27 -30.96
N ILE C 182 11.63 24.19 -30.07
CA ILE C 182 10.35 23.59 -30.38
C ILE C 182 9.31 24.64 -30.81
N GLU C 183 8.64 24.38 -31.93
CA GLU C 183 7.52 25.18 -32.37
C GLU C 183 6.31 24.91 -31.48
N ALA C 184 5.27 24.27 -32.05
CA ALA C 184 4.04 23.92 -31.31
C ALA C 184 3.80 22.41 -31.24
N SER C 185 3.08 21.95 -30.23
CA SER C 185 2.60 20.55 -30.20
C SER C 185 1.08 20.49 -30.01
N HIS C 186 0.46 19.52 -30.66
CA HIS C 186 -0.99 19.38 -30.62
C HIS C 186 -1.31 17.90 -30.60
N HIS C 187 -2.56 17.58 -30.26
CA HIS C 187 -3.04 16.20 -30.37
C HIS C 187 -3.21 15.83 -31.83
N GLU C 188 -3.01 14.56 -32.16
CA GLU C 188 -3.20 14.09 -33.53
C GLU C 188 -4.54 13.39 -33.76
N VAL C 189 -4.85 13.11 -35.03
CA VAL C 189 -6.13 12.48 -35.40
C VAL C 189 -6.65 11.32 -34.51
N ALA C 190 -5.82 10.30 -34.25
CA ALA C 190 -6.25 9.07 -33.56
C ALA C 190 -6.18 9.20 -32.05
N PRO C 191 -7.08 8.50 -31.32
CA PRO C 191 -7.07 8.50 -29.86
C PRO C 191 -5.75 7.97 -29.35
N GLY C 192 -4.97 8.78 -28.67
CA GLY C 192 -3.69 8.36 -28.14
C GLY C 192 -2.47 8.84 -28.92
N GLN C 193 -2.69 9.58 -30.00
CA GLN C 193 -1.61 10.02 -30.90
C GLN C 193 -1.18 11.48 -30.70
N HIS C 194 0.08 11.79 -30.97
CA HIS C 194 0.59 13.13 -30.71
C HIS C 194 1.64 13.63 -31.68
N GLU C 195 1.58 14.91 -32.01
CA GLU C 195 2.66 15.51 -32.76
C GLU C 195 3.43 16.51 -31.91
N ILE C 196 4.69 16.67 -32.26
CA ILE C 196 5.55 17.66 -31.63
C ILE C 196 6.57 18.12 -32.66
N ASP C 197 6.40 19.34 -33.16
CA ASP C 197 7.26 19.85 -34.23
C ASP C 197 8.21 20.91 -33.71
N PHE C 198 9.47 20.82 -34.13
CA PHE C 198 10.43 21.82 -33.68
C PHE C 198 10.93 22.68 -34.81
N LYS C 199 11.69 23.69 -34.40
CA LYS C 199 12.27 24.66 -35.32
C LYS C 199 13.22 23.95 -36.24
N TYR C 200 13.34 24.50 -37.43
CA TYR C 200 14.18 23.92 -38.46
C TYR C 200 15.60 24.23 -38.11
N ALA C 201 16.48 23.27 -38.34
CA ALA C 201 17.88 23.48 -38.06
C ALA C 201 18.72 22.88 -39.17
N GLY C 202 19.98 23.31 -39.27
CA GLY C 202 20.92 22.69 -40.20
C GLY C 202 20.74 21.18 -40.15
N ALA C 203 20.62 20.55 -41.32
CA ALA C 203 20.27 19.13 -41.42
C ALA C 203 20.81 18.30 -40.29
N VAL C 204 22.11 18.05 -40.32
CA VAL C 204 22.80 17.28 -39.28
C VAL C 204 22.35 17.66 -37.87
N ARG C 205 22.12 18.95 -37.64
CA ARG C 205 21.66 19.39 -36.32
C ARG C 205 20.21 19.02 -36.01
N SER C 206 19.28 19.15 -36.97
CA SER C 206 17.86 18.78 -36.74
C SER C 206 17.64 17.29 -36.99
N CYS C 207 18.76 16.59 -37.23
CA CYS C 207 18.82 15.14 -37.43
C CYS C 207 19.29 14.45 -36.15
N ASP C 208 20.26 15.04 -35.44
CA ASP C 208 20.63 14.57 -34.11
C ASP C 208 19.49 14.96 -33.18
N ASP C 209 18.75 16.00 -33.58
CA ASP C 209 17.68 16.54 -32.76
C ASP C 209 16.53 15.55 -32.80
N ILE C 210 16.35 14.88 -33.93
CA ILE C 210 15.29 13.87 -34.06
C ILE C 210 15.55 12.67 -33.16
N GLN C 211 16.78 12.19 -33.15
CA GLN C 211 17.17 11.04 -32.35
C GLN C 211 16.93 11.32 -30.87
N THR C 212 17.40 12.47 -30.38
CA THR C 212 17.27 12.81 -28.98
C THR C 212 15.79 12.92 -28.56
N PHE C 213 14.93 13.32 -29.50
CA PHE C 213 13.47 13.42 -29.25
C PHE C 213 12.84 12.04 -29.02
N LYS C 214 13.03 11.14 -29.97
CA LYS C 214 12.58 9.78 -29.81
C LYS C 214 12.99 9.29 -28.42
N LEU C 215 14.21 9.63 -28.01
CA LEU C 215 14.74 9.23 -26.69
C LEU C 215 14.09 9.96 -25.52
N VAL C 216 14.18 11.28 -25.48
CA VAL C 216 13.54 12.02 -24.40
C VAL C 216 12.08 11.56 -24.33
N VAL C 217 11.48 11.35 -25.49
CA VAL C 217 10.07 10.93 -25.57
C VAL C 217 9.85 9.56 -24.92
N LYS C 218 10.74 8.62 -25.27
CA LYS C 218 10.65 7.24 -24.78
C LYS C 218 11.00 7.15 -23.28
N THR C 219 11.79 8.11 -22.80
CA THR C 219 12.15 8.19 -21.39
C THR C 219 11.04 8.83 -20.52
N ILE C 220 10.46 9.95 -20.97
CA ILE C 220 9.36 10.57 -20.23
C ILE C 220 8.10 9.68 -20.27
N ALA C 221 7.86 9.05 -21.41
CA ALA C 221 6.68 8.21 -21.61
C ALA C 221 6.62 7.06 -20.61
N ARG C 222 7.76 6.46 -20.34
CA ARG C 222 7.86 5.36 -19.38
C ARG C 222 7.84 5.91 -17.94
N LYS C 223 8.30 7.16 -17.75
CA LYS C 223 8.22 7.80 -16.42
C LYS C 223 6.75 8.07 -15.99
N HIS C 224 5.84 8.17 -16.96
CA HIS C 224 4.42 8.32 -16.65
C HIS C 224 3.62 7.03 -16.70
N GLY C 225 4.31 5.91 -16.89
CA GLY C 225 3.64 4.61 -16.90
C GLY C 225 3.01 4.23 -18.23
N LEU C 226 3.53 4.81 -19.32
CA LEU C 226 3.06 4.51 -20.67
C LEU C 226 4.19 3.89 -21.50
N HIS C 227 3.84 3.35 -22.67
CA HIS C 227 4.82 2.99 -23.70
C HIS C 227 4.62 3.92 -24.91
N ALA C 228 5.73 4.44 -25.44
CA ALA C 228 5.69 5.32 -26.61
C ALA C 228 6.21 4.54 -27.81
N THR C 229 5.45 4.55 -28.89
CA THR C 229 5.93 3.93 -30.13
C THR C 229 5.76 4.82 -31.34
N PHE C 230 6.80 4.80 -32.18
CA PHE C 230 6.82 5.55 -33.43
C PHE C 230 6.57 4.61 -34.63
N MET C 231 5.96 3.46 -34.34
CA MET C 231 5.49 2.52 -35.35
C MET C 231 4.57 3.30 -36.29
N PRO C 232 4.84 3.21 -37.60
CA PRO C 232 4.00 3.83 -38.62
C PRO C 232 2.51 3.52 -38.42
N LYS C 233 2.17 2.23 -38.34
CA LYS C 233 0.76 1.82 -38.26
C LYS C 233 0.57 0.67 -37.26
N PRO C 234 0.55 1.01 -35.94
CA PRO C 234 0.41 0.05 -34.84
C PRO C 234 -0.94 -0.63 -34.90
N LEU C 235 -1.97 0.19 -35.11
CA LEU C 235 -3.34 -0.29 -35.07
C LEU C 235 -3.94 -0.18 -36.44
N PHE C 236 -4.37 -1.32 -36.98
CA PHE C 236 -5.09 -1.29 -38.22
C PHE C 236 -6.37 -0.55 -37.97
N GLY C 237 -6.75 0.31 -38.91
CA GLY C 237 -7.95 1.10 -38.77
C GLY C 237 -7.74 2.43 -38.05
N VAL C 238 -6.51 2.74 -37.70
CA VAL C 238 -6.25 4.02 -37.05
C VAL C 238 -5.27 4.83 -37.86
N ASN C 239 -5.32 6.14 -37.68
CA ASN C 239 -4.31 7.02 -38.23
C ASN C 239 -2.90 6.44 -38.01
N GLY C 240 -2.09 6.48 -39.06
CA GLY C 240 -0.71 6.07 -38.92
C GLY C 240 0.08 7.27 -38.41
N SER C 241 1.30 7.01 -37.99
CA SER C 241 2.20 8.09 -37.60
C SER C 241 3.04 8.49 -38.78
N GLY C 242 3.00 9.77 -39.13
CA GLY C 242 3.71 10.28 -40.30
C GLY C 242 4.51 11.53 -40.00
N MET C 243 5.82 11.34 -39.92
CA MET C 243 6.79 12.40 -39.71
C MET C 243 7.11 13.19 -40.99
N HIS C 244 6.33 14.24 -41.27
CA HIS C 244 6.54 15.06 -42.46
C HIS C 244 7.84 15.84 -42.31
N CYS C 245 8.49 16.12 -43.43
CA CYS C 245 9.80 16.78 -43.42
C CYS C 245 9.81 18.04 -44.24
N ASN C 246 9.69 19.19 -43.58
CA ASN C 246 9.73 20.45 -44.30
C ASN C 246 11.18 20.85 -44.64
N LEU C 247 11.41 21.16 -45.93
CA LEU C 247 12.74 21.34 -46.51
C LEU C 247 12.96 22.67 -47.26
N SER C 248 14.19 23.20 -47.20
CA SER C 248 14.53 24.45 -47.89
C SER C 248 16.05 24.53 -48.11
N LEU C 249 16.47 25.18 -49.19
CA LEU C 249 17.90 25.32 -49.56
C LEU C 249 18.42 26.76 -49.51
N PHE C 250 19.56 26.99 -48.87
CA PHE C 250 20.11 28.34 -48.70
C PHE C 250 21.48 28.60 -49.34
N LYS C 251 21.52 29.41 -50.39
CA LYS C 251 22.80 29.84 -50.97
C LYS C 251 23.35 31.08 -50.25
N ASN C 252 24.58 31.00 -49.75
CA ASN C 252 25.16 32.06 -48.94
C ASN C 252 24.50 32.17 -47.55
N GLY C 253 23.17 32.09 -47.53
CA GLY C 253 22.39 32.21 -46.31
C GLY C 253 21.02 32.86 -46.53
N VAL C 254 20.46 32.63 -47.72
CA VAL C 254 19.17 33.21 -48.07
C VAL C 254 18.35 32.28 -48.97
N ASN C 255 17.13 31.96 -48.52
CA ASN C 255 16.31 30.92 -49.14
C ASN C 255 16.40 30.85 -50.67
N ALA C 256 17.00 29.78 -51.18
CA ALA C 256 17.22 29.62 -52.62
C ALA C 256 15.99 29.05 -53.31
N PHE C 257 14.90 28.94 -52.56
CA PHE C 257 13.66 28.47 -53.15
C PHE C 257 12.79 29.65 -53.53
N PHE C 258 12.89 30.73 -52.75
CA PHE C 258 12.05 31.92 -52.93
C PHE C 258 12.42 32.79 -54.15
N ASP C 259 11.41 33.11 -54.95
CA ASP C 259 11.55 34.05 -56.07
C ASP C 259 10.39 35.01 -56.00
N GLU C 260 10.66 36.19 -55.42
CA GLU C 260 9.67 37.25 -55.32
C GLU C 260 9.01 37.46 -56.65
N ASN C 261 9.80 37.29 -57.72
CA ASN C 261 9.33 37.53 -59.07
C ASN C 261 9.28 36.23 -59.88
N ALA C 262 8.34 35.36 -59.56
CA ALA C 262 8.21 34.08 -60.26
C ALA C 262 6.89 33.33 -60.07
N ASP C 263 6.61 32.41 -60.99
CA ASP C 263 5.46 31.52 -60.92
C ASP C 263 5.32 30.94 -59.52
N LEU C 264 4.30 31.40 -58.80
CA LEU C 264 3.93 30.84 -57.50
C LEU C 264 4.85 31.37 -56.39
N GLN C 265 5.81 32.22 -56.74
CA GLN C 265 6.89 32.68 -55.85
C GLN C 265 7.92 31.59 -55.65
N LEU C 266 8.17 30.80 -56.70
CA LEU C 266 9.12 29.71 -56.62
C LEU C 266 10.20 29.80 -57.71
N SER C 267 11.46 29.87 -57.25
CA SER C 267 12.63 30.07 -58.11
C SER C 267 13.02 28.85 -58.95
N GLU C 268 13.81 29.08 -59.99
CA GLU C 268 14.11 28.01 -60.95
C GLU C 268 14.79 26.84 -60.29
N THR C 269 15.45 27.13 -59.18
CA THR C 269 15.94 26.09 -58.30
C THR C 269 14.75 25.26 -57.84
N ALA C 270 13.90 25.85 -57.01
CA ALA C 270 12.73 25.15 -56.47
C ALA C 270 12.02 24.27 -57.50
N LYS C 271 11.77 24.81 -58.69
CA LYS C 271 11.09 24.04 -59.74
C LYS C 271 11.88 22.78 -60.07
N HIS C 272 13.20 22.95 -60.23
CA HIS C 272 14.08 21.82 -60.45
C HIS C 272 13.98 20.83 -59.29
N PHE C 273 14.29 21.31 -58.09
CA PHE C 273 14.22 20.52 -56.87
C PHE C 273 12.89 19.77 -56.70
N ILE C 274 11.80 20.42 -57.03
CA ILE C 274 10.50 19.77 -57.03
C ILE C 274 10.51 18.56 -57.95
N ALA C 275 11.09 18.74 -59.14
CA ALA C 275 11.08 17.72 -60.20
C ALA C 275 11.95 16.54 -59.88
N GLY C 276 13.08 16.81 -59.22
CA GLY C 276 13.99 15.77 -58.80
C GLY C 276 13.34 14.82 -57.81
N ILE C 277 12.74 15.37 -56.76
CA ILE C 277 12.02 14.54 -55.80
C ILE C 277 10.87 13.76 -56.44
N VAL C 278 10.38 14.20 -57.59
CA VAL C 278 9.33 13.45 -58.25
C VAL C 278 9.91 12.29 -59.03
N LYS C 279 11.09 12.51 -59.59
CA LYS C 279 11.77 11.47 -60.37
C LYS C 279 12.03 10.30 -59.44
N HIS C 280 12.32 10.62 -58.19
CA HIS C 280 12.92 9.65 -57.29
C HIS C 280 11.97 9.12 -56.23
N ALA C 281 10.70 9.50 -56.33
CA ALA C 281 9.70 9.18 -55.33
C ALA C 281 9.61 7.69 -54.99
N THR C 282 9.13 6.89 -55.94
CA THR C 282 8.97 5.47 -55.70
C THR C 282 10.31 4.84 -55.37
N SER C 283 11.38 5.42 -55.92
CA SER C 283 12.71 4.87 -55.72
C SER C 283 13.23 5.02 -54.29
N PHE C 284 13.15 6.23 -53.75
CA PHE C 284 13.70 6.48 -52.41
C PHE C 284 12.77 6.14 -51.23
N THR C 285 11.55 5.69 -51.52
CA THR C 285 10.59 5.35 -50.47
C THR C 285 11.02 4.20 -49.53
N ALA C 286 11.53 3.11 -50.08
CA ALA C 286 12.04 2.02 -49.24
C ALA C 286 13.05 2.50 -48.17
N VAL C 287 13.49 3.76 -48.26
CA VAL C 287 14.45 4.35 -47.32
C VAL C 287 13.79 5.32 -46.31
N THR C 288 12.65 5.90 -46.69
CA THR C 288 11.90 6.78 -45.79
C THR C 288 10.78 6.03 -45.10
N ASN C 289 10.47 4.85 -45.59
CA ASN C 289 9.49 3.95 -44.99
C ASN C 289 10.08 2.54 -45.02
N PRO C 290 11.05 2.26 -44.12
CA PRO C 290 11.91 1.06 -44.12
C PRO C 290 11.33 -0.20 -43.48
N THR C 291 10.03 -0.30 -43.24
CA THR C 291 9.49 -1.46 -42.54
C THR C 291 8.29 -2.09 -43.23
N VAL C 292 8.08 -3.39 -43.00
CA VAL C 292 6.89 -4.08 -43.51
C VAL C 292 5.67 -3.25 -43.13
N ASN C 293 5.52 -3.00 -41.83
CA ASN C 293 4.42 -2.23 -41.25
C ASN C 293 4.40 -0.79 -41.75
N SER C 294 5.54 -0.28 -42.19
CA SER C 294 5.60 1.10 -42.65
C SER C 294 4.66 1.34 -43.81
N TYR C 295 4.35 0.27 -44.54
CA TYR C 295 3.55 0.38 -45.76
C TYR C 295 2.05 0.24 -45.51
N LYS C 296 1.71 -0.04 -44.26
CA LYS C 296 0.30 -0.10 -43.89
C LYS C 296 -0.29 1.33 -43.81
N ARG C 297 0.46 2.30 -43.28
CA ARG C 297 0.01 3.68 -43.17
C ARG C 297 -0.14 4.34 -44.52
N LEU C 298 0.62 3.83 -45.48
CA LEU C 298 0.66 4.34 -46.84
C LEU C 298 -0.44 3.69 -47.65
N VAL C 299 -1.64 3.67 -47.07
CA VAL C 299 -2.83 3.12 -47.72
C VAL C 299 -3.92 4.20 -47.78
N PRO C 300 -4.71 4.25 -48.88
CA PRO C 300 -5.62 5.39 -49.00
C PRO C 300 -6.63 5.44 -47.85
N GLY C 301 -6.89 6.63 -47.32
CA GLY C 301 -7.88 6.83 -46.28
C GLY C 301 -7.50 7.77 -45.13
N TYR C 302 -6.70 7.25 -44.19
CA TYR C 302 -6.40 7.94 -42.92
C TYR C 302 -5.50 9.18 -43.11
N GLU C 303 -5.45 9.70 -44.33
CA GLU C 303 -4.77 10.95 -44.65
C GLU C 303 -3.23 10.82 -44.71
N ALA C 304 -2.75 9.95 -45.62
CA ALA C 304 -1.32 9.79 -45.94
C ALA C 304 -1.09 9.71 -47.46
N PRO C 305 0.11 10.11 -47.92
CA PRO C 305 0.38 10.19 -49.37
C PRO C 305 0.50 8.81 -49.96
N CYS C 306 -0.37 8.49 -50.92
CA CYS C 306 -0.27 7.23 -51.62
C CYS C 306 0.10 7.47 -53.07
N TYR C 307 0.22 8.75 -53.41
CA TYR C 307 0.38 9.18 -54.80
C TYR C 307 1.54 10.16 -54.97
N VAL C 308 2.12 10.20 -56.17
CA VAL C 308 3.27 11.08 -56.42
C VAL C 308 2.91 12.35 -57.18
N ALA C 309 2.88 13.48 -56.45
CA ALA C 309 2.51 14.78 -57.01
C ALA C 309 2.53 15.87 -55.94
N TRP C 310 2.39 17.12 -56.37
CA TRP C 310 2.53 18.26 -55.46
C TRP C 310 1.48 19.31 -55.69
N SER C 311 0.84 19.77 -54.64
CA SER C 311 -0.11 20.86 -54.79
C SER C 311 -0.26 21.67 -53.52
N ALA C 312 -0.67 22.92 -53.70
CA ALA C 312 -1.00 23.82 -52.60
C ALA C 312 -1.88 23.13 -51.55
N GLN C 313 -3.13 22.88 -51.90
CA GLN C 313 -4.04 22.15 -51.02
C GLN C 313 -4.65 20.92 -51.70
N ASN C 314 -4.53 19.80 -51.01
CA ASN C 314 -5.04 18.54 -51.51
C ASN C 314 -5.24 17.58 -50.33
N ARG C 315 -6.09 16.57 -50.55
CA ARG C 315 -6.43 15.55 -49.54
C ARG C 315 -5.23 15.04 -48.71
N SER C 316 -4.09 14.88 -49.37
CA SER C 316 -2.83 14.55 -48.71
C SER C 316 -1.74 14.35 -49.77
N PRO C 317 -1.40 15.44 -50.50
CA PRO C 317 -0.41 15.29 -51.57
C PRO C 317 0.94 14.81 -51.00
N LEU C 318 1.76 14.22 -51.84
CA LEU C 318 3.06 13.71 -51.43
C LEU C 318 4.02 14.86 -51.20
N ILE C 319 3.79 15.95 -51.93
CA ILE C 319 4.55 17.19 -51.76
C ILE C 319 3.57 18.35 -51.62
N ARG C 320 3.79 19.17 -50.60
CA ARG C 320 2.90 20.26 -50.30
C ARG C 320 3.70 21.51 -50.02
N ILE C 321 3.74 22.45 -50.97
CA ILE C 321 4.36 23.73 -50.65
C ILE C 321 3.40 24.51 -49.79
N PRO C 322 3.80 24.76 -48.55
CA PRO C 322 2.92 25.61 -47.75
C PRO C 322 3.05 26.97 -48.40
N ALA C 323 1.91 27.62 -48.67
CA ALA C 323 1.90 28.88 -49.42
C ALA C 323 2.93 29.83 -48.87
N SER C 324 2.92 29.91 -47.54
CA SER C 324 3.79 30.77 -46.76
C SER C 324 5.24 30.90 -47.29
N ARG C 325 5.51 31.96 -48.05
CA ARG C 325 6.85 32.27 -48.57
C ARG C 325 7.70 33.07 -47.56
N GLY C 326 8.78 33.67 -48.05
CA GLY C 326 9.76 34.32 -47.21
C GLY C 326 10.87 33.33 -46.96
N ILE C 327 11.39 33.31 -45.73
CA ILE C 327 12.36 32.29 -45.32
C ILE C 327 11.67 30.94 -45.28
N SER C 328 10.39 30.99 -44.93
CA SER C 328 9.59 29.79 -44.76
C SER C 328 9.12 29.21 -46.09
N THR C 329 9.64 29.74 -47.20
CA THR C 329 9.41 29.15 -48.51
C THR C 329 9.99 27.74 -48.50
N ARG C 330 9.14 26.74 -48.63
CA ARG C 330 9.60 25.39 -48.39
C ARG C 330 8.78 24.31 -49.09
N VAL C 331 9.42 23.15 -49.24
CA VAL C 331 8.81 21.95 -49.82
C VAL C 331 8.66 20.81 -48.78
N GLU C 332 7.43 20.59 -48.29
CA GLU C 332 7.18 19.54 -47.32
C GLU C 332 7.06 18.21 -48.07
N VAL C 333 7.69 17.18 -47.52
CA VAL C 333 7.45 15.79 -47.98
C VAL C 333 6.77 14.97 -46.89
N ARG C 334 5.52 14.60 -47.17
CA ARG C 334 4.57 14.10 -46.18
C ARG C 334 4.53 12.58 -46.02
N SER C 335 5.46 11.92 -46.66
CA SER C 335 5.44 10.46 -46.75
C SER C 335 6.40 9.73 -45.79
N VAL C 336 7.29 10.48 -45.15
CA VAL C 336 8.21 9.85 -44.23
C VAL C 336 7.50 9.51 -42.95
N ASP C 337 7.82 8.36 -42.37
CA ASP C 337 7.39 8.07 -41.00
C ASP C 337 8.57 8.15 -40.01
N PRO C 338 8.29 8.10 -38.70
CA PRO C 338 9.34 8.14 -37.69
C PRO C 338 10.22 6.88 -37.55
N ALA C 339 9.96 5.83 -38.32
CA ALA C 339 10.82 4.65 -38.25
C ALA C 339 12.03 4.96 -39.10
N ALA C 340 11.80 5.74 -40.15
CA ALA C 340 12.85 6.12 -41.06
C ALA C 340 14.06 6.66 -40.32
N ASN C 341 15.22 6.10 -40.63
CA ASN C 341 16.46 6.66 -40.15
C ASN C 341 16.58 8.10 -40.67
N PRO C 342 16.72 9.08 -39.75
CA PRO C 342 16.86 10.50 -40.10
C PRO C 342 18.11 10.86 -40.93
N TYR C 343 19.22 10.16 -40.70
CA TYR C 343 20.42 10.50 -41.44
C TYR C 343 20.32 10.00 -42.89
N LEU C 344 19.59 8.89 -43.08
CA LEU C 344 19.47 8.19 -44.37
C LEU C 344 18.27 8.63 -45.19
N ALA C 345 17.26 9.18 -44.52
CA ALA C 345 16.15 9.77 -45.24
C ALA C 345 16.60 11.12 -45.80
N LEU C 346 17.34 11.89 -44.99
CA LEU C 346 17.80 13.20 -45.43
C LEU C 346 18.88 13.15 -46.51
N SER C 347 19.81 12.22 -46.40
CA SER C 347 20.84 12.02 -47.42
C SER C 347 20.19 11.65 -48.77
N VAL C 348 19.18 10.78 -48.71
CA VAL C 348 18.47 10.26 -49.89
C VAL C 348 17.53 11.32 -50.50
N LEU C 349 17.05 12.25 -49.68
CA LEU C 349 16.19 13.32 -50.15
C LEU C 349 17.02 14.44 -50.77
N LEU C 350 18.16 14.71 -50.17
CA LEU C 350 19.10 15.70 -50.68
C LEU C 350 19.81 15.22 -51.95
N ALA C 351 19.98 13.93 -52.08
CA ALA C 351 20.57 13.39 -53.29
C ALA C 351 19.57 13.55 -54.40
N ALA C 352 18.29 13.47 -54.04
CA ALA C 352 17.20 13.43 -55.02
C ALA C 352 16.71 14.79 -55.50
N GLY C 353 16.98 15.84 -54.72
CA GLY C 353 16.66 17.18 -55.15
C GLY C 353 17.84 17.71 -55.93
N LEU C 354 19.04 17.32 -55.48
CA LEU C 354 20.28 17.70 -56.13
C LEU C 354 20.38 17.15 -57.56
N ASP C 355 19.74 16.03 -57.83
CA ASP C 355 19.71 15.48 -59.18
C ASP C 355 18.97 16.47 -60.10
N GLY C 356 18.02 17.22 -59.53
CA GLY C 356 17.24 18.21 -60.28
C GLY C 356 17.96 19.53 -60.50
N ILE C 357 18.11 20.33 -59.44
CA ILE C 357 18.87 21.57 -59.50
C ILE C 357 20.10 21.43 -60.40
N LYS C 358 20.89 20.38 -60.18
CA LYS C 358 22.13 20.17 -60.92
C LYS C 358 21.87 19.76 -62.38
N ASN C 359 20.84 18.96 -62.62
CA ASN C 359 20.49 18.51 -63.96
C ASN C 359 19.35 19.28 -64.62
N LYS C 360 19.24 20.56 -64.28
CA LYS C 360 18.17 21.44 -64.77
C LYS C 360 16.89 20.71 -65.23
N LEU C 361 16.31 19.93 -64.30
CA LEU C 361 15.08 19.17 -64.57
C LEU C 361 13.82 19.96 -64.19
N GLU C 362 12.93 20.22 -65.15
CA GLU C 362 11.70 20.97 -64.89
C GLU C 362 10.62 20.07 -64.29
N ALA C 363 9.78 20.67 -63.44
CA ALA C 363 8.78 19.92 -62.67
C ALA C 363 7.38 19.87 -63.34
N PRO C 364 6.71 18.71 -63.22
CA PRO C 364 5.45 18.42 -63.91
C PRO C 364 4.33 19.40 -63.60
N ALA C 365 3.19 19.23 -64.28
CA ALA C 365 2.02 20.03 -64.01
C ALA C 365 1.77 19.96 -62.52
N PRO C 366 1.69 21.12 -61.85
CA PRO C 366 1.39 21.13 -60.42
C PRO C 366 0.10 20.38 -60.08
N ILE C 367 0.09 19.06 -60.23
CA ILE C 367 -1.10 18.25 -59.98
C ILE C 367 -1.99 18.82 -58.88
N ASP C 368 -2.67 19.93 -59.17
CA ASP C 368 -3.62 20.50 -58.22
C ASP C 368 -4.80 19.57 -58.18
N ARG C 369 -5.99 20.13 -58.01
CA ARG C 369 -7.17 19.30 -58.04
C ARG C 369 -7.15 18.38 -56.83
N ASN C 370 -7.65 17.17 -57.02
CA ASN C 370 -7.57 16.11 -56.01
C ASN C 370 -7.18 14.78 -56.64
N ILE C 371 -6.04 14.23 -56.17
CA ILE C 371 -5.46 12.99 -56.67
C ILE C 371 -6.21 11.75 -56.19
N TYR C 372 -6.66 11.82 -54.95
CA TYR C 372 -7.37 10.72 -54.34
C TYR C 372 -8.69 10.49 -55.05
N VAL C 373 -9.59 11.45 -54.85
CA VAL C 373 -11.00 11.39 -55.26
C VAL C 373 -11.28 11.02 -56.72
N MET C 374 -10.28 11.17 -57.59
CA MET C 374 -10.50 10.90 -59.01
C MET C 374 -10.48 9.40 -59.34
N SER C 375 -10.36 9.10 -60.63
CA SER C 375 -10.41 7.73 -61.11
C SER C 375 -8.99 7.23 -61.34
N LYS C 376 -8.74 5.93 -61.17
CA LYS C 376 -7.38 5.41 -61.41
C LYS C 376 -6.99 5.61 -62.87
N GLU C 377 -7.98 5.52 -63.74
CA GLU C 377 -7.79 5.70 -65.18
C GLU C 377 -7.59 7.16 -65.48
N GLU C 378 -8.01 7.99 -64.53
CA GLU C 378 -7.85 9.44 -64.59
C GLU C 378 -6.53 9.80 -63.93
N ARG C 379 -6.04 8.89 -63.07
CA ARG C 379 -4.74 9.04 -62.44
C ARG C 379 -3.65 8.84 -63.49
N MET C 380 -3.76 7.75 -64.24
CA MET C 380 -2.83 7.50 -65.32
C MET C 380 -3.04 8.57 -66.39
N GLU C 381 -4.25 9.12 -66.42
CA GLU C 381 -4.58 10.21 -67.33
C GLU C 381 -3.71 11.45 -67.07
N ASN C 382 -3.39 11.72 -65.81
CA ASN C 382 -2.59 12.88 -65.46
C ASN C 382 -1.20 12.50 -64.95
N GLY C 383 -0.70 11.36 -65.44
CA GLY C 383 0.64 10.88 -65.14
C GLY C 383 0.94 10.71 -63.67
N ILE C 384 -0.04 10.18 -62.94
CA ILE C 384 0.05 10.08 -61.49
C ILE C 384 0.46 8.68 -61.02
N VAL C 385 1.71 8.59 -60.61
CA VAL C 385 2.32 7.33 -60.21
C VAL C 385 1.99 7.01 -58.77
N ASP C 386 1.51 5.79 -58.53
CA ASP C 386 1.28 5.34 -57.17
C ASP C 386 2.64 4.99 -56.57
N LEU C 387 2.75 4.97 -55.25
CA LEU C 387 4.00 4.57 -54.60
C LEU C 387 4.17 3.04 -54.61
N PRO C 388 5.31 2.54 -54.11
CA PRO C 388 5.43 1.09 -53.94
C PRO C 388 4.56 0.58 -52.78
N ALA C 389 3.96 -0.61 -52.94
CA ALA C 389 2.88 -1.09 -52.09
C ALA C 389 3.34 -1.89 -50.86
N THR C 390 4.40 -2.66 -51.05
CA THR C 390 5.01 -3.37 -49.95
C THR C 390 6.49 -3.02 -49.93
N LEU C 391 7.14 -3.36 -48.83
CA LEU C 391 8.58 -3.21 -48.72
C LEU C 391 9.29 -3.79 -49.93
N ALA C 392 9.12 -5.08 -50.16
CA ALA C 392 9.76 -5.78 -51.28
C ALA C 392 9.62 -5.03 -52.59
N GLU C 393 8.41 -4.52 -52.86
CA GLU C 393 8.13 -3.76 -54.08
C GLU C 393 9.05 -2.56 -54.04
N ALA C 394 9.06 -1.91 -52.88
CA ALA C 394 9.81 -0.67 -52.62
C ALA C 394 11.33 -0.78 -52.68
N LEU C 395 11.87 -1.95 -52.31
CA LEU C 395 13.31 -2.25 -52.33
C LEU C 395 13.81 -2.50 -53.76
N GLU C 396 13.03 -3.28 -54.50
CA GLU C 396 13.33 -3.54 -55.89
C GLU C 396 13.61 -2.20 -56.57
N GLU C 397 12.68 -1.25 -56.39
CA GLU C 397 12.75 0.11 -56.95
C GLU C 397 13.95 0.93 -56.48
N PHE C 398 14.37 0.68 -55.26
CA PHE C 398 15.51 1.37 -54.69
C PHE C 398 16.80 0.85 -55.30
N LYS C 399 16.80 -0.45 -55.59
CA LYS C 399 17.96 -1.13 -56.12
C LYS C 399 18.20 -0.69 -57.56
N SER C 400 17.10 -0.53 -58.30
CA SER C 400 17.10 -0.07 -59.71
C SER C 400 17.53 1.40 -59.91
N ASN C 401 17.20 2.29 -58.98
CA ASN C 401 17.64 3.68 -59.12
C ASN C 401 19.12 3.84 -58.75
N GLU C 402 19.93 4.36 -59.67
CA GLU C 402 21.38 4.48 -59.44
C GLU C 402 21.84 5.74 -58.66
N VAL C 403 21.04 6.81 -58.68
CA VAL C 403 21.31 8.06 -57.91
C VAL C 403 21.16 7.86 -56.40
N MET C 404 20.24 6.97 -56.03
CA MET C 404 20.00 6.60 -54.63
C MET C 404 21.06 5.61 -54.16
N VAL C 405 21.46 4.69 -55.04
CA VAL C 405 22.55 3.80 -54.72
C VAL C 405 23.76 4.65 -54.37
N LYS C 406 24.05 5.65 -55.18
CA LYS C 406 25.23 6.49 -54.97
C LYS C 406 25.01 7.49 -53.83
N ALA C 407 23.82 7.45 -53.24
CA ALA C 407 23.42 8.33 -52.15
C ALA C 407 23.86 7.77 -50.80
N LEU C 408 24.08 6.46 -50.77
CA LEU C 408 24.58 5.74 -49.60
C LEU C 408 25.88 4.98 -49.89
N GLY C 409 26.23 4.86 -51.18
CA GLY C 409 27.46 4.21 -51.60
C GLY C 409 27.59 2.73 -51.22
N GLU C 410 28.18 1.96 -52.13
CA GLU C 410 28.33 0.52 -51.96
C GLU C 410 28.11 -0.02 -50.54
N HIS C 411 28.81 0.53 -49.55
CA HIS C 411 28.81 -0.05 -48.20
C HIS C 411 27.45 -0.01 -47.51
N LEU C 412 26.98 1.20 -47.24
CA LEU C 412 25.68 1.42 -46.61
C LEU C 412 24.54 0.83 -47.42
N PHE C 413 24.52 1.10 -48.70
CA PHE C 413 23.51 0.57 -49.59
C PHE C 413 23.45 -0.96 -49.49
N GLU C 414 24.59 -1.62 -49.54
CA GLU C 414 24.59 -3.07 -49.58
C GLU C 414 24.03 -3.69 -48.32
N HIS C 415 24.55 -3.25 -47.18
CA HIS C 415 24.17 -3.72 -45.85
C HIS C 415 22.73 -3.42 -45.55
N PHE C 416 22.21 -2.38 -46.19
CA PHE C 416 20.82 -1.95 -45.99
C PHE C 416 19.82 -2.84 -46.72
N ILE C 417 20.11 -3.12 -47.99
CA ILE C 417 19.38 -4.12 -48.74
C ILE C 417 19.49 -5.47 -48.03
N GLU C 418 20.73 -5.93 -47.85
CA GLU C 418 21.02 -7.20 -47.19
C GLU C 418 20.13 -7.44 -45.99
N ALA C 419 19.99 -6.42 -45.15
CA ALA C 419 19.27 -6.52 -43.88
C ALA C 419 17.79 -6.49 -44.12
N LYS C 420 17.36 -5.54 -44.91
CA LYS C 420 15.94 -5.40 -45.16
C LYS C 420 15.45 -6.63 -45.89
N GLU C 421 16.22 -7.13 -46.86
CA GLU C 421 15.81 -8.31 -47.61
C GLU C 421 15.60 -9.51 -46.70
N ILE C 422 16.17 -9.40 -45.51
CA ILE C 422 16.04 -10.41 -44.46
C ILE C 422 14.75 -10.14 -43.73
N GLU C 423 14.56 -8.87 -43.38
CA GLU C 423 13.35 -8.44 -42.71
C GLU C 423 12.09 -8.88 -43.48
N TRP C 424 12.02 -8.61 -44.78
CA TRP C 424 10.85 -9.00 -45.57
C TRP C 424 10.73 -10.52 -45.62
N ASP C 425 11.86 -11.20 -45.71
CA ASP C 425 11.79 -12.65 -45.79
C ASP C 425 11.15 -13.22 -44.54
N MET C 426 11.24 -12.50 -43.43
CA MET C 426 10.66 -13.01 -42.18
C MET C 426 9.14 -12.85 -42.16
N PHE C 427 8.65 -11.81 -42.83
CA PHE C 427 7.23 -11.50 -42.81
C PHE C 427 6.46 -12.31 -43.83
N ARG C 428 7.14 -12.69 -44.92
CA ARG C 428 6.48 -13.37 -46.03
C ARG C 428 6.38 -14.86 -45.72
N THR C 429 7.24 -15.29 -44.82
CA THR C 429 7.31 -16.69 -44.43
C THR C 429 6.52 -17.03 -43.17
N GLN C 430 6.16 -16.01 -42.40
CA GLN C 430 5.34 -16.26 -41.22
C GLN C 430 3.94 -16.68 -41.66
N VAL C 431 3.23 -17.42 -40.81
CA VAL C 431 1.80 -17.61 -41.04
C VAL C 431 1.07 -16.82 -39.97
N HIS C 432 0.39 -15.75 -40.42
CA HIS C 432 -0.24 -14.78 -39.54
C HIS C 432 -1.62 -15.25 -39.20
N PRO C 433 -2.12 -14.86 -38.01
CA PRO C 433 -3.43 -15.34 -37.58
C PRO C 433 -4.51 -15.07 -38.64
N TRP C 434 -4.47 -13.89 -39.26
CA TRP C 434 -5.38 -13.54 -40.36
C TRP C 434 -5.52 -14.68 -41.39
N GLU C 435 -4.37 -15.16 -41.87
CA GLU C 435 -4.28 -16.32 -42.76
C GLU C 435 -5.01 -17.56 -42.22
N ARG C 436 -5.14 -17.64 -40.91
CA ARG C 436 -5.79 -18.79 -40.29
C ARG C 436 -7.27 -18.52 -40.13
N GLU C 437 -7.66 -17.26 -39.90
CA GLU C 437 -9.07 -16.92 -39.71
C GLU C 437 -9.74 -17.05 -41.05
N GLN C 438 -9.06 -16.48 -42.05
CA GLN C 438 -9.48 -16.40 -43.43
C GLN C 438 -9.53 -17.72 -44.24
N TYR C 439 -8.73 -18.71 -43.84
CA TYR C 439 -8.48 -19.91 -44.66
C TYR C 439 -8.71 -21.27 -43.94
N MET C 440 -8.19 -21.40 -42.71
CA MET C 440 -8.19 -22.67 -41.97
C MET C 440 -9.49 -23.48 -42.06
N SER C 441 -10.62 -22.78 -42.27
CA SER C 441 -11.90 -23.47 -42.41
C SER C 441 -12.46 -23.36 -43.83
N GLN C 442 -12.55 -22.15 -44.38
CA GLN C 442 -13.02 -21.94 -45.77
C GLN C 442 -12.42 -22.96 -46.74
N TYR C 443 -11.19 -23.41 -46.44
CA TYR C 443 -10.51 -24.39 -47.26
C TYR C 443 -10.07 -25.63 -46.44
N ALA D 1 -9.96 47.25 -22.36
CA ALA D 1 -9.12 46.06 -22.18
C ALA D 1 -9.39 45.39 -20.83
N LYS D 2 -8.41 44.60 -20.37
CA LYS D 2 -8.51 43.87 -19.11
C LYS D 2 -7.08 43.51 -18.78
N TYR D 3 -6.30 43.36 -19.85
CA TYR D 3 -4.85 43.09 -19.79
C TYR D 3 -4.13 43.78 -20.95
N THR D 4 -3.25 44.73 -20.64
CA THR D 4 -2.44 45.37 -21.68
C THR D 4 -1.45 44.31 -22.19
N ARG D 5 -0.79 44.53 -23.34
CA ARG D 5 0.21 43.57 -23.79
C ARG D 5 1.39 43.55 -22.81
N GLU D 6 1.64 44.70 -22.19
CA GLU D 6 2.68 44.88 -21.17
C GLU D 6 2.41 43.99 -19.95
N ASP D 7 1.19 44.06 -19.41
CA ASP D 7 0.77 43.23 -18.28
C ASP D 7 0.94 41.74 -18.58
N ILE D 8 0.54 41.32 -19.78
CA ILE D 8 0.65 39.92 -20.22
C ILE D 8 2.06 39.39 -20.05
N GLU D 9 3.02 40.18 -20.52
CA GLU D 9 4.44 39.90 -20.30
C GLU D 9 4.80 40.01 -18.82
N LYS D 10 4.20 40.98 -18.12
CA LYS D 10 4.47 41.16 -16.69
C LYS D 10 4.08 39.90 -15.92
N LEU D 11 3.09 39.18 -16.42
CA LEU D 11 2.52 38.07 -15.68
C LEU D 11 3.15 36.71 -15.97
N VAL D 12 3.48 36.48 -17.24
CA VAL D 12 4.14 35.24 -17.66
C VAL D 12 5.50 35.07 -17.00
N LYS D 13 6.26 36.16 -16.97
CA LYS D 13 7.57 36.19 -16.35
C LYS D 13 7.43 35.86 -14.88
N GLU D 14 6.75 36.77 -14.18
CA GLU D 14 6.68 36.76 -12.72
C GLU D 14 6.00 35.52 -12.14
N GLU D 15 5.14 34.87 -12.93
CA GLU D 15 4.39 33.72 -12.44
C GLU D 15 4.93 32.37 -12.90
N ASN D 16 6.15 32.39 -13.44
CA ASN D 16 6.81 31.18 -13.87
C ASN D 16 5.83 30.39 -14.73
N VAL D 17 5.39 31.03 -15.79
CA VAL D 17 4.58 30.34 -16.76
C VAL D 17 5.49 29.80 -17.84
N LYS D 18 5.48 28.48 -18.00
CA LYS D 18 6.40 27.78 -18.89
C LYS D 18 5.73 27.18 -20.14
N TYR D 19 4.41 27.07 -20.14
CA TYR D 19 3.67 26.40 -21.23
C TYR D 19 2.40 27.19 -21.55
N ILE D 20 2.11 27.39 -22.83
CA ILE D 20 0.94 28.18 -23.24
C ILE D 20 -0.08 27.38 -24.06
N ARG D 21 -1.36 27.71 -23.89
CA ARG D 21 -2.40 27.05 -24.64
C ARG D 21 -3.16 28.09 -25.43
N LEU D 22 -3.07 28.00 -26.75
CA LEU D 22 -3.88 28.84 -27.63
C LEU D 22 -5.20 28.15 -27.94
N GLN D 23 -6.18 28.40 -27.08
CA GLN D 23 -7.45 27.69 -27.16
C GLN D 23 -8.40 28.30 -28.18
N PHE D 24 -9.06 27.41 -28.93
CA PHE D 24 -10.20 27.75 -29.78
C PHE D 24 -11.33 26.72 -29.69
N THR D 25 -12.29 26.81 -30.63
CA THR D 25 -13.54 26.04 -30.57
C THR D 25 -13.97 25.61 -31.96
N ASP D 26 -14.13 24.31 -32.18
CA ASP D 26 -14.57 23.81 -33.47
C ASP D 26 -16.10 23.75 -33.58
N ILE D 27 -16.58 23.31 -34.73
CA ILE D 27 -18.01 23.30 -35.06
C ILE D 27 -18.96 22.61 -34.03
N LEU D 28 -18.45 21.69 -33.20
CA LEU D 28 -19.29 20.94 -32.26
C LEU D 28 -19.02 21.36 -30.80
N GLY D 29 -18.30 22.46 -30.66
CA GLY D 29 -18.05 23.02 -29.35
C GLY D 29 -17.03 22.24 -28.56
N THR D 30 -16.31 21.33 -29.22
CA THR D 30 -15.25 20.62 -28.53
C THR D 30 -14.15 21.63 -28.35
N ILE D 31 -13.56 21.65 -27.16
CA ILE D 31 -12.47 22.58 -26.89
C ILE D 31 -11.18 22.09 -27.56
N LYS D 32 -10.78 22.79 -28.62
CA LYS D 32 -9.57 22.48 -29.37
C LYS D 32 -8.43 23.37 -28.87
N ASN D 33 -7.18 23.05 -29.22
CA ASN D 33 -6.06 23.92 -28.83
C ASN D 33 -4.69 23.54 -29.40
N VAL D 34 -3.74 24.46 -29.25
CA VAL D 34 -2.37 24.27 -29.74
C VAL D 34 -1.36 24.70 -28.68
N GLU D 35 -0.42 23.80 -28.40
CA GLU D 35 0.42 23.88 -27.21
C GLU D 35 1.85 24.33 -27.55
N ILE D 36 2.16 25.59 -27.25
CA ILE D 36 3.49 26.17 -27.48
C ILE D 36 4.20 26.52 -26.18
N PRO D 37 5.52 26.31 -26.11
CA PRO D 37 6.24 26.66 -24.88
C PRO D 37 6.29 28.18 -24.72
N VAL D 38 6.61 28.66 -23.50
CA VAL D 38 6.59 30.10 -23.18
C VAL D 38 7.71 30.88 -23.89
N SER D 39 8.83 30.19 -24.12
CA SER D 39 9.95 30.73 -24.92
C SER D 39 9.49 31.12 -26.34
N GLN D 40 8.25 30.78 -26.68
CA GLN D 40 7.65 31.13 -27.98
C GLN D 40 6.32 31.89 -27.86
N LEU D 41 6.21 32.83 -26.91
CA LEU D 41 4.96 33.60 -26.72
C LEU D 41 4.83 34.76 -27.69
N GLY D 42 5.93 35.48 -27.86
CA GLY D 42 5.96 36.65 -28.72
C GLY D 42 5.30 36.37 -30.06
N LYS D 43 5.69 35.27 -30.70
CA LYS D 43 5.16 34.87 -32.01
C LYS D 43 3.65 34.87 -32.01
N ALA D 44 3.08 34.48 -30.87
CA ALA D 44 1.64 34.36 -30.71
C ALA D 44 0.94 35.72 -30.76
N LEU D 45 1.32 36.59 -29.82
CA LEU D 45 0.70 37.91 -29.62
C LEU D 45 0.81 38.76 -30.86
N ASP D 46 1.77 38.39 -31.71
CA ASP D 46 2.02 39.03 -32.99
C ASP D 46 1.14 38.44 -34.07
N ASN D 47 0.39 37.41 -33.70
CA ASN D 47 -0.64 36.82 -34.55
C ASN D 47 -0.09 35.94 -35.67
N LYS D 48 1.01 35.26 -35.40
CA LYS D 48 1.78 34.57 -36.44
C LYS D 48 1.84 33.05 -36.23
N VAL D 49 1.08 32.56 -35.26
CA VAL D 49 1.04 31.12 -34.98
C VAL D 49 0.15 30.38 -35.97
N MET D 50 0.76 29.70 -36.92
CA MET D 50 0.00 29.01 -37.95
C MET D 50 -0.59 27.72 -37.41
N PHE D 51 -1.70 27.27 -38.01
CA PHE D 51 -2.25 25.96 -37.65
C PHE D 51 -3.23 25.44 -38.71
N ASP D 52 -3.55 24.14 -38.62
CA ASP D 52 -4.44 23.48 -39.59
C ASP D 52 -5.94 23.68 -39.26
N GLY D 53 -6.57 24.63 -39.95
CA GLY D 53 -7.94 25.01 -39.66
C GLY D 53 -9.00 24.00 -40.04
N SER D 54 -8.63 23.02 -40.86
CA SER D 54 -9.57 21.97 -41.23
C SER D 54 -10.01 21.25 -39.96
N SER D 55 -9.31 21.54 -38.87
CA SER D 55 -9.59 20.94 -37.57
C SER D 55 -10.84 21.54 -36.94
N ILE D 56 -11.29 22.69 -37.48
CA ILE D 56 -12.49 23.37 -36.99
C ILE D 56 -13.76 22.71 -37.55
N GLU D 57 -13.55 21.78 -38.49
CA GLU D 57 -14.62 20.95 -39.03
C GLU D 57 -14.69 19.72 -38.18
N GLY D 58 -13.73 19.61 -37.27
CA GLY D 58 -13.64 18.49 -36.35
C GLY D 58 -13.33 17.18 -37.05
N PHE D 59 -14.39 16.44 -37.36
CA PHE D 59 -14.22 15.12 -37.93
C PHE D 59 -14.57 15.08 -39.42
N VAL D 60 -15.16 16.16 -39.91
CA VAL D 60 -15.49 16.28 -41.32
C VAL D 60 -14.42 17.05 -42.10
N ARG D 61 -13.37 17.49 -41.41
CA ARG D 61 -12.20 18.08 -42.06
C ARG D 61 -11.86 17.28 -43.30
N ILE D 62 -11.33 17.94 -44.33
CA ILE D 62 -10.90 17.23 -45.53
C ILE D 62 -9.41 17.41 -45.85
N GLU D 63 -9.03 18.61 -46.25
CA GLU D 63 -7.67 18.92 -46.70
C GLU D 63 -7.06 19.92 -45.73
N GLU D 64 -5.75 19.82 -45.49
CA GLU D 64 -5.11 20.68 -44.49
C GLU D 64 -4.89 22.13 -44.94
N SER D 65 -5.84 22.99 -44.58
CA SER D 65 -5.81 24.39 -44.94
C SER D 65 -5.14 25.25 -43.86
N ASP D 66 -4.31 26.21 -44.27
CA ASP D 66 -3.52 27.01 -43.33
C ASP D 66 -4.37 28.11 -42.69
N MET D 67 -4.26 28.27 -41.37
CA MET D 67 -4.96 29.36 -40.67
C MET D 67 -4.12 30.00 -39.57
N TYR D 68 -4.49 31.22 -39.20
CA TYR D 68 -3.74 32.00 -38.20
C TYR D 68 -4.50 32.16 -36.87
N LEU D 69 -3.75 32.15 -35.78
CA LEU D 69 -4.32 32.26 -34.45
C LEU D 69 -4.11 33.64 -33.83
N TYR D 70 -5.18 34.45 -33.80
CA TYR D 70 -5.15 35.77 -33.16
C TYR D 70 -5.80 35.65 -31.79
N PRO D 71 -5.02 35.92 -30.73
CA PRO D 71 -5.52 35.82 -29.36
C PRO D 71 -6.44 36.99 -28.94
N ASP D 72 -7.22 36.79 -27.87
CA ASP D 72 -8.02 37.82 -27.22
C ASP D 72 -7.33 38.07 -25.88
N LEU D 73 -6.58 39.16 -25.77
CA LEU D 73 -5.73 39.40 -24.59
C LEU D 73 -6.51 39.37 -23.28
N ASN D 74 -7.78 39.76 -23.36
CA ASN D 74 -8.69 39.75 -22.22
C ASN D 74 -8.95 38.35 -21.67
N THR D 75 -8.70 37.34 -22.50
CA THR D 75 -8.99 35.95 -22.15
C THR D 75 -7.83 35.28 -21.40
N PHE D 76 -6.76 36.04 -21.16
CA PHE D 76 -5.58 35.52 -20.47
C PHE D 76 -5.87 34.99 -19.08
N VAL D 77 -5.60 33.70 -18.92
CA VAL D 77 -5.85 32.99 -17.66
C VAL D 77 -4.70 32.05 -17.33
N ILE D 78 -4.50 31.79 -16.04
CA ILE D 78 -3.47 30.89 -15.56
C ILE D 78 -4.13 29.88 -14.65
N PHE D 79 -4.06 28.60 -14.98
CA PHE D 79 -4.69 27.62 -14.12
C PHE D 79 -3.75 27.30 -12.98
N PRO D 80 -4.30 27.11 -11.77
CA PRO D 80 -3.55 26.68 -10.58
C PRO D 80 -2.65 25.44 -10.84
N TRP D 81 -3.07 24.60 -11.79
CA TRP D 81 -2.42 23.32 -12.08
C TRP D 81 -1.09 23.47 -12.81
N THR D 82 -0.02 23.03 -12.16
CA THR D 82 1.33 23.16 -12.70
C THR D 82 1.98 21.79 -12.82
N ALA D 83 2.44 21.46 -14.03
CA ALA D 83 3.41 20.37 -14.18
C ALA D 83 4.56 20.82 -13.30
N GLU D 84 5.37 19.89 -12.79
CA GLU D 84 6.42 20.27 -11.86
C GLU D 84 7.59 21.00 -12.53
N LYS D 85 7.32 21.53 -13.73
CA LYS D 85 8.31 22.32 -14.47
C LYS D 85 7.96 23.83 -14.51
N GLY D 86 6.73 24.18 -14.11
CA GLY D 86 6.22 25.54 -14.17
C GLY D 86 4.71 25.54 -14.41
N LYS D 87 4.10 26.72 -14.54
CA LYS D 87 2.64 26.82 -14.67
C LYS D 87 2.14 26.84 -16.10
N VAL D 88 0.81 26.76 -16.27
CA VAL D 88 0.16 26.79 -17.58
C VAL D 88 -0.72 28.03 -17.76
N ALA D 89 -0.77 28.61 -18.96
CA ALA D 89 -1.65 29.76 -19.25
C ALA D 89 -2.40 29.62 -20.59
N ARG D 90 -3.37 30.47 -20.83
CA ARG D 90 -4.19 30.23 -22.00
C ARG D 90 -4.61 31.51 -22.68
N PHE D 91 -5.29 31.36 -23.82
CA PHE D 91 -5.78 32.47 -24.61
C PHE D 91 -6.94 31.96 -25.47
N ILE D 92 -8.11 32.57 -25.38
CA ILE D 92 -9.14 32.23 -26.36
C ILE D 92 -8.88 33.10 -27.57
N CYS D 93 -8.70 32.47 -28.72
CA CYS D 93 -8.31 33.19 -29.93
C CYS D 93 -9.32 33.08 -31.04
N ASP D 94 -9.23 34.05 -31.95
CA ASP D 94 -10.04 34.13 -33.14
C ASP D 94 -9.21 33.43 -34.22
N ILE D 95 -9.82 32.55 -35.02
CA ILE D 95 -9.11 31.94 -36.15
C ILE D 95 -9.17 32.92 -37.33
N TYR D 96 -8.00 33.34 -37.80
CA TYR D 96 -7.91 34.32 -38.89
C TYR D 96 -7.30 33.74 -40.15
N ASN D 97 -8.02 33.81 -41.26
CA ASN D 97 -7.46 33.43 -42.55
C ASN D 97 -6.05 33.99 -42.71
N PRO D 98 -5.23 33.33 -43.54
CA PRO D 98 -3.81 33.69 -43.64
C PRO D 98 -3.60 35.07 -44.26
N ASP D 99 -4.49 35.47 -45.16
CA ASP D 99 -4.41 36.80 -45.76
C ASP D 99 -4.72 37.91 -44.75
N GLY D 100 -5.25 37.54 -43.59
CA GLY D 100 -5.49 38.49 -42.52
C GLY D 100 -6.95 38.73 -42.20
N THR D 101 -7.86 38.30 -43.09
CA THR D 101 -9.31 38.44 -42.91
C THR D 101 -9.84 37.36 -41.99
N PRO D 102 -10.86 37.70 -41.18
CA PRO D 102 -11.41 36.71 -40.24
C PRO D 102 -12.04 35.53 -40.96
N PHE D 103 -11.72 34.33 -40.47
CA PHE D 103 -12.33 33.11 -40.97
C PHE D 103 -13.75 33.05 -40.47
N GLU D 104 -14.63 32.81 -41.42
CA GLU D 104 -16.06 33.02 -41.31
C GLU D 104 -16.73 31.71 -40.89
N GLY D 105 -15.96 30.63 -40.96
CA GLY D 105 -16.43 29.33 -40.56
C GLY D 105 -16.06 29.06 -39.12
N ASP D 106 -15.26 29.96 -38.55
CA ASP D 106 -14.93 29.90 -37.12
C ASP D 106 -16.12 30.36 -36.31
N PRO D 107 -16.52 29.55 -35.33
CA PRO D 107 -17.67 29.80 -34.45
C PRO D 107 -17.57 31.07 -33.60
N ARG D 108 -16.38 31.51 -33.17
CA ARG D 108 -16.28 32.74 -32.36
C ARG D 108 -16.36 34.02 -33.21
N ASN D 109 -15.92 33.94 -34.46
CA ASN D 109 -15.93 35.05 -35.39
C ASN D 109 -17.25 35.15 -36.12
N ASN D 110 -18.21 34.33 -35.71
CA ASN D 110 -19.50 34.28 -36.40
C ASN D 110 -20.61 34.80 -35.51
N LEU D 111 -20.32 34.90 -34.22
CA LEU D 111 -21.20 35.57 -33.26
C LEU D 111 -20.73 37.03 -33.14
N LYS D 112 -19.42 37.25 -33.27
CA LYS D 112 -18.82 38.58 -33.26
C LYS D 112 -19.45 39.42 -34.35
N ARG D 113 -20.03 38.71 -35.31
CA ARG D 113 -20.77 39.29 -36.43
C ARG D 113 -22.21 39.66 -36.05
N ILE D 114 -22.98 38.66 -35.61
CA ILE D 114 -24.38 38.83 -35.24
C ILE D 114 -24.51 39.78 -34.04
N LEU D 115 -23.39 40.14 -33.43
CA LEU D 115 -23.39 41.19 -32.41
C LEU D 115 -23.24 42.52 -33.10
N LYS D 116 -22.42 42.55 -34.14
CA LYS D 116 -22.29 43.73 -34.97
C LYS D 116 -23.56 43.92 -35.78
N GLU D 117 -24.38 42.88 -35.89
CA GLU D 117 -25.63 42.95 -36.62
C GLU D 117 -26.68 43.43 -35.64
N MET D 118 -26.34 43.28 -34.36
CA MET D 118 -27.11 43.82 -33.27
C MET D 118 -26.65 45.24 -33.02
N GLU D 119 -25.33 45.45 -32.97
CA GLU D 119 -24.77 46.79 -32.92
C GLU D 119 -25.33 47.64 -34.06
N ASP D 120 -25.42 47.04 -35.25
CA ASP D 120 -26.03 47.69 -36.42
C ASP D 120 -27.54 47.66 -36.39
N LEU D 121 -28.13 47.69 -35.20
CA LEU D 121 -29.58 47.83 -35.07
C LEU D 121 -29.98 48.70 -33.89
N GLY D 122 -28.99 49.13 -33.11
CA GLY D 122 -29.21 50.08 -32.03
C GLY D 122 -28.72 49.69 -30.65
N PHE D 123 -28.70 48.39 -30.37
CA PHE D 123 -28.41 47.84 -29.05
C PHE D 123 -26.91 47.85 -28.73
N SER D 124 -26.57 47.89 -27.44
CA SER D 124 -25.17 47.92 -27.03
C SER D 124 -24.66 46.56 -26.54
N ASP D 125 -25.52 45.80 -25.87
CA ASP D 125 -25.09 44.55 -25.25
C ASP D 125 -26.16 43.47 -25.37
N PHE D 126 -25.75 42.25 -25.70
CA PHE D 126 -26.63 41.10 -25.60
C PHE D 126 -26.11 40.26 -24.45
N ASN D 127 -26.86 40.22 -23.34
CA ASN D 127 -26.37 39.56 -22.12
C ASN D 127 -26.86 38.13 -21.96
N LEU D 128 -26.25 37.37 -21.06
CA LEU D 128 -26.53 35.95 -20.95
C LEU D 128 -26.26 35.40 -19.56
N GLY D 129 -27.25 34.72 -19.01
CA GLY D 129 -27.04 33.96 -17.79
C GLY D 129 -27.32 32.49 -18.05
N PRO D 130 -26.26 31.66 -18.02
CA PRO D 130 -26.35 30.24 -18.32
C PRO D 130 -26.46 29.41 -17.05
N GLU D 131 -27.35 28.43 -17.09
CA GLU D 131 -27.58 27.51 -15.98
C GLU D 131 -27.16 26.08 -16.41
N PRO D 132 -25.84 25.80 -16.45
CA PRO D 132 -25.17 24.59 -16.94
C PRO D 132 -25.16 23.40 -15.98
N GLU D 133 -25.97 22.38 -16.28
CA GLU D 133 -26.05 21.15 -15.48
C GLU D 133 -25.15 19.99 -15.98
N PHE D 134 -24.42 19.35 -15.06
CA PHE D 134 -23.52 18.26 -15.41
C PHE D 134 -23.60 17.11 -14.41
N PHE D 135 -23.44 15.88 -14.91
CA PHE D 135 -23.41 14.68 -14.07
C PHE D 135 -21.99 14.29 -13.60
N LEU D 136 -21.91 13.60 -12.47
CA LEU D 136 -20.65 13.04 -11.95
C LEU D 136 -20.73 11.51 -11.79
N PHE D 137 -19.84 10.80 -12.48
CA PHE D 137 -19.73 9.34 -12.37
C PHE D 137 -18.38 8.92 -11.77
N LYS D 138 -18.38 7.78 -11.10
CA LYS D 138 -17.13 7.26 -10.53
C LYS D 138 -16.30 6.63 -11.64
N LEU D 139 -15.01 6.97 -11.67
CA LEU D 139 -14.06 6.33 -12.55
C LEU D 139 -13.70 5.01 -11.90
N ASP D 140 -13.75 3.91 -12.65
CA ASP D 140 -13.35 2.59 -12.14
C ASP D 140 -11.85 2.48 -11.89
N GLU D 141 -11.41 1.25 -11.60
CA GLU D 141 -9.99 0.93 -11.36
C GLU D 141 -9.11 1.41 -12.49
N LYS D 142 -9.48 1.02 -13.71
CA LYS D 142 -8.72 1.30 -14.93
C LYS D 142 -8.70 2.78 -15.30
N GLY D 143 -9.47 3.59 -14.57
CA GLY D 143 -9.63 4.98 -14.91
C GLY D 143 -10.64 5.12 -16.03
N GLU D 144 -11.66 4.28 -15.97
CA GLU D 144 -12.76 4.32 -16.93
C GLU D 144 -14.02 4.91 -16.30
N PRO D 145 -14.70 5.78 -17.05
CA PRO D 145 -16.04 6.18 -16.60
C PRO D 145 -16.91 4.96 -16.34
N THR D 146 -17.53 4.88 -15.17
CA THR D 146 -18.55 3.86 -14.94
C THR D 146 -19.88 4.59 -14.77
N LEU D 147 -21.00 3.86 -14.80
CA LEU D 147 -22.30 4.53 -14.64
C LEU D 147 -22.69 4.73 -13.16
N GLU D 148 -21.65 4.73 -12.32
CA GLU D 148 -21.75 5.00 -10.90
C GLU D 148 -21.90 6.50 -10.70
N LEU D 149 -22.97 6.90 -10.03
CA LEU D 149 -23.21 8.30 -9.73
C LEU D 149 -22.45 8.66 -8.44
N ASN D 150 -21.73 9.77 -8.42
CA ASN D 150 -20.83 10.07 -7.30
C ASN D 150 -21.54 10.18 -5.94
N ASP D 151 -22.84 10.45 -5.99
CA ASP D 151 -23.67 10.53 -4.78
C ASP D 151 -25.15 10.32 -5.14
N LYS D 152 -25.96 9.96 -4.16
CA LYS D 152 -27.40 9.79 -4.41
C LYS D 152 -28.27 10.99 -3.99
N GLY D 153 -27.74 12.21 -4.14
CA GLY D 153 -28.44 13.43 -3.78
C GLY D 153 -29.71 13.61 -4.60
N GLY D 154 -30.35 14.78 -4.45
CA GLY D 154 -31.63 15.05 -5.09
C GLY D 154 -31.83 16.55 -5.21
N TYR D 155 -33.03 16.97 -5.59
CA TYR D 155 -33.24 18.38 -5.90
C TYR D 155 -32.83 19.33 -4.75
N PHE D 156 -32.02 20.34 -5.08
CA PHE D 156 -31.52 21.35 -4.13
C PHE D 156 -30.93 20.82 -2.80
N ASP D 157 -30.83 19.50 -2.67
CA ASP D 157 -30.26 18.88 -1.48
C ASP D 157 -28.89 19.44 -1.10
N LEU D 158 -28.50 19.18 0.15
CA LEU D 158 -27.14 19.37 0.57
C LEU D 158 -26.33 18.19 0.00
N ALA D 159 -25.83 18.39 -1.22
CA ALA D 159 -24.98 17.45 -1.96
C ALA D 159 -23.75 17.08 -1.15
N PRO D 160 -22.92 16.14 -1.68
CA PRO D 160 -21.99 15.38 -0.83
C PRO D 160 -21.54 16.15 0.41
N THR D 161 -21.67 15.52 1.56
CA THR D 161 -21.07 15.99 2.80
C THR D 161 -19.83 16.88 2.55
N ASP D 162 -19.67 17.93 3.36
CA ASP D 162 -18.55 18.88 3.24
C ASP D 162 -17.17 18.25 3.42
N LEU D 163 -16.95 17.65 4.58
CA LEU D 163 -15.69 16.97 4.86
C LEU D 163 -15.42 15.91 3.77
N GLY D 164 -16.40 15.04 3.52
CA GLY D 164 -16.30 14.01 2.51
C GLY D 164 -15.90 14.51 1.13
N GLU D 165 -16.61 14.05 0.10
CA GLU D 165 -16.20 14.39 -1.25
C GLU D 165 -16.44 15.87 -1.61
N ASN D 166 -17.72 16.23 -1.69
CA ASN D 166 -18.14 17.50 -2.30
C ASN D 166 -17.19 18.02 -3.37
N CYS D 167 -17.41 17.54 -4.58
CA CYS D 167 -16.62 17.93 -5.72
C CYS D 167 -17.15 19.20 -6.35
N ARG D 168 -18.46 19.44 -6.21
CA ARG D 168 -19.12 20.65 -6.72
C ARG D 168 -18.60 21.95 -6.06
N ARG D 169 -18.46 21.94 -4.73
CA ARG D 169 -17.83 23.04 -3.98
C ARG D 169 -16.44 23.34 -4.52
N ASP D 170 -15.62 22.30 -4.60
CA ASP D 170 -14.28 22.46 -5.12
C ASP D 170 -14.33 23.16 -6.48
N ILE D 171 -15.09 22.63 -7.43
CA ILE D 171 -15.14 23.24 -8.76
C ILE D 171 -15.40 24.73 -8.64
N VAL D 172 -16.18 25.14 -7.62
CA VAL D 172 -16.58 26.54 -7.48
C VAL D 172 -15.46 27.40 -6.93
N LEU D 173 -14.71 26.86 -5.97
CA LEU D 173 -13.56 27.56 -5.41
C LEU D 173 -12.44 27.74 -6.46
N GLU D 174 -12.23 26.74 -7.31
CA GLU D 174 -11.19 26.87 -8.34
C GLU D 174 -11.59 27.97 -9.32
N LEU D 175 -12.90 28.22 -9.44
CA LEU D 175 -13.44 29.23 -10.37
C LEU D 175 -13.51 30.63 -9.74
N GLU D 176 -13.33 30.67 -8.43
CA GLU D 176 -13.30 31.90 -7.66
C GLU D 176 -11.90 32.48 -7.80
N GLU D 177 -10.92 31.59 -7.81
CA GLU D 177 -9.53 32.00 -7.93
C GLU D 177 -9.15 32.02 -9.42
N MET D 178 -10.12 32.33 -10.27
CA MET D 178 -9.89 32.45 -11.71
C MET D 178 -10.69 33.62 -12.32
N GLY D 179 -11.37 34.38 -11.46
CA GLY D 179 -12.05 35.57 -11.91
C GLY D 179 -13.39 35.28 -12.55
N PHE D 180 -13.99 34.18 -12.12
CA PHE D 180 -15.33 33.82 -12.57
C PHE D 180 -16.38 34.41 -11.65
N GLU D 181 -17.27 35.18 -12.24
CA GLU D 181 -18.39 35.73 -11.49
C GLU D 181 -19.55 34.73 -11.43
N ILE D 182 -19.50 33.82 -10.45
CA ILE D 182 -20.56 32.85 -10.23
C ILE D 182 -21.59 33.34 -9.21
N GLU D 183 -22.87 33.11 -9.50
CA GLU D 183 -23.96 33.56 -8.63
C GLU D 183 -24.26 32.58 -7.49
N ALA D 184 -24.62 31.34 -7.82
CA ALA D 184 -24.95 30.33 -6.82
C ALA D 184 -25.16 28.96 -7.44
N SER D 185 -24.94 27.91 -6.66
CA SER D 185 -25.19 26.58 -7.18
C SER D 185 -26.01 25.71 -6.23
N HIS D 186 -26.36 24.53 -6.73
CA HIS D 186 -27.12 23.55 -6.00
C HIS D 186 -26.88 22.17 -6.62
N HIS D 187 -27.55 21.18 -6.03
CA HIS D 187 -27.53 19.81 -6.49
C HIS D 187 -28.79 19.68 -7.32
N GLU D 188 -28.68 18.99 -8.45
CA GLU D 188 -29.81 18.89 -9.39
C GLU D 188 -30.79 17.70 -9.12
N VAL D 189 -31.86 17.55 -9.90
CA VAL D 189 -32.85 16.48 -9.61
C VAL D 189 -32.26 15.07 -9.41
N ALA D 190 -31.41 14.60 -10.34
CA ALA D 190 -30.94 13.21 -10.32
C ALA D 190 -29.82 12.99 -9.31
N PRO D 191 -29.45 11.72 -9.08
CA PRO D 191 -28.30 11.34 -8.24
C PRO D 191 -26.96 11.64 -8.90
N GLY D 192 -26.17 12.57 -8.35
CA GLY D 192 -24.87 12.87 -8.89
C GLY D 192 -24.90 14.02 -9.87
N GLN D 193 -26.09 14.45 -10.25
CA GLN D 193 -26.23 15.60 -11.13
C GLN D 193 -25.92 16.88 -10.39
N HIS D 194 -25.47 17.90 -11.11
CA HIS D 194 -25.01 19.14 -10.46
C HIS D 194 -25.35 20.35 -11.33
N GLU D 195 -25.50 21.52 -10.71
CA GLU D 195 -25.70 22.77 -11.48
C GLU D 195 -24.90 23.91 -10.86
N ILE D 196 -24.43 24.81 -11.73
CA ILE D 196 -23.58 25.94 -11.32
C ILE D 196 -23.84 27.16 -12.22
N ASP D 197 -24.54 28.16 -11.70
CA ASP D 197 -24.89 29.32 -12.49
C ASP D 197 -23.93 30.48 -12.24
N PHE D 198 -23.54 31.19 -13.29
CA PHE D 198 -22.70 32.38 -13.12
C PHE D 198 -23.56 33.62 -13.25
N LYS D 199 -22.96 34.76 -12.93
CA LYS D 199 -23.60 36.03 -13.18
C LYS D 199 -23.72 36.21 -14.68
N TYR D 200 -24.48 37.20 -15.13
CA TYR D 200 -24.66 37.43 -16.55
C TYR D 200 -23.42 38.03 -17.20
N ALA D 201 -23.34 37.95 -18.53
CA ALA D 201 -22.19 38.49 -19.26
C ALA D 201 -22.47 38.71 -20.76
N GLY D 202 -21.66 39.56 -21.39
CA GLY D 202 -21.84 39.87 -22.79
C GLY D 202 -21.62 38.63 -23.63
N ALA D 203 -22.63 38.24 -24.39
CA ALA D 203 -22.63 37.02 -25.20
C ALA D 203 -21.27 36.38 -25.32
N VAL D 204 -20.29 37.11 -25.83
CA VAL D 204 -18.93 36.53 -25.97
C VAL D 204 -18.24 36.18 -24.64
N ARG D 205 -18.09 37.12 -23.70
CA ARG D 205 -17.45 36.75 -22.44
C ARG D 205 -18.20 35.58 -21.77
N SER D 206 -19.52 35.52 -21.91
CA SER D 206 -20.28 34.47 -21.22
C SER D 206 -19.99 33.08 -21.77
N CYS D 207 -19.83 33.00 -23.09
CA CYS D 207 -19.45 31.77 -23.77
C CYS D 207 -18.03 31.40 -23.45
N ASP D 208 -17.12 32.35 -23.65
CA ASP D 208 -15.74 32.17 -23.25
C ASP D 208 -15.74 31.46 -21.87
N ASP D 209 -16.57 32.00 -20.97
CA ASP D 209 -16.72 31.51 -19.59
C ASP D 209 -17.36 30.13 -19.55
N ILE D 210 -18.38 29.94 -20.39
CA ILE D 210 -19.01 28.64 -20.54
C ILE D 210 -17.92 27.62 -20.84
N GLN D 211 -17.39 27.69 -22.06
CA GLN D 211 -16.36 26.77 -22.55
C GLN D 211 -15.35 26.42 -21.46
N THR D 212 -14.88 27.46 -20.75
CA THR D 212 -13.90 27.29 -19.69
C THR D 212 -14.49 26.65 -18.41
N PHE D 213 -15.81 26.72 -18.24
CA PHE D 213 -16.44 25.97 -17.18
C PHE D 213 -16.19 24.54 -17.48
N LYS D 214 -16.77 24.08 -18.59
CA LYS D 214 -16.68 22.70 -19.02
C LYS D 214 -15.29 22.06 -18.82
N LEU D 215 -14.23 22.80 -19.15
CA LEU D 215 -12.85 22.31 -19.01
C LEU D 215 -12.42 22.10 -17.54
N VAL D 216 -12.65 23.10 -16.70
CA VAL D 216 -12.31 23.05 -15.28
C VAL D 216 -13.15 22.02 -14.51
N VAL D 217 -14.37 21.78 -14.97
CA VAL D 217 -15.25 20.78 -14.38
C VAL D 217 -14.75 19.37 -14.65
N LYS D 218 -14.70 19.01 -15.94
CA LYS D 218 -14.04 17.78 -16.37
C LYS D 218 -12.73 17.55 -15.63
N THR D 219 -11.91 18.61 -15.51
CA THR D 219 -10.59 18.56 -14.86
C THR D 219 -10.63 18.44 -13.34
N ILE D 220 -11.45 19.24 -12.68
CA ILE D 220 -11.54 19.11 -11.23
C ILE D 220 -12.16 17.75 -10.88
N ALA D 221 -12.90 17.17 -11.85
CA ALA D 221 -13.57 15.87 -11.69
C ALA D 221 -12.61 14.68 -11.69
N ARG D 222 -11.72 14.64 -12.68
CA ARG D 222 -10.66 13.61 -12.72
C ARG D 222 -9.81 13.68 -11.46
N LYS D 223 -9.46 14.89 -11.04
CA LYS D 223 -8.72 15.11 -9.81
C LYS D 223 -9.35 14.31 -8.67
N HIS D 224 -10.67 14.39 -8.53
CA HIS D 224 -11.36 13.68 -7.45
C HIS D 224 -11.79 12.28 -7.89
N GLY D 225 -11.10 11.74 -8.90
CA GLY D 225 -11.34 10.39 -9.39
C GLY D 225 -12.73 10.19 -10.01
N LEU D 226 -13.19 11.19 -10.73
CA LEU D 226 -14.52 11.18 -11.31
C LEU D 226 -14.49 11.54 -12.80
N HIS D 227 -15.62 11.32 -13.47
CA HIS D 227 -15.84 11.79 -14.83
C HIS D 227 -17.06 12.67 -14.84
N ALA D 228 -16.90 13.98 -14.95
CA ALA D 228 -18.05 14.86 -15.12
C ALA D 228 -18.47 14.86 -16.59
N THR D 229 -19.76 14.84 -16.88
CA THR D 229 -20.21 14.89 -18.29
C THR D 229 -21.36 15.87 -18.53
N PHE D 230 -21.42 16.39 -19.76
CA PHE D 230 -22.47 17.34 -20.13
C PHE D 230 -23.46 16.74 -21.14
N MET D 231 -23.64 15.41 -21.05
CA MET D 231 -24.47 14.61 -21.94
C MET D 231 -25.95 14.82 -21.54
N PRO D 232 -26.78 15.29 -22.50
CA PRO D 232 -28.17 15.61 -22.16
C PRO D 232 -28.88 14.51 -21.40
N LYS D 233 -28.77 13.26 -21.86
CA LYS D 233 -29.56 12.18 -21.25
C LYS D 233 -28.78 10.89 -21.05
N PRO D 234 -27.77 10.93 -20.15
CA PRO D 234 -26.82 9.81 -19.98
C PRO D 234 -27.55 8.50 -19.68
N LEU D 235 -28.62 8.62 -18.92
CA LEU D 235 -29.36 7.46 -18.44
C LEU D 235 -30.81 7.61 -18.81
N PHE D 236 -31.33 6.54 -19.40
CA PHE D 236 -32.74 6.48 -19.73
C PHE D 236 -33.53 6.44 -18.45
N GLY D 237 -34.50 7.35 -18.33
CA GLY D 237 -35.47 7.26 -17.27
C GLY D 237 -35.07 8.03 -16.04
N VAL D 238 -33.96 8.75 -16.13
CA VAL D 238 -33.65 9.76 -15.11
C VAL D 238 -33.48 11.12 -15.75
N ASN D 239 -33.50 12.15 -14.92
CA ASN D 239 -33.38 13.53 -15.40
C ASN D 239 -32.32 13.67 -16.48
N GLY D 240 -32.45 14.75 -17.24
CA GLY D 240 -31.47 15.08 -18.25
C GLY D 240 -30.93 16.46 -17.97
N SER D 241 -29.62 16.60 -18.13
CA SER D 241 -28.94 17.88 -17.94
C SER D 241 -29.19 18.82 -19.11
N GLY D 242 -29.94 19.87 -18.83
CA GLY D 242 -30.16 20.95 -19.78
C GLY D 242 -29.57 22.24 -19.27
N MET D 243 -29.27 23.15 -20.20
CA MET D 243 -28.64 24.41 -19.85
C MET D 243 -29.49 25.62 -20.29
N HIS D 244 -30.25 26.17 -19.35
CA HIS D 244 -31.07 27.33 -19.68
C HIS D 244 -30.24 28.53 -20.14
N CYS D 245 -30.88 29.48 -20.84
CA CYS D 245 -30.20 30.67 -21.31
C CYS D 245 -31.02 31.91 -21.06
N ASN D 246 -30.66 32.67 -20.05
CA ASN D 246 -31.38 33.89 -19.74
C ASN D 246 -30.89 35.06 -20.58
N LEU D 247 -31.65 35.41 -21.61
CA LEU D 247 -31.29 36.48 -22.54
C LEU D 247 -31.94 37.81 -22.21
N SER D 248 -31.13 38.88 -22.30
CA SER D 248 -31.63 40.22 -22.18
C SER D 248 -30.84 41.12 -23.12
N LEU D 249 -31.55 41.95 -23.87
CA LEU D 249 -30.92 42.87 -24.80
C LEU D 249 -30.86 44.25 -24.17
N PHE D 250 -29.67 44.85 -24.11
CA PHE D 250 -29.54 46.23 -23.67
C PHE D 250 -29.58 47.15 -24.88
N LYS D 251 -29.94 48.40 -24.64
CA LYS D 251 -29.96 49.47 -25.64
C LYS D 251 -29.58 50.76 -24.93
N ASN D 252 -28.33 51.19 -25.12
CA ASN D 252 -27.76 52.30 -24.35
C ASN D 252 -27.53 51.93 -22.87
N GLY D 253 -27.08 50.70 -22.61
CA GLY D 253 -26.78 50.26 -21.26
C GLY D 253 -27.94 49.87 -20.34
N VAL D 254 -29.18 49.91 -20.84
CA VAL D 254 -30.36 49.58 -20.01
C VAL D 254 -31.24 48.50 -20.67
N ASN D 255 -31.97 47.72 -19.86
CA ASN D 255 -32.76 46.62 -20.44
C ASN D 255 -33.86 47.09 -21.41
N ALA D 256 -33.84 46.58 -22.63
CA ALA D 256 -34.79 47.00 -23.65
C ALA D 256 -36.09 46.21 -23.62
N PHE D 257 -36.22 45.29 -22.68
CA PHE D 257 -37.43 44.47 -22.54
C PHE D 257 -38.34 45.07 -21.50
N PHE D 258 -37.73 45.55 -20.42
CA PHE D 258 -38.46 46.17 -19.33
C PHE D 258 -39.35 47.27 -19.83
N ASP D 259 -40.34 47.61 -19.00
CA ASP D 259 -41.31 48.65 -19.31
C ASP D 259 -42.31 48.55 -18.17
N GLU D 260 -42.19 49.43 -17.19
CA GLU D 260 -43.02 49.33 -16.00
C GLU D 260 -44.45 49.74 -16.29
N ASN D 261 -44.72 50.03 -17.56
CA ASN D 261 -46.00 50.61 -17.94
C ASN D 261 -46.59 49.99 -19.21
N ALA D 262 -46.08 48.83 -19.58
CA ALA D 262 -46.70 48.02 -20.64
C ALA D 262 -47.21 46.75 -20.01
N ASP D 263 -48.06 46.02 -20.72
CA ASP D 263 -48.66 44.82 -20.15
C ASP D 263 -47.60 43.78 -19.78
N LEU D 264 -47.75 43.22 -18.59
CA LEU D 264 -46.88 42.14 -18.13
C LEU D 264 -45.54 42.66 -17.62
N GLN D 265 -45.25 43.91 -17.96
CA GLN D 265 -44.01 44.61 -17.56
C GLN D 265 -42.92 44.43 -18.61
N LEU D 266 -43.35 44.22 -19.86
CA LEU D 266 -42.46 44.04 -20.99
C LEU D 266 -42.79 45.00 -22.12
N SER D 267 -41.76 45.68 -22.62
CA SER D 267 -41.86 46.58 -23.77
C SER D 267 -42.44 45.88 -24.99
N GLU D 268 -42.53 46.60 -26.10
CA GLU D 268 -42.93 45.98 -27.36
C GLU D 268 -41.69 45.38 -27.98
N THR D 269 -40.53 45.75 -27.46
CA THR D 269 -39.29 45.09 -27.85
C THR D 269 -39.35 43.67 -27.28
N ALA D 270 -39.69 43.55 -25.99
CA ALA D 270 -39.80 42.22 -25.37
C ALA D 270 -40.84 41.36 -26.08
N LYS D 271 -42.09 41.81 -26.09
CA LYS D 271 -43.17 41.07 -26.76
C LYS D 271 -42.70 40.60 -28.15
N HIS D 272 -41.83 41.39 -28.78
CA HIS D 272 -41.42 41.13 -30.16
C HIS D 272 -40.28 40.14 -30.25
N PHE D 273 -39.40 40.21 -29.27
CA PHE D 273 -38.21 39.35 -29.16
C PHE D 273 -38.63 37.90 -28.85
N ILE D 274 -39.61 37.77 -27.95
CA ILE D 274 -40.35 36.54 -27.73
C ILE D 274 -41.05 36.10 -29.02
N ALA D 275 -41.70 37.04 -29.70
CA ALA D 275 -42.53 36.74 -30.86
C ALA D 275 -41.72 36.11 -31.98
N GLY D 276 -40.46 36.53 -32.07
CA GLY D 276 -39.53 35.98 -33.06
C GLY D 276 -39.04 34.61 -32.62
N ILE D 277 -38.63 34.51 -31.36
CA ILE D 277 -38.14 33.24 -30.83
C ILE D 277 -39.14 32.08 -31.00
N VAL D 278 -40.42 32.34 -30.79
CA VAL D 278 -41.47 31.36 -31.04
C VAL D 278 -41.43 30.78 -32.47
N LYS D 279 -41.22 31.67 -33.45
CA LYS D 279 -41.35 31.33 -34.86
C LYS D 279 -40.36 30.23 -35.19
N HIS D 280 -39.09 30.51 -34.87
CA HIS D 280 -37.97 29.72 -35.33
C HIS D 280 -37.45 28.64 -34.37
N ALA D 281 -37.95 28.62 -33.14
CA ALA D 281 -37.51 27.60 -32.19
C ALA D 281 -37.45 26.22 -32.87
N THR D 282 -38.60 25.68 -33.22
CA THR D 282 -38.64 24.44 -33.98
C THR D 282 -37.43 24.34 -34.91
N SER D 283 -37.06 25.48 -35.51
CA SER D 283 -35.95 25.57 -36.47
C SER D 283 -34.53 25.74 -35.88
N PHE D 284 -34.40 26.43 -34.76
CA PHE D 284 -33.08 26.52 -34.13
C PHE D 284 -32.84 25.46 -33.07
N THR D 285 -33.75 24.49 -33.00
CA THR D 285 -33.59 23.31 -32.14
C THR D 285 -32.38 22.43 -32.53
N ALA D 286 -32.15 22.28 -33.84
CA ALA D 286 -31.04 21.47 -34.32
C ALA D 286 -29.68 22.10 -33.99
N VAL D 287 -29.67 23.17 -33.20
CA VAL D 287 -28.42 23.82 -32.80
C VAL D 287 -28.34 24.00 -31.30
N THR D 288 -29.48 24.20 -30.66
CA THR D 288 -29.48 24.27 -29.22
C THR D 288 -29.38 22.88 -28.59
N ASN D 289 -29.89 21.85 -29.29
CA ASN D 289 -29.78 20.44 -28.86
C ASN D 289 -29.20 19.57 -29.96
N PRO D 290 -27.87 19.60 -30.12
CA PRO D 290 -27.16 19.02 -31.27
C PRO D 290 -26.95 17.51 -31.31
N THR D 291 -27.27 16.76 -30.27
CA THR D 291 -26.97 15.34 -30.27
C THR D 291 -28.24 14.53 -30.52
N VAL D 292 -28.09 13.30 -31.02
CA VAL D 292 -29.21 12.39 -31.16
C VAL D 292 -29.83 12.22 -29.78
N ASN D 293 -28.94 12.09 -28.79
CA ASN D 293 -29.28 11.94 -27.38
C ASN D 293 -30.01 13.13 -26.77
N SER D 294 -29.81 14.31 -27.36
CA SER D 294 -30.47 15.52 -26.88
C SER D 294 -31.97 15.36 -26.80
N TYR D 295 -32.50 14.59 -27.75
CA TYR D 295 -33.94 14.41 -27.90
C TYR D 295 -34.47 13.31 -27.02
N LYS D 296 -33.54 12.60 -26.36
CA LYS D 296 -33.87 11.57 -25.37
C LYS D 296 -34.04 12.27 -24.01
N ARG D 297 -33.96 13.61 -24.04
CA ARG D 297 -34.21 14.48 -22.89
C ARG D 297 -35.46 15.34 -23.11
N LEU D 298 -35.68 15.72 -24.36
CA LEU D 298 -36.92 16.42 -24.73
C LEU D 298 -38.04 15.40 -24.86
N VAL D 299 -38.24 14.62 -23.81
CA VAL D 299 -39.37 13.72 -23.72
C VAL D 299 -40.18 14.16 -22.52
N PRO D 300 -41.48 14.38 -22.72
CA PRO D 300 -42.33 14.98 -21.70
C PRO D 300 -42.08 14.42 -20.29
N GLY D 301 -41.82 15.31 -19.34
CA GLY D 301 -41.87 14.97 -17.93
C GLY D 301 -40.59 15.20 -17.14
N TYR D 302 -39.56 15.65 -17.85
CA TYR D 302 -38.23 15.74 -17.26
C TYR D 302 -37.70 17.17 -17.15
N GLU D 303 -38.60 18.08 -16.73
CA GLU D 303 -38.25 19.47 -16.49
C GLU D 303 -37.80 20.16 -17.79
N ALA D 304 -37.97 19.43 -18.88
CA ALA D 304 -37.56 19.81 -20.23
C ALA D 304 -38.77 19.96 -21.14
N PRO D 305 -38.89 21.11 -21.82
CA PRO D 305 -39.99 21.50 -22.73
C PRO D 305 -40.29 20.46 -23.82
N CYS D 306 -41.27 20.76 -24.65
CA CYS D 306 -41.50 20.07 -25.91
C CYS D 306 -42.34 21.04 -26.72
N TYR D 307 -42.83 22.09 -26.04
CA TYR D 307 -43.88 22.95 -26.58
C TYR D 307 -43.45 24.42 -26.73
N VAL D 308 -43.69 24.99 -27.91
CA VAL D 308 -43.26 26.34 -28.23
C VAL D 308 -44.23 27.41 -27.72
N ALA D 309 -43.95 27.98 -26.55
CA ALA D 309 -44.78 29.09 -26.02
C ALA D 309 -44.27 29.67 -24.70
N TRP D 310 -44.68 30.90 -24.39
CA TRP D 310 -44.18 31.58 -23.21
C TRP D 310 -45.21 31.66 -22.09
N SER D 311 -44.69 31.80 -20.86
CA SER D 311 -45.54 31.88 -19.68
C SER D 311 -44.94 32.78 -18.63
N ALA D 312 -45.72 33.00 -17.56
CA ALA D 312 -45.23 33.60 -16.32
C ALA D 312 -44.68 32.51 -15.34
N GLN D 313 -45.40 31.38 -15.24
CA GLN D 313 -45.06 30.26 -14.33
C GLN D 313 -44.65 29.00 -15.09
N ASN D 314 -45.60 28.09 -15.18
CA ASN D 314 -45.53 26.86 -15.99
C ASN D 314 -44.45 25.84 -15.61
N ARG D 315 -44.83 24.58 -15.79
CA ARG D 315 -44.05 23.39 -15.47
C ARG D 315 -42.65 23.38 -16.11
N SER D 316 -42.60 23.11 -17.41
CA SER D 316 -41.35 23.11 -18.16
C SER D 316 -41.49 23.96 -19.42
N PRO D 317 -41.89 25.25 -19.27
CA PRO D 317 -42.14 26.09 -20.46
C PRO D 317 -40.87 26.38 -21.28
N LEU D 318 -41.05 26.75 -22.55
CA LEU D 318 -39.93 26.93 -23.48
C LEU D 318 -39.32 28.31 -23.39
N ILE D 319 -40.15 29.28 -23.02
CA ILE D 319 -39.71 30.66 -22.87
C ILE D 319 -40.31 31.27 -21.62
N ARG D 320 -40.27 30.53 -20.51
CA ARG D 320 -40.74 31.10 -19.26
C ARG D 320 -40.01 32.41 -19.08
N ILE D 321 -40.66 33.33 -18.39
CA ILE D 321 -40.07 34.62 -18.11
C ILE D 321 -40.10 34.84 -16.61
N PRO D 322 -38.95 35.20 -16.02
CA PRO D 322 -38.84 35.32 -14.56
C PRO D 322 -39.58 36.58 -14.11
N ALA D 323 -40.24 36.52 -12.96
CA ALA D 323 -40.99 37.68 -12.47
C ALA D 323 -40.09 38.91 -12.41
N SER D 324 -38.88 38.70 -11.93
CA SER D 324 -37.91 39.77 -11.73
C SER D 324 -37.81 40.71 -12.93
N ARG D 325 -37.97 42.01 -12.68
CA ARG D 325 -37.78 43.04 -13.70
C ARG D 325 -36.61 43.98 -13.39
N GLY D 326 -36.62 45.16 -14.01
CA GLY D 326 -35.51 46.08 -13.91
C GLY D 326 -34.50 45.79 -15.00
N ILE D 327 -33.23 45.67 -14.62
CA ILE D 327 -32.20 45.21 -15.54
C ILE D 327 -32.42 43.73 -15.67
N SER D 328 -32.75 43.12 -14.54
CA SER D 328 -32.99 41.70 -14.49
C SER D 328 -34.26 41.34 -15.26
N THR D 329 -34.71 42.24 -16.14
CA THR D 329 -35.75 41.89 -17.09
C THR D 329 -35.07 41.04 -18.16
N ARG D 330 -35.65 39.89 -18.50
CA ARG D 330 -35.00 38.93 -19.39
C ARG D 330 -35.93 37.79 -19.79
N VAL D 331 -35.61 37.13 -20.90
CA VAL D 331 -36.42 35.99 -21.37
C VAL D 331 -35.65 34.65 -21.38
N GLU D 332 -35.95 33.76 -20.43
CA GLU D 332 -35.21 32.50 -20.33
C GLU D 332 -35.65 31.53 -21.41
N VAL D 333 -34.68 30.89 -22.07
CA VAL D 333 -34.96 29.83 -23.04
C VAL D 333 -34.46 28.49 -22.48
N ARG D 334 -35.41 27.68 -22.02
CA ARG D 334 -35.09 26.49 -21.22
C ARG D 334 -34.74 25.27 -22.09
N SER D 335 -34.85 25.44 -23.39
CA SER D 335 -34.60 24.38 -24.38
C SER D 335 -33.15 23.85 -24.39
N VAL D 336 -32.19 24.75 -24.57
CA VAL D 336 -30.77 24.41 -24.75
C VAL D 336 -30.23 23.40 -23.74
N ASP D 337 -29.42 22.47 -24.22
CA ASP D 337 -28.68 21.59 -23.31
C ASP D 337 -27.21 21.91 -23.43
N PRO D 338 -26.41 21.51 -22.41
CA PRO D 338 -24.96 21.75 -22.34
C PRO D 338 -24.16 21.17 -23.52
N ALA D 339 -24.85 20.61 -24.52
CA ALA D 339 -24.18 19.97 -25.65
C ALA D 339 -23.94 20.94 -26.81
N ALA D 340 -24.84 21.93 -26.91
CA ALA D 340 -24.77 22.96 -27.93
C ALA D 340 -23.47 23.71 -27.84
N ASN D 341 -22.99 24.18 -28.98
CA ASN D 341 -21.79 25.02 -29.06
C ASN D 341 -22.19 26.42 -28.53
N PRO D 342 -21.48 26.93 -27.49
CA PRO D 342 -21.94 28.18 -26.86
C PRO D 342 -22.09 29.31 -27.88
N TYR D 343 -21.13 29.37 -28.78
CA TYR D 343 -21.06 30.43 -29.77
C TYR D 343 -22.22 30.37 -30.80
N LEU D 344 -22.62 29.16 -31.23
CA LEU D 344 -23.73 28.99 -32.19
C LEU D 344 -25.12 29.04 -31.58
N ALA D 345 -25.25 28.52 -30.38
CA ALA D 345 -26.53 28.63 -29.70
C ALA D 345 -26.90 30.12 -29.74
N LEU D 346 -26.00 31.00 -29.28
CA LEU D 346 -26.27 32.45 -29.21
C LEU D 346 -26.46 33.13 -30.57
N SER D 347 -25.62 32.76 -31.54
CA SER D 347 -25.83 33.22 -32.89
C SER D 347 -27.31 33.03 -33.21
N VAL D 348 -27.73 31.78 -33.36
CA VAL D 348 -29.11 31.49 -33.75
C VAL D 348 -30.21 32.17 -32.88
N LEU D 349 -29.97 32.32 -31.55
CA LEU D 349 -30.98 32.90 -30.65
C LEU D 349 -31.10 34.40 -30.83
N LEU D 350 -29.96 35.06 -31.01
CA LEU D 350 -29.96 36.48 -31.29
C LEU D 350 -30.64 36.77 -32.62
N ALA D 351 -30.44 35.88 -33.58
CA ALA D 351 -31.00 36.05 -34.92
C ALA D 351 -32.51 35.89 -34.97
N ALA D 352 -33.08 35.16 -34.02
CA ALA D 352 -34.53 34.95 -33.94
C ALA D 352 -35.16 35.97 -33.00
N GLY D 353 -34.32 36.85 -32.47
CA GLY D 353 -34.81 38.02 -31.78
C GLY D 353 -34.76 39.16 -32.78
N LEU D 354 -33.56 39.50 -33.23
CA LEU D 354 -33.36 40.53 -34.23
C LEU D 354 -34.30 40.38 -35.41
N ASP D 355 -34.74 39.17 -35.70
CA ASP D 355 -35.68 38.98 -36.79
C ASP D 355 -37.10 39.28 -36.32
N GLY D 356 -37.34 39.10 -35.02
CA GLY D 356 -38.63 39.40 -34.41
C GLY D 356 -38.75 40.87 -34.11
N ILE D 357 -37.71 41.45 -33.52
CA ILE D 357 -37.62 42.89 -33.30
C ILE D 357 -37.68 43.67 -34.64
N LYS D 358 -36.97 43.20 -35.66
CA LYS D 358 -36.95 43.85 -36.98
C LYS D 358 -38.33 43.86 -37.62
N ASN D 359 -38.78 42.68 -38.02
CA ASN D 359 -40.11 42.50 -38.60
C ASN D 359 -41.26 42.89 -37.66
N LYS D 360 -40.93 43.25 -36.42
CA LYS D 360 -41.93 43.69 -35.45
C LYS D 360 -43.01 42.65 -35.14
N LEU D 361 -42.78 41.41 -35.53
CA LEU D 361 -43.65 40.27 -35.17
C LEU D 361 -44.37 40.42 -33.83
N GLU D 362 -45.37 39.60 -33.60
CA GLU D 362 -46.24 39.74 -32.43
C GLU D 362 -46.37 38.44 -31.63
N ALA D 363 -46.14 38.53 -30.31
CA ALA D 363 -46.14 37.35 -29.45
C ALA D 363 -47.53 36.82 -29.21
N PRO D 364 -47.74 35.52 -29.45
CA PRO D 364 -49.01 34.83 -29.21
C PRO D 364 -49.41 34.80 -27.72
N ALA D 365 -50.54 34.17 -27.41
CA ALA D 365 -51.02 34.09 -26.03
C ALA D 365 -50.05 33.38 -25.09
N PRO D 366 -49.51 34.12 -24.12
CA PRO D 366 -48.64 33.51 -23.10
C PRO D 366 -49.34 32.43 -22.30
N ILE D 367 -49.46 31.24 -22.85
CA ILE D 367 -50.16 30.14 -22.16
C ILE D 367 -49.73 29.99 -20.70
N ASP D 368 -50.46 30.60 -19.77
CA ASP D 368 -50.07 30.56 -18.35
C ASP D 368 -50.56 29.29 -17.67
N ARG D 369 -51.53 28.64 -18.29
CA ARG D 369 -52.03 27.39 -17.77
C ARG D 369 -51.14 26.26 -18.26
N ASN D 370 -51.09 25.21 -17.46
CA ASN D 370 -50.31 24.03 -17.78
C ASN D 370 -50.62 23.51 -19.18
N ILE D 371 -49.56 23.14 -19.90
CA ILE D 371 -49.62 22.72 -21.30
C ILE D 371 -49.42 21.21 -21.46
N TYR D 372 -48.80 20.58 -20.47
CA TYR D 372 -48.62 19.13 -20.47
C TYR D 372 -49.95 18.42 -20.28
N VAL D 373 -50.93 19.18 -19.78
CA VAL D 373 -52.27 18.66 -19.51
C VAL D 373 -53.10 18.46 -20.80
N MET D 374 -53.10 19.48 -21.67
CA MET D 374 -53.90 19.49 -22.90
C MET D 374 -53.53 18.36 -23.88
N SER D 375 -54.54 17.73 -24.49
CA SER D 375 -54.33 16.66 -25.46
C SER D 375 -53.70 17.17 -26.75
N LYS D 376 -53.15 16.28 -27.57
CA LYS D 376 -52.57 16.70 -28.85
C LYS D 376 -53.65 17.44 -29.65
N GLU D 377 -54.89 17.21 -29.24
CA GLU D 377 -56.08 17.88 -29.79
C GLU D 377 -56.62 18.91 -28.81
N GLU D 378 -55.70 19.60 -28.16
CA GLU D 378 -56.04 20.60 -27.17
C GLU D 378 -54.85 21.58 -27.10
N ARG D 379 -53.68 21.07 -27.49
CA ARG D 379 -52.45 21.88 -27.51
C ARG D 379 -52.24 22.56 -28.87
N MET D 380 -51.91 21.77 -29.88
CA MET D 380 -51.62 22.27 -31.22
C MET D 380 -52.81 23.03 -31.80
N GLU D 381 -53.91 23.04 -31.05
CA GLU D 381 -55.12 23.79 -31.42
C GLU D 381 -55.02 25.24 -30.96
N ASN D 382 -53.98 25.53 -30.18
CA ASN D 382 -53.63 26.90 -29.81
C ASN D 382 -52.24 27.21 -30.39
N GLY D 383 -51.58 28.25 -29.89
CA GLY D 383 -50.26 28.59 -30.39
C GLY D 383 -49.21 27.54 -30.05
N ILE D 384 -49.68 26.41 -29.51
CA ILE D 384 -48.81 25.38 -28.95
C ILE D 384 -48.31 24.35 -29.97
N VAL D 385 -46.99 24.35 -30.19
CA VAL D 385 -46.36 23.45 -31.14
C VAL D 385 -45.37 22.49 -30.48
N ASP D 386 -45.36 21.25 -30.93
CA ASP D 386 -44.30 20.33 -30.54
C ASP D 386 -42.99 20.73 -31.18
N LEU D 387 -41.88 20.44 -30.52
CA LEU D 387 -40.56 20.54 -31.14
C LEU D 387 -40.24 19.24 -31.88
N PRO D 388 -39.20 19.27 -32.72
CA PRO D 388 -38.82 18.05 -33.46
C PRO D 388 -38.47 16.91 -32.50
N ALA D 389 -38.79 15.68 -32.89
CA ALA D 389 -38.61 14.54 -31.99
C ALA D 389 -37.25 13.84 -32.17
N THR D 390 -36.84 13.70 -33.43
CA THR D 390 -35.58 13.07 -33.78
C THR D 390 -34.72 14.22 -34.28
N LEU D 391 -33.42 14.05 -34.24
CA LEU D 391 -32.53 15.06 -34.78
C LEU D 391 -32.77 15.33 -36.27
N ALA D 392 -33.05 14.28 -37.05
CA ALA D 392 -33.29 14.40 -38.48
C ALA D 392 -34.54 15.21 -38.77
N GLU D 393 -35.47 15.19 -37.81
CA GLU D 393 -36.65 16.04 -37.92
C GLU D 393 -36.16 17.47 -37.79
N ALA D 394 -35.31 17.70 -36.78
CA ALA D 394 -34.83 19.03 -36.42
C ALA D 394 -34.04 19.72 -37.52
N LEU D 395 -33.36 18.92 -38.32
CA LEU D 395 -32.50 19.39 -39.41
C LEU D 395 -33.31 19.76 -40.64
N GLU D 396 -33.98 18.76 -41.18
CA GLU D 396 -34.87 19.00 -42.30
C GLU D 396 -35.65 20.27 -42.01
N GLU D 397 -35.97 20.45 -40.74
CA GLU D 397 -36.74 21.57 -40.25
C GLU D 397 -35.86 22.81 -40.12
N PHE D 398 -34.58 22.60 -39.83
CA PHE D 398 -33.64 23.71 -39.67
C PHE D 398 -33.10 24.20 -41.01
N LYS D 399 -32.85 23.27 -41.92
CA LYS D 399 -32.42 23.65 -43.25
C LYS D 399 -33.44 24.63 -43.79
N SER D 400 -34.70 24.20 -43.90
CA SER D 400 -35.79 25.01 -44.44
C SER D 400 -36.18 26.18 -43.52
N ASN D 401 -35.32 27.20 -43.47
CA ASN D 401 -35.53 28.34 -42.58
C ASN D 401 -34.46 29.40 -42.80
N GLU D 402 -34.76 30.32 -43.71
CA GLU D 402 -33.86 31.37 -44.19
C GLU D 402 -33.16 32.19 -43.10
N VAL D 403 -33.82 32.39 -41.95
CA VAL D 403 -33.35 33.32 -40.91
C VAL D 403 -32.23 32.71 -40.06
N MET D 404 -32.25 31.39 -39.95
CA MET D 404 -31.26 30.59 -39.23
C MET D 404 -30.14 30.18 -40.19
N VAL D 405 -30.54 29.69 -41.35
CA VAL D 405 -29.59 29.42 -42.41
C VAL D 405 -28.66 30.61 -42.60
N LYS D 406 -29.21 31.83 -42.51
CA LYS D 406 -28.44 33.07 -42.70
C LYS D 406 -27.72 33.53 -41.44
N ALA D 407 -28.22 33.10 -40.29
CA ALA D 407 -27.64 33.47 -39.00
C ALA D 407 -26.24 32.89 -38.85
N LEU D 408 -26.00 31.71 -39.45
CA LEU D 408 -24.71 31.02 -39.36
C LEU D 408 -23.79 31.27 -40.55
N GLY D 409 -24.39 31.53 -41.71
CA GLY D 409 -23.65 31.90 -42.90
C GLY D 409 -23.03 30.73 -43.62
N GLU D 410 -23.25 30.66 -44.93
CA GLU D 410 -22.98 29.47 -45.75
C GLU D 410 -21.94 28.48 -45.22
N HIS D 411 -20.74 28.97 -44.88
CA HIS D 411 -19.67 28.06 -44.47
C HIS D 411 -20.14 27.20 -43.29
N LEU D 412 -20.29 27.81 -42.12
CA LEU D 412 -20.73 27.10 -40.93
C LEU D 412 -21.92 26.17 -41.17
N PHE D 413 -22.95 26.69 -41.80
CA PHE D 413 -24.15 25.93 -42.12
C PHE D 413 -23.85 24.57 -42.76
N GLU D 414 -23.39 24.57 -44.00
CA GLU D 414 -23.31 23.32 -44.76
C GLU D 414 -22.43 22.26 -44.13
N HIS D 415 -21.34 22.67 -43.47
CA HIS D 415 -20.47 21.75 -42.73
C HIS D 415 -21.20 21.20 -41.54
N PHE D 416 -22.06 22.02 -40.98
CA PHE D 416 -22.90 21.60 -39.87
C PHE D 416 -23.89 20.49 -40.29
N ILE D 417 -24.72 20.76 -41.30
CA ILE D 417 -25.62 19.75 -41.86
C ILE D 417 -24.91 18.44 -42.13
N GLU D 418 -23.87 18.51 -42.95
CA GLU D 418 -23.13 17.32 -43.31
C GLU D 418 -22.80 16.55 -42.05
N ALA D 419 -21.90 17.12 -41.24
CA ALA D 419 -21.43 16.48 -40.02
C ALA D 419 -22.59 15.89 -39.24
N LYS D 420 -23.68 16.64 -39.21
CA LYS D 420 -24.84 16.17 -38.48
C LYS D 420 -25.51 15.05 -39.24
N GLU D 421 -25.68 15.18 -40.55
CA GLU D 421 -26.28 14.10 -41.31
C GLU D 421 -25.47 12.81 -41.12
N ILE D 422 -24.15 12.96 -41.08
CA ILE D 422 -23.26 11.85 -40.78
C ILE D 422 -23.60 11.25 -39.41
N GLU D 423 -23.71 12.10 -38.39
CA GLU D 423 -24.09 11.64 -37.04
C GLU D 423 -25.40 10.84 -37.01
N TRP D 424 -26.43 11.29 -37.72
CA TRP D 424 -27.72 10.56 -37.73
C TRP D 424 -27.59 9.26 -38.47
N ASP D 425 -26.97 9.31 -39.64
CA ASP D 425 -26.80 8.10 -40.45
C ASP D 425 -26.18 6.96 -39.63
N MET D 426 -25.06 7.26 -38.97
CA MET D 426 -24.40 6.33 -38.06
C MET D 426 -25.37 5.68 -37.09
N PHE D 427 -26.25 6.50 -36.52
CA PHE D 427 -27.17 6.08 -35.47
C PHE D 427 -28.32 5.24 -36.02
N ARG D 428 -28.86 5.63 -37.18
CA ARG D 428 -29.97 4.90 -37.76
C ARG D 428 -29.50 3.55 -38.32
N THR D 429 -28.22 3.48 -38.69
CA THR D 429 -27.70 2.26 -39.31
C THR D 429 -27.17 1.27 -38.31
N GLN D 430 -27.03 1.71 -37.06
CA GLN D 430 -26.71 0.84 -35.96
C GLN D 430 -27.91 -0.02 -35.63
N VAL D 431 -27.66 -1.21 -35.10
CA VAL D 431 -28.71 -2.12 -34.66
C VAL D 431 -28.55 -2.37 -33.16
N HIS D 432 -29.22 -1.56 -32.33
CA HIS D 432 -29.03 -1.57 -30.87
C HIS D 432 -29.48 -2.81 -30.11
N PRO D 433 -28.95 -2.97 -28.89
CA PRO D 433 -29.35 -4.06 -28.00
C PRO D 433 -30.87 -4.13 -27.85
N TRP D 434 -31.54 -2.97 -27.74
CA TRP D 434 -33.00 -2.90 -27.68
C TRP D 434 -33.65 -3.62 -28.88
N GLU D 435 -33.15 -3.34 -30.08
CA GLU D 435 -33.71 -3.86 -31.32
C GLU D 435 -33.65 -5.36 -31.38
N ARG D 436 -32.66 -5.94 -30.73
CA ARG D 436 -32.63 -7.39 -30.67
C ARG D 436 -33.63 -7.86 -29.63
N GLU D 437 -33.57 -7.29 -28.43
CA GLU D 437 -34.35 -7.81 -27.30
C GLU D 437 -35.85 -7.66 -27.50
N GLN D 438 -36.24 -6.76 -28.40
CA GLN D 438 -37.63 -6.53 -28.72
C GLN D 438 -38.09 -7.32 -29.93
N TYR D 439 -37.13 -7.98 -30.61
CA TYR D 439 -37.36 -8.57 -31.94
C TYR D 439 -36.65 -9.93 -32.20
N MET D 440 -35.68 -10.31 -31.36
CA MET D 440 -34.89 -11.54 -31.59
C MET D 440 -35.69 -12.80 -31.24
N SER D 441 -36.65 -12.66 -30.35
CA SER D 441 -37.52 -13.76 -29.97
C SER D 441 -38.90 -13.52 -30.54
N GLN D 442 -39.49 -12.36 -30.23
CA GLN D 442 -40.86 -12.08 -30.68
C GLN D 442 -41.04 -12.36 -32.15
N TYR D 443 -39.99 -12.08 -32.93
CA TYR D 443 -40.00 -12.26 -34.38
C TYR D 443 -39.07 -13.37 -34.94
N ALA E 1 -30.51 38.98 20.81
CA ALA E 1 -29.68 38.78 19.62
C ALA E 1 -28.36 38.11 19.98
N LYS E 2 -27.68 37.57 18.97
CA LYS E 2 -26.53 36.66 19.16
C LYS E 2 -25.40 37.00 18.20
N TYR E 3 -25.73 37.83 17.22
CA TYR E 3 -24.80 38.20 16.16
C TYR E 3 -25.29 39.46 15.47
N THR E 4 -24.39 40.44 15.42
CA THR E 4 -24.63 41.67 14.70
C THR E 4 -24.37 41.42 13.21
N ARG E 5 -25.04 42.16 12.34
CA ARG E 5 -24.77 42.04 10.91
C ARG E 5 -23.27 42.31 10.65
N GLU E 6 -22.65 43.15 11.47
CA GLU E 6 -21.22 43.40 11.37
C GLU E 6 -20.44 42.23 11.95
N ASP E 7 -21.06 41.52 12.89
CA ASP E 7 -20.45 40.36 13.57
C ASP E 7 -20.17 39.22 12.57
N ILE E 8 -21.13 38.99 11.67
CA ILE E 8 -21.02 37.99 10.61
C ILE E 8 -19.91 38.36 9.64
N GLU E 9 -19.92 39.61 9.20
CA GLU E 9 -18.96 40.13 8.22
C GLU E 9 -17.48 39.97 8.67
N LYS E 10 -17.18 40.32 9.92
CA LYS E 10 -15.81 40.28 10.41
C LYS E 10 -15.29 38.85 10.46
N LEU E 11 -16.12 37.95 11.01
CA LEU E 11 -15.77 36.55 11.18
C LEU E 11 -15.31 35.94 9.86
N VAL E 12 -16.09 36.17 8.82
CA VAL E 12 -15.76 35.69 7.48
C VAL E 12 -14.36 36.09 7.02
N LYS E 13 -14.10 37.40 7.07
CA LYS E 13 -12.84 37.98 6.60
C LYS E 13 -11.64 37.33 7.29
N GLU E 14 -11.59 37.45 8.62
CA GLU E 14 -10.47 36.95 9.41
C GLU E 14 -10.46 35.44 9.50
N GLU E 15 -11.57 34.83 9.08
CA GLU E 15 -11.73 33.38 9.18
C GLU E 15 -11.60 32.67 7.82
N ASN E 16 -11.31 33.44 6.77
CA ASN E 16 -11.06 32.85 5.45
C ASN E 16 -12.23 32.00 4.99
N VAL E 17 -13.40 32.34 5.48
CA VAL E 17 -14.60 31.63 5.08
C VAL E 17 -14.82 31.92 3.61
N LYS E 18 -14.93 30.88 2.79
CA LYS E 18 -14.92 31.04 1.33
C LYS E 18 -16.12 30.43 0.59
N TYR E 19 -17.14 30.01 1.32
CA TYR E 19 -18.28 29.33 0.74
C TYR E 19 -19.43 29.35 1.73
N ILE E 20 -20.62 29.74 1.27
CA ILE E 20 -21.75 29.93 2.15
C ILE E 20 -22.84 28.93 1.81
N ARG E 21 -23.37 28.26 2.83
CA ARG E 21 -24.51 27.35 2.62
C ARG E 21 -25.81 27.92 3.22
N LEU E 22 -26.70 28.39 2.35
CA LEU E 22 -27.97 28.92 2.79
C LEU E 22 -28.92 27.76 3.01
N GLN E 23 -28.80 27.08 4.14
CA GLN E 23 -29.60 25.89 4.30
C GLN E 23 -30.97 26.20 4.86
N PHE E 24 -31.92 25.34 4.54
CA PHE E 24 -33.29 25.40 5.01
C PHE E 24 -33.84 23.97 4.96
N THR E 25 -35.16 23.80 4.78
CA THR E 25 -35.77 22.48 4.95
C THR E 25 -36.99 22.15 4.09
N ASP E 26 -36.86 21.13 3.24
CA ASP E 26 -38.00 20.69 2.47
C ASP E 26 -38.96 19.97 3.42
N ILE E 27 -40.11 19.55 2.91
CA ILE E 27 -41.26 19.11 3.70
C ILE E 27 -41.02 17.81 4.49
N LEU E 28 -40.33 16.86 3.85
CA LEU E 28 -40.06 15.55 4.43
C LEU E 28 -39.01 15.67 5.55
N GLY E 29 -38.50 16.88 5.75
CA GLY E 29 -37.50 17.13 6.78
C GLY E 29 -36.08 17.08 6.26
N THR E 30 -35.92 16.72 4.99
CA THR E 30 -34.62 16.71 4.31
C THR E 30 -33.87 18.03 4.48
N ILE E 31 -32.56 17.97 4.69
CA ILE E 31 -31.78 19.20 4.80
C ILE E 31 -31.51 19.74 3.40
N LYS E 32 -32.09 20.90 3.09
CA LYS E 32 -31.84 21.58 1.82
C LYS E 32 -30.85 22.74 2.00
N ASN E 33 -30.09 23.08 0.95
CA ASN E 33 -29.27 24.29 0.89
C ASN E 33 -29.00 24.72 -0.55
N VAL E 34 -29.09 26.01 -0.81
CA VAL E 34 -28.45 26.55 -1.99
C VAL E 34 -27.22 27.24 -1.49
N GLU E 35 -26.11 27.01 -2.17
CA GLU E 35 -24.85 27.53 -1.72
C GLU E 35 -24.42 28.64 -2.66
N ILE E 36 -23.57 29.52 -2.14
CA ILE E 36 -23.01 30.62 -2.92
C ILE E 36 -21.60 30.85 -2.46
N PRO E 37 -20.78 31.50 -3.30
CA PRO E 37 -19.40 31.79 -2.92
C PRO E 37 -19.39 32.95 -1.92
N VAL E 38 -18.36 33.05 -1.08
CA VAL E 38 -18.26 34.11 -0.09
C VAL E 38 -18.47 35.48 -0.72
N SER E 39 -18.07 35.64 -1.99
CA SER E 39 -18.18 36.92 -2.72
C SER E 39 -19.61 37.41 -2.93
N GLN E 40 -20.58 36.53 -2.67
CA GLN E 40 -22.00 36.89 -2.78
C GLN E 40 -22.68 37.00 -1.40
N LEU E 41 -21.90 37.38 -0.40
CA LEU E 41 -22.42 37.52 0.96
C LEU E 41 -23.44 38.65 1.10
N GLY E 42 -23.09 39.86 0.65
CA GLY E 42 -24.03 40.98 0.67
C GLY E 42 -25.37 40.50 0.13
N LYS E 43 -25.39 40.07 -1.12
CA LYS E 43 -26.59 39.55 -1.76
C LYS E 43 -27.40 38.59 -0.86
N ALA E 44 -26.71 37.84 0.00
CA ALA E 44 -27.40 36.92 0.90
C ALA E 44 -28.06 37.64 2.05
N LEU E 45 -27.24 38.35 2.84
CA LEU E 45 -27.67 39.10 4.01
C LEU E 45 -28.73 40.17 3.70
N ASP E 46 -28.62 40.79 2.53
CA ASP E 46 -29.60 41.77 2.11
C ASP E 46 -30.86 41.05 1.64
N ASN E 47 -30.88 39.73 1.87
CA ASN E 47 -32.03 38.84 1.61
C ASN E 47 -32.47 38.77 0.14
N LYS E 48 -31.53 38.92 -0.78
CA LYS E 48 -31.88 38.98 -2.21
C LYS E 48 -31.33 37.79 -3.03
N VAL E 49 -31.00 36.70 -2.34
CA VAL E 49 -30.60 35.49 -3.02
C VAL E 49 -31.85 34.70 -3.35
N MET E 50 -32.10 34.52 -4.64
CA MET E 50 -33.31 33.84 -5.08
C MET E 50 -33.06 32.38 -5.45
N PHE E 51 -34.13 31.61 -5.48
CA PHE E 51 -34.05 30.22 -5.89
C PHE E 51 -35.41 29.64 -6.25
N ASP E 52 -35.40 28.51 -6.94
CA ASP E 52 -36.61 27.76 -7.22
C ASP E 52 -37.19 27.28 -5.89
N GLY E 53 -38.17 28.01 -5.37
CA GLY E 53 -38.77 27.67 -4.09
C GLY E 53 -39.52 26.33 -4.01
N SER E 54 -39.77 25.71 -5.16
CA SER E 54 -40.56 24.47 -5.22
C SER E 54 -39.80 23.24 -4.68
N SER E 55 -38.53 23.44 -4.32
CA SER E 55 -37.70 22.37 -3.76
C SER E 55 -38.17 21.94 -2.37
N ILE E 56 -38.87 22.84 -1.70
CA ILE E 56 -39.44 22.60 -0.37
C ILE E 56 -40.53 21.54 -0.40
N GLU E 57 -41.21 21.41 -1.52
CA GLU E 57 -42.30 20.44 -1.60
C GLU E 57 -41.78 19.09 -2.09
N GLY E 58 -40.48 18.88 -1.88
CA GLY E 58 -39.90 17.59 -2.17
C GLY E 58 -40.18 17.10 -3.58
N PHE E 59 -40.61 15.86 -3.67
CA PHE E 59 -40.72 15.20 -4.97
C PHE E 59 -42.02 15.52 -5.68
N VAL E 60 -42.99 16.09 -4.95
CA VAL E 60 -44.30 16.43 -5.52
C VAL E 60 -44.24 17.65 -6.43
N ARG E 61 -43.03 18.04 -6.83
CA ARG E 61 -42.81 19.29 -7.56
C ARG E 61 -43.55 19.42 -8.89
N ILE E 62 -44.22 20.55 -9.06
CA ILE E 62 -44.85 20.85 -10.33
C ILE E 62 -44.10 21.93 -11.10
N GLU E 63 -44.25 23.19 -10.69
CA GLU E 63 -43.69 24.32 -11.46
C GLU E 63 -42.37 24.82 -10.91
N GLU E 64 -41.67 25.63 -11.69
CA GLU E 64 -40.58 26.41 -11.15
C GLU E 64 -41.10 27.76 -10.63
N SER E 65 -41.14 27.88 -9.31
CA SER E 65 -41.58 29.11 -8.68
C SER E 65 -40.47 29.79 -7.85
N ASP E 66 -39.86 30.83 -8.44
CA ASP E 66 -38.83 31.62 -7.78
C ASP E 66 -39.25 32.16 -6.40
N MET E 67 -38.27 32.30 -5.52
CA MET E 67 -38.54 32.51 -4.11
C MET E 67 -37.28 32.97 -3.35
N TYR E 68 -37.47 33.70 -2.25
CA TYR E 68 -36.32 34.31 -1.55
C TYR E 68 -35.80 33.53 -0.34
N LEU E 69 -34.58 33.87 0.08
CA LEU E 69 -33.90 33.19 1.18
C LEU E 69 -33.37 34.19 2.23
N TYR E 70 -34.10 34.33 3.34
CA TYR E 70 -33.76 35.28 4.41
C TYR E 70 -33.03 34.65 5.58
N PRO E 71 -31.69 34.74 5.58
CA PRO E 71 -30.80 34.14 6.60
C PRO E 71 -31.03 34.67 8.02
N ASP E 72 -31.30 33.77 8.96
CA ASP E 72 -31.33 34.09 10.38
C ASP E 72 -29.86 34.21 10.72
N LEU E 73 -29.47 35.40 11.19
CA LEU E 73 -28.07 35.70 11.51
C LEU E 73 -27.57 34.92 12.74
N ASN E 74 -28.50 34.59 13.63
CA ASN E 74 -28.17 33.92 14.88
C ASN E 74 -27.80 32.47 14.62
N THR E 75 -28.29 31.95 13.49
CA THR E 75 -28.06 30.56 13.14
C THR E 75 -26.61 30.39 12.66
N PHE E 76 -26.06 31.44 12.07
CA PHE E 76 -24.70 31.43 11.56
C PHE E 76 -23.75 30.55 12.36
N VAL E 77 -22.91 29.82 11.61
CA VAL E 77 -21.99 28.81 12.15
C VAL E 77 -20.91 28.45 11.13
N ILE E 78 -19.74 28.07 11.63
CA ILE E 78 -18.63 27.71 10.75
C ILE E 78 -18.11 26.33 11.08
N PHE E 79 -17.98 25.48 10.07
CA PHE E 79 -17.56 24.08 10.26
C PHE E 79 -16.05 23.96 10.28
N PRO E 80 -15.54 23.11 11.18
CA PRO E 80 -14.11 22.84 11.39
C PRO E 80 -13.44 22.12 10.20
N TRP E 81 -14.26 21.62 9.26
CA TRP E 81 -13.76 20.95 8.05
C TRP E 81 -13.49 21.97 6.94
N THR E 82 -12.21 22.24 6.72
CA THR E 82 -11.78 23.22 5.72
C THR E 82 -11.63 22.58 4.34
N ALA E 83 -12.00 23.33 3.31
CA ALA E 83 -11.67 22.92 1.95
C ALA E 83 -10.14 23.01 1.78
N GLU E 84 -9.65 22.97 0.55
CA GLU E 84 -8.22 23.14 0.30
C GLU E 84 -7.93 24.58 -0.10
N LYS E 85 -8.90 25.45 0.15
CA LYS E 85 -8.86 26.82 -0.33
C LYS E 85 -9.54 27.78 0.68
N GLY E 86 -10.47 27.25 1.47
CA GLY E 86 -11.23 28.06 2.42
C GLY E 86 -12.22 27.28 3.29
N LYS E 87 -12.43 27.80 4.50
CA LYS E 87 -13.40 27.20 5.42
C LYS E 87 -14.79 27.44 4.85
N VAL E 88 -15.78 26.68 5.30
CA VAL E 88 -17.17 26.88 4.85
C VAL E 88 -18.11 27.34 6.00
N ALA E 89 -19.08 28.19 5.69
CA ALA E 89 -20.02 28.70 6.69
C ALA E 89 -21.43 28.26 6.35
N ARG E 90 -22.35 28.42 7.30
CA ARG E 90 -23.74 28.06 7.04
C ARG E 90 -24.68 29.13 7.55
N PHE E 91 -25.89 29.12 7.03
CA PHE E 91 -26.94 30.07 7.39
C PHE E 91 -28.27 29.37 7.32
N ILE E 92 -28.90 29.10 8.45
CA ILE E 92 -30.28 28.60 8.42
C ILE E 92 -31.22 29.74 8.04
N CYS E 93 -32.03 29.51 7.01
CA CYS E 93 -32.82 30.58 6.40
C CYS E 93 -34.32 30.39 6.43
N ASP E 94 -35.02 31.50 6.24
CA ASP E 94 -36.46 31.49 6.06
C ASP E 94 -36.78 31.78 4.60
N ILE E 95 -37.89 31.24 4.11
CA ILE E 95 -38.27 31.37 2.71
C ILE E 95 -39.35 32.43 2.52
N TYR E 96 -39.10 33.40 1.65
CA TYR E 96 -40.12 34.39 1.38
C TYR E 96 -40.53 34.39 -0.08
N ASN E 97 -41.82 34.57 -0.34
CA ASN E 97 -42.30 34.79 -1.70
C ASN E 97 -41.61 36.03 -2.28
N PRO E 98 -41.81 36.31 -3.59
CA PRO E 98 -41.18 37.51 -4.16
C PRO E 98 -41.81 38.82 -3.65
N ASP E 99 -42.89 38.73 -2.86
CA ASP E 99 -43.54 39.93 -2.33
C ASP E 99 -43.20 40.23 -0.87
N GLY E 100 -41.96 39.97 -0.48
CA GLY E 100 -41.46 40.25 0.87
C GLY E 100 -42.11 39.48 2.02
N THR E 101 -43.16 38.72 1.71
CA THR E 101 -43.96 37.99 2.70
C THR E 101 -43.58 36.52 2.83
N PRO E 102 -43.75 35.97 4.05
CA PRO E 102 -43.49 34.57 4.35
C PRO E 102 -44.16 33.60 3.37
N PHE E 103 -43.46 32.52 3.04
CA PHE E 103 -44.03 31.43 2.27
C PHE E 103 -44.68 30.43 3.23
N GLU E 104 -46.00 30.26 3.09
CA GLU E 104 -46.78 29.41 3.99
C GLU E 104 -46.32 27.94 4.00
N GLY E 105 -45.75 27.47 2.89
CA GLY E 105 -45.35 26.09 2.77
C GLY E 105 -44.05 25.82 3.48
N ASP E 106 -43.37 26.88 3.90
CA ASP E 106 -42.11 26.74 4.61
C ASP E 106 -42.37 26.25 6.03
N PRO E 107 -41.83 25.07 6.36
CA PRO E 107 -42.07 24.49 7.69
C PRO E 107 -41.47 25.37 8.77
N ARG E 108 -40.34 26.02 8.46
CA ARG E 108 -39.76 26.98 9.40
C ARG E 108 -40.79 28.08 9.71
N ASN E 109 -41.35 28.71 8.68
CA ASN E 109 -42.36 29.74 8.92
C ASN E 109 -43.68 29.17 9.41
N ASN E 110 -43.81 27.85 9.40
CA ASN E 110 -45.04 27.26 9.88
C ASN E 110 -44.99 26.99 11.37
N LEU E 111 -43.80 27.03 11.94
CA LEU E 111 -43.67 26.85 13.38
C LEU E 111 -43.62 28.22 14.03
N LYS E 112 -43.02 29.20 13.36
CA LYS E 112 -42.92 30.53 13.92
C LYS E 112 -44.33 31.04 14.19
N ARG E 113 -45.30 30.47 13.49
CA ARG E 113 -46.69 30.92 13.57
C ARG E 113 -47.53 30.15 14.57
N ILE E 114 -47.09 28.96 14.95
CA ILE E 114 -47.80 28.20 15.96
C ILE E 114 -47.20 28.57 17.31
N LEU E 115 -45.98 29.11 17.27
CA LEU E 115 -45.35 29.73 18.43
C LEU E 115 -46.07 31.02 18.78
N LYS E 116 -46.64 31.68 17.76
CA LYS E 116 -47.30 32.96 17.98
C LYS E 116 -48.64 32.70 18.62
N GLU E 117 -49.43 31.82 18.01
CA GLU E 117 -50.67 31.37 18.64
C GLU E 117 -50.40 31.14 20.13
N MET E 118 -49.21 30.66 20.45
CA MET E 118 -48.76 30.49 21.84
C MET E 118 -48.79 31.83 22.58
N GLU E 119 -47.98 32.78 22.10
CA GLU E 119 -47.98 34.14 22.63
C GLU E 119 -49.40 34.74 22.80
N ASP E 120 -50.26 34.59 21.79
CA ASP E 120 -51.66 35.02 21.88
C ASP E 120 -52.35 34.42 23.09
N LEU E 121 -51.57 33.73 23.92
CA LEU E 121 -52.08 33.14 25.14
C LEU E 121 -51.14 33.47 26.32
N GLY E 122 -50.07 34.23 26.07
CA GLY E 122 -49.25 34.82 27.12
C GLY E 122 -47.85 34.24 27.37
N PHE E 123 -47.66 33.00 26.94
CA PHE E 123 -46.43 32.28 27.21
C PHE E 123 -45.26 32.96 26.50
N SER E 124 -44.03 32.68 26.94
CA SER E 124 -42.86 33.41 26.43
C SER E 124 -41.86 32.48 25.74
N ASP E 125 -41.86 31.23 26.16
CA ASP E 125 -40.99 30.21 25.61
C ASP E 125 -41.74 28.89 25.58
N PHE E 126 -41.34 28.04 24.66
CA PHE E 126 -41.76 26.65 24.64
C PHE E 126 -40.46 25.86 24.40
N ASN E 127 -39.83 25.37 25.46
CA ASN E 127 -38.50 24.76 25.34
C ASN E 127 -38.51 23.29 24.89
N LEU E 128 -37.42 22.82 24.30
CA LEU E 128 -37.44 21.52 23.66
C LEU E 128 -36.12 20.72 23.78
N GLY E 129 -36.16 19.64 24.56
CA GLY E 129 -35.01 18.75 24.66
C GLY E 129 -35.23 17.37 24.04
N PRO E 130 -34.60 17.11 22.89
CA PRO E 130 -34.81 15.89 22.10
C PRO E 130 -33.86 14.77 22.48
N GLU E 131 -34.35 13.53 22.50
CA GLU E 131 -33.47 12.39 22.76
C GLU E 131 -33.35 11.54 21.51
N PRO E 132 -32.68 12.09 20.47
CA PRO E 132 -32.52 11.55 19.11
C PRO E 132 -31.52 10.39 19.02
N GLU E 133 -32.01 9.23 18.59
CA GLU E 133 -31.19 8.03 18.47
C GLU E 133 -30.90 7.66 17.02
N PHE E 134 -29.81 6.90 16.79
CA PHE E 134 -29.36 6.53 15.44
C PHE E 134 -28.47 5.26 15.38
N PHE E 135 -28.20 4.78 14.15
CA PHE E 135 -27.36 3.59 13.92
C PHE E 135 -26.14 3.92 13.03
N LEU E 136 -25.05 3.17 13.20
CA LEU E 136 -23.80 3.38 12.45
C LEU E 136 -23.35 2.08 11.78
N PHE E 137 -23.37 2.06 10.45
CA PHE E 137 -22.97 0.85 9.72
C PHE E 137 -21.57 0.97 9.10
N LYS E 138 -21.06 -0.13 8.58
CA LYS E 138 -19.78 -0.08 7.88
C LYS E 138 -20.00 0.14 6.38
N LEU E 139 -19.02 0.75 5.73
CA LEU E 139 -19.08 1.00 4.30
C LEU E 139 -18.24 -0.01 3.54
N ASP E 140 -18.83 -0.67 2.54
CA ASP E 140 -18.06 -1.58 1.69
C ASP E 140 -17.00 -0.86 0.82
N GLU E 141 -16.44 -1.57 -0.14
CA GLU E 141 -15.40 -1.04 -1.03
C GLU E 141 -15.80 0.27 -1.74
N LYS E 142 -16.81 0.19 -2.60
CA LYS E 142 -17.25 1.36 -3.36
C LYS E 142 -17.51 2.57 -2.45
N GLY E 143 -18.14 2.33 -1.30
CA GLY E 143 -18.55 3.39 -0.39
C GLY E 143 -20.03 3.33 -0.04
N GLU E 144 -20.63 2.15 -0.23
CA GLU E 144 -22.03 1.94 0.09
C GLU E 144 -22.13 1.41 1.50
N PRO E 145 -23.24 1.70 2.20
CA PRO E 145 -23.42 1.02 3.49
C PRO E 145 -23.65 -0.48 3.28
N THR E 146 -23.14 -1.29 4.20
CA THR E 146 -23.50 -2.68 4.27
C THR E 146 -24.48 -2.72 5.42
N LEU E 147 -24.75 -3.91 5.95
CA LEU E 147 -25.59 -3.98 7.14
C LEU E 147 -24.76 -4.46 8.35
N GLU E 148 -23.43 -4.39 8.22
CA GLU E 148 -22.47 -4.62 9.30
C GLU E 148 -22.45 -3.41 10.24
N LEU E 149 -23.11 -3.55 11.39
CA LEU E 149 -23.19 -2.49 12.41
C LEU E 149 -21.77 -2.09 12.84
N ASN E 150 -21.59 -0.90 13.39
CA ASN E 150 -20.23 -0.50 13.70
C ASN E 150 -19.68 -1.25 14.90
N ASP E 151 -20.46 -1.33 15.98
CA ASP E 151 -19.99 -2.02 17.20
C ASP E 151 -21.00 -3.01 17.81
N LYS E 152 -20.48 -3.97 18.58
CA LYS E 152 -21.31 -5.00 19.22
C LYS E 152 -21.67 -4.65 20.66
N GLY E 153 -21.92 -3.37 20.93
CA GLY E 153 -22.28 -2.93 22.26
C GLY E 153 -23.77 -2.96 22.54
N GLY E 154 -24.14 -2.77 23.80
CA GLY E 154 -25.52 -2.81 24.21
C GLY E 154 -25.87 -1.61 25.08
N TYR E 155 -26.92 -1.75 25.89
CA TYR E 155 -27.48 -0.60 26.62
C TYR E 155 -26.52 0.04 27.60
N PHE E 156 -26.02 1.22 27.24
CA PHE E 156 -25.16 2.04 28.10
C PHE E 156 -23.79 1.48 28.29
N ASP E 157 -23.43 0.46 27.51
CA ASP E 157 -22.08 -0.05 27.62
C ASP E 157 -21.07 1.06 27.31
N LEU E 158 -19.89 0.92 27.92
CA LEU E 158 -18.69 1.68 27.58
C LEU E 158 -18.26 1.12 26.25
N ALA E 159 -18.93 1.58 25.19
CA ALA E 159 -19.08 0.84 23.96
C ALA E 159 -18.74 1.44 22.61
N PRO E 160 -17.55 2.06 22.50
CA PRO E 160 -16.38 1.61 21.76
C PRO E 160 -15.12 2.02 22.50
N THR E 161 -14.28 1.02 22.74
CA THR E 161 -12.97 1.27 23.31
C THR E 161 -12.45 2.60 22.77
N ASP E 162 -12.12 3.48 23.72
CA ASP E 162 -11.70 4.87 23.48
C ASP E 162 -10.61 5.09 22.43
N LEU E 163 -9.57 4.28 22.52
CA LEU E 163 -8.56 4.29 21.48
C LEU E 163 -9.10 3.62 20.22
N GLY E 164 -9.44 4.41 19.22
CA GLY E 164 -9.98 3.85 18.00
C GLY E 164 -11.11 4.66 17.42
N GLU E 165 -12.03 4.00 16.72
CA GLU E 165 -13.10 4.71 16.05
C GLU E 165 -13.68 5.82 16.94
N ASN E 166 -14.59 5.44 17.82
CA ASN E 166 -15.43 6.39 18.54
C ASN E 166 -16.04 7.52 17.71
N CYS E 167 -16.96 7.13 16.85
CA CYS E 167 -17.72 8.09 16.11
C CYS E 167 -18.56 8.85 17.11
N ARG E 168 -19.22 8.17 18.03
CA ARG E 168 -20.00 8.89 19.04
C ARG E 168 -19.13 9.90 19.78
N ARG E 169 -18.02 9.44 20.35
CA ARG E 169 -17.14 10.32 21.11
C ARG E 169 -16.66 11.44 20.23
N ASP E 170 -16.31 11.13 18.99
CA ASP E 170 -15.75 12.17 18.14
C ASP E 170 -16.80 13.14 17.54
N ILE E 171 -18.07 12.74 17.52
CA ILE E 171 -19.15 13.66 17.09
C ILE E 171 -19.40 14.66 18.19
N VAL E 172 -19.58 14.11 19.39
CA VAL E 172 -19.84 14.91 20.58
C VAL E 172 -18.71 15.86 20.84
N LEU E 173 -17.55 15.61 20.25
CA LEU E 173 -16.44 16.58 20.35
C LEU E 173 -16.62 17.73 19.35
N GLU E 174 -16.90 17.39 18.08
CA GLU E 174 -17.08 18.39 17.02
C GLU E 174 -18.33 19.23 17.22
N LEU E 175 -19.34 18.63 17.84
CA LEU E 175 -20.58 19.32 18.17
C LEU E 175 -20.36 20.43 19.21
N GLU E 176 -19.45 20.17 20.15
CA GLU E 176 -19.14 21.11 21.22
C GLU E 176 -18.26 22.26 20.74
N GLU E 177 -17.51 22.03 19.68
CA GLU E 177 -16.73 23.10 19.07
C GLU E 177 -17.63 24.02 18.26
N MET E 178 -18.71 23.47 17.72
CA MET E 178 -19.66 24.23 16.91
C MET E 178 -20.65 25.00 17.80
N GLY E 179 -20.44 24.90 19.10
CA GLY E 179 -21.24 25.63 20.06
C GLY E 179 -22.58 24.98 20.31
N PHE E 180 -22.53 23.69 20.57
CA PHE E 180 -23.74 22.97 20.96
C PHE E 180 -23.72 22.71 22.44
N GLU E 181 -24.90 22.48 23.00
CA GLU E 181 -25.02 22.22 24.43
C GLU E 181 -25.46 20.77 24.68
N ILE E 182 -24.54 19.84 24.42
CA ILE E 182 -24.79 18.41 24.66
C ILE E 182 -24.88 18.07 26.16
N GLU E 183 -25.93 17.35 26.54
CA GLU E 183 -26.13 16.89 27.91
C GLU E 183 -25.28 15.66 28.20
N ALA E 184 -25.54 14.59 27.45
CA ALA E 184 -24.82 13.34 27.64
C ALA E 184 -24.80 12.53 26.36
N SER E 185 -24.65 11.24 26.50
CA SER E 185 -24.59 10.39 25.34
C SER E 185 -24.19 9.01 25.77
N HIS E 186 -25.01 8.03 25.40
CA HIS E 186 -24.73 6.67 25.79
C HIS E 186 -24.83 5.81 24.56
N HIS E 187 -24.71 4.51 24.77
CA HIS E 187 -24.90 3.52 23.72
C HIS E 187 -26.27 2.85 23.94
N GLU E 188 -27.17 2.95 22.96
CA GLU E 188 -28.55 2.46 23.10
C GLU E 188 -28.74 0.92 22.93
N VAL E 189 -29.95 0.43 23.17
CA VAL E 189 -30.23 -1.02 23.26
C VAL E 189 -29.57 -1.99 22.23
N ALA E 190 -29.72 -1.75 20.93
CA ALA E 190 -29.19 -2.67 19.93
C ALA E 190 -27.69 -2.43 19.74
N PRO E 191 -26.94 -3.45 19.28
CA PRO E 191 -25.53 -3.25 18.93
C PRO E 191 -25.43 -2.28 17.79
N GLY E 192 -24.44 -1.41 17.81
CA GLY E 192 -24.32 -0.43 16.75
C GLY E 192 -25.24 0.78 16.86
N GLN E 193 -26.17 0.79 17.81
CA GLN E 193 -27.05 1.96 18.01
C GLN E 193 -26.41 2.95 19.01
N HIS E 194 -26.56 4.25 18.74
CA HIS E 194 -26.00 5.31 19.59
C HIS E 194 -27.00 6.42 19.84
N GLU E 195 -26.91 7.05 21.00
CA GLU E 195 -27.75 8.21 21.33
C GLU E 195 -26.93 9.38 21.91
N ILE E 196 -27.26 10.59 21.47
CA ILE E 196 -26.68 11.81 22.02
C ILE E 196 -27.87 12.69 22.42
N ASP E 197 -27.80 13.31 23.60
CA ASP E 197 -28.94 14.11 24.07
C ASP E 197 -28.66 15.62 24.23
N PHE E 198 -29.64 16.44 23.87
CA PHE E 198 -29.49 17.89 23.83
C PHE E 198 -29.95 18.57 25.12
N LYS E 199 -29.39 19.75 25.37
CA LYS E 199 -29.92 20.65 26.40
C LYS E 199 -31.13 21.33 25.77
N TYR E 200 -32.15 21.58 26.59
CA TYR E 200 -33.35 22.26 26.10
C TYR E 200 -32.98 23.51 25.30
N ALA E 201 -33.94 24.03 24.54
CA ALA E 201 -33.74 25.23 23.75
C ALA E 201 -35.08 25.70 23.18
N GLY E 202 -35.18 26.96 22.80
CA GLY E 202 -36.35 27.44 22.10
C GLY E 202 -36.68 26.49 20.96
N ALA E 203 -37.96 26.16 20.82
CA ALA E 203 -38.43 25.25 19.78
C ALA E 203 -37.62 25.42 18.51
N VAL E 204 -37.98 26.42 17.70
CA VAL E 204 -37.24 26.66 16.47
C VAL E 204 -35.71 26.72 16.67
N ARG E 205 -35.26 27.21 17.81
CA ARG E 205 -33.83 27.21 18.12
C ARG E 205 -33.29 25.79 18.13
N SER E 206 -34.03 24.86 18.75
CA SER E 206 -33.60 23.45 18.89
C SER E 206 -33.78 22.63 17.61
N CYS E 207 -34.86 22.93 16.89
CA CYS E 207 -35.07 22.37 15.55
C CYS E 207 -33.89 22.72 14.66
N ASP E 208 -33.46 23.97 14.68
CA ASP E 208 -32.28 24.33 13.94
C ASP E 208 -31.10 23.42 14.38
N ASP E 209 -31.12 23.00 15.64
CA ASP E 209 -30.05 22.20 16.24
C ASP E 209 -30.25 20.73 15.96
N ILE E 210 -31.44 20.35 15.51
CA ILE E 210 -31.74 18.96 15.15
C ILE E 210 -31.45 18.71 13.67
N GLN E 211 -31.33 19.78 12.90
CA GLN E 211 -30.89 19.63 11.52
C GLN E 211 -29.37 19.60 11.54
N THR E 212 -28.77 20.49 12.33
CA THR E 212 -27.33 20.55 12.45
C THR E 212 -26.73 19.24 13.02
N PHE E 213 -27.44 18.61 13.96
CA PHE E 213 -27.07 17.28 14.47
C PHE E 213 -27.01 16.32 13.31
N LYS E 214 -28.18 15.92 12.81
CA LYS E 214 -28.28 14.96 11.71
C LYS E 214 -27.22 15.18 10.64
N LEU E 215 -26.83 16.43 10.42
CA LEU E 215 -25.88 16.77 9.36
C LEU E 215 -24.43 16.50 9.78
N VAL E 216 -24.08 16.82 11.03
CA VAL E 216 -22.74 16.58 11.56
C VAL E 216 -22.51 15.09 11.87
N VAL E 217 -23.57 14.40 12.26
CA VAL E 217 -23.55 12.94 12.37
C VAL E 217 -23.12 12.27 11.05
N LYS E 218 -23.99 12.34 10.04
CA LYS E 218 -23.79 11.63 8.76
C LYS E 218 -22.45 11.98 8.09
N THR E 219 -21.90 13.14 8.46
CA THR E 219 -20.61 13.59 7.93
C THR E 219 -19.43 12.92 8.63
N ILE E 220 -19.44 12.92 9.96
CA ILE E 220 -18.36 12.31 10.72
C ILE E 220 -18.43 10.79 10.61
N ALA E 221 -19.63 10.24 10.56
CA ALA E 221 -19.82 8.83 10.29
C ALA E 221 -18.98 8.47 9.08
N ARG E 222 -19.37 9.04 7.94
CA ARG E 222 -18.65 8.88 6.68
C ARG E 222 -17.14 8.98 6.88
N LYS E 223 -16.70 10.01 7.59
CA LYS E 223 -15.28 10.20 7.86
C LYS E 223 -14.65 8.99 8.54
N HIS E 224 -15.39 8.24 9.34
CA HIS E 224 -14.81 7.06 9.97
C HIS E 224 -15.09 5.78 9.17
N GLY E 225 -15.25 5.94 7.85
CA GLY E 225 -15.48 4.83 6.93
C GLY E 225 -16.82 4.18 7.18
N LEU E 226 -17.68 4.91 7.89
CA LEU E 226 -18.97 4.40 8.34
C LEU E 226 -20.13 5.10 7.66
N HIS E 227 -21.34 4.71 8.05
CA HIS E 227 -22.57 5.23 7.46
C HIS E 227 -23.59 5.40 8.58
N ALA E 228 -23.85 6.64 8.99
CA ALA E 228 -24.88 6.87 10.00
C ALA E 228 -26.23 6.98 9.34
N THR E 229 -27.26 6.38 9.96
CA THR E 229 -28.65 6.48 9.46
C THR E 229 -29.70 6.75 10.54
N PHE E 230 -30.74 7.51 10.18
CA PHE E 230 -31.84 7.83 11.09
C PHE E 230 -33.16 7.11 10.76
N MET E 231 -33.10 6.10 9.89
CA MET E 231 -34.25 5.22 9.64
C MET E 231 -34.68 4.62 10.98
N PRO E 232 -35.99 4.66 11.28
CA PRO E 232 -36.54 4.23 12.57
C PRO E 232 -36.23 2.80 12.93
N LYS E 233 -36.56 1.89 12.01
CA LYS E 233 -36.37 0.48 12.25
C LYS E 233 -35.51 -0.14 11.13
N PRO E 234 -34.19 0.15 11.15
CA PRO E 234 -33.28 -0.29 10.08
C PRO E 234 -33.31 -1.79 9.90
N LEU E 235 -33.61 -2.50 10.98
CA LEU E 235 -33.51 -3.95 11.00
C LEU E 235 -34.58 -4.59 11.84
N PHE E 236 -35.09 -5.70 11.34
CA PHE E 236 -36.05 -6.48 12.10
C PHE E 236 -35.34 -7.10 13.28
N GLY E 237 -36.07 -7.39 14.35
CA GLY E 237 -35.50 -8.07 15.49
C GLY E 237 -34.70 -7.19 16.42
N VAL E 238 -34.15 -6.09 15.89
CA VAL E 238 -33.36 -5.19 16.70
C VAL E 238 -34.23 -4.06 17.23
N ASN E 239 -33.61 -3.12 17.92
CA ASN E 239 -34.31 -1.93 18.40
C ASN E 239 -34.68 -1.02 17.24
N GLY E 240 -35.49 -0.01 17.57
CA GLY E 240 -35.79 1.04 16.62
C GLY E 240 -35.35 2.36 17.21
N SER E 241 -34.86 3.25 16.36
CA SER E 241 -34.38 4.57 16.78
C SER E 241 -35.53 5.51 17.11
N GLY E 242 -35.50 6.06 18.32
CA GLY E 242 -36.50 7.00 18.75
C GLY E 242 -35.95 8.41 18.85
N MET E 243 -36.85 9.36 19.10
CA MET E 243 -36.47 10.73 19.39
C MET E 243 -37.47 11.31 20.38
N HIS E 244 -37.49 10.78 21.60
CA HIS E 244 -38.32 11.34 22.65
C HIS E 244 -38.15 12.84 22.63
N CYS E 245 -39.17 13.57 23.08
CA CYS E 245 -39.12 15.04 23.05
C CYS E 245 -39.57 15.66 24.37
N ASN E 246 -38.60 16.13 25.14
CA ASN E 246 -38.87 16.78 26.41
C ASN E 246 -39.37 18.22 26.18
N LEU E 247 -40.63 18.46 26.56
CA LEU E 247 -41.35 19.71 26.26
C LEU E 247 -41.70 20.48 27.52
N SER E 248 -41.72 21.80 27.44
CA SER E 248 -42.29 22.61 28.52
C SER E 248 -42.66 24.05 28.11
N LEU E 249 -43.72 24.56 28.72
CA LEU E 249 -44.23 25.89 28.42
C LEU E 249 -43.92 26.89 29.52
N PHE E 250 -43.02 27.82 29.25
CA PHE E 250 -42.71 28.89 30.19
C PHE E 250 -43.68 30.06 30.01
N LYS E 251 -43.83 30.82 31.07
CA LYS E 251 -44.62 32.03 31.04
C LYS E 251 -43.83 33.09 31.76
N ASN E 252 -43.50 34.18 31.08
CA ASN E 252 -42.69 35.23 31.69
C ASN E 252 -41.40 34.68 32.34
N GLY E 253 -40.75 33.71 31.69
CA GLY E 253 -39.50 33.15 32.19
C GLY E 253 -39.62 32.05 33.24
N VAL E 254 -40.86 31.67 33.57
CA VAL E 254 -41.11 30.67 34.61
C VAL E 254 -41.88 29.43 34.11
N ASN E 255 -41.36 28.24 34.40
CA ASN E 255 -42.04 27.01 33.95
C ASN E 255 -43.49 26.94 34.42
N ALA E 256 -44.40 26.94 33.46
CA ALA E 256 -45.83 26.98 33.73
C ALA E 256 -46.41 25.61 34.04
N PHE E 257 -45.60 24.56 33.89
CA PHE E 257 -46.05 23.21 34.19
C PHE E 257 -45.92 22.90 35.66
N PHE E 258 -45.08 23.67 36.35
CA PHE E 258 -44.77 23.39 37.73
C PHE E 258 -45.73 24.01 38.72
N ASP E 259 -45.90 23.33 39.85
CA ASP E 259 -46.73 23.80 40.95
C ASP E 259 -46.49 22.91 42.17
N GLU E 260 -45.59 23.35 43.05
CA GLU E 260 -45.33 22.64 44.31
C GLU E 260 -46.47 22.99 45.26
N ASN E 261 -47.69 22.71 44.80
CA ASN E 261 -48.91 22.94 45.57
C ASN E 261 -50.14 22.30 44.90
N ALA E 262 -49.90 21.20 44.18
CA ALA E 262 -50.96 20.51 43.47
C ALA E 262 -50.63 19.03 43.30
N ASP E 263 -51.68 18.22 43.10
CA ASP E 263 -51.53 16.78 43.01
C ASP E 263 -50.49 16.43 41.96
N LEU E 264 -49.57 15.54 42.31
CA LEU E 264 -48.56 15.09 41.36
C LEU E 264 -47.45 16.16 41.12
N GLN E 265 -47.58 17.32 41.78
CA GLN E 265 -46.62 18.46 41.62
C GLN E 265 -46.66 19.07 40.21
N LEU E 266 -47.86 19.19 39.67
CA LEU E 266 -48.03 19.64 38.30
C LEU E 266 -49.08 20.71 38.24
N SER E 267 -48.70 21.90 37.80
CA SER E 267 -49.61 23.02 37.64
C SER E 267 -50.85 22.61 36.86
N GLU E 268 -51.97 23.30 37.05
CA GLU E 268 -53.18 22.93 36.32
C GLU E 268 -53.05 23.28 34.84
N THR E 269 -52.10 24.14 34.54
CA THR E 269 -51.72 24.38 33.17
C THR E 269 -51.25 23.04 32.57
N ALA E 270 -50.22 22.44 33.16
CA ALA E 270 -49.66 21.16 32.70
C ALA E 270 -50.71 20.06 32.48
N LYS E 271 -51.43 19.70 33.53
CA LYS E 271 -52.52 18.72 33.38
C LYS E 271 -53.32 18.92 32.08
N HIS E 272 -53.71 20.16 31.78
CA HIS E 272 -54.43 20.46 30.54
C HIS E 272 -53.62 20.14 29.29
N PHE E 273 -52.43 20.74 29.25
CA PHE E 273 -51.46 20.51 28.19
C PHE E 273 -51.40 19.01 27.86
N ILE E 274 -51.05 18.20 28.86
CA ILE E 274 -51.12 16.75 28.75
C ILE E 274 -52.44 16.28 28.12
N ALA E 275 -53.55 16.76 28.68
CA ALA E 275 -54.89 16.40 28.24
C ALA E 275 -54.98 16.30 26.73
N GLY E 276 -54.61 17.39 26.05
CA GLY E 276 -54.74 17.51 24.59
C GLY E 276 -53.78 16.70 23.72
N ILE E 277 -52.59 16.42 24.25
CA ILE E 277 -51.62 15.59 23.54
C ILE E 277 -52.16 14.17 23.36
N VAL E 278 -53.15 13.82 24.16
CA VAL E 278 -53.74 12.49 24.12
C VAL E 278 -54.89 12.46 23.11
N LYS E 279 -55.74 13.50 23.16
CA LYS E 279 -56.87 13.63 22.26
C LYS E 279 -56.36 13.49 20.82
N HIS E 280 -55.36 14.28 20.50
CA HIS E 280 -54.85 14.35 19.15
C HIS E 280 -53.90 13.23 18.78
N ALA E 281 -53.39 12.53 19.79
CA ALA E 281 -52.29 11.59 19.59
C ALA E 281 -52.45 10.80 18.30
N THR E 282 -53.50 9.97 18.20
CA THR E 282 -53.69 9.19 17.00
C THR E 282 -53.72 10.07 15.76
N SER E 283 -54.28 11.27 15.93
CA SER E 283 -54.44 12.24 14.84
C SER E 283 -53.18 13.04 14.46
N PHE E 284 -52.11 12.95 15.24
CA PHE E 284 -50.89 13.65 14.85
C PHE E 284 -49.67 12.77 14.64
N THR E 285 -49.87 11.45 14.64
CA THR E 285 -48.78 10.48 14.50
C THR E 285 -48.21 10.47 13.08
N ALA E 286 -49.07 10.66 12.10
CA ALA E 286 -48.62 10.73 10.71
C ALA E 286 -47.53 11.80 10.48
N VAL E 287 -47.32 12.71 11.43
CA VAL E 287 -46.32 13.79 11.30
C VAL E 287 -45.08 13.53 12.14
N THR E 288 -45.34 13.02 13.33
CA THR E 288 -44.28 12.60 14.22
C THR E 288 -43.70 11.29 13.72
N ASN E 289 -44.43 10.62 12.82
CA ASN E 289 -44.04 9.30 12.29
C ASN E 289 -44.26 9.15 10.78
N PRO E 290 -43.58 9.99 9.97
CA PRO E 290 -43.78 10.15 8.52
C PRO E 290 -43.67 8.90 7.65
N THR E 291 -42.76 7.98 7.93
CA THR E 291 -42.40 6.94 6.95
C THR E 291 -43.09 5.57 7.15
N VAL E 292 -43.12 4.73 6.11
CA VAL E 292 -43.63 3.36 6.23
C VAL E 292 -42.92 2.63 7.38
N ASN E 293 -41.59 2.67 7.38
CA ASN E 293 -40.77 1.95 8.37
C ASN E 293 -41.08 2.34 9.81
N SER E 294 -41.51 3.59 10.01
CA SER E 294 -41.78 4.09 11.36
C SER E 294 -42.71 3.24 12.19
N TYR E 295 -43.58 2.48 11.52
CA TYR E 295 -44.59 1.67 12.20
C TYR E 295 -44.11 0.26 12.50
N LYS E 296 -42.98 -0.11 11.89
CA LYS E 296 -42.29 -1.36 12.20
C LYS E 296 -41.53 -1.19 13.52
N ARG E 297 -41.63 0.00 14.11
CA ARG E 297 -40.95 0.31 15.37
C ARG E 297 -41.99 0.39 16.48
N LEU E 298 -43.21 0.68 16.05
CA LEU E 298 -44.36 0.73 16.93
C LEU E 298 -45.10 -0.58 16.87
N VAL E 299 -44.35 -1.66 17.13
CA VAL E 299 -44.91 -2.96 17.45
C VAL E 299 -44.56 -3.19 18.90
N PRO E 300 -45.57 -3.54 19.72
CA PRO E 300 -45.28 -3.65 21.15
C PRO E 300 -44.19 -4.69 21.35
N GLY E 301 -43.09 -4.30 21.99
CA GLY E 301 -42.06 -5.26 22.36
C GLY E 301 -40.64 -4.72 22.57
N TYR E 302 -40.26 -3.72 21.77
CA TYR E 302 -38.92 -3.12 21.83
C TYR E 302 -38.89 -1.79 22.56
N GLU E 303 -39.68 -1.67 23.62
CA GLU E 303 -39.87 -0.38 24.26
C GLU E 303 -40.15 0.74 23.25
N ALA E 304 -41.30 0.71 22.59
CA ALA E 304 -41.76 1.83 21.76
C ALA E 304 -43.26 2.06 21.99
N PRO E 305 -43.65 3.29 22.34
CA PRO E 305 -45.02 3.70 22.62
C PRO E 305 -46.05 3.14 21.64
N CYS E 306 -46.72 2.05 22.00
CA CYS E 306 -47.89 1.62 21.23
C CYS E 306 -49.17 2.23 21.79
N TYR E 307 -49.14 2.61 23.07
CA TYR E 307 -50.36 2.93 23.80
C TYR E 307 -50.50 4.40 24.24
N VAL E 308 -51.61 5.00 23.85
CA VAL E 308 -51.94 6.37 24.20
C VAL E 308 -52.18 6.56 25.71
N ALA E 309 -51.11 6.66 26.51
CA ALA E 309 -51.24 6.78 27.97
C ALA E 309 -50.20 7.68 28.65
N TRP E 310 -50.52 8.25 29.82
CA TRP E 310 -49.57 9.14 30.53
C TRP E 310 -49.12 8.74 31.96
N SER E 311 -47.99 8.04 32.05
CA SER E 311 -47.45 7.50 33.31
C SER E 311 -46.14 8.18 33.71
N ALA E 312 -45.27 7.41 34.37
CA ALA E 312 -43.91 7.82 34.74
C ALA E 312 -43.00 6.59 34.62
N GLN E 313 -43.63 5.42 34.74
CA GLN E 313 -42.95 4.14 34.64
C GLN E 313 -43.86 3.21 33.85
N ASN E 314 -43.47 2.92 32.60
CA ASN E 314 -44.20 1.97 31.74
C ASN E 314 -43.32 1.53 30.55
N ARG E 315 -43.66 0.37 29.94
CA ARG E 315 -42.89 -0.29 28.87
C ARG E 315 -43.01 0.41 27.49
N SER E 316 -44.19 0.96 27.23
CA SER E 316 -44.42 1.87 26.10
C SER E 316 -45.41 2.94 26.53
N PRO E 317 -45.07 3.69 27.61
CA PRO E 317 -45.93 4.79 28.07
C PRO E 317 -45.72 5.95 27.14
N LEU E 318 -46.64 6.15 26.19
CA LEU E 318 -46.46 7.17 25.16
C LEU E 318 -46.07 8.51 25.74
N ILE E 319 -46.57 8.80 26.94
CA ILE E 319 -46.27 10.03 27.66
C ILE E 319 -45.59 9.73 29.00
N ARG E 320 -44.58 10.50 29.36
CA ARG E 320 -43.79 10.22 30.57
C ARG E 320 -43.22 11.48 31.22
N ILE E 321 -43.74 11.84 32.39
CA ILE E 321 -43.23 12.97 33.15
C ILE E 321 -42.11 12.53 34.08
N PRO E 322 -40.87 12.89 33.75
CA PRO E 322 -39.74 12.22 34.39
C PRO E 322 -39.59 12.64 35.85
N ALA E 323 -38.49 12.22 36.47
CA ALA E 323 -38.24 12.57 37.87
C ALA E 323 -38.38 14.08 38.08
N SER E 324 -37.30 14.78 37.74
CA SER E 324 -37.09 16.21 37.99
C SER E 324 -38.28 17.16 37.94
N ARG E 325 -38.20 18.23 38.74
CA ARG E 325 -39.18 19.31 38.79
C ARG E 325 -38.59 20.72 38.88
N GLY E 326 -39.48 21.70 38.95
CA GLY E 326 -39.12 23.10 39.03
C GLY E 326 -38.95 23.69 37.65
N ILE E 327 -37.75 24.18 37.38
CA ILE E 327 -37.43 24.68 36.05
C ILE E 327 -37.67 23.55 35.06
N SER E 328 -37.14 22.38 35.39
CA SER E 328 -37.13 21.24 34.50
C SER E 328 -38.37 20.38 34.63
N THR E 329 -39.54 21.01 34.72
CA THR E 329 -40.77 20.25 34.74
C THR E 329 -41.30 20.18 33.32
N ARG E 330 -41.41 18.96 32.79
CA ARG E 330 -41.71 18.80 31.37
C ARG E 330 -42.38 17.47 31.05
N VAL E 331 -43.21 17.50 30.02
CA VAL E 331 -43.87 16.30 29.50
C VAL E 331 -42.91 15.59 28.52
N GLU E 332 -42.89 14.25 28.52
CA GLU E 332 -42.10 13.52 27.50
C GLU E 332 -43.02 12.74 26.56
N VAL E 333 -42.80 12.93 25.25
CA VAL E 333 -43.54 12.20 24.21
C VAL E 333 -42.61 11.22 23.52
N ARG E 334 -42.69 9.95 23.93
CA ARG E 334 -41.68 8.94 23.59
C ARG E 334 -41.86 8.25 22.23
N SER E 335 -42.75 8.77 21.39
CA SER E 335 -43.12 8.09 20.14
C SER E 335 -42.58 8.70 18.83
N VAL E 336 -42.03 9.91 18.89
CA VAL E 336 -41.40 10.47 17.70
C VAL E 336 -40.27 9.57 17.22
N ASP E 337 -39.83 9.75 15.98
CA ASP E 337 -38.60 9.11 15.49
C ASP E 337 -37.77 10.14 14.72
N PRO E 338 -36.46 9.86 14.53
CA PRO E 338 -35.52 10.79 13.88
C PRO E 338 -35.99 11.35 12.51
N ALA E 339 -36.89 10.64 11.83
CA ALA E 339 -37.37 10.99 10.48
C ALA E 339 -38.43 12.10 10.50
N ALA E 340 -39.10 12.21 11.63
CA ALA E 340 -40.05 13.29 11.87
C ALA E 340 -39.43 14.60 11.48
N ASN E 341 -40.17 15.42 10.73
CA ASN E 341 -39.69 16.77 10.47
C ASN E 341 -39.76 17.54 11.79
N PRO E 342 -38.60 18.07 12.28
CA PRO E 342 -38.63 18.78 13.56
C PRO E 342 -39.59 19.99 13.60
N TYR E 343 -39.36 20.92 12.68
CA TYR E 343 -40.21 22.08 12.58
C TYR E 343 -41.71 21.69 12.62
N LEU E 344 -42.13 20.72 11.79
CA LEU E 344 -43.52 20.25 11.78
C LEU E 344 -43.94 19.50 13.04
N ALA E 345 -43.27 18.38 13.32
CA ALA E 345 -43.55 17.62 14.52
C ALA E 345 -43.79 18.58 15.69
N LEU E 346 -42.96 19.61 15.83
CA LEU E 346 -43.12 20.56 16.92
C LEU E 346 -44.40 21.42 16.84
N SER E 347 -44.71 21.91 15.64
CA SER E 347 -45.92 22.69 15.40
C SER E 347 -47.20 21.89 15.71
N VAL E 348 -47.09 20.58 15.56
CA VAL E 348 -48.25 19.72 15.63
C VAL E 348 -48.50 19.31 17.09
N LEU E 349 -47.42 19.25 17.87
CA LEU E 349 -47.53 18.95 19.28
C LEU E 349 -48.05 20.17 20.02
N LEU E 350 -47.45 21.32 19.74
CA LEU E 350 -47.92 22.58 20.30
C LEU E 350 -49.43 22.78 20.04
N ALA E 351 -49.78 22.99 18.78
CA ALA E 351 -51.17 23.06 18.37
C ALA E 351 -52.04 22.06 19.11
N ALA E 352 -51.43 20.96 19.55
CA ALA E 352 -52.14 19.98 20.35
C ALA E 352 -52.31 20.47 21.79
N GLY E 353 -51.19 20.76 22.44
CA GLY E 353 -51.23 21.28 23.80
C GLY E 353 -52.08 22.54 23.79
N LEU E 354 -51.84 23.40 22.80
CA LEU E 354 -52.53 24.67 22.75
C LEU E 354 -54.04 24.49 22.70
N ASP E 355 -54.57 23.80 21.69
CA ASP E 355 -56.00 23.59 21.69
C ASP E 355 -56.40 22.96 23.01
N GLY E 356 -55.48 22.20 23.61
CA GLY E 356 -55.76 21.55 24.90
C GLY E 356 -56.03 22.54 26.01
N ILE E 357 -55.00 23.33 26.32
CA ILE E 357 -55.09 24.46 27.25
C ILE E 357 -56.16 25.49 26.86
N LYS E 358 -56.14 25.87 25.58
CA LYS E 358 -57.04 26.86 24.99
C LYS E 358 -58.53 26.50 25.21
N ASN E 359 -58.83 25.20 25.20
CA ASN E 359 -60.19 24.71 25.45
C ASN E 359 -60.32 24.02 26.81
N LYS E 360 -59.29 24.13 27.63
CA LYS E 360 -59.31 23.57 28.98
C LYS E 360 -59.79 22.11 28.99
N LEU E 361 -58.88 21.20 28.64
CA LEU E 361 -59.24 19.79 28.48
C LEU E 361 -58.97 18.92 29.71
N GLU E 362 -59.81 17.91 29.88
CA GLU E 362 -59.84 17.12 31.11
C GLU E 362 -59.01 15.86 30.99
N ALA E 363 -57.82 15.90 31.59
CA ALA E 363 -56.86 14.81 31.50
C ALA E 363 -57.31 13.50 32.18
N PRO E 364 -57.11 12.36 31.49
CA PRO E 364 -57.38 11.00 31.96
C PRO E 364 -56.49 10.54 33.11
N ALA E 365 -56.71 9.31 33.58
CA ALA E 365 -55.93 8.77 34.67
C ALA E 365 -54.60 8.21 34.20
N PRO E 366 -53.53 8.48 34.96
CA PRO E 366 -52.23 7.90 34.63
C PRO E 366 -52.27 6.40 34.82
N ILE E 367 -52.28 5.64 33.72
CA ILE E 367 -52.20 4.18 33.79
C ILE E 367 -50.87 3.72 34.40
N ASP E 368 -50.75 3.85 35.71
CA ASP E 368 -49.51 3.52 36.41
C ASP E 368 -49.18 2.05 36.16
N ARG E 369 -50.23 1.27 35.98
CA ARG E 369 -50.10 -0.14 35.67
C ARG E 369 -49.25 -0.28 34.43
N ASN E 370 -48.65 -1.44 34.25
CA ASN E 370 -48.06 -1.74 32.96
C ASN E 370 -49.20 -2.05 32.00
N ILE E 371 -49.25 -1.26 30.94
CA ILE E 371 -50.31 -1.32 29.96
C ILE E 371 -50.12 -2.56 29.13
N TYR E 372 -48.87 -2.77 28.72
CA TYR E 372 -48.53 -3.87 27.85
C TYR E 372 -49.15 -5.19 28.30
N VAL E 373 -49.06 -5.44 29.59
CA VAL E 373 -49.50 -6.69 30.22
C VAL E 373 -50.88 -7.26 29.82
N MET E 374 -51.85 -6.42 29.46
CA MET E 374 -53.22 -6.89 29.23
C MET E 374 -53.63 -7.12 27.77
N SER E 375 -54.80 -7.73 27.58
CA SER E 375 -55.38 -7.94 26.26
C SER E 375 -56.05 -6.65 25.81
N LYS E 376 -56.27 -6.51 24.50
CA LYS E 376 -56.89 -5.28 23.96
C LYS E 376 -58.23 -4.93 24.60
N GLU E 377 -58.95 -5.96 25.05
CA GLU E 377 -60.20 -5.71 25.76
C GLU E 377 -59.88 -5.10 27.13
N GLU E 378 -59.04 -5.77 27.92
CA GLU E 378 -58.60 -5.23 29.22
C GLU E 378 -58.04 -3.79 29.07
N ARG E 379 -57.37 -3.56 27.93
CA ARG E 379 -56.84 -2.25 27.58
C ARG E 379 -57.95 -1.33 27.10
N MET E 380 -59.06 -1.90 26.65
CA MET E 380 -60.17 -1.07 26.21
C MET E 380 -61.03 -0.67 27.41
N GLU E 381 -60.94 -1.45 28.49
CA GLU E 381 -61.75 -1.21 29.70
C GLU E 381 -61.38 0.14 30.30
N ASN E 382 -60.22 0.64 29.91
CA ASN E 382 -59.77 1.98 30.27
C ASN E 382 -59.53 2.76 28.98
N GLY E 383 -58.85 3.91 29.09
CA GLY E 383 -58.59 4.73 27.92
C GLY E 383 -57.34 4.31 27.16
N ILE E 384 -57.28 3.05 26.77
CA ILE E 384 -56.12 2.52 26.08
C ILE E 384 -56.45 2.22 24.63
N VAL E 385 -56.23 3.22 23.79
CA VAL E 385 -56.34 3.02 22.37
C VAL E 385 -54.94 2.99 21.79
N ASP E 386 -54.60 1.90 21.12
CA ASP E 386 -53.32 1.84 20.44
C ASP E 386 -53.32 2.76 19.23
N LEU E 387 -52.13 3.02 18.70
CA LEU E 387 -51.94 4.01 17.63
C LEU E 387 -52.30 3.50 16.23
N PRO E 388 -52.33 4.42 15.25
CA PRO E 388 -52.47 3.94 13.89
C PRO E 388 -51.31 3.01 13.63
N ALA E 389 -51.55 1.94 12.87
CA ALA E 389 -50.59 0.86 12.72
C ALA E 389 -49.91 0.86 11.35
N THR E 390 -50.56 1.49 10.37
CA THR E 390 -49.98 1.69 9.05
C THR E 390 -50.06 3.16 8.68
N LEU E 391 -49.14 3.61 7.82
CA LEU E 391 -49.11 4.99 7.37
C LEU E 391 -50.47 5.45 6.85
N ALA E 392 -51.26 4.53 6.34
CA ALA E 392 -52.60 4.85 5.88
C ALA E 392 -53.46 5.17 7.09
N GLU E 393 -53.41 4.27 8.06
CA GLU E 393 -54.27 4.40 9.23
C GLU E 393 -53.98 5.73 9.91
N ALA E 394 -52.73 6.16 9.82
CA ALA E 394 -52.23 7.34 10.54
C ALA E 394 -52.56 8.60 9.80
N LEU E 395 -52.65 8.45 8.48
CA LEU E 395 -52.91 9.57 7.57
C LEU E 395 -54.40 9.87 7.48
N GLU E 396 -55.20 8.84 7.72
CA GLU E 396 -56.64 9.02 7.77
C GLU E 396 -57.00 9.71 9.09
N GLU E 397 -56.33 9.32 10.18
CA GLU E 397 -56.55 9.92 11.49
C GLU E 397 -56.29 11.40 11.36
N PHE E 398 -55.16 11.70 10.76
CA PHE E 398 -54.73 13.07 10.60
C PHE E 398 -55.77 13.94 9.86
N LYS E 399 -56.10 13.57 8.63
CA LYS E 399 -57.03 14.35 7.84
C LYS E 399 -58.35 14.58 8.57
N SER E 400 -58.91 13.52 9.17
CA SER E 400 -60.16 13.62 9.91
C SER E 400 -60.13 14.65 11.05
N ASN E 401 -58.93 14.98 11.53
CA ASN E 401 -58.81 15.95 12.62
C ASN E 401 -58.60 17.37 12.12
N GLU E 402 -59.36 18.32 12.68
CA GLU E 402 -59.33 19.71 12.21
C GLU E 402 -58.23 20.59 12.83
N VAL E 403 -57.88 20.34 14.10
CA VAL E 403 -56.91 21.18 14.82
C VAL E 403 -55.46 20.90 14.40
N MET E 404 -55.22 19.70 13.89
CA MET E 404 -53.91 19.35 13.36
C MET E 404 -53.77 19.87 11.94
N VAL E 405 -54.89 20.17 11.30
CA VAL E 405 -54.84 20.68 9.94
C VAL E 405 -54.65 22.20 9.88
N LYS E 406 -55.01 22.91 10.95
CA LYS E 406 -54.78 24.35 11.05
C LYS E 406 -53.39 24.57 11.64
N ALA E 407 -52.86 23.50 12.21
CA ALA E 407 -51.50 23.43 12.75
C ALA E 407 -50.48 23.49 11.62
N LEU E 408 -50.89 22.97 10.46
CA LEU E 408 -50.10 23.07 9.23
C LEU E 408 -50.81 23.97 8.20
N GLY E 409 -52.13 24.00 8.24
CA GLY E 409 -52.91 24.84 7.34
C GLY E 409 -52.88 24.42 5.88
N GLU E 410 -53.79 24.99 5.08
CA GLU E 410 -53.90 24.67 3.65
C GLU E 410 -52.62 24.13 3.00
N HIS E 411 -51.70 25.01 2.61
CA HIS E 411 -50.52 24.60 1.83
C HIS E 411 -49.78 23.40 2.41
N LEU E 412 -49.22 23.58 3.59
CA LEU E 412 -48.46 22.49 4.18
C LEU E 412 -49.27 21.22 4.21
N PHE E 413 -50.42 21.26 4.86
CA PHE E 413 -51.30 20.10 4.93
C PHE E 413 -51.58 19.51 3.55
N GLU E 414 -51.65 20.36 2.54
CA GLU E 414 -52.10 19.87 1.25
C GLU E 414 -51.05 19.01 0.57
N HIS E 415 -49.78 19.40 0.71
CA HIS E 415 -48.64 18.80 0.00
C HIS E 415 -48.07 17.58 0.72
N PHE E 416 -48.12 17.64 2.05
CA PHE E 416 -47.79 16.53 2.90
C PHE E 416 -48.66 15.30 2.58
N ILE E 417 -49.98 15.48 2.57
CA ILE E 417 -50.90 14.37 2.30
C ILE E 417 -50.61 13.71 0.96
N GLU E 418 -50.23 14.53 -0.02
CA GLU E 418 -50.03 14.02 -1.36
C GLU E 418 -48.80 13.16 -1.41
N ALA E 419 -47.71 13.70 -0.85
CA ALA E 419 -46.40 13.04 -0.88
C ALA E 419 -46.47 11.75 -0.11
N LYS E 420 -47.28 11.76 0.93
CA LYS E 420 -47.37 10.59 1.77
C LYS E 420 -48.27 9.55 1.13
N GLU E 421 -49.35 9.99 0.49
CA GLU E 421 -50.26 9.07 -0.17
C GLU E 421 -49.57 8.30 -1.30
N ILE E 422 -48.67 8.97 -2.02
CA ILE E 422 -47.88 8.37 -3.09
C ILE E 422 -46.90 7.36 -2.50
N GLU E 423 -46.24 7.79 -1.42
CA GLU E 423 -45.29 6.96 -0.69
C GLU E 423 -45.89 5.64 -0.19
N TRP E 424 -47.02 5.71 0.52
CA TRP E 424 -47.68 4.48 0.95
C TRP E 424 -48.01 3.66 -0.27
N ASP E 425 -48.75 4.27 -1.18
CA ASP E 425 -49.18 3.56 -2.37
C ASP E 425 -48.03 2.80 -3.02
N MET E 426 -46.92 3.51 -3.24
CA MET E 426 -45.68 2.91 -3.74
C MET E 426 -45.32 1.64 -2.97
N PHE E 427 -45.52 1.67 -1.65
CA PHE E 427 -45.19 0.55 -0.79
C PHE E 427 -46.22 -0.58 -0.85
N ARG E 428 -47.47 -0.22 -1.10
CA ARG E 428 -48.53 -1.22 -1.12
C ARG E 428 -48.56 -1.91 -2.48
N THR E 429 -48.31 -1.14 -3.54
CA THR E 429 -48.36 -1.70 -4.88
C THR E 429 -47.19 -2.66 -5.13
N GLN E 430 -46.08 -2.39 -4.45
CA GLN E 430 -44.88 -3.21 -4.48
C GLN E 430 -45.19 -4.66 -4.08
N VAL E 431 -44.47 -5.61 -4.68
CA VAL E 431 -44.48 -7.01 -4.24
C VAL E 431 -43.12 -7.31 -3.58
N HIS E 432 -43.12 -7.62 -2.28
CA HIS E 432 -41.87 -7.73 -1.54
C HIS E 432 -41.29 -9.12 -1.52
N PRO E 433 -39.96 -9.24 -1.28
CA PRO E 433 -39.28 -10.53 -1.15
C PRO E 433 -40.02 -11.51 -0.20
N TRP E 434 -40.56 -10.97 0.91
CA TRP E 434 -41.28 -11.75 1.91
C TRP E 434 -42.48 -12.49 1.30
N GLU E 435 -43.20 -11.81 0.41
CA GLU E 435 -44.42 -12.35 -0.17
C GLU E 435 -44.10 -13.53 -1.07
N ARG E 436 -42.88 -13.59 -1.59
CA ARG E 436 -42.53 -14.73 -2.42
C ARG E 436 -42.07 -15.93 -1.59
N GLU E 437 -41.37 -15.69 -0.48
CA GLU E 437 -40.90 -16.80 0.35
C GLU E 437 -42.09 -17.38 1.08
N GLN E 438 -43.10 -16.53 1.23
CA GLN E 438 -44.26 -16.84 2.04
C GLN E 438 -45.41 -17.41 1.24
N TYR E 439 -45.27 -17.39 -0.09
CA TYR E 439 -46.41 -17.69 -0.96
C TYR E 439 -46.04 -18.53 -2.18
N MET E 440 -44.87 -18.30 -2.77
CA MET E 440 -44.64 -18.85 -4.10
C MET E 440 -44.83 -20.35 -4.15
N SER E 441 -44.59 -21.01 -3.01
CA SER E 441 -44.81 -22.46 -2.89
C SER E 441 -46.10 -22.83 -2.14
N GLN E 442 -46.30 -22.24 -0.96
CA GLN E 442 -47.55 -22.45 -0.18
C GLN E 442 -48.81 -22.39 -1.05
N TYR E 443 -48.72 -21.69 -2.18
CA TYR E 443 -49.86 -21.53 -3.09
C TYR E 443 -49.49 -21.78 -4.55
N ALA F 1 -7.53 11.06 52.04
CA ALA F 1 -8.08 11.21 50.69
C ALA F 1 -7.03 10.85 49.62
N LYS F 2 -7.22 11.39 48.41
CA LYS F 2 -6.25 11.23 47.32
C LYS F 2 -6.42 12.36 46.30
N TYR F 3 -7.65 12.90 46.25
CA TYR F 3 -7.99 13.97 45.32
C TYR F 3 -9.07 14.91 45.89
N THR F 4 -8.78 16.20 45.81
CA THR F 4 -9.74 17.25 46.17
C THR F 4 -10.36 17.75 44.87
N ARG F 5 -11.63 18.14 44.92
CA ARG F 5 -12.33 18.65 43.73
C ARG F 5 -11.61 19.79 42.99
N GLU F 6 -10.82 20.58 43.71
CA GLU F 6 -10.01 21.63 43.08
C GLU F 6 -8.86 21.03 42.29
N ASP F 7 -8.29 19.94 42.83
CA ASP F 7 -7.22 19.19 42.15
C ASP F 7 -7.72 18.72 40.78
N ILE F 8 -8.82 17.97 40.81
CA ILE F 8 -9.49 17.49 39.60
C ILE F 8 -9.91 18.66 38.70
N GLU F 9 -10.65 19.60 39.28
CA GLU F 9 -11.12 20.79 38.59
C GLU F 9 -9.97 21.46 37.86
N LYS F 10 -8.80 21.42 38.50
CA LYS F 10 -7.58 21.99 37.93
C LYS F 10 -6.91 21.04 36.92
N LEU F 11 -6.78 19.76 37.27
CA LEU F 11 -6.14 18.73 36.43
C LEU F 11 -6.71 18.63 35.01
N VAL F 12 -8.04 18.67 34.95
CA VAL F 12 -8.76 18.64 33.71
C VAL F 12 -8.48 19.87 32.84
N LYS F 13 -8.59 21.07 33.42
CA LYS F 13 -8.22 22.30 32.72
C LYS F 13 -6.82 22.16 32.10
N GLU F 14 -5.92 21.50 32.82
CA GLU F 14 -4.51 21.41 32.44
C GLU F 14 -4.22 20.42 31.32
N GLU F 15 -4.74 19.20 31.46
CA GLU F 15 -4.39 18.11 30.57
C GLU F 15 -5.22 18.15 29.30
N ASN F 16 -6.00 19.21 29.18
CA ASN F 16 -6.96 19.37 28.10
C ASN F 16 -7.92 18.21 28.00
N VAL F 17 -8.21 17.58 29.13
CA VAL F 17 -9.26 16.58 29.19
C VAL F 17 -10.54 17.23 28.65
N LYS F 18 -11.11 16.65 27.60
CA LYS F 18 -12.26 17.27 26.92
C LYS F 18 -13.52 16.41 26.86
N TYR F 19 -13.51 15.26 27.53
CA TYR F 19 -14.61 14.30 27.46
C TYR F 19 -14.53 13.45 28.74
N ILE F 20 -15.56 13.51 29.58
CA ILE F 20 -15.56 12.75 30.83
C ILE F 20 -16.30 11.42 30.68
N ARG F 21 -15.74 10.36 31.22
CA ARG F 21 -16.35 9.07 31.11
C ARG F 21 -16.85 8.65 32.49
N LEU F 22 -18.11 8.91 32.77
CA LEU F 22 -18.66 8.52 34.06
C LEU F 22 -19.08 7.07 33.99
N GLN F 23 -18.27 6.21 34.58
CA GLN F 23 -18.50 4.77 34.47
C GLN F 23 -18.97 4.15 35.76
N PHE F 24 -19.75 3.09 35.60
CA PHE F 24 -20.22 2.26 36.69
C PHE F 24 -20.13 0.83 36.16
N THR F 25 -20.93 -0.08 36.71
CA THR F 25 -20.96 -1.46 36.24
C THR F 25 -22.36 -1.98 36.37
N ASP F 26 -22.85 -2.72 35.38
CA ASP F 26 -24.16 -3.32 35.52
C ASP F 26 -24.03 -4.56 36.38
N ILE F 27 -25.01 -5.46 36.28
CA ILE F 27 -25.12 -6.63 37.17
C ILE F 27 -24.30 -7.85 36.69
N LEU F 28 -24.05 -7.95 35.37
CA LEU F 28 -23.29 -9.08 34.82
C LEU F 28 -21.78 -8.87 34.92
N GLY F 29 -21.41 -7.70 35.44
CA GLY F 29 -20.02 -7.35 35.57
C GLY F 29 -19.54 -6.42 34.46
N THR F 30 -20.43 -6.14 33.52
CA THR F 30 -20.09 -5.36 32.34
C THR F 30 -19.73 -3.92 32.68
N ILE F 31 -18.62 -3.47 32.11
CA ILE F 31 -18.23 -2.09 32.30
C ILE F 31 -19.20 -1.22 31.48
N LYS F 32 -20.05 -0.45 32.18
CA LYS F 32 -20.98 0.49 31.54
C LYS F 32 -20.52 1.93 31.78
N ASN F 33 -21.13 2.88 31.07
CA ASN F 33 -20.85 4.31 31.30
C ASN F 33 -21.86 5.26 30.64
N VAL F 34 -21.86 6.48 31.15
CA VAL F 34 -22.40 7.63 30.41
C VAL F 34 -21.26 8.63 30.18
N GLU F 35 -21.24 9.22 29.00
CA GLU F 35 -20.10 10.02 28.61
C GLU F 35 -20.53 11.45 28.29
N ILE F 36 -20.20 12.35 29.20
CA ILE F 36 -20.58 13.75 29.08
C ILE F 36 -19.44 14.59 28.52
N PRO F 37 -19.75 15.77 27.94
CA PRO F 37 -18.74 16.72 27.48
C PRO F 37 -18.07 17.42 28.65
N VAL F 38 -16.76 17.70 28.55
CA VAL F 38 -16.01 18.37 29.60
C VAL F 38 -16.75 19.62 30.10
N SER F 39 -17.44 20.31 29.19
CA SER F 39 -18.23 21.50 29.52
C SER F 39 -19.11 21.23 30.74
N GLN F 40 -19.73 20.05 30.75
CA GLN F 40 -20.62 19.61 31.80
C GLN F 40 -19.93 18.88 32.97
N LEU F 41 -18.75 19.34 33.38
CA LEU F 41 -18.00 18.70 34.48
C LEU F 41 -18.57 19.04 35.86
N GLY F 42 -19.08 20.25 36.02
CA GLY F 42 -19.72 20.63 37.26
C GLY F 42 -20.92 19.74 37.56
N LYS F 43 -21.77 19.51 36.55
CA LYS F 43 -22.99 18.72 36.73
C LYS F 43 -22.73 17.38 37.40
N ALA F 44 -21.68 16.70 36.95
CA ALA F 44 -21.28 15.41 37.48
C ALA F 44 -20.79 15.50 38.92
N LEU F 45 -19.82 16.40 39.16
CA LEU F 45 -19.21 16.65 40.48
C LEU F 45 -20.22 17.17 41.50
N ASP F 46 -21.36 17.63 40.99
CA ASP F 46 -22.44 18.19 41.81
C ASP F 46 -23.58 17.18 42.00
N ASN F 47 -23.41 15.98 41.45
CA ASN F 47 -24.42 14.92 41.50
C ASN F 47 -25.82 15.30 40.97
N LYS F 48 -25.83 15.98 39.81
CA LYS F 48 -27.08 16.29 39.13
C LYS F 48 -27.25 15.39 37.90
N VAL F 49 -26.18 14.70 37.48
CA VAL F 49 -26.23 13.87 36.28
C VAL F 49 -27.14 12.69 36.48
N MET F 50 -28.08 12.52 35.56
CA MET F 50 -29.02 11.41 35.64
C MET F 50 -28.91 10.44 34.49
N PHE F 51 -29.29 9.20 34.75
CA PHE F 51 -29.32 8.16 33.72
C PHE F 51 -30.46 7.18 33.97
N ASP F 52 -30.71 6.34 32.99
CA ASP F 52 -31.74 5.31 33.13
C ASP F 52 -31.15 4.18 33.98
N GLY F 53 -31.54 4.15 35.25
CA GLY F 53 -30.97 3.18 36.16
C GLY F 53 -31.12 1.73 35.74
N SER F 54 -32.20 1.44 35.03
CA SER F 54 -32.55 0.06 34.69
C SER F 54 -31.42 -0.68 33.95
N SER F 55 -30.49 0.09 33.37
CA SER F 55 -29.34 -0.46 32.64
C SER F 55 -28.48 -1.45 33.46
N ILE F 56 -28.50 -1.30 34.78
CA ILE F 56 -27.69 -2.10 35.70
C ILE F 56 -28.14 -3.55 35.73
N GLU F 57 -29.35 -3.79 35.22
CA GLU F 57 -29.91 -5.14 35.15
C GLU F 57 -29.51 -5.81 33.85
N GLY F 58 -28.87 -5.05 32.97
CA GLY F 58 -28.54 -5.56 31.68
C GLY F 58 -29.82 -5.85 30.94
N PHE F 59 -29.86 -7.02 30.31
CA PHE F 59 -30.94 -7.36 29.40
C PHE F 59 -32.25 -7.69 30.13
N VAL F 60 -32.15 -8.00 31.43
CA VAL F 60 -33.33 -8.29 32.24
C VAL F 60 -34.13 -7.03 32.50
N ARG F 61 -33.51 -5.88 32.23
CA ARG F 61 -34.12 -4.56 32.38
C ARG F 61 -35.48 -4.41 31.67
N ILE F 62 -36.37 -3.62 32.28
CA ILE F 62 -37.74 -3.50 31.78
C ILE F 62 -38.19 -2.06 31.54
N GLU F 63 -38.56 -1.40 32.63
CA GLU F 63 -39.09 -0.05 32.58
C GLU F 63 -37.98 0.96 32.82
N GLU F 64 -38.24 2.21 32.47
CA GLU F 64 -37.25 3.29 32.54
C GLU F 64 -37.36 4.05 33.85
N SER F 65 -36.56 3.64 34.84
CA SER F 65 -36.48 4.34 36.11
C SER F 65 -35.22 5.19 36.19
N ASP F 66 -35.39 6.49 36.37
CA ASP F 66 -34.29 7.46 36.40
C ASP F 66 -33.45 7.38 37.68
N MET F 67 -32.13 7.57 37.54
CA MET F 67 -31.24 7.50 38.69
C MET F 67 -29.99 8.41 38.63
N TYR F 68 -29.31 8.54 39.78
CA TYR F 68 -28.21 9.49 39.96
C TYR F 68 -26.82 8.84 40.00
N LEU F 69 -25.87 9.42 39.27
CA LEU F 69 -24.48 8.99 39.27
C LEU F 69 -23.65 9.81 40.26
N TYR F 70 -23.25 9.16 41.35
CA TYR F 70 -22.33 9.76 42.32
C TYR F 70 -20.90 9.27 42.05
N PRO F 71 -20.03 10.17 41.55
CA PRO F 71 -18.62 9.88 41.27
C PRO F 71 -17.72 9.90 42.50
N ASP F 72 -16.51 9.36 42.36
CA ASP F 72 -15.59 9.10 43.46
C ASP F 72 -14.29 9.69 42.94
N LEU F 73 -13.91 10.86 43.46
CA LEU F 73 -12.70 11.58 43.02
C LEU F 73 -11.36 10.78 43.05
N ASN F 74 -11.14 10.00 44.11
CA ASN F 74 -9.93 9.21 44.28
C ASN F 74 -9.67 8.41 43.00
N THR F 75 -10.77 8.11 42.30
CA THR F 75 -10.75 7.24 41.12
C THR F 75 -10.56 7.98 39.79
N PHE F 76 -10.50 9.31 39.84
CA PHE F 76 -10.15 10.12 38.67
C PHE F 76 -8.96 9.53 37.90
N VAL F 77 -9.11 9.41 36.59
CA VAL F 77 -8.06 8.84 35.75
C VAL F 77 -8.04 9.47 34.37
N ILE F 78 -6.88 9.89 33.88
CA ILE F 78 -6.82 10.33 32.49
C ILE F 78 -6.29 9.20 31.62
N PHE F 79 -7.02 8.86 30.57
CA PHE F 79 -6.55 7.84 29.64
C PHE F 79 -5.51 8.43 28.70
N PRO F 80 -4.37 7.74 28.56
CA PRO F 80 -3.23 8.06 27.67
C PRO F 80 -3.68 8.12 26.21
N TRP F 81 -4.97 7.89 26.00
CA TRP F 81 -5.58 7.95 24.67
C TRP F 81 -6.20 9.31 24.47
N THR F 82 -5.39 10.18 23.86
CA THR F 82 -5.73 11.57 23.57
C THR F 82 -6.42 11.71 22.20
N ALA F 83 -7.75 11.89 22.21
CA ALA F 83 -8.48 12.18 20.98
C ALA F 83 -7.81 13.38 20.26
N GLU F 84 -7.98 13.46 18.95
CA GLU F 84 -7.40 14.58 18.21
C GLU F 84 -7.83 15.91 18.83
N LYS F 85 -9.05 15.93 19.37
CA LYS F 85 -9.61 17.14 19.99
C LYS F 85 -9.06 17.40 21.42
N GLY F 86 -9.38 16.53 22.36
CA GLY F 86 -8.90 16.72 23.72
C GLY F 86 -8.41 15.39 24.25
N LYS F 87 -8.40 15.24 25.56
CA LYS F 87 -8.02 13.99 26.18
C LYS F 87 -9.22 13.47 26.94
N VAL F 88 -9.29 12.15 27.13
CA VAL F 88 -10.42 11.53 27.84
C VAL F 88 -10.09 11.06 29.27
N ALA F 89 -10.84 11.58 30.24
CA ALA F 89 -10.73 11.19 31.65
C ALA F 89 -11.92 10.31 32.06
N ARG F 90 -11.95 9.88 33.31
CA ARG F 90 -13.02 8.98 33.75
C ARG F 90 -13.30 9.04 35.27
N PHE F 91 -14.48 8.58 35.66
CA PHE F 91 -14.91 8.59 37.05
C PHE F 91 -15.65 7.32 37.44
N ILE F 92 -15.06 6.45 38.25
CA ILE F 92 -15.82 5.30 38.74
C ILE F 92 -16.95 5.87 39.61
N CYS F 93 -18.17 5.42 39.39
CA CYS F 93 -19.34 5.97 40.11
C CYS F 93 -20.14 4.98 40.95
N ASP F 94 -21.01 5.58 41.77
CA ASP F 94 -21.98 4.88 42.61
C ASP F 94 -23.34 5.32 42.13
N ILE F 95 -24.33 4.41 42.22
CA ILE F 95 -25.68 4.71 41.75
C ILE F 95 -26.60 5.10 42.90
N TYR F 96 -27.24 6.27 42.80
CA TYR F 96 -28.20 6.71 43.82
C TYR F 96 -29.62 6.77 43.30
N ASN F 97 -30.56 6.29 44.11
CA ASN F 97 -31.96 6.50 43.88
C ASN F 97 -32.20 8.01 43.83
N PRO F 98 -33.30 8.46 43.16
CA PRO F 98 -33.61 9.90 42.96
C PRO F 98 -33.61 10.72 44.26
N ASP F 99 -33.85 10.05 45.38
CA ASP F 99 -33.83 10.67 46.70
C ASP F 99 -32.48 10.48 47.44
N GLY F 100 -31.39 10.88 46.79
CA GLY F 100 -30.07 10.96 47.42
C GLY F 100 -29.59 9.75 48.22
N THR F 101 -30.37 8.68 48.19
CA THR F 101 -30.04 7.43 48.87
C THR F 101 -29.53 6.34 47.92
N PRO F 102 -28.50 5.62 48.32
CA PRO F 102 -27.89 4.54 47.56
C PRO F 102 -28.92 3.59 46.96
N PHE F 103 -28.66 3.14 45.74
CA PHE F 103 -29.53 2.20 45.06
C PHE F 103 -29.21 0.78 45.47
N GLU F 104 -30.25 0.07 45.91
CA GLU F 104 -30.11 -1.30 46.43
C GLU F 104 -29.49 -2.30 45.42
N GLY F 105 -29.48 -1.95 44.14
CA GLY F 105 -29.09 -2.87 43.08
C GLY F 105 -27.83 -2.52 42.31
N ASP F 106 -27.15 -1.47 42.75
CA ASP F 106 -25.77 -1.20 42.34
C ASP F 106 -24.95 -2.24 43.07
N PRO F 107 -24.03 -2.92 42.35
CA PRO F 107 -23.12 -3.87 43.01
C PRO F 107 -22.02 -3.17 43.79
N ARG F 108 -21.61 -1.96 43.39
CA ARG F 108 -20.56 -1.23 44.12
C ARG F 108 -21.05 -0.84 45.52
N ASN F 109 -22.31 -0.40 45.62
CA ASN F 109 -22.90 -0.18 46.94
C ASN F 109 -22.89 -1.48 47.70
N ASN F 110 -23.30 -2.56 47.05
CA ASN F 110 -23.47 -3.80 47.78
C ASN F 110 -22.20 -4.32 48.44
N LEU F 111 -21.07 -4.13 47.78
CA LEU F 111 -19.79 -4.48 48.37
C LEU F 111 -19.62 -3.66 49.64
N LYS F 112 -20.05 -2.40 49.61
CA LYS F 112 -19.84 -1.49 50.73
C LYS F 112 -20.77 -1.78 51.91
N ARG F 113 -21.95 -2.33 51.63
CA ARG F 113 -22.91 -2.71 52.66
C ARG F 113 -22.37 -3.88 53.46
N ILE F 114 -21.58 -4.71 52.79
CA ILE F 114 -21.01 -5.91 53.39
C ILE F 114 -19.64 -5.60 54.04
N LEU F 115 -18.99 -4.52 53.59
CA LEU F 115 -17.78 -4.02 54.25
C LEU F 115 -18.13 -3.35 55.60
N LYS F 116 -19.28 -2.70 55.67
CA LYS F 116 -19.80 -2.19 56.94
C LYS F 116 -20.07 -3.39 57.86
N GLU F 117 -20.68 -4.45 57.31
CA GLU F 117 -20.88 -5.68 58.09
C GLU F 117 -19.57 -6.08 58.73
N MET F 118 -18.49 -5.98 57.93
CA MET F 118 -17.14 -6.32 58.35
C MET F 118 -16.68 -5.47 59.53
N GLU F 119 -16.69 -4.15 59.34
CA GLU F 119 -16.19 -3.25 60.37
C GLU F 119 -17.06 -3.30 61.64
N ASP F 120 -18.36 -3.56 61.50
CA ASP F 120 -19.26 -3.73 62.64
C ASP F 120 -18.86 -4.94 63.47
N LEU F 121 -17.79 -5.61 63.04
CA LEU F 121 -17.19 -6.71 63.79
C LEU F 121 -15.74 -6.37 64.16
N GLY F 122 -15.34 -5.11 63.96
CA GLY F 122 -14.04 -4.65 64.43
C GLY F 122 -12.96 -4.49 63.38
N PHE F 123 -12.86 -5.46 62.49
CA PHE F 123 -11.87 -5.45 61.42
C PHE F 123 -11.92 -4.14 60.61
N SER F 124 -10.77 -3.73 60.06
CA SER F 124 -10.65 -2.42 59.41
C SER F 124 -10.54 -2.50 57.89
N ASP F 125 -9.79 -3.47 57.39
CA ASP F 125 -9.57 -3.58 55.96
C ASP F 125 -9.77 -5.03 55.49
N PHE F 126 -10.13 -5.19 54.22
CA PHE F 126 -10.24 -6.50 53.59
C PHE F 126 -9.55 -6.49 52.22
N ASN F 127 -8.38 -7.12 52.11
CA ASN F 127 -7.53 -6.94 50.94
C ASN F 127 -7.64 -8.02 49.85
N LEU F 128 -7.14 -7.69 48.67
CA LEU F 128 -7.34 -8.49 47.49
C LEU F 128 -6.19 -8.34 46.49
N GLY F 129 -5.39 -9.39 46.36
CA GLY F 129 -4.50 -9.54 45.23
C GLY F 129 -5.14 -10.57 44.30
N PRO F 130 -5.49 -10.15 43.07
CA PRO F 130 -6.10 -11.05 42.10
C PRO F 130 -5.13 -11.45 40.98
N GLU F 131 -5.25 -12.69 40.53
CA GLU F 131 -4.38 -13.21 39.47
C GLU F 131 -5.21 -13.47 38.20
N PRO F 132 -5.56 -12.39 37.45
CA PRO F 132 -6.46 -12.47 36.28
C PRO F 132 -5.82 -13.03 35.00
N GLU F 133 -6.14 -14.28 34.64
CA GLU F 133 -5.65 -14.93 33.42
C GLU F 133 -6.57 -14.58 32.22
N PHE F 134 -6.00 -14.44 31.02
CA PHE F 134 -6.76 -14.07 29.82
C PHE F 134 -6.06 -14.56 28.55
N PHE F 135 -6.84 -14.80 27.50
CA PHE F 135 -6.28 -15.23 26.21
C PHE F 135 -6.29 -14.07 25.23
N LEU F 136 -5.52 -14.21 24.16
CA LEU F 136 -5.47 -13.22 23.08
C LEU F 136 -5.61 -13.93 21.73
N PHE F 137 -6.61 -13.51 20.95
CA PHE F 137 -6.84 -14.10 19.64
C PHE F 137 -6.51 -13.09 18.55
N LYS F 138 -6.23 -13.56 17.35
CA LYS F 138 -5.91 -12.63 16.29
C LYS F 138 -7.21 -12.15 15.71
N LEU F 139 -7.12 -11.28 14.71
CA LEU F 139 -8.29 -10.74 14.04
C LEU F 139 -8.27 -11.11 12.55
N ASP F 140 -9.18 -10.51 11.77
CA ASP F 140 -9.07 -10.62 10.32
C ASP F 140 -9.22 -9.26 9.62
N GLU F 141 -9.94 -9.24 8.51
CA GLU F 141 -10.15 -8.03 7.73
C GLU F 141 -11.13 -7.09 8.43
N LYS F 142 -12.37 -7.57 8.60
CA LYS F 142 -13.44 -6.81 9.23
C LYS F 142 -13.09 -6.51 10.68
N GLY F 143 -12.03 -7.17 11.16
CA GLY F 143 -11.59 -7.04 12.53
C GLY F 143 -12.43 -7.89 13.47
N GLU F 144 -12.73 -9.11 13.05
CA GLU F 144 -13.48 -10.00 13.91
C GLU F 144 -12.55 -11.05 14.50
N PRO F 145 -12.82 -11.44 15.75
CA PRO F 145 -11.92 -12.36 16.48
C PRO F 145 -11.95 -13.76 15.90
N THR F 146 -10.76 -14.24 15.55
CA THR F 146 -10.56 -15.59 15.06
C THR F 146 -10.07 -16.42 16.21
N LEU F 147 -10.17 -17.73 16.08
CA LEU F 147 -9.67 -18.61 17.11
C LEU F 147 -8.12 -18.64 17.20
N GLU F 148 -7.45 -17.77 16.44
CA GLU F 148 -5.98 -17.78 16.39
C GLU F 148 -5.33 -17.07 17.56
N LEU F 149 -4.73 -17.85 18.46
CA LEU F 149 -4.00 -17.32 19.60
C LEU F 149 -2.85 -16.47 19.08
N ASN F 150 -2.49 -15.41 19.80
CA ASN F 150 -1.46 -14.53 19.29
C ASN F 150 -0.14 -15.27 19.25
N ASP F 151 0.14 -16.06 20.27
CA ASP F 151 1.44 -16.74 20.37
C ASP F 151 1.32 -18.20 20.77
N LYS F 152 2.45 -18.90 20.71
CA LYS F 152 2.44 -20.34 20.97
C LYS F 152 3.43 -20.75 22.06
N GLY F 153 3.37 -20.05 23.20
CA GLY F 153 4.18 -20.36 24.35
C GLY F 153 3.46 -21.14 25.45
N GLY F 154 4.19 -21.43 26.51
CA GLY F 154 3.71 -22.28 27.57
C GLY F 154 4.01 -21.65 28.91
N TYR F 155 3.84 -22.42 29.97
CA TYR F 155 3.87 -21.86 31.31
C TYR F 155 5.15 -21.06 31.63
N PHE F 156 4.98 -19.77 31.90
CA PHE F 156 6.08 -18.88 32.31
C PHE F 156 7.16 -18.60 31.28
N ASP F 157 6.88 -18.93 30.01
CA ASP F 157 7.88 -18.75 28.96
C ASP F 157 8.16 -17.30 28.67
N LEU F 158 9.38 -17.02 28.23
CA LEU F 158 9.74 -15.68 27.81
C LEU F 158 9.22 -15.50 26.40
N ALA F 159 7.89 -15.54 26.27
CA ALA F 159 7.19 -15.33 25.00
C ALA F 159 6.00 -14.37 25.17
N PRO F 160 5.81 -13.45 24.20
CA PRO F 160 6.67 -13.35 23.01
C PRO F 160 8.05 -12.64 23.21
N THR F 161 8.77 -12.55 22.10
CA THR F 161 10.02 -11.82 22.05
C THR F 161 9.74 -10.33 22.32
N ASP F 162 10.75 -9.55 22.75
CA ASP F 162 10.56 -8.11 23.05
C ASP F 162 10.41 -7.28 21.79
N LEU F 163 11.05 -7.76 20.73
CA LEU F 163 10.94 -7.21 19.40
C LEU F 163 9.89 -8.02 18.60
N GLY F 164 8.67 -7.51 18.63
CA GLY F 164 7.54 -8.21 18.05
C GLY F 164 6.34 -7.89 18.90
N GLU F 165 5.16 -8.35 18.47
CA GLU F 165 3.91 -8.08 19.15
C GLU F 165 4.08 -7.63 20.61
N ASN F 166 4.71 -8.50 21.41
CA ASN F 166 4.65 -8.43 22.87
C ASN F 166 3.66 -7.42 23.44
N CYS F 167 2.42 -7.86 23.53
CA CYS F 167 1.31 -7.03 23.98
C CYS F 167 1.19 -7.07 25.50
N ARG F 168 1.33 -8.26 26.07
CA ARG F 168 1.31 -8.40 27.53
C ARG F 168 2.16 -7.31 28.21
N ARG F 169 3.45 -7.27 27.88
CA ARG F 169 4.35 -6.19 28.31
C ARG F 169 3.66 -4.83 28.24
N ASP F 170 3.26 -4.41 27.04
CA ASP F 170 2.76 -3.04 26.83
C ASP F 170 1.50 -2.63 27.63
N ILE F 171 0.70 -3.61 28.08
CA ILE F 171 -0.44 -3.32 28.96
C ILE F 171 0.09 -3.02 30.34
N VAL F 172 1.13 -3.76 30.71
CA VAL F 172 1.79 -3.60 31.99
C VAL F 172 2.37 -2.20 32.10
N LEU F 173 3.07 -1.74 31.06
CA LEU F 173 3.60 -0.38 31.02
C LEU F 173 2.50 0.69 31.17
N GLU F 174 1.53 0.67 30.26
CA GLU F 174 0.42 1.60 30.34
C GLU F 174 -0.23 1.54 31.74
N LEU F 175 -0.51 0.34 32.24
CA LEU F 175 -1.12 0.18 33.58
C LEU F 175 -0.36 0.96 34.66
N GLU F 176 0.97 1.02 34.51
CA GLU F 176 1.83 1.61 35.55
C GLU F 176 1.85 3.14 35.56
N GLU F 177 1.73 3.78 34.39
CA GLU F 177 1.54 5.22 34.33
C GLU F 177 0.21 5.60 34.96
N MET F 178 -0.80 4.84 34.59
CA MET F 178 -2.14 5.01 35.13
C MET F 178 -2.09 4.82 36.64
N GLY F 179 -0.86 4.75 37.16
CA GLY F 179 -0.62 4.67 38.59
C GLY F 179 -0.95 3.33 39.20
N PHE F 180 -1.21 2.34 38.35
CA PHE F 180 -1.49 1.00 38.85
C PHE F 180 -0.26 0.52 39.56
N GLU F 181 -0.43 -0.41 40.49
CA GLU F 181 0.73 -1.11 41.04
C GLU F 181 0.68 -2.61 40.72
N ILE F 182 1.46 -3.02 39.74
CA ILE F 182 1.48 -4.41 39.35
C ILE F 182 2.71 -5.13 39.90
N GLU F 183 2.52 -6.38 40.34
CA GLU F 183 3.55 -7.16 40.99
C GLU F 183 4.46 -7.94 40.01
N ALA F 184 3.83 -8.72 39.14
CA ALA F 184 4.56 -9.53 38.16
C ALA F 184 3.78 -9.71 36.88
N SER F 185 3.94 -10.87 36.26
CA SER F 185 3.41 -11.11 34.92
C SER F 185 4.17 -12.22 34.24
N HIS F 186 3.50 -12.96 33.37
CA HIS F 186 4.14 -14.07 32.67
C HIS F 186 3.27 -14.54 31.52
N HIS F 187 3.71 -15.61 30.88
CA HIS F 187 2.89 -16.32 29.92
C HIS F 187 2.27 -17.49 30.68
N GLU F 188 1.00 -17.79 30.44
CA GLU F 188 0.32 -18.87 31.19
C GLU F 188 0.39 -20.27 30.54
N VAL F 189 -0.31 -21.25 31.11
CA VAL F 189 -0.19 -22.64 30.68
C VAL F 189 -0.52 -22.94 29.20
N ALA F 190 -1.41 -22.15 28.59
CA ALA F 190 -1.88 -22.41 27.23
C ALA F 190 -1.41 -21.33 26.25
N PRO F 191 -1.10 -21.71 24.99
CA PRO F 191 -0.56 -20.77 24.00
C PRO F 191 -1.49 -19.59 23.86
N GLY F 192 -0.95 -18.39 23.73
CA GLY F 192 -1.77 -17.19 23.65
C GLY F 192 -2.31 -16.69 24.97
N GLN F 193 -2.16 -17.46 26.05
CA GLN F 193 -2.69 -17.06 27.36
C GLN F 193 -1.68 -16.32 28.25
N HIS F 194 -2.08 -15.15 28.74
CA HIS F 194 -1.21 -14.30 29.54
C HIS F 194 -1.80 -14.00 30.90
N GLU F 195 -0.94 -13.86 31.92
CA GLU F 195 -1.40 -13.44 33.25
C GLU F 195 -0.72 -12.14 33.68
N ILE F 196 -1.40 -11.37 34.53
CA ILE F 196 -0.87 -10.14 35.12
C ILE F 196 -1.44 -9.97 36.52
N ASP F 197 -0.56 -9.98 37.51
CA ASP F 197 -0.92 -9.90 38.92
C ASP F 197 -0.76 -8.51 39.49
N PHE F 198 -1.59 -8.19 40.47
CA PHE F 198 -1.49 -6.89 41.12
C PHE F 198 -0.98 -7.05 42.53
N LYS F 199 -0.55 -5.94 43.09
CA LYS F 199 -0.23 -5.86 44.50
C LYS F 199 -1.55 -5.88 45.23
N TYR F 200 -1.55 -6.27 46.50
CA TYR F 200 -2.78 -6.24 47.26
C TYR F 200 -3.35 -4.83 47.24
N ALA F 201 -4.65 -4.69 47.49
CA ALA F 201 -5.31 -3.40 47.39
C ALA F 201 -6.57 -3.40 48.23
N GLY F 202 -7.01 -2.24 48.71
CA GLY F 202 -8.30 -2.19 49.39
C GLY F 202 -9.38 -2.93 48.59
N ALA F 203 -10.24 -3.66 49.29
CA ALA F 203 -11.34 -4.41 48.68
C ALA F 203 -11.98 -3.67 47.52
N VAL F 204 -12.13 -2.35 47.68
CA VAL F 204 -12.64 -1.51 46.62
C VAL F 204 -11.52 -1.00 45.71
N ARG F 205 -10.46 -0.42 46.30
CA ARG F 205 -9.37 0.11 45.49
C ARG F 205 -9.00 -0.97 44.48
N SER F 206 -9.36 -2.21 44.82
CA SER F 206 -9.06 -3.40 44.01
C SER F 206 -10.07 -3.68 42.88
N CYS F 207 -11.31 -4.00 43.25
CA CYS F 207 -12.37 -4.27 42.28
C CYS F 207 -12.45 -3.19 41.20
N ASP F 208 -12.07 -1.98 41.60
CA ASP F 208 -12.02 -0.82 40.72
C ASP F 208 -10.89 -0.99 39.72
N ASP F 209 -9.77 -1.54 40.19
CA ASP F 209 -8.58 -1.67 39.38
C ASP F 209 -8.65 -2.93 38.50
N ILE F 210 -9.56 -3.85 38.85
CA ILE F 210 -9.85 -5.02 38.02
C ILE F 210 -10.67 -4.61 36.78
N GLN F 211 -11.79 -3.95 37.03
CA GLN F 211 -12.62 -3.34 35.99
C GLN F 211 -11.78 -2.56 35.00
N THR F 212 -11.03 -1.57 35.50
CA THR F 212 -10.08 -0.81 34.70
C THR F 212 -9.07 -1.69 33.94
N PHE F 213 -8.55 -2.72 34.59
CA PHE F 213 -7.61 -3.64 33.94
C PHE F 213 -8.21 -4.17 32.66
N LYS F 214 -9.35 -4.84 32.77
CA LYS F 214 -10.04 -5.47 31.65
C LYS F 214 -10.28 -4.49 30.49
N LEU F 215 -10.44 -3.22 30.82
CA LEU F 215 -10.59 -2.20 29.79
C LEU F 215 -9.22 -1.97 29.14
N VAL F 216 -8.21 -1.70 29.97
CA VAL F 216 -6.86 -1.47 29.47
C VAL F 216 -6.39 -2.67 28.67
N VAL F 217 -6.72 -3.87 29.16
CA VAL F 217 -6.37 -5.10 28.45
C VAL F 217 -7.05 -5.18 27.09
N LYS F 218 -8.38 -4.98 27.07
CA LYS F 218 -9.19 -5.15 25.86
C LYS F 218 -8.92 -4.04 24.85
N THR F 219 -8.33 -2.95 25.33
CA THR F 219 -8.00 -1.80 24.49
C THR F 219 -6.59 -1.90 23.86
N ILE F 220 -5.57 -2.12 24.68
CA ILE F 220 -4.23 -2.22 24.13
C ILE F 220 -4.07 -3.41 23.14
N ALA F 221 -4.97 -4.40 23.23
CA ALA F 221 -4.92 -5.56 22.35
C ALA F 221 -5.58 -5.26 20.98
N ARG F 222 -6.74 -4.61 21.01
CA ARG F 222 -7.42 -4.09 19.82
C ARG F 222 -6.42 -3.22 19.00
N LYS F 223 -5.72 -2.30 19.68
CA LYS F 223 -4.65 -1.51 19.07
C LYS F 223 -3.61 -2.41 18.36
N HIS F 224 -3.26 -3.57 18.94
CA HIS F 224 -2.22 -4.41 18.34
C HIS F 224 -2.71 -5.48 17.34
N GLY F 225 -3.99 -5.43 16.99
CA GLY F 225 -4.55 -6.34 16.01
C GLY F 225 -4.92 -7.67 16.63
N LEU F 226 -5.33 -7.60 17.88
CA LEU F 226 -5.66 -8.78 18.65
C LEU F 226 -6.93 -8.56 19.42
N HIS F 227 -7.52 -9.66 19.86
CA HIS F 227 -8.70 -9.64 20.70
C HIS F 227 -8.32 -10.21 22.08
N ALA F 228 -8.73 -9.52 23.14
CA ALA F 228 -8.52 -10.03 24.49
C ALA F 228 -9.83 -10.62 24.97
N THR F 229 -9.81 -11.86 25.47
CA THR F 229 -11.01 -12.47 26.10
C THR F 229 -10.75 -13.00 27.51
N PHE F 230 -11.74 -12.76 28.39
CA PHE F 230 -11.71 -13.26 29.76
C PHE F 230 -12.67 -14.46 29.96
N MET F 231 -13.16 -14.98 28.84
CA MET F 231 -13.96 -16.19 28.80
C MET F 231 -13.21 -17.37 29.47
N PRO F 232 -13.77 -17.92 30.57
CA PRO F 232 -13.12 -18.97 31.39
C PRO F 232 -12.55 -20.16 30.60
N LYS F 233 -13.05 -20.40 29.41
CA LYS F 233 -12.62 -21.56 28.65
C LYS F 233 -12.96 -21.29 27.19
N PRO F 234 -12.13 -20.47 26.54
CA PRO F 234 -12.39 -20.07 25.15
C PRO F 234 -12.44 -21.32 24.30
N LEU F 235 -11.60 -22.28 24.67
CA LEU F 235 -11.39 -23.45 23.86
C LEU F 235 -11.28 -24.71 24.72
N PHE F 236 -11.94 -25.75 24.21
CA PHE F 236 -11.93 -27.10 24.73
C PHE F 236 -10.58 -27.76 24.47
N GLY F 237 -10.12 -28.57 25.40
CA GLY F 237 -8.80 -29.16 25.23
C GLY F 237 -7.65 -28.31 25.74
N VAL F 238 -7.82 -26.98 25.75
CA VAL F 238 -6.78 -26.07 26.21
C VAL F 238 -7.15 -25.49 27.56
N ASN F 239 -6.13 -25.12 28.34
CA ASN F 239 -6.33 -24.57 29.69
C ASN F 239 -7.42 -23.52 29.75
N GLY F 240 -8.02 -23.37 30.91
CA GLY F 240 -9.04 -22.35 31.09
C GLY F 240 -8.43 -21.13 31.76
N SER F 241 -9.02 -19.96 31.51
CA SER F 241 -8.63 -18.75 32.19
C SER F 241 -9.23 -18.78 33.60
N GLY F 242 -8.59 -18.06 34.51
CA GLY F 242 -9.06 -18.01 35.89
C GLY F 242 -8.50 -16.82 36.65
N MET F 243 -8.97 -16.63 37.87
CA MET F 243 -8.55 -15.48 38.65
C MET F 243 -8.52 -15.74 40.16
N HIS F 244 -7.54 -16.51 40.62
CA HIS F 244 -7.44 -16.81 42.05
C HIS F 244 -7.66 -15.54 42.84
N CYS F 245 -8.05 -15.71 44.09
CA CYS F 245 -8.41 -14.57 44.92
C CYS F 245 -7.75 -14.60 46.28
N ASN F 246 -6.56 -14.04 46.38
CA ASN F 246 -5.86 -13.97 47.66
C ASN F 246 -6.60 -13.02 48.61
N LEU F 247 -7.12 -13.57 49.72
CA LEU F 247 -7.95 -12.83 50.68
C LEU F 247 -7.32 -12.65 52.05
N SER F 248 -7.08 -11.40 52.44
CA SER F 248 -6.53 -11.09 53.77
C SER F 248 -7.48 -10.22 54.59
N LEU F 249 -7.42 -10.37 55.92
CA LEU F 249 -8.35 -9.72 56.84
C LEU F 249 -7.65 -9.06 58.03
N PHE F 250 -7.53 -7.73 58.02
CA PHE F 250 -6.82 -7.02 59.08
C PHE F 250 -7.72 -6.54 60.23
N LYS F 251 -7.06 -5.95 61.23
CA LYS F 251 -7.69 -5.05 62.19
C LYS F 251 -6.63 -4.07 62.66
N ASN F 252 -7.03 -2.83 62.92
CA ASN F 252 -6.11 -1.81 63.39
C ASN F 252 -4.81 -1.78 62.56
N GLY F 253 -4.90 -2.23 61.31
CA GLY F 253 -3.77 -2.20 60.40
C GLY F 253 -2.84 -3.42 60.45
N VAL F 254 -3.24 -4.49 61.14
CA VAL F 254 -2.41 -5.69 61.17
C VAL F 254 -3.14 -6.96 60.75
N ASN F 255 -2.41 -7.86 60.08
CA ASN F 255 -3.04 -9.04 59.52
C ASN F 255 -3.68 -9.98 60.55
N ALA F 256 -5.00 -10.03 60.58
CA ALA F 256 -5.72 -10.83 61.57
C ALA F 256 -5.62 -12.35 61.33
N PHE F 257 -5.00 -12.75 60.23
CA PHE F 257 -4.85 -14.19 59.95
C PHE F 257 -3.61 -14.78 60.61
N PHE F 258 -2.53 -14.00 60.68
CA PHE F 258 -1.21 -14.45 61.21
C PHE F 258 -1.14 -14.69 62.72
N ASP F 259 -0.75 -15.90 63.11
CA ASP F 259 -0.50 -16.27 64.50
C ASP F 259 0.75 -17.15 64.52
N GLU F 260 1.91 -16.51 64.68
CA GLU F 260 3.17 -17.25 64.79
C GLU F 260 3.03 -18.30 65.87
N ASN F 261 2.31 -17.93 66.94
CA ASN F 261 2.15 -18.79 68.11
C ASN F 261 1.05 -19.87 68.01
N ALA F 262 0.51 -20.08 66.82
CA ALA F 262 -0.51 -21.11 66.62
C ALA F 262 -0.06 -22.19 65.61
N ASP F 263 -0.84 -23.27 65.55
CA ASP F 263 -0.55 -24.34 64.60
C ASP F 263 -0.76 -23.88 63.16
N LEU F 264 0.27 -24.08 62.34
CA LEU F 264 0.23 -23.75 60.92
C LEU F 264 0.58 -22.27 60.67
N GLN F 265 0.61 -21.49 61.75
CA GLN F 265 0.76 -20.03 61.70
C GLN F 265 -0.49 -19.32 61.16
N LEU F 266 -1.64 -19.90 61.50
CA LEU F 266 -2.95 -19.35 61.16
C LEU F 266 -3.70 -19.03 62.45
N SER F 267 -4.17 -17.79 62.58
CA SER F 267 -4.96 -17.38 63.74
C SER F 267 -6.27 -18.15 63.72
N GLU F 268 -6.85 -18.44 64.89
CA GLU F 268 -8.12 -19.16 64.94
C GLU F 268 -9.25 -18.25 64.42
N THR F 269 -8.85 -17.07 63.97
CA THR F 269 -9.69 -16.27 63.09
C THR F 269 -9.54 -16.91 61.72
N ALA F 270 -8.30 -16.97 61.23
CA ALA F 270 -8.00 -17.61 59.94
C ALA F 270 -8.56 -19.04 59.82
N LYS F 271 -8.32 -19.86 60.83
CA LYS F 271 -8.86 -21.22 60.85
C LYS F 271 -10.39 -21.19 60.79
N HIS F 272 -10.99 -20.09 61.24
CA HIS F 272 -12.46 -19.94 61.22
C HIS F 272 -12.95 -19.40 59.89
N PHE F 273 -12.35 -18.28 59.47
CA PHE F 273 -12.66 -17.66 58.18
C PHE F 273 -12.55 -18.70 57.07
N ILE F 274 -11.44 -19.43 57.05
CA ILE F 274 -11.29 -20.57 56.16
C ILE F 274 -12.53 -21.47 56.26
N ALA F 275 -12.97 -21.73 57.49
CA ALA F 275 -14.09 -22.64 57.76
C ALA F 275 -15.34 -22.28 56.98
N GLY F 276 -15.73 -21.01 57.10
CA GLY F 276 -16.88 -20.49 56.37
C GLY F 276 -16.76 -20.71 54.87
N ILE F 277 -15.73 -20.12 54.28
CA ILE F 277 -15.45 -20.31 52.85
C ILE F 277 -15.77 -21.74 52.39
N VAL F 278 -15.49 -22.71 53.25
CA VAL F 278 -15.69 -24.10 52.91
C VAL F 278 -17.18 -24.43 52.82
N LYS F 279 -17.93 -24.08 53.84
CA LYS F 279 -19.29 -24.58 53.93
C LYS F 279 -20.19 -23.89 52.90
N HIS F 280 -19.73 -22.74 52.46
CA HIS F 280 -20.48 -21.95 51.51
C HIS F 280 -20.13 -22.28 50.06
N ALA F 281 -18.84 -22.26 49.78
CA ALA F 281 -18.26 -22.73 48.53
C ALA F 281 -19.27 -23.22 47.50
N THR F 282 -19.92 -24.33 47.80
CA THR F 282 -20.85 -24.92 46.85
C THR F 282 -21.91 -23.88 46.45
N SER F 283 -22.20 -22.98 47.39
CA SER F 283 -23.27 -21.98 47.25
C SER F 283 -22.87 -20.73 46.47
N PHE F 284 -21.77 -20.07 46.87
CA PHE F 284 -21.34 -18.86 46.17
C PHE F 284 -20.67 -19.14 44.83
N THR F 285 -20.79 -20.36 44.33
CA THR F 285 -20.21 -20.73 43.03
C THR F 285 -20.95 -20.16 41.79
N ALA F 286 -22.28 -20.14 41.81
CA ALA F 286 -23.03 -19.53 40.71
C ALA F 286 -22.61 -18.07 40.49
N VAL F 287 -22.01 -17.45 41.51
CA VAL F 287 -21.65 -16.02 41.52
C VAL F 287 -20.19 -15.76 41.11
N THR F 288 -19.29 -16.57 41.64
CA THR F 288 -17.89 -16.45 41.30
C THR F 288 -17.54 -17.25 40.06
N ASN F 289 -18.53 -17.94 39.49
CA ASN F 289 -18.39 -18.64 38.20
C ASN F 289 -19.69 -18.47 37.42
N PRO F 290 -20.07 -17.22 37.16
CA PRO F 290 -21.38 -16.80 36.66
C PRO F 290 -21.89 -17.43 35.35
N THR F 291 -21.03 -18.03 34.53
CA THR F 291 -21.42 -18.37 33.15
C THR F 291 -21.60 -19.87 32.85
N VAL F 292 -22.43 -20.17 31.85
CA VAL F 292 -22.64 -21.56 31.43
C VAL F 292 -21.29 -22.17 31.12
N ASN F 293 -20.37 -21.31 30.71
CA ASN F 293 -19.07 -21.71 30.22
C ASN F 293 -18.07 -21.80 31.35
N SER F 294 -18.26 -20.98 32.36
CA SER F 294 -17.43 -21.01 33.56
C SER F 294 -17.20 -22.42 34.06
N TYR F 295 -18.17 -23.29 33.84
CA TYR F 295 -18.14 -24.64 34.39
C TYR F 295 -17.43 -25.63 33.48
N LYS F 296 -17.22 -25.23 32.23
CA LYS F 296 -16.44 -26.03 31.32
C LYS F 296 -14.97 -25.92 31.77
N ARG F 297 -14.61 -24.80 32.41
CA ARG F 297 -13.26 -24.55 32.93
C ARG F 297 -12.93 -25.49 34.09
N LEU F 298 -13.94 -25.67 34.95
CA LEU F 298 -13.87 -26.57 36.09
C LEU F 298 -14.13 -28.02 35.66
N VAL F 299 -13.08 -28.65 35.17
CA VAL F 299 -13.10 -30.06 34.85
C VAL F 299 -11.77 -30.63 35.32
N PRO F 300 -11.78 -31.81 35.93
CA PRO F 300 -10.50 -32.35 36.40
C PRO F 300 -9.63 -32.74 35.19
N GLY F 301 -8.33 -32.39 35.19
CA GLY F 301 -7.45 -32.63 34.04
C GLY F 301 -6.44 -31.52 33.88
N TYR F 302 -6.98 -30.29 33.81
CA TYR F 302 -6.22 -29.05 33.71
C TYR F 302 -6.24 -28.64 35.15
N GLU F 303 -5.13 -28.08 35.58
CA GLU F 303 -5.02 -27.49 36.89
C GLU F 303 -6.02 -26.34 37.16
N ALA F 304 -7.23 -26.71 37.56
CA ALA F 304 -8.29 -25.79 38.06
C ALA F 304 -9.08 -26.50 39.20
N PRO F 305 -9.70 -25.75 40.14
CA PRO F 305 -10.18 -26.63 41.22
C PRO F 305 -11.47 -27.34 40.83
N CYS F 306 -11.78 -28.41 41.56
CA CYS F 306 -13.10 -29.00 41.48
C CYS F 306 -13.55 -29.34 42.89
N TYR F 307 -12.57 -29.61 43.75
CA TYR F 307 -12.83 -30.20 45.05
C TYR F 307 -12.64 -29.16 46.15
N VAL F 308 -13.59 -29.11 47.08
CA VAL F 308 -13.54 -28.19 48.18
C VAL F 308 -12.58 -28.69 49.26
N ALA F 309 -11.50 -27.95 49.50
CA ALA F 309 -10.59 -28.28 50.59
C ALA F 309 -9.44 -27.29 50.65
N TRP F 310 -8.89 -27.09 51.85
CA TRP F 310 -7.71 -26.26 52.03
C TRP F 310 -6.44 -27.07 52.18
N SER F 311 -5.32 -26.49 51.81
CA SER F 311 -4.03 -27.15 51.94
C SER F 311 -2.86 -26.16 51.99
N ALA F 312 -1.74 -26.65 52.53
CA ALA F 312 -0.46 -25.97 52.44
C ALA F 312 0.14 -26.16 51.04
N GLN F 313 -0.26 -27.25 50.39
CA GLN F 313 0.33 -27.67 49.10
C GLN F 313 -0.41 -28.86 48.45
N ASN F 314 -1.39 -28.53 47.60
CA ASN F 314 -2.13 -29.54 46.83
C ASN F 314 -2.18 -29.12 45.37
N ARG F 315 -2.40 -30.08 44.48
CA ARG F 315 -2.45 -29.87 43.03
C ARG F 315 -3.21 -28.58 42.62
N SER F 316 -4.54 -28.69 42.46
CA SER F 316 -5.34 -27.47 42.37
C SER F 316 -6.45 -27.55 43.43
N PRO F 317 -6.06 -27.33 44.71
CA PRO F 317 -7.06 -27.36 45.78
C PRO F 317 -7.98 -26.15 45.67
N LEU F 318 -9.22 -26.30 46.10
CA LEU F 318 -10.12 -25.17 46.00
C LEU F 318 -9.57 -24.01 46.81
N ILE F 319 -9.14 -24.30 48.05
CA ILE F 319 -8.52 -23.29 48.92
C ILE F 319 -7.04 -23.60 49.08
N ARG F 320 -6.22 -22.57 49.13
CA ARG F 320 -4.79 -22.79 49.29
C ARG F 320 -4.17 -21.66 50.10
N ILE F 321 -3.51 -21.98 51.21
CA ILE F 321 -2.77 -20.95 51.92
C ILE F 321 -1.33 -20.96 51.43
N PRO F 322 -1.00 -19.96 50.60
CA PRO F 322 0.25 -19.85 49.83
C PRO F 322 1.44 -19.67 50.77
N ALA F 323 2.65 -19.78 50.24
CA ALA F 323 3.88 -19.75 51.04
C ALA F 323 3.86 -18.72 52.17
N SER F 324 4.05 -17.47 51.75
CA SER F 324 4.16 -16.30 52.62
C SER F 324 3.40 -16.35 53.96
N ARG F 325 4.06 -15.87 55.01
CA ARG F 325 3.46 -15.70 56.34
C ARG F 325 3.62 -14.27 56.88
N GLY F 326 3.06 -14.03 58.07
CA GLY F 326 3.19 -12.75 58.71
C GLY F 326 2.23 -11.74 58.12
N ILE F 327 2.79 -10.75 57.42
CA ILE F 327 1.99 -9.69 56.84
C ILE F 327 1.21 -10.21 55.63
N SER F 328 1.35 -11.49 55.35
CA SER F 328 0.93 -12.01 54.07
C SER F 328 0.05 -13.23 54.20
N THR F 329 -0.16 -13.66 55.44
CA THR F 329 -1.06 -14.75 55.76
C THR F 329 -2.36 -14.61 54.96
N ARG F 330 -2.58 -15.49 53.98
CA ARG F 330 -3.73 -15.37 53.10
C ARG F 330 -4.32 -16.70 52.65
N VAL F 331 -5.57 -16.63 52.21
CA VAL F 331 -6.32 -17.81 51.78
C VAL F 331 -6.67 -17.70 50.29
N GLU F 332 -5.86 -18.33 49.44
CA GLU F 332 -6.13 -18.25 48.02
C GLU F 332 -7.29 -19.15 47.60
N VAL F 333 -8.32 -18.52 47.04
CA VAL F 333 -9.47 -19.21 46.45
C VAL F 333 -9.31 -19.24 44.93
N ARG F 334 -9.01 -20.44 44.42
CA ARG F 334 -8.50 -20.64 43.05
C ARG F 334 -9.60 -20.91 42.01
N SER F 335 -10.85 -20.89 42.44
CA SER F 335 -11.98 -21.20 41.58
C SER F 335 -12.56 -20.00 40.82
N VAL F 336 -12.47 -18.82 41.42
CA VAL F 336 -12.96 -17.60 40.79
C VAL F 336 -12.35 -17.43 39.41
N ASP F 337 -13.19 -17.33 38.38
CA ASP F 337 -12.73 -16.97 37.04
C ASP F 337 -12.95 -15.47 36.82
N PRO F 338 -12.38 -14.91 35.72
CA PRO F 338 -12.49 -13.46 35.47
C PRO F 338 -13.84 -12.96 34.92
N ALA F 339 -14.83 -13.83 34.76
CA ALA F 339 -16.15 -13.41 34.32
C ALA F 339 -16.91 -12.86 35.52
N ALA F 340 -16.45 -13.29 36.70
CA ALA F 340 -17.01 -12.86 37.96
C ALA F 340 -17.17 -11.36 38.01
N ASN F 341 -18.34 -10.90 38.50
CA ASN F 341 -18.49 -9.49 38.86
C ASN F 341 -17.61 -9.28 40.10
N PRO F 342 -16.56 -8.45 39.98
CA PRO F 342 -15.67 -8.20 41.13
C PRO F 342 -16.46 -7.88 42.40
N TYR F 343 -17.26 -6.83 42.34
CA TYR F 343 -18.08 -6.41 43.48
C TYR F 343 -18.89 -7.55 44.13
N LEU F 344 -19.44 -8.47 43.33
CA LEU F 344 -20.35 -9.50 43.86
C LEU F 344 -19.62 -10.76 44.29
N ALA F 345 -18.53 -11.07 43.61
CA ALA F 345 -17.76 -12.21 44.04
C ALA F 345 -17.18 -11.85 45.40
N LEU F 346 -16.59 -10.66 45.52
CA LEU F 346 -15.96 -10.23 46.78
C LEU F 346 -16.93 -10.21 47.94
N SER F 347 -18.13 -9.70 47.67
CA SER F 347 -19.25 -9.74 48.60
C SER F 347 -19.60 -11.20 48.95
N VAL F 348 -20.04 -11.96 47.95
CA VAL F 348 -20.42 -13.36 48.17
C VAL F 348 -19.35 -14.15 48.94
N LEU F 349 -18.07 -13.81 48.72
CA LEU F 349 -17.01 -14.49 49.41
C LEU F 349 -16.91 -13.97 50.83
N LEU F 350 -16.53 -12.70 50.96
CA LEU F 350 -16.23 -12.14 52.26
C LEU F 350 -17.32 -12.41 53.29
N ALA F 351 -18.57 -12.35 52.87
CA ALA F 351 -19.68 -12.59 53.77
C ALA F 351 -19.75 -14.05 54.16
N ALA F 352 -18.98 -14.90 53.48
CA ALA F 352 -18.86 -16.32 53.81
C ALA F 352 -17.69 -16.60 54.76
N GLY F 353 -16.61 -15.83 54.61
CA GLY F 353 -15.53 -15.91 55.57
C GLY F 353 -16.05 -15.39 56.89
N LEU F 354 -16.66 -14.21 56.85
CA LEU F 354 -17.24 -13.56 58.01
C LEU F 354 -18.23 -14.43 58.77
N ASP F 355 -19.24 -14.94 58.07
CA ASP F 355 -20.24 -15.83 58.66
C ASP F 355 -19.56 -17.02 59.33
N GLY F 356 -18.32 -17.31 58.92
CA GLY F 356 -17.56 -18.40 59.49
C GLY F 356 -16.77 -17.97 60.72
N ILE F 357 -16.41 -16.69 60.78
CA ILE F 357 -15.70 -16.11 61.91
C ILE F 357 -16.65 -15.69 63.03
N LYS F 358 -17.72 -14.99 62.66
CA LYS F 358 -18.73 -14.51 63.62
C LYS F 358 -19.47 -15.66 64.33
N ASN F 359 -19.68 -16.77 63.62
CA ASN F 359 -20.33 -17.95 64.19
C ASN F 359 -19.35 -19.09 64.52
N LYS F 360 -18.06 -18.76 64.58
CA LYS F 360 -17.02 -19.75 64.89
C LYS F 360 -17.35 -21.13 64.30
N LEU F 361 -16.80 -21.40 63.11
CA LEU F 361 -17.02 -22.67 62.42
C LEU F 361 -15.77 -23.54 62.45
N GLU F 362 -15.94 -24.82 62.76
CA GLU F 362 -14.81 -25.75 62.89
C GLU F 362 -14.10 -26.05 61.56
N ALA F 363 -12.86 -25.60 61.45
CA ALA F 363 -12.10 -25.81 60.21
C ALA F 363 -11.65 -27.27 60.06
N PRO F 364 -12.27 -27.98 59.10
CA PRO F 364 -12.06 -29.41 58.89
C PRO F 364 -10.61 -29.79 58.65
N ALA F 365 -10.33 -31.08 58.80
CA ALA F 365 -9.02 -31.63 58.57
C ALA F 365 -8.53 -31.20 57.19
N PRO F 366 -7.50 -30.33 57.17
CA PRO F 366 -6.89 -29.78 55.95
C PRO F 366 -6.32 -30.83 54.99
N ILE F 367 -7.10 -31.31 54.03
CA ILE F 367 -6.64 -32.33 53.08
C ILE F 367 -5.35 -31.96 52.32
N ASP F 368 -4.45 -32.93 52.13
CA ASP F 368 -3.06 -32.67 51.67
C ASP F 368 -2.53 -33.57 50.54
N ARG F 369 -2.99 -34.82 50.49
CA ARG F 369 -2.56 -35.72 49.42
C ARG F 369 -3.39 -35.46 48.18
N ASN F 370 -2.74 -35.43 47.02
CA ASN F 370 -3.41 -35.19 45.72
C ASN F 370 -4.82 -35.75 45.66
N ILE F 371 -5.79 -34.85 45.55
CA ILE F 371 -7.19 -35.21 45.48
C ILE F 371 -7.58 -35.71 44.08
N TYR F 372 -6.71 -35.52 43.09
CA TYR F 372 -6.96 -35.99 41.73
C TYR F 372 -7.08 -37.51 41.73
N VAL F 373 -6.32 -38.16 42.60
CA VAL F 373 -6.29 -39.62 42.69
C VAL F 373 -7.51 -40.29 43.37
N MET F 374 -7.60 -40.21 44.70
CA MET F 374 -8.59 -40.96 45.49
C MET F 374 -9.94 -41.24 44.77
N SER F 375 -10.41 -42.48 44.94
CA SER F 375 -11.79 -42.86 44.66
C SER F 375 -12.75 -41.91 45.38
N LYS F 376 -13.61 -41.18 44.65
CA LYS F 376 -14.41 -40.07 45.24
C LYS F 376 -15.20 -40.49 46.48
N GLU F 377 -15.24 -41.78 46.71
CA GLU F 377 -15.85 -42.36 47.90
C GLU F 377 -15.04 -42.13 49.18
N GLU F 378 -13.82 -42.69 49.22
CA GLU F 378 -12.91 -42.52 50.35
C GLU F 378 -12.49 -41.06 50.54
N ARG F 379 -13.15 -40.20 49.77
CA ARG F 379 -12.99 -38.74 49.75
C ARG F 379 -14.22 -38.05 50.34
N MET F 380 -15.34 -38.15 49.63
CA MET F 380 -16.54 -37.42 50.02
C MET F 380 -16.83 -37.66 51.50
N GLU F 381 -16.61 -38.90 51.93
CA GLU F 381 -16.83 -39.31 53.31
C GLU F 381 -15.98 -38.46 54.25
N ASN F 382 -14.76 -38.13 53.80
CA ASN F 382 -13.94 -37.11 54.45
C ASN F 382 -14.45 -35.73 54.11
N GLY F 383 -13.53 -34.78 54.17
CA GLY F 383 -13.87 -33.38 54.03
C GLY F 383 -13.78 -32.88 52.61
N ILE F 384 -14.59 -33.47 51.71
CA ILE F 384 -14.34 -33.28 50.29
C ILE F 384 -15.54 -33.52 49.35
N VAL F 385 -16.08 -32.45 48.78
CA VAL F 385 -17.18 -32.56 47.82
C VAL F 385 -16.96 -31.75 46.54
N ASP F 386 -17.49 -32.26 45.41
CA ASP F 386 -17.37 -31.59 44.10
C ASP F 386 -18.33 -30.41 43.98
N LEU F 387 -17.85 -29.31 43.41
CA LEU F 387 -18.66 -28.11 43.28
C LEU F 387 -19.91 -28.34 42.39
N PRO F 388 -20.73 -27.30 42.19
CA PRO F 388 -21.81 -27.51 41.22
C PRO F 388 -21.20 -27.67 39.84
N ALA F 389 -21.76 -28.54 39.02
CA ALA F 389 -21.16 -28.92 37.74
C ALA F 389 -21.66 -28.10 36.55
N THR F 390 -22.79 -27.42 36.73
CA THR F 390 -23.40 -26.62 35.69
C THR F 390 -23.83 -25.28 36.26
N LEU F 391 -24.27 -24.36 35.41
CA LEU F 391 -24.83 -23.11 35.90
C LEU F 391 -26.11 -23.38 36.68
N ALA F 392 -26.97 -24.23 36.14
CA ALA F 392 -28.21 -24.60 36.82
C ALA F 392 -27.97 -25.12 38.23
N GLU F 393 -27.04 -26.07 38.37
CA GLU F 393 -26.79 -26.68 39.67
C GLU F 393 -26.22 -25.65 40.63
N ALA F 394 -25.32 -24.83 40.09
CA ALA F 394 -24.66 -23.79 40.85
C ALA F 394 -25.69 -22.87 41.45
N LEU F 395 -26.72 -22.56 40.66
CA LEU F 395 -27.75 -21.58 41.01
C LEU F 395 -28.78 -22.10 42.03
N GLU F 396 -29.12 -23.38 41.97
CA GLU F 396 -30.08 -23.90 42.94
C GLU F 396 -29.39 -23.95 44.28
N GLU F 397 -28.12 -24.35 44.26
CA GLU F 397 -27.31 -24.34 45.47
C GLU F 397 -27.33 -22.94 46.03
N PHE F 398 -26.82 -22.01 45.23
CA PHE F 398 -26.74 -20.63 45.65
C PHE F 398 -28.10 -20.14 46.14
N LYS F 399 -29.15 -20.60 45.49
CA LYS F 399 -30.51 -20.16 45.79
C LYS F 399 -30.91 -20.54 47.24
N SER F 400 -30.36 -21.66 47.74
CA SER F 400 -30.57 -22.19 49.11
C SER F 400 -29.90 -21.41 50.23
N ASN F 401 -28.57 -21.32 50.16
CA ASN F 401 -27.80 -20.64 51.18
C ASN F 401 -28.37 -19.26 51.46
N GLU F 402 -28.71 -19.00 52.72
CA GLU F 402 -29.36 -17.73 53.11
C GLU F 402 -28.38 -16.61 53.48
N VAL F 403 -27.09 -16.94 53.62
CA VAL F 403 -26.06 -15.92 53.87
C VAL F 403 -25.57 -15.36 52.54
N MET F 404 -25.80 -16.15 51.49
CA MET F 404 -25.52 -15.75 50.12
C MET F 404 -26.61 -14.83 49.65
N VAL F 405 -27.84 -15.21 49.97
CA VAL F 405 -28.94 -14.32 49.74
C VAL F 405 -28.69 -13.01 50.49
N LYS F 406 -28.45 -13.09 51.81
CA LYS F 406 -28.19 -11.88 52.59
C LYS F 406 -26.92 -11.20 52.09
N ALA F 407 -26.15 -11.97 51.33
CA ALA F 407 -24.89 -11.49 50.77
C ALA F 407 -25.17 -10.37 49.78
N LEU F 408 -26.20 -10.57 48.98
CA LEU F 408 -26.55 -9.66 47.91
C LEU F 408 -27.80 -8.81 48.22
N GLY F 409 -28.81 -9.40 48.85
CA GLY F 409 -29.99 -8.67 49.31
C GLY F 409 -31.07 -8.38 48.27
N GLU F 410 -32.24 -8.99 48.49
CA GLU F 410 -33.40 -8.91 47.59
C GLU F 410 -33.04 -8.58 46.14
N HIS F 411 -33.06 -7.28 45.84
CA HIS F 411 -32.80 -6.72 44.50
C HIS F 411 -31.73 -7.48 43.73
N LEU F 412 -30.47 -7.22 44.08
CA LEU F 412 -29.37 -7.85 43.37
C LEU F 412 -29.54 -9.35 43.26
N PHE F 413 -30.10 -9.96 44.31
CA PHE F 413 -30.34 -11.40 44.29
C PHE F 413 -31.40 -11.70 43.24
N GLU F 414 -32.63 -11.31 43.53
CA GLU F 414 -33.72 -11.74 42.68
C GLU F 414 -33.46 -11.44 41.20
N HIS F 415 -32.72 -10.36 40.93
CA HIS F 415 -32.39 -9.92 39.56
C HIS F 415 -31.28 -10.77 39.00
N PHE F 416 -30.21 -10.92 39.76
CA PHE F 416 -29.10 -11.75 39.32
C PHE F 416 -29.59 -13.18 39.01
N ILE F 417 -30.44 -13.74 39.86
CA ILE F 417 -31.04 -15.04 39.57
C ILE F 417 -31.72 -15.03 38.20
N GLU F 418 -32.74 -14.19 38.05
CA GLU F 418 -33.42 -14.06 36.76
C GLU F 418 -32.48 -14.12 35.56
N ALA F 419 -31.67 -13.07 35.40
CA ALA F 419 -30.63 -12.95 34.37
C ALA F 419 -29.90 -14.24 34.08
N LYS F 420 -29.42 -14.86 35.15
CA LYS F 420 -28.63 -16.08 35.03
C LYS F 420 -29.48 -17.29 34.66
N GLU F 421 -30.71 -17.36 35.14
CA GLU F 421 -31.53 -18.57 34.95
C GLU F 421 -32.37 -18.53 33.68
N ILE F 422 -32.47 -17.36 33.06
CA ILE F 422 -32.97 -17.27 31.68
C ILE F 422 -31.78 -17.59 30.79
N GLU F 423 -30.61 -17.28 31.31
CA GLU F 423 -29.35 -17.56 30.62
C GLU F 423 -29.13 -19.09 30.47
N TRP F 424 -29.21 -19.85 31.56
CA TRP F 424 -29.17 -21.30 31.41
C TRP F 424 -30.29 -21.65 30.46
N ASP F 425 -31.42 -20.97 30.63
CA ASP F 425 -32.60 -21.28 29.85
C ASP F 425 -32.24 -21.33 28.38
N MET F 426 -31.43 -20.38 27.94
CA MET F 426 -31.06 -20.25 26.52
C MET F 426 -30.18 -21.41 26.08
N PHE F 427 -29.12 -21.66 26.85
CA PHE F 427 -28.14 -22.70 26.54
C PHE F 427 -28.82 -24.07 26.56
N ARG F 428 -29.95 -24.14 27.27
CA ARG F 428 -30.64 -25.40 27.53
C ARG F 428 -31.45 -25.83 26.32
N THR F 429 -32.05 -24.84 25.68
CA THR F 429 -32.95 -25.08 24.57
C THR F 429 -32.21 -24.97 23.23
N GLN F 430 -30.95 -24.58 23.29
CA GLN F 430 -30.08 -24.54 22.12
C GLN F 430 -29.80 -25.96 21.62
N VAL F 431 -29.70 -26.13 20.30
CA VAL F 431 -29.36 -27.43 19.72
C VAL F 431 -27.96 -27.37 19.11
N HIS F 432 -26.95 -27.73 19.91
CA HIS F 432 -25.54 -27.52 19.57
C HIS F 432 -25.09 -28.40 18.44
N PRO F 433 -24.04 -27.95 17.72
CA PRO F 433 -23.49 -28.75 16.62
C PRO F 433 -22.98 -30.11 17.10
N TRP F 434 -22.41 -30.17 18.30
CA TRP F 434 -21.99 -31.46 18.89
C TRP F 434 -23.13 -32.47 18.84
N GLU F 435 -24.35 -32.00 19.07
CA GLU F 435 -25.49 -32.88 19.23
C GLU F 435 -25.83 -33.52 17.90
N ARG F 436 -25.54 -32.82 16.83
CA ARG F 436 -25.77 -33.40 15.52
C ARG F 436 -24.61 -34.31 15.20
N GLU F 437 -23.40 -33.84 15.51
CA GLU F 437 -22.22 -34.67 15.32
C GLU F 437 -22.49 -36.07 15.85
N GLN F 438 -23.05 -36.14 17.05
CA GLN F 438 -23.29 -37.40 17.73
C GLN F 438 -24.54 -38.20 17.28
N TYR F 439 -25.70 -37.55 17.27
CA TYR F 439 -26.97 -38.30 17.19
C TYR F 439 -27.60 -38.39 15.81
N MET F 440 -27.42 -37.35 14.98
CA MET F 440 -28.13 -37.23 13.71
C MET F 440 -27.93 -38.45 12.82
N SER F 441 -26.72 -38.99 12.89
CA SER F 441 -26.39 -40.20 12.15
C SER F 441 -26.65 -41.45 12.99
N GLN F 442 -25.98 -41.56 14.15
CA GLN F 442 -26.12 -42.69 15.08
C GLN F 442 -27.56 -43.17 15.23
N TYR F 443 -28.49 -42.24 15.44
CA TYR F 443 -29.89 -42.58 15.64
C TYR F 443 -30.80 -42.25 14.45
#